data_9B6G
#
_entry.id   9B6G
#
_cell.length_a   1.00
_cell.length_b   1.00
_cell.length_c   1.00
_cell.angle_alpha   90.00
_cell.angle_beta   90.00
_cell.angle_gamma   90.00
#
_symmetry.space_group_name_H-M   'P 1'
#
loop_
_entity.id
_entity.type
_entity.pdbx_description
1 polymer 'Transient receptor potential cation channel subfamily M member 8'
2 non-polymer 'CHOLESTEROL HEMISUCCINATE'
3 non-polymer N-(3-aminopropyl)-2-[(3-methylphenyl)methoxy]-N-[(thiophen-2-yl)methyl]benzamide
4 non-polymer 2-acetamido-2-deoxy-beta-D-glucopyranose
#
_entity_poly.entity_id   1
_entity_poly.type   'polypeptide(L)'
_entity_poly.pdbx_seq_one_letter_code
;MASFEGARLSMRSRRNGTMGSTRTLYSSVSRSTDVSYSDSDLVNFIQANFKKRECVFFTRDSKAMENICKCGYAQSQHIE
GTQINQNEKWNYKKHTKEFPTDAFGDIQFETLGKKGKYLRLSCDTDSETLYELLTQHWHLKTPNLVISVTGGAKNFALKP
RMRKIFSRLIYIAQSKGAWILTGGTHYGLMKYIGEVVRDNTISRNSEENIVAIGIAAWGMVSNRDTLIRSCDDEGHFSAQ
YIMDDFTRDPLYILDNNHTHLLLVDNGCHGHPTVEAKLRNQLEKYISERTSQDSNYGGKIPIVCFAQGGGRETLKAINTS
VKSKIPCVVVEGSGQIADVIASLVEVEDVLTSSMVKEKLVRFLPRTVSRLPEEEIESWIKWLKEILESSHLLTVIKMEEA
GDEIVSNAISYALYKAFSTNEQDKDNWNGQLKLLLEWNQLDLASDEIFTNDRRWESADLQEVMFTALIKDRPKFVRLFLE
NGLNLQKFLTNEVLTELFSTHFSTLVYRNLQIAKNSYNDALLTFVWKLVANFRRSFWKEDRSSREDLDVELHDASLTTRH
PLQALFIWAILQNKKELSKVIWEQTKGCTLAALGASKLLKTLAKVKNDINAAGESEELANEYETRAVELFTECYSNDEDL
AEQLLVYSCEAWGGSNCLELAVEATDQHFIAQPGVQNFLSKQWYGEISRDTKNWKIILCLFIIPLVGCGLVSFRKKPIDK
HKKLLWYYVAFFTSPFVVFSWNVVFYIAFLLLFAYVLLMDFHSVPHTPELILYALVFVLFCDEVRQWYMNGVNYFTDLWN
VMDTLGLFYFIAGIVFRLHSSNKSSLYSGRVIFCLDYIIFTLRLIHIFTVSRNLGPKIIMLQRMLIDVFFFLFLFAVWMV
AFGVARQGILRQNEQRWRWIFRSVIYEPYLAMFGQVPSDVDSTTYDFSHCTFSGNESKPLCVELDEHNLPRFPEWITIPL
VCIYMLSTNILLVNLLVAMFGYTVGIVQENNDQVWKFQRYFLVQEYCNRLNIPFPFVVFAYFYMVVKKCFKCCCKEKNME
SNACCFRNEDNETLAWEGVMKENYLVKINTKANDNSEEMRHRFRQLDSKLNDLKSLLKEIANNIKSNSLEVLFQGPDYKD
DDDKAHHHHHHHHHH
;
_entity_poly.pdbx_strand_id   A,B,C,D
#
loop_
_chem_comp.id
_chem_comp.type
_chem_comp.name
_chem_comp.formula
LQ7 non-polymer N-(3-aminopropyl)-2-[(3-methylphenyl)methoxy]-N-[(thiophen-2-yl)methyl]benzamide 'C23 H26 N2 O2 S'
NAG D-saccharide, beta linking 2-acetamido-2-deoxy-beta-D-glucopyranose 'C8 H15 N O6'
Y01 non-polymer 'CHOLESTEROL HEMISUCCINATE' 'C31 H50 O4'
#
# COMPACT_ATOMS: atom_id res chain seq x y z
N ASP A 41 -73.90 3.96 4.07
CA ASP A 41 -73.72 5.40 4.26
C ASP A 41 -73.17 6.04 2.98
N LEU A 42 -71.87 5.86 2.75
CA LEU A 42 -71.25 6.41 1.55
C LEU A 42 -71.85 5.80 0.28
N VAL A 43 -72.11 4.49 0.31
CA VAL A 43 -72.71 3.83 -0.85
C VAL A 43 -74.07 4.42 -1.17
N ASN A 44 -74.85 4.73 -0.13
CA ASN A 44 -76.16 5.33 -0.37
C ASN A 44 -76.04 6.68 -1.09
N PHE A 45 -75.08 7.50 -0.65
CA PHE A 45 -74.85 8.77 -1.35
C PHE A 45 -74.40 8.54 -2.78
N ILE A 46 -73.52 7.55 -3.00
CA ILE A 46 -73.03 7.27 -4.34
C ILE A 46 -74.19 6.86 -5.24
N GLN A 47 -75.17 6.13 -4.71
CA GLN A 47 -76.31 5.71 -5.51
C GLN A 47 -76.93 6.89 -6.24
N ALA A 48 -77.20 7.98 -5.51
CA ALA A 48 -77.78 9.17 -6.12
C ALA A 48 -76.74 9.96 -6.91
N ASN A 49 -75.50 10.03 -6.41
CA ASN A 49 -74.50 10.87 -7.06
C ASN A 49 -74.17 10.39 -8.46
N PHE A 50 -74.02 9.07 -8.64
CA PHE A 50 -73.60 8.50 -9.91
C PHE A 50 -74.65 7.59 -10.52
N ASP A 102 -76.12 5.02 -9.31
CA ASP A 102 -75.85 3.62 -9.03
C ASP A 102 -74.80 3.05 -9.99
N ALA A 103 -74.75 1.72 -10.08
CA ALA A 103 -73.84 1.03 -10.98
C ALA A 103 -72.38 1.32 -10.64
N PHE A 104 -72.02 1.03 -9.40
CA PHE A 104 -70.65 1.16 -8.92
C PHE A 104 -70.20 -0.17 -8.31
N GLY A 105 -68.95 -0.54 -8.59
CA GLY A 105 -68.42 -1.80 -8.10
C GLY A 105 -67.11 -1.64 -7.34
N ASP A 106 -67.14 -2.00 -6.06
CA ASP A 106 -65.94 -1.99 -5.24
C ASP A 106 -65.33 -3.39 -5.19
N ILE A 107 -64.05 -3.48 -5.51
CA ILE A 107 -63.35 -4.77 -5.61
C ILE A 107 -62.14 -4.72 -4.68
N GLN A 108 -61.96 -5.78 -3.89
CA GLN A 108 -60.80 -5.92 -3.02
C GLN A 108 -60.21 -7.31 -3.21
N PHE A 109 -58.89 -7.37 -3.36
CA PHE A 109 -58.20 -8.63 -3.61
C PHE A 109 -57.18 -8.91 -2.50
N GLY A 116 -58.50 -0.99 -3.44
CA GLY A 116 -58.88 -1.42 -4.78
C GLY A 116 -60.25 -0.95 -5.18
N LYS A 117 -60.69 0.17 -4.60
CA LYS A 117 -62.02 0.69 -4.88
C LYS A 117 -62.16 1.04 -6.36
N TYR A 118 -63.35 0.78 -6.91
CA TYR A 118 -63.65 1.06 -8.31
C TYR A 118 -64.98 1.78 -8.40
N LEU A 119 -65.15 2.51 -9.51
CA LEU A 119 -66.34 3.33 -9.72
C LEU A 119 -66.65 3.40 -11.20
N ARG A 120 -67.89 3.75 -11.50
CA ARG A 120 -68.34 4.01 -12.86
C ARG A 120 -68.49 5.52 -13.03
N LEU A 121 -67.82 6.07 -14.04
CA LEU A 121 -67.76 7.51 -14.26
C LEU A 121 -68.56 7.88 -15.50
N SER A 122 -69.22 9.04 -15.43
CA SER A 122 -69.97 9.59 -16.54
C SER A 122 -69.37 10.93 -16.95
N CYS A 123 -69.45 11.23 -18.24
CA CYS A 123 -68.87 12.48 -18.74
C CYS A 123 -69.55 13.69 -18.10
N ASP A 124 -70.87 13.65 -17.94
CA ASP A 124 -71.59 14.77 -17.34
C ASP A 124 -71.28 14.92 -15.86
N THR A 125 -70.63 13.94 -15.24
CA THR A 125 -70.32 14.03 -13.81
C THR A 125 -69.46 15.25 -13.53
N ASP A 126 -69.83 16.00 -12.51
CA ASP A 126 -69.09 17.19 -12.12
C ASP A 126 -67.85 16.82 -11.34
N SER A 127 -66.73 17.46 -11.68
CA SER A 127 -65.47 17.18 -10.98
C SER A 127 -65.52 17.64 -9.53
N GLU A 128 -66.22 18.74 -9.25
CA GLU A 128 -66.27 19.26 -7.89
C GLU A 128 -66.88 18.24 -6.93
N THR A 129 -68.05 17.71 -7.28
CA THR A 129 -68.70 16.73 -6.41
C THR A 129 -67.87 15.47 -6.27
N LEU A 130 -67.25 15.02 -7.37
CA LEU A 130 -66.41 13.84 -7.31
C LEU A 130 -65.26 14.03 -6.33
N TYR A 131 -64.55 15.16 -6.44
CA TYR A 131 -63.44 15.43 -5.54
C TYR A 131 -63.92 15.57 -4.10
N GLU A 132 -65.06 16.24 -3.89
CA GLU A 132 -65.57 16.41 -2.54
C GLU A 132 -65.88 15.06 -1.90
N LEU A 133 -66.56 14.17 -2.63
CA LEU A 133 -66.86 12.86 -2.10
C LEU A 133 -65.59 12.05 -1.85
N LEU A 134 -64.64 12.09 -2.80
CA LEU A 134 -63.42 11.33 -2.64
C LEU A 134 -62.66 11.76 -1.40
N THR A 135 -62.57 13.07 -1.16
CA THR A 135 -61.95 13.56 0.06
C THR A 135 -62.78 13.19 1.29
N GLN A 136 -64.10 13.13 1.15
CA GLN A 136 -64.97 12.87 2.30
C GLN A 136 -64.78 11.45 2.80
N HIS A 137 -64.77 10.46 1.90
CA HIS A 137 -64.78 9.06 2.32
C HIS A 137 -63.49 8.32 2.00
N TRP A 138 -62.94 8.46 0.79
CA TRP A 138 -61.85 7.59 0.38
C TRP A 138 -60.50 8.05 0.93
N HIS A 139 -60.06 9.25 0.56
CA HIS A 139 -58.69 9.68 0.84
C HIS A 139 -58.70 11.08 1.45
N LEU A 140 -57.52 11.57 1.76
CA LEU A 140 -57.29 12.88 2.35
C LEU A 140 -56.82 13.86 1.28
N LYS A 141 -56.92 15.15 1.60
CA LYS A 141 -56.44 16.19 0.69
C LYS A 141 -54.97 15.97 0.37
N THR A 142 -54.63 16.12 -0.91
CA THR A 142 -53.29 15.82 -1.40
C THR A 142 -52.46 17.09 -1.49
N PRO A 143 -51.27 17.14 -0.89
CA PRO A 143 -50.41 18.33 -1.07
C PRO A 143 -49.91 18.51 -2.49
N ASN A 144 -49.95 17.47 -3.32
CA ASN A 144 -49.46 17.58 -4.69
C ASN A 144 -50.09 16.48 -5.53
N LEU A 145 -50.12 16.71 -6.84
CA LEU A 145 -50.67 15.75 -7.79
C LEU A 145 -49.69 15.61 -8.96
N VAL A 146 -49.15 14.42 -9.13
CA VAL A 146 -48.18 14.14 -10.19
C VAL A 146 -48.88 13.21 -11.17
N ILE A 147 -49.42 13.77 -12.25
CA ILE A 147 -50.08 12.96 -13.26
C ILE A 147 -49.04 12.44 -14.25
N SER A 148 -49.32 11.28 -14.82
CA SER A 148 -48.44 10.65 -15.80
C SER A 148 -49.19 10.43 -17.09
N VAL A 149 -48.54 10.75 -18.22
CA VAL A 149 -49.12 10.61 -19.54
C VAL A 149 -48.30 9.58 -20.29
N THR A 150 -48.96 8.51 -20.74
CA THR A 150 -48.31 7.44 -21.49
C THR A 150 -49.23 7.00 -22.61
N GLY A 151 -48.62 6.52 -23.69
CA GLY A 151 -49.41 6.05 -24.82
C GLY A 151 -50.31 4.89 -24.42
N GLY A 152 -51.56 4.94 -24.88
CA GLY A 152 -52.51 3.88 -24.59
C GLY A 152 -52.10 2.53 -25.15
N ALA A 153 -51.22 2.52 -26.15
CA ALA A 153 -50.77 1.26 -26.71
C ALA A 153 -50.03 0.43 -25.67
N LYS A 154 -50.28 -0.88 -25.69
CA LYS A 154 -49.65 -1.76 -24.71
C LYS A 154 -48.13 -1.81 -24.88
N ASN A 155 -47.65 -1.74 -26.12
CA ASN A 155 -46.22 -1.85 -26.36
C ASN A 155 -45.46 -0.76 -25.62
N PHE A 156 -44.38 -1.15 -24.95
CA PHE A 156 -43.55 -0.22 -24.21
C PHE A 156 -42.17 -0.83 -24.01
N ALA A 157 -41.20 0.03 -23.73
CA ALA A 157 -39.82 -0.39 -23.49
C ALA A 157 -39.34 0.22 -22.18
N LEU A 158 -38.74 -0.60 -21.32
CA LEU A 158 -38.28 -0.18 -20.01
C LEU A 158 -36.76 -0.04 -20.05
N LYS A 159 -36.28 1.20 -20.29
CA LYS A 159 -34.85 1.45 -20.25
C LYS A 159 -34.37 1.63 -18.82
N PRO A 160 -33.11 1.30 -18.53
CA PRO A 160 -32.63 1.46 -17.14
C PRO A 160 -32.76 2.88 -16.62
N ARG A 161 -32.45 3.87 -17.45
CA ARG A 161 -32.57 5.26 -17.01
C ARG A 161 -34.01 5.61 -16.72
N MET A 162 -34.94 5.17 -17.58
CA MET A 162 -36.35 5.42 -17.35
C MET A 162 -36.82 4.76 -16.07
N ARG A 163 -36.37 3.51 -15.84
CA ARG A 163 -36.76 2.80 -14.63
C ARG A 163 -36.28 3.55 -13.39
N LYS A 164 -35.02 3.99 -13.39
CA LYS A 164 -34.48 4.72 -12.24
C LYS A 164 -35.22 6.04 -12.04
N ILE A 165 -35.51 6.75 -13.14
CA ILE A 165 -36.19 8.03 -13.04
C ILE A 165 -37.58 7.85 -12.42
N PHE A 166 -38.31 6.84 -12.87
CA PHE A 166 -39.65 6.63 -12.34
C PHE A 166 -39.62 6.11 -10.90
N SER A 167 -38.60 5.33 -10.55
CA SER A 167 -38.45 4.94 -9.15
C SER A 167 -38.22 6.16 -8.27
N ARG A 168 -37.36 7.08 -8.71
CA ARG A 168 -37.15 8.32 -7.97
C ARG A 168 -38.44 9.14 -7.89
N LEU A 169 -39.21 9.16 -8.97
CA LEU A 169 -40.48 9.87 -8.97
C LEU A 169 -41.43 9.29 -7.92
N ILE A 170 -41.51 7.96 -7.85
CA ILE A 170 -42.39 7.33 -6.87
C ILE A 170 -41.90 7.63 -5.46
N TYR A 171 -40.59 7.60 -5.25
CA TYR A 171 -40.05 7.93 -3.93
C TYR A 171 -40.41 9.36 -3.53
N ILE A 172 -40.27 10.30 -4.47
CA ILE A 172 -40.60 11.69 -4.18
C ILE A 172 -42.09 11.83 -3.87
N ALA A 173 -42.94 11.14 -4.65
CA ALA A 173 -44.36 11.22 -4.40
C ALA A 173 -44.71 10.68 -3.02
N GLN A 174 -44.10 9.57 -2.62
CA GLN A 174 -44.34 9.03 -1.29
C GLN A 174 -43.87 9.99 -0.22
N SER A 175 -42.69 10.59 -0.40
CA SER A 175 -42.18 11.53 0.60
C SER A 175 -43.11 12.73 0.75
N LYS A 176 -43.59 13.26 -0.37
CA LYS A 176 -44.51 14.40 -0.34
C LYS A 176 -45.96 13.98 -0.18
N GLY A 177 -46.26 12.69 -0.31
CA GLY A 177 -47.64 12.24 -0.23
C GLY A 177 -48.51 12.74 -1.36
N ALA A 178 -47.98 12.76 -2.58
CA ALA A 178 -48.71 13.32 -3.71
C ALA A 178 -49.58 12.27 -4.38
N TRP A 179 -50.70 12.73 -4.94
CA TRP A 179 -51.55 11.87 -5.75
C TRP A 179 -50.90 11.60 -7.11
N ILE A 180 -51.27 10.47 -7.71
CA ILE A 180 -50.76 10.07 -9.02
C ILE A 180 -51.97 9.73 -9.89
N LEU A 181 -52.04 10.34 -11.07
CA LEU A 181 -53.09 10.08 -12.04
C LEU A 181 -52.48 9.41 -13.26
N THR A 182 -53.08 8.29 -13.68
CA THR A 182 -52.54 7.49 -14.77
C THR A 182 -53.67 6.78 -15.49
N GLY A 183 -53.38 6.33 -16.70
CA GLY A 183 -54.39 5.59 -17.46
C GLY A 183 -54.81 4.31 -16.77
N GLY A 184 -53.83 3.54 -16.29
CA GLY A 184 -54.13 2.31 -15.56
C GLY A 184 -54.73 1.23 -16.42
N THR A 185 -53.95 0.69 -17.36
CA THR A 185 -54.39 -0.39 -18.24
C THR A 185 -53.51 -1.62 -18.13
N HIS A 186 -52.54 -1.64 -17.22
CA HIS A 186 -51.72 -2.81 -16.95
C HIS A 186 -50.84 -3.16 -18.16
N TYR A 187 -50.07 -2.18 -18.62
CA TYR A 187 -49.17 -2.40 -19.74
C TYR A 187 -47.95 -1.48 -19.62
N GLY A 188 -46.77 -2.06 -19.69
CA GLY A 188 -45.55 -1.28 -19.80
C GLY A 188 -45.35 -0.36 -18.61
N LEU A 189 -45.37 0.94 -18.88
CA LEU A 189 -45.05 1.92 -17.84
C LEU A 189 -46.04 1.86 -16.69
N MET A 190 -47.33 1.64 -16.98
CA MET A 190 -48.31 1.54 -15.91
C MET A 190 -48.03 0.34 -15.02
N LYS A 191 -47.70 -0.81 -15.62
CA LYS A 191 -47.36 -1.99 -14.83
C LYS A 191 -46.12 -1.74 -13.99
N TYR A 192 -45.11 -1.08 -14.56
CA TYR A 192 -43.91 -0.78 -13.79
C TYR A 192 -44.22 0.15 -12.63
N ILE A 193 -45.08 1.14 -12.85
CA ILE A 193 -45.46 2.05 -11.77
C ILE A 193 -46.17 1.28 -10.66
N GLY A 194 -47.09 0.38 -11.04
CA GLY A 194 -47.75 -0.43 -10.04
C GLY A 194 -46.78 -1.28 -9.24
N GLU A 195 -45.82 -1.91 -9.93
CA GLU A 195 -44.83 -2.73 -9.24
C GLU A 195 -43.98 -1.88 -8.30
N VAL A 196 -43.58 -0.69 -8.74
CA VAL A 196 -42.77 0.19 -7.90
C VAL A 196 -43.57 0.63 -6.67
N VAL A 197 -44.85 0.94 -6.85
CA VAL A 197 -45.69 1.32 -5.71
C VAL A 197 -45.79 0.16 -4.73
N ARG A 198 -45.97 -1.06 -5.24
CA ARG A 198 -46.03 -2.23 -4.36
C ARG A 198 -44.73 -2.39 -3.60
N ASP A 199 -43.59 -2.26 -4.29
CA ASP A 199 -42.30 -2.42 -3.62
C ASP A 199 -42.12 -1.37 -2.54
N ASN A 200 -42.49 -0.11 -2.84
CA ASN A 200 -42.34 0.95 -1.86
C ASN A 200 -43.23 0.72 -0.65
N THR A 201 -44.49 0.30 -0.87
CA THR A 201 -45.41 0.14 0.25
C THR A 201 -45.05 -1.07 1.09
N ILE A 202 -44.48 -2.11 0.48
CA ILE A 202 -44.07 -3.28 1.26
C ILE A 202 -42.98 -2.89 2.26
N SER A 203 -42.01 -2.11 1.82
CA SER A 203 -40.92 -1.68 2.69
C SER A 203 -41.40 -0.61 3.66
N GLU A 208 -47.91 8.08 4.76
CA GLU A 208 -47.32 6.76 4.84
C GLU A 208 -47.89 5.83 3.76
N ASN A 209 -48.78 6.37 2.93
CA ASN A 209 -49.40 5.62 1.84
C ASN A 209 -49.34 6.43 0.57
N ILE A 210 -49.41 5.74 -0.56
CA ILE A 210 -49.30 6.33 -1.89
C ILE A 210 -50.63 6.16 -2.60
N VAL A 211 -51.15 7.25 -3.15
CA VAL A 211 -52.40 7.22 -3.91
C VAL A 211 -52.05 7.07 -5.39
N ALA A 212 -52.64 6.06 -6.04
CA ALA A 212 -52.38 5.74 -7.43
C ALA A 212 -53.68 5.68 -8.21
N ILE A 213 -54.50 6.73 -8.08
CA ILE A 213 -55.76 6.79 -8.81
C ILE A 213 -55.48 6.67 -10.30
N GLY A 214 -56.19 5.76 -10.96
CA GLY A 214 -56.02 5.55 -12.38
C GLY A 214 -57.32 5.63 -13.15
N ILE A 215 -57.45 6.61 -14.03
CA ILE A 215 -58.65 6.81 -14.83
C ILE A 215 -58.49 6.06 -16.15
N ALA A 216 -59.49 5.23 -16.47
CA ALA A 216 -59.48 4.48 -17.73
C ALA A 216 -60.87 4.52 -18.34
N ALA A 217 -61.00 3.92 -19.52
CA ALA A 217 -62.25 3.94 -20.27
C ALA A 217 -63.05 2.67 -20.00
N TRP A 218 -64.35 2.84 -19.73
CA TRP A 218 -65.21 1.68 -19.48
C TRP A 218 -65.28 0.78 -20.71
N GLY A 219 -65.41 1.37 -21.90
CA GLY A 219 -65.54 0.56 -23.10
C GLY A 219 -64.28 -0.22 -23.42
N MET A 220 -63.11 0.37 -23.18
CA MET A 220 -61.86 -0.26 -23.56
C MET A 220 -61.64 -1.60 -22.88
N VAL A 221 -62.22 -1.82 -21.70
CA VAL A 221 -62.05 -3.05 -20.95
C VAL A 221 -63.24 -3.95 -21.22
N SER A 222 -62.97 -5.21 -21.56
CA SER A 222 -64.03 -6.12 -21.99
C SER A 222 -64.75 -6.76 -20.81
N ASN A 223 -63.98 -7.36 -19.89
CA ASN A 223 -64.59 -8.11 -18.80
C ASN A 223 -65.49 -7.23 -17.96
N ARG A 224 -66.67 -7.76 -17.62
CA ARG A 224 -67.65 -7.07 -16.78
C ARG A 224 -67.89 -7.90 -15.53
N ASP A 225 -67.78 -7.26 -14.37
CA ASP A 225 -67.92 -7.93 -13.08
C ASP A 225 -68.83 -7.08 -12.18
N THR A 226 -69.96 -6.65 -12.75
CA THR A 226 -70.88 -5.80 -12.02
C THR A 226 -71.31 -6.46 -10.72
N LEU A 227 -71.63 -5.64 -9.73
CA LEU A 227 -72.04 -6.12 -8.42
C LEU A 227 -73.28 -7.02 -8.54
N PHE A 237 -72.35 -7.80 -3.89
CA PHE A 237 -71.96 -6.45 -3.51
C PHE A 237 -70.57 -6.11 -4.05
N SER A 238 -69.54 -6.61 -3.37
CA SER A 238 -68.16 -6.37 -3.78
C SER A 238 -67.71 -7.47 -4.73
N ALA A 239 -68.25 -7.41 -5.95
CA ALA A 239 -67.90 -8.38 -6.97
C ALA A 239 -66.41 -8.29 -7.31
N GLN A 240 -65.75 -9.44 -7.35
CA GLN A 240 -64.33 -9.53 -7.63
C GLN A 240 -64.09 -10.56 -8.73
N TYR A 241 -63.32 -10.18 -9.74
CA TYR A 241 -63.01 -11.04 -10.87
C TYR A 241 -61.55 -10.88 -11.24
N ILE A 242 -61.01 -11.91 -11.89
CA ILE A 242 -59.61 -11.93 -12.30
C ILE A 242 -59.52 -12.29 -13.77
N MET A 243 -58.39 -11.92 -14.38
CA MET A 243 -58.16 -12.21 -15.78
C MET A 243 -56.70 -11.91 -16.15
N ILE A 253 -58.93 -4.53 -20.15
CA ILE A 253 -57.76 -4.85 -19.35
C ILE A 253 -57.65 -3.87 -18.19
N LEU A 254 -57.17 -4.34 -17.04
CA LEU A 254 -57.06 -3.52 -15.85
C LEU A 254 -55.83 -3.94 -15.07
N ASP A 255 -55.35 -3.03 -14.21
CA ASP A 255 -54.17 -3.26 -13.39
C ASP A 255 -54.58 -3.69 -12.00
N ASN A 256 -53.69 -4.45 -11.35
CA ASN A 256 -53.97 -5.02 -10.04
C ASN A 256 -53.31 -4.26 -8.90
N ASN A 257 -52.19 -3.57 -9.15
CA ASN A 257 -51.47 -2.89 -8.09
C ASN A 257 -52.01 -1.50 -7.79
N HIS A 258 -52.73 -0.89 -8.71
CA HIS A 258 -53.33 0.42 -8.45
C HIS A 258 -54.41 0.30 -7.37
N THR A 259 -54.59 1.38 -6.61
CA THR A 259 -55.43 1.36 -5.43
C THR A 259 -56.85 1.88 -5.68
N HIS A 260 -57.01 2.89 -6.52
CA HIS A 260 -58.30 3.55 -6.72
C HIS A 260 -58.59 3.72 -8.21
N LEU A 261 -58.47 2.62 -8.96
CA LEU A 261 -58.79 2.66 -10.38
C LEU A 261 -60.27 2.98 -10.58
N LEU A 262 -60.56 3.79 -11.59
CA LEU A 262 -61.93 4.11 -11.93
C LEU A 262 -62.09 4.18 -13.44
N LEU A 263 -63.28 3.85 -13.91
CA LEU A 263 -63.60 3.80 -15.33
C LEU A 263 -64.65 4.85 -15.67
N VAL A 264 -64.55 5.40 -16.87
CA VAL A 264 -65.52 6.37 -17.36
C VAL A 264 -66.10 5.88 -18.68
N ALA A 276 -60.28 11.48 -21.23
CA ALA A 276 -59.30 12.54 -21.43
C ALA A 276 -59.82 13.87 -20.90
N LYS A 277 -61.03 14.25 -21.33
CA LYS A 277 -61.62 15.50 -20.88
C LYS A 277 -61.88 15.48 -19.38
N LEU A 278 -62.35 14.35 -18.84
CA LEU A 278 -62.65 14.27 -17.43
C LEU A 278 -61.40 14.50 -16.59
N ARG A 279 -60.28 13.89 -16.97
CA ARG A 279 -59.05 14.06 -16.20
C ARG A 279 -58.57 15.50 -16.23
N ASN A 280 -58.64 16.15 -17.39
CA ASN A 280 -58.25 17.55 -17.47
C ASN A 280 -59.15 18.43 -16.62
N GLN A 281 -60.46 18.18 -16.66
CA GLN A 281 -61.39 18.95 -15.84
C GLN A 281 -61.08 18.79 -14.36
N LEU A 282 -60.83 17.55 -13.93
CA LEU A 282 -60.50 17.30 -12.53
C LEU A 282 -59.20 18.01 -12.14
N GLU A 283 -58.20 17.94 -13.02
CA GLU A 283 -56.92 18.58 -12.72
C GLU A 283 -57.08 20.08 -12.57
N LYS A 284 -57.80 20.72 -13.49
CA LYS A 284 -57.98 22.16 -13.39
C LYS A 284 -58.79 22.53 -12.15
N TYR A 285 -59.83 21.75 -11.83
CA TYR A 285 -60.59 22.04 -10.62
C TYR A 285 -59.72 21.94 -9.37
N ILE A 286 -58.88 20.89 -9.29
CA ILE A 286 -58.03 20.74 -8.13
C ILE A 286 -57.02 21.88 -8.05
N SER A 287 -56.48 22.30 -9.20
CA SER A 287 -55.56 23.43 -9.21
C SER A 287 -56.24 24.69 -8.70
N GLU A 288 -57.48 24.92 -9.13
CA GLU A 288 -58.21 26.11 -8.66
C GLU A 288 -58.49 26.03 -7.16
N ARG A 289 -58.68 24.82 -6.62
CA ARG A 289 -59.01 24.68 -5.21
C ARG A 289 -57.91 25.25 -4.33
N THR A 290 -58.30 26.02 -3.32
CA THR A 290 -57.35 26.61 -2.40
C THR A 290 -56.82 25.56 -1.42
N SER A 291 -55.55 25.68 -1.07
CA SER A 291 -54.89 24.77 -0.14
C SER A 291 -54.29 25.58 1.00
N GLN A 292 -54.52 25.13 2.23
CA GLN A 292 -54.03 25.82 3.42
C GLN A 292 -52.59 25.44 3.77
N ASP A 293 -51.99 24.51 3.05
CA ASP A 293 -50.62 24.09 3.30
C ASP A 293 -49.90 23.95 1.97
N SER A 294 -48.62 23.58 2.04
CA SER A 294 -47.74 23.38 0.88
C SER A 294 -47.31 24.69 0.25
N ASN A 295 -47.69 25.84 0.81
CA ASN A 295 -47.29 27.15 0.31
C ASN A 295 -47.74 27.25 -1.15
N TYR A 296 -46.88 27.70 -2.07
CA TYR A 296 -47.23 27.82 -3.48
C TYR A 296 -48.46 28.71 -3.67
N GLY A 297 -48.55 29.76 -2.86
CA GLY A 297 -49.64 30.71 -3.00
C GLY A 297 -51.01 30.11 -2.85
N GLY A 298 -51.18 29.19 -1.91
CA GLY A 298 -52.47 28.57 -1.69
C GLY A 298 -52.98 27.74 -2.85
N LYS A 299 -52.10 27.37 -3.78
CA LYS A 299 -52.45 26.55 -4.92
C LYS A 299 -51.61 25.28 -4.90
N ILE A 300 -52.25 24.14 -5.18
CA ILE A 300 -51.57 22.86 -5.15
C ILE A 300 -50.66 22.76 -6.37
N PRO A 301 -49.47 22.17 -6.26
CA PRO A 301 -48.57 22.14 -7.42
C PRO A 301 -49.17 21.49 -8.66
N ILE A 302 -49.76 20.30 -8.51
CA ILE A 302 -50.40 19.57 -9.60
C ILE A 302 -49.56 19.63 -10.86
N VAL A 303 -48.28 19.23 -10.76
CA VAL A 303 -47.41 19.21 -11.93
C VAL A 303 -47.85 18.11 -12.88
N CYS A 304 -47.63 18.32 -14.17
CA CYS A 304 -47.92 17.32 -15.20
C CYS A 304 -46.63 16.71 -15.69
N PHE A 305 -46.58 15.37 -15.72
CA PHE A 305 -45.42 14.61 -16.16
C PHE A 305 -45.81 13.80 -17.38
N ALA A 306 -45.00 13.89 -18.43
CA ALA A 306 -45.27 13.19 -19.68
C ALA A 306 -43.96 12.61 -20.21
N GLN A 307 -43.90 11.29 -20.32
CA GLN A 307 -42.74 10.59 -20.85
C GLN A 307 -43.19 9.56 -21.87
N GLY A 308 -42.43 9.44 -22.96
CA GLY A 308 -42.74 8.51 -24.02
C GLY A 308 -43.31 9.21 -25.25
N GLY A 309 -43.48 8.42 -26.30
CA GLY A 309 -43.95 8.93 -27.58
C GLY A 309 -45.38 8.52 -27.91
N GLY A 310 -46.21 9.47 -28.31
CA GLY A 310 -47.58 9.16 -28.67
C GLY A 310 -48.33 10.39 -29.13
N ARG A 311 -49.51 10.16 -29.69
CA ARG A 311 -50.39 11.26 -30.11
C ARG A 311 -51.24 11.74 -28.94
N GLU A 312 -51.87 10.80 -28.23
CA GLU A 312 -52.70 11.17 -27.09
C GLU A 312 -51.90 11.89 -26.02
N THR A 313 -50.62 11.55 -25.85
CA THR A 313 -49.78 12.29 -24.91
C THR A 313 -49.54 13.71 -25.40
N LEU A 314 -49.41 13.89 -26.72
CA LEU A 314 -49.33 15.24 -27.27
C LEU A 314 -50.59 16.04 -26.93
N LYS A 315 -51.76 15.44 -27.14
CA LYS A 315 -52.99 16.15 -26.85
C LYS A 315 -53.11 16.46 -25.36
N ALA A 316 -52.72 15.52 -24.51
CA ALA A 316 -52.76 15.74 -23.06
C ALA A 316 -51.83 16.87 -22.65
N ILE A 317 -50.60 16.88 -23.19
CA ILE A 317 -49.67 17.96 -22.87
C ILE A 317 -50.24 19.30 -23.32
N ASN A 318 -50.79 19.35 -24.53
CA ASN A 318 -51.34 20.61 -25.02
C ASN A 318 -52.45 21.11 -24.12
N THR A 319 -53.44 20.25 -23.83
CA THR A 319 -54.56 20.69 -23.00
C THR A 319 -54.11 21.07 -21.59
N SER A 320 -53.11 20.37 -21.04
CA SER A 320 -52.57 20.76 -19.74
C SER A 320 -51.93 22.13 -19.82
N VAL A 321 -51.21 22.43 -20.90
CA VAL A 321 -50.61 23.74 -21.07
C VAL A 321 -51.68 24.82 -21.17
N LYS A 322 -52.81 24.49 -21.81
CA LYS A 322 -53.90 25.45 -21.91
C LYS A 322 -54.33 25.95 -20.53
N SER A 323 -54.21 25.09 -19.52
CA SER A 323 -54.56 25.45 -18.15
C SER A 323 -53.40 26.05 -17.37
N LYS A 324 -52.24 26.25 -18.01
CA LYS A 324 -51.05 26.85 -17.43
C LYS A 324 -50.34 25.90 -16.47
N ILE A 325 -50.76 24.65 -16.38
CA ILE A 325 -50.10 23.71 -15.46
C ILE A 325 -48.69 23.42 -15.96
N PRO A 326 -47.67 23.47 -15.10
CA PRO A 326 -46.30 23.24 -15.58
C PRO A 326 -46.05 21.77 -15.88
N CYS A 327 -45.53 21.50 -17.07
CA CYS A 327 -45.25 20.14 -17.52
C CYS A 327 -43.76 19.92 -17.65
N VAL A 328 -43.32 18.71 -17.27
CA VAL A 328 -41.93 18.30 -17.35
C VAL A 328 -41.85 17.09 -18.27
N VAL A 329 -40.81 17.06 -19.11
CA VAL A 329 -40.65 16.03 -20.13
C VAL A 329 -39.23 15.48 -20.05
N VAL A 330 -39.09 14.21 -20.41
CA VAL A 330 -37.80 13.53 -20.48
C VAL A 330 -37.51 13.16 -21.92
N GLU A 331 -36.35 13.57 -22.42
CA GLU A 331 -35.97 13.34 -23.81
C GLU A 331 -35.15 12.07 -24.01
N GLY A 332 -34.91 11.30 -22.95
CA GLY A 332 -34.07 10.12 -23.09
C GLY A 332 -34.65 9.08 -24.02
N SER A 333 -35.93 8.78 -23.86
CA SER A 333 -36.57 7.68 -24.59
C SER A 333 -37.70 8.16 -25.50
N GLY A 334 -38.65 8.92 -24.98
CA GLY A 334 -39.84 9.28 -25.72
C GLY A 334 -39.53 9.91 -27.07
N GLN A 335 -40.11 9.34 -28.14
CA GLN A 335 -39.85 9.85 -29.48
C GLN A 335 -40.37 11.27 -29.64
N ILE A 336 -41.64 11.50 -29.32
CA ILE A 336 -42.18 12.85 -29.41
C ILE A 336 -41.61 13.72 -28.30
N ALA A 337 -41.36 13.13 -27.13
CA ALA A 337 -40.69 13.87 -26.06
C ALA A 337 -39.31 14.32 -26.49
N ASP A 338 -38.56 13.43 -27.16
CA ASP A 338 -37.25 13.81 -27.67
C ASP A 338 -37.35 14.87 -28.76
N VAL A 339 -38.38 14.77 -29.61
CA VAL A 339 -38.60 15.78 -30.63
C VAL A 339 -38.79 17.16 -29.98
N ILE A 340 -39.67 17.22 -28.97
CA ILE A 340 -39.94 18.49 -28.31
C ILE A 340 -38.69 18.99 -27.60
N ALA A 341 -37.95 18.09 -26.96
CA ALA A 341 -36.73 18.50 -26.27
C ALA A 341 -35.70 19.08 -27.23
N SER A 342 -35.54 18.45 -28.40
CA SER A 342 -34.63 18.99 -29.40
C SER A 342 -35.15 20.30 -29.97
N LEU A 343 -36.47 20.48 -30.00
CA LEU A 343 -37.04 21.68 -30.59
C LEU A 343 -36.63 22.93 -29.81
N VAL A 344 -36.66 22.86 -28.48
CA VAL A 344 -36.31 24.02 -27.66
C VAL A 344 -34.80 24.25 -27.70
N THR A 351 -38.95 25.90 -37.17
CA THR A 351 -40.10 26.24 -37.98
C THR A 351 -40.88 24.98 -38.36
N SER A 352 -41.83 25.12 -39.28
CA SER A 352 -42.62 23.97 -39.72
C SER A 352 -41.73 22.91 -40.35
N SER A 353 -40.78 23.33 -41.20
CA SER A 353 -39.87 22.36 -41.81
C SER A 353 -39.02 21.67 -40.76
N MET A 354 -38.53 22.41 -39.78
CA MET A 354 -37.73 21.80 -38.72
C MET A 354 -38.54 20.78 -37.93
N VAL A 355 -39.79 21.13 -37.60
CA VAL A 355 -40.64 20.21 -36.85
C VAL A 355 -40.91 18.95 -37.67
N LYS A 356 -41.19 19.13 -38.97
CA LYS A 356 -41.43 17.98 -39.83
C LYS A 356 -40.20 17.08 -39.90
N GLU A 357 -39.02 17.67 -40.06
CA GLU A 357 -37.80 16.87 -40.11
C GLU A 357 -37.57 16.13 -38.79
N LYS A 358 -37.78 16.81 -37.67
CA LYS A 358 -37.56 16.18 -36.38
C LYS A 358 -38.51 15.01 -36.17
N LEU A 359 -39.79 15.21 -36.48
CA LEU A 359 -40.76 14.12 -36.27
C LEU A 359 -40.53 12.98 -37.25
N VAL A 360 -40.09 13.28 -38.47
CA VAL A 360 -39.76 12.21 -39.40
C VAL A 360 -38.57 11.41 -38.89
N ARG A 361 -37.55 12.10 -38.37
CA ARG A 361 -36.38 11.41 -37.84
C ARG A 361 -36.74 10.54 -36.64
N PHE A 362 -37.58 11.05 -35.75
CA PHE A 362 -37.95 10.33 -34.54
C PHE A 362 -39.21 9.50 -34.68
N LEU A 363 -40.06 9.78 -35.66
CA LEU A 363 -41.26 9.00 -35.92
C LEU A 363 -41.33 8.65 -37.41
N PRO A 364 -40.43 7.80 -37.89
CA PRO A 364 -40.53 7.38 -39.30
C PRO A 364 -41.80 6.60 -39.60
N ARG A 365 -42.06 5.53 -38.85
CA ARG A 365 -43.25 4.73 -39.08
C ARG A 365 -44.52 5.54 -38.84
N THR A 366 -44.54 6.31 -37.75
CA THR A 366 -45.73 7.11 -37.45
C THR A 366 -45.97 8.16 -38.53
N VAL A 367 -44.91 8.82 -38.98
CA VAL A 367 -45.05 9.84 -40.02
C VAL A 367 -45.55 9.21 -41.32
N SER A 368 -44.96 8.08 -41.70
CA SER A 368 -45.37 7.43 -42.94
C SER A 368 -46.81 6.96 -42.88
N ARG A 369 -47.21 6.36 -41.75
CA ARG A 369 -48.59 5.88 -41.61
C ARG A 369 -49.57 7.02 -41.37
N LEU A 370 -49.13 8.10 -40.75
CA LEU A 370 -50.03 9.21 -40.46
C LEU A 370 -50.54 9.81 -41.77
N PRO A 371 -51.82 10.16 -41.85
CA PRO A 371 -52.34 10.76 -43.08
C PRO A 371 -51.91 12.21 -43.22
N GLU A 372 -52.20 12.78 -44.40
CA GLU A 372 -51.85 14.17 -44.66
C GLU A 372 -52.58 15.10 -43.71
N GLU A 373 -53.86 14.83 -43.44
CA GLU A 373 -54.63 15.70 -42.55
C GLU A 373 -54.04 15.70 -41.15
N GLU A 374 -53.63 14.53 -40.64
CA GLU A 374 -53.09 14.46 -39.29
C GLU A 374 -51.78 15.22 -39.16
N ILE A 375 -51.02 15.37 -40.25
CA ILE A 375 -49.74 16.08 -40.16
C ILE A 375 -49.96 17.53 -39.77
N GLU A 376 -50.95 18.19 -40.38
CA GLU A 376 -51.24 19.58 -40.05
C GLU A 376 -51.68 19.70 -38.59
N SER A 377 -52.53 18.78 -38.14
CA SER A 377 -52.98 18.82 -36.75
C SER A 377 -51.82 18.67 -35.79
N TRP A 378 -50.93 17.70 -36.05
CA TRP A 378 -49.76 17.52 -35.19
C TRP A 378 -48.89 18.76 -35.20
N ILE A 379 -48.66 19.35 -36.37
CA ILE A 379 -47.81 20.53 -36.46
C ILE A 379 -48.41 21.68 -35.65
N LYS A 380 -49.72 21.89 -35.78
CA LYS A 380 -50.34 22.98 -35.04
C LYS A 380 -50.31 22.73 -33.53
N TRP A 381 -50.59 21.49 -33.11
CA TRP A 381 -50.53 21.20 -31.68
C TRP A 381 -49.14 21.45 -31.12
N LEU A 382 -48.11 20.97 -31.83
CA LEU A 382 -46.74 21.15 -31.34
C LEU A 382 -46.33 22.61 -31.35
N LYS A 383 -46.73 23.36 -32.38
CA LYS A 383 -46.42 24.78 -32.44
C LYS A 383 -47.08 25.53 -31.29
N GLU A 384 -48.34 25.21 -30.99
CA GLU A 384 -49.01 25.82 -29.85
C GLU A 384 -48.32 25.45 -28.55
N ILE A 385 -47.83 24.22 -28.45
CA ILE A 385 -47.09 23.80 -27.25
C ILE A 385 -45.84 24.65 -27.08
N LEU A 386 -45.10 24.86 -28.17
CA LEU A 386 -43.88 25.66 -28.08
C LEU A 386 -44.15 27.12 -27.76
N GLU A 387 -45.39 27.58 -27.89
CA GLU A 387 -45.70 28.97 -27.56
C GLU A 387 -45.42 29.26 -26.09
N SER A 388 -45.75 28.30 -25.21
CA SER A 388 -45.48 28.43 -23.78
C SER A 388 -44.20 27.69 -23.46
N SER A 389 -43.07 28.36 -23.71
CA SER A 389 -41.76 27.73 -23.52
C SER A 389 -41.41 27.64 -22.04
N HIS A 390 -41.77 28.66 -21.25
CA HIS A 390 -41.34 28.72 -19.86
C HIS A 390 -41.90 27.55 -19.07
N LEU A 391 -43.19 27.22 -19.27
CA LEU A 391 -43.79 26.14 -18.50
C LEU A 391 -43.13 24.81 -18.80
N LEU A 392 -42.85 24.53 -20.07
CA LEU A 392 -42.30 23.24 -20.47
C LEU A 392 -40.86 23.11 -19.98
N THR A 393 -40.64 22.25 -19.00
CA THR A 393 -39.30 21.92 -18.52
C THR A 393 -38.88 20.58 -19.10
N VAL A 394 -37.57 20.41 -19.29
CA VAL A 394 -37.03 19.21 -19.92
C VAL A 394 -35.89 18.66 -19.07
N ILE A 395 -35.67 17.36 -19.19
CA ILE A 395 -34.58 16.67 -18.51
C ILE A 395 -33.47 16.41 -19.53
N LYS A 396 -32.24 16.77 -19.17
CA LYS A 396 -31.10 16.61 -20.06
C LYS A 396 -30.51 15.21 -19.94
N MET A 397 -29.97 14.73 -21.07
CA MET A 397 -29.33 13.41 -21.08
C MET A 397 -28.03 13.42 -20.28
N GLU A 398 -27.34 14.56 -20.24
CA GLU A 398 -26.07 14.63 -19.52
C GLU A 398 -26.27 14.36 -18.03
N GLU A 399 -27.34 14.88 -17.45
CA GLU A 399 -27.60 14.71 -16.03
C GLU A 399 -27.70 13.22 -15.70
N ALA A 400 -26.92 12.78 -14.71
CA ALA A 400 -26.93 11.39 -14.28
C ALA A 400 -26.88 11.26 -12.76
N GLY A 401 -26.99 12.37 -12.04
CA GLY A 401 -26.95 12.32 -10.59
C GLY A 401 -28.21 11.71 -9.99
N ASP A 402 -28.10 11.38 -8.70
CA ASP A 402 -29.23 10.76 -8.01
C ASP A 402 -30.44 11.69 -7.99
N GLU A 403 -30.22 12.98 -7.72
CA GLU A 403 -31.31 13.94 -7.60
C GLU A 403 -31.47 14.65 -8.94
N ILE A 404 -32.37 14.12 -9.77
CA ILE A 404 -32.69 14.70 -11.07
C ILE A 404 -34.18 15.02 -11.18
N VAL A 405 -35.04 14.07 -10.81
CA VAL A 405 -36.48 14.29 -10.90
C VAL A 405 -36.91 15.41 -9.98
N SER A 406 -36.41 15.42 -8.74
CA SER A 406 -36.78 16.45 -7.79
C SER A 406 -36.37 17.83 -8.30
N ASN A 407 -35.16 17.94 -8.85
CA ASN A 407 -34.70 19.21 -9.36
C ASN A 407 -35.59 19.70 -10.49
N ALA A 408 -35.94 18.82 -11.42
CA ALA A 408 -36.78 19.22 -12.55
C ALA A 408 -38.16 19.68 -12.07
N ILE A 409 -38.77 18.92 -11.17
CA ILE A 409 -40.11 19.28 -10.69
C ILE A 409 -40.06 20.59 -9.93
N SER A 410 -39.06 20.76 -9.07
CA SER A 410 -38.95 22.00 -8.30
C SER A 410 -38.73 23.19 -9.23
N TYR A 411 -37.87 23.03 -10.24
CA TYR A 411 -37.63 24.13 -11.16
C TYR A 411 -38.88 24.49 -11.95
N ALA A 412 -39.63 23.47 -12.40
CA ALA A 412 -40.86 23.74 -13.13
C ALA A 412 -41.86 24.49 -12.26
N LEU A 413 -42.04 24.04 -11.01
CA LEU A 413 -42.97 24.71 -10.12
C LEU A 413 -42.51 26.13 -9.81
N TYR A 414 -41.21 26.33 -9.62
CA TYR A 414 -40.69 27.67 -9.38
C TYR A 414 -40.95 28.59 -10.57
N LYS A 415 -40.72 28.09 -11.80
CA LYS A 415 -41.02 28.88 -12.99
C LYS A 415 -42.50 29.25 -13.03
N ALA A 416 -43.37 28.27 -12.79
CA ALA A 416 -44.80 28.53 -12.85
C ALA A 416 -45.21 29.58 -11.82
N PHE A 417 -44.68 29.47 -10.59
CA PHE A 417 -45.07 30.41 -9.54
C PHE A 417 -44.51 31.80 -9.79
N SER A 418 -43.29 31.89 -10.32
CA SER A 418 -42.67 33.18 -10.54
C SER A 418 -43.26 33.92 -11.74
N THR A 419 -43.51 33.21 -12.83
CA THR A 419 -43.93 33.82 -14.09
C THR A 419 -45.45 34.00 -14.20
N ASN A 420 -46.21 33.51 -13.22
CA ASN A 420 -47.66 33.64 -13.30
C ASN A 420 -48.14 35.08 -13.15
N GLU A 421 -47.32 35.95 -12.55
CA GLU A 421 -47.63 37.35 -12.30
C GLU A 421 -48.61 37.54 -11.15
N GLN A 422 -49.14 36.48 -10.58
CA GLN A 422 -50.07 36.55 -9.45
C GLN A 422 -49.36 36.00 -8.22
N ASP A 423 -49.15 36.85 -7.23
CA ASP A 423 -48.42 36.47 -6.01
C ASP A 423 -47.03 35.95 -6.35
N LYS A 424 -46.42 36.54 -7.39
CA LYS A 424 -45.08 36.16 -7.82
C LYS A 424 -44.01 37.12 -7.34
N ASP A 425 -44.32 38.41 -7.23
CA ASP A 425 -43.36 39.38 -6.73
C ASP A 425 -43.04 39.18 -5.25
N ASN A 426 -43.84 38.39 -4.54
CA ASN A 426 -43.61 38.20 -3.11
C ASN A 426 -42.31 37.45 -2.87
N TRP A 427 -41.43 38.04 -2.07
CA TRP A 427 -40.14 37.43 -1.78
C TRP A 427 -40.29 36.27 -0.81
N ASN A 428 -41.08 36.46 0.24
CA ASN A 428 -41.19 35.45 1.29
C ASN A 428 -41.77 34.15 0.76
N GLY A 429 -42.86 34.24 0.01
CA GLY A 429 -43.49 33.03 -0.50
C GLY A 429 -42.61 32.30 -1.49
N GLN A 430 -41.90 33.04 -2.34
CA GLN A 430 -40.98 32.42 -3.28
C GLN A 430 -39.87 31.67 -2.54
N LEU A 431 -39.30 32.30 -1.50
CA LEU A 431 -38.28 31.64 -0.73
C LEU A 431 -38.82 30.39 -0.05
N LYS A 432 -40.03 30.47 0.50
CA LYS A 432 -40.62 29.29 1.15
C LYS A 432 -40.82 28.16 0.14
N LEU A 433 -41.31 28.49 -1.05
CA LEU A 433 -41.51 27.47 -2.07
C LEU A 433 -40.19 26.82 -2.44
N LEU A 434 -39.14 27.62 -2.62
CA LEU A 434 -37.84 27.05 -2.95
C LEU A 434 -37.31 26.19 -1.79
N LEU A 435 -37.63 26.57 -0.56
CA LEU A 435 -37.16 25.81 0.60
C LEU A 435 -37.92 24.51 0.76
N GLU A 436 -39.16 24.44 0.26
CA GLU A 436 -39.92 23.21 0.38
C GLU A 436 -39.17 22.04 -0.23
N TRP A 437 -38.37 22.29 -1.26
CA TRP A 437 -37.49 21.31 -1.87
C TRP A 437 -36.04 21.74 -1.62
N ASN A 438 -35.15 20.75 -1.56
CA ASN A 438 -33.75 21.04 -1.26
C ASN A 438 -33.06 21.65 -2.48
N GLN A 439 -33.23 22.96 -2.67
CA GLN A 439 -32.64 23.67 -3.80
C GLN A 439 -31.79 24.81 -3.25
N LEU A 440 -30.47 24.62 -3.25
CA LEU A 440 -29.53 25.58 -2.69
C LEU A 440 -29.09 26.61 -3.74
N ASP A 441 -28.50 26.12 -4.84
CA ASP A 441 -27.97 27.04 -5.85
C ASP A 441 -29.08 27.88 -6.47
N LEU A 442 -30.24 27.28 -6.73
CA LEU A 442 -31.34 28.04 -7.30
C LEU A 442 -31.77 29.16 -6.38
N ALA A 443 -31.90 28.87 -5.08
CA ALA A 443 -32.28 29.90 -4.13
C ALA A 443 -31.23 31.00 -4.07
N SER A 444 -29.95 30.62 -4.03
CA SER A 444 -28.88 31.61 -3.98
C SER A 444 -28.92 32.52 -5.20
N ASP A 445 -29.14 31.94 -6.38
CA ASP A 445 -29.11 32.73 -7.60
C ASP A 445 -30.34 33.62 -7.74
N GLU A 446 -31.52 33.11 -7.39
CA GLU A 446 -32.74 33.85 -7.66
C GLU A 446 -33.10 34.81 -6.54
N ILE A 447 -33.05 34.35 -5.29
CA ILE A 447 -33.56 35.12 -4.16
C ILE A 447 -32.53 36.13 -3.67
N PHE A 448 -31.28 35.70 -3.51
CA PHE A 448 -30.22 36.56 -2.98
C PHE A 448 -29.33 37.12 -4.08
N THR A 449 -29.90 37.43 -5.25
CA THR A 449 -29.13 38.03 -6.32
C THR A 449 -28.70 39.46 -6.03
N ASN A 450 -29.24 40.08 -4.99
CA ASN A 450 -28.95 41.45 -4.55
C ASN A 450 -29.68 42.47 -5.40
N ASP A 451 -30.43 42.06 -6.43
CA ASP A 451 -31.17 43.01 -7.24
C ASP A 451 -32.23 43.73 -6.40
N ARG A 452 -32.94 42.98 -5.55
CA ARG A 452 -33.96 43.54 -4.67
C ARG A 452 -33.54 43.27 -3.23
N ARG A 453 -33.55 44.34 -2.41
CA ARG A 453 -33.16 44.20 -1.01
C ARG A 453 -34.16 43.34 -0.26
N TRP A 454 -33.67 42.31 0.42
CA TRP A 454 -34.52 41.40 1.15
C TRP A 454 -34.62 41.73 2.64
N GLU A 455 -33.58 42.35 3.20
CA GLU A 455 -33.55 42.69 4.62
C GLU A 455 -33.30 41.45 5.47
N SER A 456 -32.48 41.59 6.51
CA SER A 456 -32.12 40.44 7.33
C SER A 456 -33.24 40.03 8.28
N ALA A 457 -34.01 40.99 8.79
CA ALA A 457 -35.03 40.67 9.78
C ALA A 457 -36.09 39.74 9.22
N ASP A 458 -36.30 39.75 7.90
CA ASP A 458 -37.36 38.93 7.31
C ASP A 458 -37.03 37.45 7.37
N LEU A 459 -35.74 37.10 7.45
CA LEU A 459 -35.35 35.69 7.39
C LEU A 459 -35.86 34.89 8.59
N GLN A 460 -35.99 35.51 9.75
CA GLN A 460 -36.28 34.79 10.99
C GLN A 460 -37.29 33.67 10.77
N GLU A 461 -38.50 34.03 10.33
CA GLU A 461 -39.54 33.04 10.13
C GLU A 461 -39.02 31.83 9.35
N VAL A 462 -38.57 32.07 8.12
CA VAL A 462 -38.11 30.95 7.30
C VAL A 462 -36.94 30.25 7.97
N MET A 463 -36.06 31.00 8.62
CA MET A 463 -34.94 30.38 9.32
C MET A 463 -35.45 29.32 10.28
N PHE A 464 -36.49 29.63 11.04
CA PHE A 464 -37.04 28.66 11.98
C PHE A 464 -37.46 27.39 11.26
N THR A 465 -38.13 27.53 10.11
CA THR A 465 -38.55 26.35 9.36
C THR A 465 -37.34 25.53 8.95
N ALA A 466 -36.24 26.20 8.58
CA ALA A 466 -35.04 25.47 8.18
C ALA A 466 -34.51 24.62 9.33
N LEU A 467 -34.74 25.03 10.57
CA LEU A 467 -34.30 24.24 11.70
C LEU A 467 -35.19 23.03 11.92
N ILE A 468 -36.41 23.06 11.41
CA ILE A 468 -37.34 21.95 11.61
C ILE A 468 -37.34 21.00 10.41
N LYS A 469 -37.08 21.51 9.21
CA LYS A 469 -37.02 20.66 8.02
C LYS A 469 -35.71 19.88 7.93
N ASP A 470 -34.74 20.17 8.79
CA ASP A 470 -33.45 19.48 8.78
C ASP A 470 -32.71 19.70 7.46
N ARG A 471 -32.48 20.98 7.14
CA ARG A 471 -31.83 21.39 5.90
C ARG A 471 -30.70 22.34 6.24
N PRO A 472 -29.53 21.81 6.62
CA PRO A 472 -28.45 22.69 7.11
C PRO A 472 -27.96 23.71 6.09
N LYS A 473 -28.02 23.39 4.79
CA LYS A 473 -27.46 24.31 3.80
C LYS A 473 -28.21 25.64 3.78
N PHE A 474 -29.54 25.59 3.94
CA PHE A 474 -30.29 26.85 4.05
C PHE A 474 -29.94 27.59 5.33
N VAL A 475 -29.60 26.87 6.40
CA VAL A 475 -29.12 27.51 7.61
C VAL A 475 -27.82 28.25 7.32
N ARG A 476 -26.91 27.63 6.57
CA ARG A 476 -25.68 28.30 6.17
C ARG A 476 -25.99 29.55 5.34
N LEU A 477 -26.91 29.43 4.39
CA LEU A 477 -27.28 30.57 3.57
C LEU A 477 -27.78 31.73 4.44
N PHE A 478 -28.71 31.44 5.36
CA PHE A 478 -29.26 32.49 6.19
C PHE A 478 -28.21 33.11 7.09
N LEU A 479 -27.32 32.30 7.67
CA LEU A 479 -26.26 32.85 8.51
C LEU A 479 -25.30 33.72 7.71
N GLU A 480 -24.97 33.32 6.49
CA GLU A 480 -24.02 34.08 5.68
C GLU A 480 -24.64 35.30 5.04
N ASN A 481 -25.98 35.38 4.95
CA ASN A 481 -26.66 36.48 4.28
C ASN A 481 -27.20 37.51 5.27
N GLY A 482 -26.50 37.75 6.37
CA GLY A 482 -26.80 38.84 7.25
C GLY A 482 -27.64 38.50 8.47
N LEU A 483 -28.04 37.24 8.64
CA LEU A 483 -28.82 36.87 9.80
C LEU A 483 -27.96 36.95 11.06
N ASN A 484 -28.53 37.49 12.13
CA ASN A 484 -27.89 37.54 13.44
C ASN A 484 -28.45 36.37 14.25
N LEU A 485 -27.67 35.31 14.37
CA LEU A 485 -28.16 34.10 15.01
C LEU A 485 -28.54 34.36 16.47
N GLN A 486 -27.71 35.10 17.19
CA GLN A 486 -28.01 35.38 18.59
C GLN A 486 -29.32 36.15 18.73
N LYS A 487 -29.57 37.10 17.83
CA LYS A 487 -30.84 37.82 17.85
C LYS A 487 -31.99 36.87 17.58
N PHE A 488 -31.81 35.92 16.66
CA PHE A 488 -32.87 34.96 16.35
C PHE A 488 -33.21 34.11 17.56
N LEU A 489 -32.20 33.67 18.30
CA LEU A 489 -32.42 32.83 19.48
C LEU A 489 -32.94 33.69 20.63
N THR A 490 -34.19 34.12 20.48
CA THR A 490 -34.89 34.82 21.53
C THR A 490 -35.41 33.83 22.56
N ASN A 491 -35.81 34.35 23.73
CA ASN A 491 -36.31 33.48 24.78
C ASN A 491 -37.55 32.72 24.31
N GLU A 492 -38.47 33.40 23.64
CA GLU A 492 -39.68 32.73 23.15
C GLU A 492 -39.33 31.69 22.10
N VAL A 493 -38.42 32.02 21.19
CA VAL A 493 -38.05 31.09 20.13
C VAL A 493 -37.47 29.82 20.72
N LEU A 494 -36.50 29.96 21.63
CA LEU A 494 -35.90 28.80 22.25
C LEU A 494 -36.91 28.02 23.07
N THR A 495 -37.78 28.73 23.80
CA THR A 495 -38.79 28.06 24.60
C THR A 495 -39.68 27.17 23.73
N GLU A 496 -40.19 27.74 22.62
CA GLU A 496 -41.03 26.95 21.73
C GLU A 496 -40.26 25.79 21.11
N LEU A 497 -39.03 26.06 20.67
CA LEU A 497 -38.25 25.03 19.99
C LEU A 497 -37.99 23.84 20.91
N PHE A 498 -37.67 24.11 22.18
CA PHE A 498 -37.44 23.02 23.13
C PHE A 498 -38.75 22.38 23.58
N SER A 499 -39.84 23.14 23.64
CA SER A 499 -41.10 22.59 24.15
C SER A 499 -41.73 21.63 23.15
N THR A 500 -41.84 22.04 21.89
CA THR A 500 -42.62 21.29 20.90
C THR A 500 -41.78 20.50 19.92
N HIS A 501 -40.73 21.10 19.35
CA HIS A 501 -39.97 20.42 18.31
C HIS A 501 -38.99 19.40 18.89
N PHE A 502 -38.79 19.38 20.20
CA PHE A 502 -37.92 18.39 20.81
C PHE A 502 -38.56 17.02 20.68
N SER A 503 -37.83 16.09 20.07
CA SER A 503 -38.37 14.75 19.83
C SER A 503 -38.78 14.10 21.14
N THR A 504 -39.98 13.51 21.15
CA THR A 504 -40.47 12.87 22.35
C THR A 504 -39.61 11.66 22.73
N LEU A 505 -39.21 10.87 21.73
CA LEU A 505 -38.34 9.73 22.01
C LEU A 505 -37.01 10.19 22.59
N VAL A 506 -36.42 11.23 22.00
CA VAL A 506 -35.15 11.75 22.50
C VAL A 506 -35.34 12.32 23.91
N TYR A 507 -36.46 13.02 24.13
CA TYR A 507 -36.74 13.56 25.46
C TYR A 507 -36.80 12.45 26.50
N ARG A 508 -37.53 11.37 26.19
CA ARG A 508 -37.66 10.28 27.13
C ARG A 508 -36.32 9.60 27.38
N ASN A 509 -35.54 9.38 26.32
CA ASN A 509 -34.24 8.75 26.48
C ASN A 509 -33.31 9.61 27.33
N LEU A 510 -33.29 10.92 27.09
CA LEU A 510 -32.44 11.81 27.87
C LEU A 510 -32.89 11.84 29.33
N GLN A 511 -34.20 11.87 29.57
CA GLN A 511 -34.70 11.85 30.95
C GLN A 511 -34.27 10.57 31.65
N ILE A 512 -34.40 9.43 30.98
CA ILE A 512 -34.03 8.16 31.58
C ILE A 512 -32.54 8.14 31.89
N ALA A 513 -31.72 8.60 30.93
CA ALA A 513 -30.27 8.60 31.15
C ALA A 513 -29.89 9.50 32.31
N LYS A 514 -30.49 10.70 32.38
CA LYS A 514 -30.17 11.62 33.45
C LYS A 514 -30.59 11.07 34.82
N ASN A 515 -31.78 10.47 34.89
CA ASN A 515 -32.26 9.95 36.17
C ASN A 515 -31.53 8.68 36.59
N SER A 516 -30.97 7.95 35.62
CA SER A 516 -30.34 6.66 35.91
C SER A 516 -28.83 6.81 36.13
N TYR A 517 -28.12 7.33 35.13
CA TYR A 517 -26.67 7.41 35.19
C TYR A 517 -26.21 8.71 35.87
N ASN A 518 -26.62 9.86 35.32
CA ASN A 518 -26.25 11.15 35.89
C ASN A 518 -24.75 11.39 35.76
N ASP A 519 -24.35 12.66 35.82
CA ASP A 519 -22.94 13.04 35.73
C ASP A 519 -22.86 14.54 35.92
N ALA A 520 -21.63 15.05 35.97
CA ALA A 520 -21.42 16.48 36.15
C ALA A 520 -22.00 17.29 34.99
N LEU A 521 -22.02 16.71 33.79
CA LEU A 521 -22.53 17.40 32.61
C LEU A 521 -23.96 17.01 32.27
N LEU A 522 -24.37 15.77 32.55
CA LEU A 522 -25.73 15.36 32.24
C LEU A 522 -26.75 16.19 33.02
N THR A 523 -26.48 16.45 34.30
CA THR A 523 -27.40 17.23 35.10
C THR A 523 -27.57 18.64 34.55
N PHE A 524 -26.47 19.26 34.11
CA PHE A 524 -26.56 20.62 33.59
C PHE A 524 -27.42 20.69 32.34
N VAL A 525 -27.18 19.79 31.39
CA VAL A 525 -27.96 19.81 30.15
C VAL A 525 -29.42 19.47 30.43
N TRP A 526 -29.66 18.51 31.32
CA TRP A 526 -31.04 18.17 31.68
C TRP A 526 -31.76 19.36 32.29
N LYS A 527 -31.09 20.07 33.21
CA LYS A 527 -31.72 21.23 33.85
C LYS A 527 -31.99 22.33 32.83
N LEU A 528 -31.03 22.56 31.92
CA LEU A 528 -31.25 23.58 30.90
C LEU A 528 -32.44 23.22 30.01
N VAL A 529 -32.53 21.96 29.59
CA VAL A 529 -33.64 21.53 28.76
C VAL A 529 -34.96 21.69 29.50
N ALA A 530 -35.00 21.28 30.77
CA ALA A 530 -36.22 21.40 31.55
C ALA A 530 -36.63 22.86 31.70
N ASN A 531 -35.66 23.74 31.95
CA ASN A 531 -35.97 25.16 32.09
C ASN A 531 -36.54 25.73 30.80
N PHE A 532 -35.91 25.43 29.67
CA PHE A 532 -36.38 25.98 28.41
C PHE A 532 -37.76 25.43 28.04
N ARG A 533 -37.98 24.13 28.26
CA ARG A 533 -39.30 23.55 27.97
C ARG A 533 -40.38 24.18 28.83
N ARG A 534 -40.09 24.39 30.12
CA ARG A 534 -41.06 24.99 31.02
C ARG A 534 -41.20 26.48 30.77
N THR A 558 -24.56 34.56 31.96
CA THR A 558 -24.59 34.22 30.55
C THR A 558 -25.72 33.24 30.25
N ARG A 559 -26.57 33.61 29.29
CA ARG A 559 -27.70 32.76 28.93
C ARG A 559 -27.27 31.56 28.10
N HIS A 560 -26.24 31.73 27.27
CA HIS A 560 -25.72 30.64 26.44
C HIS A 560 -26.80 30.05 25.55
N PRO A 561 -27.35 30.84 24.62
CA PRO A 561 -28.33 30.26 23.69
C PRO A 561 -27.69 29.39 22.63
N LEU A 562 -26.50 29.76 22.15
CA LEU A 562 -25.83 28.95 21.13
C LEU A 562 -25.51 27.56 21.66
N GLN A 563 -25.05 27.46 22.91
CA GLN A 563 -24.77 26.15 23.49
C GLN A 563 -26.06 25.34 23.59
N ALA A 564 -27.16 25.97 23.97
CA ALA A 564 -28.43 25.26 24.05
C ALA A 564 -28.86 24.73 22.68
N LEU A 565 -28.72 25.55 21.65
CA LEU A 565 -29.06 25.10 20.30
C LEU A 565 -28.15 23.96 19.86
N PHE A 566 -26.86 24.05 20.16
CA PHE A 566 -25.94 22.98 19.79
C PHE A 566 -26.33 21.67 20.47
N ILE A 567 -26.66 21.73 21.76
CA ILE A 567 -27.09 20.52 22.47
C ILE A 567 -28.38 19.99 21.89
N TRP A 568 -29.33 20.88 21.59
CA TRP A 568 -30.60 20.45 21.01
C TRP A 568 -30.40 19.74 19.68
N ALA A 569 -29.49 20.27 18.85
CA ALA A 569 -29.27 19.67 17.54
C ALA A 569 -28.46 18.38 17.64
N ILE A 570 -27.57 18.27 18.63
CA ILE A 570 -26.71 17.10 18.71
C ILE A 570 -27.43 15.93 19.35
N LEU A 571 -28.30 16.20 20.33
CA LEU A 571 -29.04 15.11 20.96
C LEU A 571 -30.00 14.41 20.00
N GLN A 572 -30.34 15.06 18.88
CA GLN A 572 -31.26 14.50 17.91
C GLN A 572 -30.56 13.88 16.71
N ASN A 573 -29.23 13.72 16.78
CA ASN A 573 -28.46 13.09 15.71
C ASN A 573 -28.61 13.86 14.40
N LYS A 574 -28.12 15.09 14.41
CA LYS A 574 -28.10 15.96 13.23
C LYS A 574 -26.65 16.37 13.01
N LYS A 575 -25.93 15.55 12.24
CA LYS A 575 -24.49 15.73 12.10
C LYS A 575 -24.15 17.06 11.42
N GLU A 576 -24.75 17.31 10.25
CA GLU A 576 -24.42 18.53 9.52
C GLU A 576 -24.90 19.77 10.25
N LEU A 577 -26.12 19.74 10.79
CA LEU A 577 -26.62 20.87 11.55
C LEU A 577 -25.76 21.11 12.79
N SER A 578 -25.34 20.03 13.45
CA SER A 578 -24.49 20.18 14.63
C SER A 578 -23.16 20.82 14.25
N LYS A 579 -22.57 20.40 13.13
CA LYS A 579 -21.32 21.00 12.67
C LYS A 579 -21.51 22.48 12.35
N VAL A 580 -22.62 22.82 11.70
CA VAL A 580 -22.88 24.22 11.36
C VAL A 580 -23.01 25.05 12.62
N ILE A 581 -23.73 24.53 13.62
CA ILE A 581 -23.90 25.26 14.87
C ILE A 581 -22.56 25.39 15.60
N TRP A 582 -21.71 24.36 15.50
CA TRP A 582 -20.45 24.37 16.23
C TRP A 582 -19.57 25.54 15.81
N GLU A 583 -19.58 25.89 14.53
CA GLU A 583 -18.73 26.97 14.03
C GLU A 583 -19.10 28.32 14.59
N GLN A 584 -20.28 28.46 15.23
CA GLN A 584 -20.71 29.73 15.77
C GLN A 584 -20.40 29.89 17.26
N THR A 585 -20.18 28.80 17.98
CA THR A 585 -19.93 28.88 19.41
C THR A 585 -18.59 29.55 19.68
N LYS A 586 -18.49 30.20 20.84
CA LYS A 586 -17.25 30.86 21.23
C LYS A 586 -16.20 29.82 21.63
N GLY A 587 -16.49 29.02 22.65
CA GLY A 587 -15.61 27.95 23.05
C GLY A 587 -15.85 26.69 22.26
N CYS A 588 -14.98 26.39 21.30
CA CYS A 588 -15.24 25.31 20.36
C CYS A 588 -14.58 24.01 20.81
N THR A 589 -13.35 24.08 21.31
CA THR A 589 -12.70 22.86 21.79
C THR A 589 -13.44 22.27 22.98
N LEU A 590 -13.83 23.12 23.94
CA LEU A 590 -14.58 22.65 25.09
C LEU A 590 -15.93 22.08 24.65
N ALA A 591 -16.60 22.74 23.71
CA ALA A 591 -17.88 22.25 23.23
C ALA A 591 -17.73 20.89 22.55
N ALA A 592 -16.69 20.73 21.74
CA ALA A 592 -16.47 19.45 21.06
C ALA A 592 -16.16 18.34 22.06
N LEU A 593 -15.34 18.62 23.07
CA LEU A 593 -15.06 17.61 24.08
C LEU A 593 -16.32 17.23 24.84
N GLY A 594 -17.13 18.23 25.23
CA GLY A 594 -18.38 17.93 25.90
C GLY A 594 -19.31 17.11 25.03
N ALA A 595 -19.38 17.44 23.74
CA ALA A 595 -20.21 16.67 22.81
C ALA A 595 -19.74 15.23 22.71
N SER A 596 -18.42 15.03 22.62
CA SER A 596 -17.90 13.66 22.55
C SER A 596 -18.25 12.89 23.82
N LYS A 597 -18.09 13.51 24.98
CA LYS A 597 -18.44 12.84 26.23
C LYS A 597 -19.92 12.51 26.27
N LEU A 598 -20.77 13.45 25.85
CA LEU A 598 -22.21 13.23 25.89
C LEU A 598 -22.60 12.09 24.96
N LEU A 599 -22.05 12.07 23.75
CA LEU A 599 -22.37 11.00 22.81
C LEU A 599 -21.89 9.65 23.35
N LYS A 600 -20.69 9.61 23.95
CA LYS A 600 -20.18 8.35 24.48
C LYS A 600 -21.08 7.84 25.61
N THR A 601 -21.48 8.71 26.52
CA THR A 601 -22.33 8.26 27.63
C THR A 601 -23.71 7.85 27.14
N LEU A 602 -24.25 8.56 26.15
CA LEU A 602 -25.54 8.17 25.59
C LEU A 602 -25.46 6.82 24.91
N ALA A 603 -24.39 6.56 24.16
CA ALA A 603 -24.22 5.26 23.53
C ALA A 603 -23.99 4.16 24.56
N LYS A 604 -23.38 4.50 25.70
CA LYS A 604 -23.18 3.50 26.75
C LYS A 604 -24.50 2.94 27.27
N VAL A 605 -25.60 3.69 27.11
CA VAL A 605 -26.92 3.23 27.54
C VAL A 605 -27.76 2.70 26.38
N LYS A 606 -27.43 3.03 25.14
CA LYS A 606 -28.23 2.61 24.01
C LYS A 606 -28.11 1.10 23.81
N ASN A 607 -29.21 0.48 23.39
CA ASN A 607 -29.27 -0.95 23.11
C ASN A 607 -29.30 -1.28 21.63
N ASP A 608 -29.79 -0.39 20.79
CA ASP A 608 -29.85 -0.65 19.36
C ASP A 608 -28.44 -0.79 18.80
N ILE A 609 -28.23 -1.81 17.96
CA ILE A 609 -26.92 -2.04 17.37
C ILE A 609 -26.61 -0.96 16.34
N ASN A 610 -27.58 -0.58 15.52
CA ASN A 610 -27.32 0.35 14.43
C ASN A 610 -26.86 1.70 14.95
N ALA A 611 -27.53 2.23 15.97
CA ALA A 611 -27.18 3.53 16.50
C ALA A 611 -25.86 3.53 17.26
N ALA A 612 -25.45 2.37 17.80
CA ALA A 612 -24.21 2.30 18.55
C ALA A 612 -23.00 2.65 17.68
N GLY A 613 -23.06 2.38 16.39
CA GLY A 613 -21.98 2.75 15.48
C GLY A 613 -22.03 4.21 15.12
N GLU A 614 -23.23 4.73 14.87
CA GLU A 614 -23.37 6.13 14.49
C GLU A 614 -22.90 7.05 15.61
N SER A 615 -23.33 6.77 16.85
CA SER A 615 -22.94 7.63 17.97
C SER A 615 -21.43 7.59 18.18
N GLU A 616 -20.84 6.39 18.11
CA GLU A 616 -19.39 6.27 18.28
C GLU A 616 -18.65 7.01 17.18
N GLU A 617 -19.11 6.89 15.94
CA GLU A 617 -18.45 7.60 14.84
C GLU A 617 -18.53 9.10 15.02
N LEU A 618 -19.70 9.61 15.43
CA LEU A 618 -19.83 11.05 15.64
C LEU A 618 -18.93 11.53 16.77
N ALA A 619 -18.86 10.76 17.86
CA ALA A 619 -17.99 11.14 18.97
C ALA A 619 -16.54 11.16 18.54
N ASN A 620 -16.11 10.14 17.77
CA ASN A 620 -14.74 10.12 17.27
C ASN A 620 -14.47 11.31 16.36
N GLU A 621 -15.43 11.65 15.51
CA GLU A 621 -15.24 12.79 14.61
C GLU A 621 -15.07 14.08 15.40
N TYR A 622 -15.90 14.28 16.45
CA TYR A 622 -15.75 15.49 17.25
C TYR A 622 -14.44 15.50 18.02
N GLU A 623 -13.99 14.34 18.52
CA GLU A 623 -12.69 14.29 19.19
C GLU A 623 -11.57 14.65 18.22
N THR A 624 -11.64 14.14 16.99
CA THR A 624 -10.63 14.52 15.99
C THR A 624 -10.69 16.00 15.69
N ARG A 625 -11.89 16.57 15.59
CA ARG A 625 -12.01 18.01 15.38
C ARG A 625 -11.33 18.78 16.49
N ALA A 626 -11.59 18.41 17.74
CA ALA A 626 -10.97 19.09 18.86
C ALA A 626 -9.45 18.96 18.83
N VAL A 627 -8.95 17.76 18.53
CA VAL A 627 -7.51 17.54 18.49
C VAL A 627 -6.87 18.43 17.42
N GLU A 628 -7.47 18.44 16.22
CA GLU A 628 -6.91 19.24 15.13
C GLU A 628 -6.95 20.73 15.47
N LEU A 629 -8.06 21.20 16.05
CA LEU A 629 -8.16 22.62 16.39
C LEU A 629 -7.12 23.01 17.43
N PHE A 630 -6.93 22.18 18.46
CA PHE A 630 -5.94 22.51 19.46
C PHE A 630 -4.52 22.43 18.91
N THR A 631 -4.26 21.48 18.01
CA THR A 631 -2.95 21.43 17.37
C THR A 631 -2.69 22.69 16.56
N GLU A 632 -3.70 23.17 15.83
CA GLU A 632 -3.55 24.42 15.09
C GLU A 632 -3.29 25.58 16.04
N CYS A 633 -4.03 25.64 17.15
CA CYS A 633 -3.86 26.74 18.10
C CYS A 633 -2.46 26.73 18.72
N TYR A 634 -1.98 25.55 19.12
CA TYR A 634 -0.70 25.49 19.82
C TYR A 634 0.46 25.85 18.91
N SER A 635 0.36 25.51 17.62
CA SER A 635 1.42 25.81 16.67
C SER A 635 1.60 27.31 16.45
N ASN A 636 0.64 28.13 16.88
CA ASN A 636 0.69 29.58 16.72
C ASN A 636 1.24 30.28 17.96
N ASP A 637 0.74 29.92 19.14
CA ASP A 637 1.20 30.54 20.39
C ASP A 637 0.99 29.53 21.51
N GLU A 638 2.10 29.09 22.10
CA GLU A 638 2.02 28.10 23.17
C GLU A 638 1.38 28.67 24.43
N ASP A 639 1.75 29.90 24.80
CA ASP A 639 1.24 30.49 26.04
C ASP A 639 -0.27 30.65 25.98
N LEU A 640 -0.79 31.17 24.87
CA LEU A 640 -2.23 31.34 24.73
C LEU A 640 -2.94 29.99 24.71
N ALA A 641 -2.32 28.98 24.08
CA ALA A 641 -2.92 27.65 24.07
C ALA A 641 -3.03 27.08 25.49
N GLU A 642 -1.96 27.24 26.29
CA GLU A 642 -2.00 26.78 27.66
C GLU A 642 -3.04 27.55 28.48
N GLN A 643 -3.14 28.86 28.26
CA GLN A 643 -4.15 29.64 28.95
C GLN A 643 -5.55 29.17 28.60
N LEU A 644 -5.79 28.87 27.32
CA LEU A 644 -7.07 28.32 26.91
C LEU A 644 -7.32 26.97 27.58
N LEU A 645 -6.30 26.12 27.65
CA LEU A 645 -6.46 24.83 28.31
C LEU A 645 -6.88 25.01 29.77
N VAL A 646 -6.18 25.89 30.49
CA VAL A 646 -6.54 26.14 31.89
C VAL A 646 -7.76 27.04 32.01
N TYR A 647 -8.16 27.71 30.94
CA TYR A 647 -9.30 28.64 30.99
C TYR A 647 -10.52 27.95 31.61
N SER A 648 -10.99 28.50 32.72
CA SER A 648 -12.11 27.92 33.43
C SER A 648 -13.38 28.01 32.57
N CYS A 649 -14.26 27.02 32.75
CA CYS A 649 -15.50 26.97 32.01
C CYS A 649 -16.54 27.89 32.63
N GLU A 650 -17.26 28.62 31.78
CA GLU A 650 -18.33 29.50 32.22
C GLU A 650 -19.65 28.72 32.33
N ALA A 651 -19.62 27.72 33.21
CA ALA A 651 -20.78 26.87 33.48
C ALA A 651 -21.21 26.08 32.27
N TRP A 652 -20.29 25.80 31.35
CA TRP A 652 -20.61 24.93 30.21
C TRP A 652 -20.97 23.53 30.70
N GLY A 653 -20.09 22.92 31.50
CA GLY A 653 -20.35 21.63 32.09
C GLY A 653 -19.80 21.53 33.50
N GLY A 654 -19.28 22.63 34.03
CA GLY A 654 -18.62 22.63 35.31
C GLY A 654 -17.19 22.15 35.29
N SER A 655 -16.57 22.08 34.12
CA SER A 655 -15.20 21.59 34.00
C SER A 655 -14.59 22.12 32.72
N ASN A 656 -13.26 22.07 32.65
CA ASN A 656 -12.51 22.57 31.51
C ASN A 656 -12.13 21.43 30.58
N CYS A 657 -11.31 21.73 29.57
CA CYS A 657 -11.02 20.77 28.52
C CYS A 657 -10.34 19.52 29.06
N LEU A 658 -9.33 19.70 29.93
CA LEU A 658 -8.58 18.56 30.43
C LEU A 658 -9.49 17.60 31.18
N GLU A 659 -10.32 18.13 32.07
CA GLU A 659 -11.19 17.27 32.88
C GLU A 659 -12.21 16.55 32.01
N LEU A 660 -12.78 17.24 31.02
CA LEU A 660 -13.74 16.58 30.14
C LEU A 660 -13.07 15.48 29.33
N ALA A 661 -11.86 15.74 28.81
CA ALA A 661 -11.15 14.72 28.05
C ALA A 661 -10.84 13.51 28.93
N VAL A 662 -10.44 13.74 30.18
CA VAL A 662 -10.14 12.65 31.09
C VAL A 662 -11.39 11.83 31.38
N GLU A 663 -12.48 12.51 31.73
CA GLU A 663 -13.73 11.82 32.03
C GLU A 663 -14.29 11.12 30.80
N ALA A 664 -13.91 11.55 29.60
CA ALA A 664 -14.31 10.91 28.36
C ALA A 664 -13.22 10.00 27.81
N THR A 665 -12.20 9.70 28.61
CA THR A 665 -11.07 8.87 28.20
C THR A 665 -10.62 9.19 26.78
N ASP A 666 -10.52 10.48 26.45
CA ASP A 666 -10.02 10.93 25.15
C ASP A 666 -8.51 10.94 25.22
N GLN A 667 -7.91 9.77 24.99
CA GLN A 667 -6.46 9.63 25.13
C GLN A 667 -5.71 10.42 24.05
N HIS A 668 -6.29 10.55 22.86
CA HIS A 668 -5.61 11.28 21.80
C HIS A 668 -5.38 12.74 22.18
N PHE A 669 -6.37 13.38 22.78
CA PHE A 669 -6.23 14.78 23.14
C PHE A 669 -5.18 14.98 24.24
N ILE A 670 -5.05 14.00 25.14
CA ILE A 670 -4.05 14.11 26.20
C ILE A 670 -2.66 13.72 25.72
N ALA A 671 -2.56 12.93 24.65
CA ALA A 671 -1.27 12.41 24.20
C ALA A 671 -0.58 13.30 23.18
N GLN A 672 -1.21 14.38 22.72
CA GLN A 672 -0.59 15.23 21.73
C GLN A 672 0.54 16.04 22.36
N PRO A 673 1.50 16.50 21.55
CA PRO A 673 2.69 17.14 22.12
C PRO A 673 2.40 18.33 23.02
N GLY A 674 1.40 19.15 22.68
CA GLY A 674 1.17 20.36 23.45
C GLY A 674 0.77 20.07 24.89
N VAL A 675 -0.17 19.15 25.08
CA VAL A 675 -0.62 18.83 26.43
C VAL A 675 0.49 18.17 27.23
N GLN A 676 1.27 17.31 26.58
CA GLN A 676 2.38 16.67 27.27
C GLN A 676 3.44 17.68 27.68
N ASN A 677 3.72 18.67 26.82
CA ASN A 677 4.68 19.71 27.18
C ASN A 677 4.16 20.55 28.34
N PHE A 678 2.86 20.88 28.32
CA PHE A 678 2.28 21.62 29.43
C PHE A 678 2.38 20.84 30.73
N LEU A 679 2.08 19.55 30.68
CA LEU A 679 2.18 18.72 31.88
C LEU A 679 3.62 18.60 32.35
N SER A 680 4.57 18.49 31.42
CA SER A 680 5.97 18.44 31.81
C SER A 680 6.41 19.72 32.50
N LYS A 681 6.01 20.87 31.96
CA LYS A 681 6.36 22.13 32.59
C LYS A 681 5.74 22.25 33.97
N GLN A 682 4.50 21.79 34.13
CA GLN A 682 3.88 21.80 35.45
C GLN A 682 4.58 20.84 36.40
N TRP A 683 5.04 19.70 35.88
CA TRP A 683 5.65 18.66 36.71
C TRP A 683 7.02 19.09 37.21
N TYR A 684 7.86 19.62 36.33
CA TYR A 684 9.16 20.15 36.75
C TYR A 684 9.04 21.43 37.55
N GLY A 685 7.87 22.06 37.57
CA GLY A 685 7.69 23.26 38.37
C GLY A 685 8.64 24.36 37.95
N GLU A 686 9.27 24.98 38.96
CA GLU A 686 10.16 26.11 38.69
C GLU A 686 11.36 25.69 37.86
N ILE A 687 11.90 24.50 38.12
CA ILE A 687 13.10 24.05 37.42
C ILE A 687 12.83 24.00 35.92
N SER A 688 13.81 24.43 35.15
CA SER A 688 13.68 24.42 33.69
C SER A 688 13.52 22.98 33.19
N ARG A 689 12.62 22.79 32.23
CA ARG A 689 12.42 21.47 31.65
C ARG A 689 13.70 20.96 30.99
N ASP A 690 14.56 21.87 30.55
CA ASP A 690 15.83 21.49 29.92
C ASP A 690 16.95 21.39 30.96
N THR A 691 16.71 20.60 32.00
CA THR A 691 17.68 20.36 33.06
C THR A 691 17.95 18.86 33.14
N LYS A 692 19.23 18.49 33.13
CA LYS A 692 19.58 17.08 33.20
C LYS A 692 19.01 16.45 34.47
N ASN A 693 18.40 15.27 34.32
CA ASN A 693 17.78 14.60 35.44
C ASN A 693 18.80 14.19 36.49
N TRP A 694 19.95 13.66 36.05
CA TRP A 694 20.92 13.18 37.02
C TRP A 694 21.47 14.31 37.88
N LYS A 695 21.64 15.50 37.30
CA LYS A 695 22.13 16.64 38.08
C LYS A 695 21.17 17.00 39.20
N ILE A 696 19.87 17.06 38.90
CA ILE A 696 18.88 17.42 39.93
C ILE A 696 18.77 16.30 40.96
N ILE A 697 18.83 15.04 40.51
CA ILE A 697 18.77 13.93 41.47
C ILE A 697 19.95 13.99 42.41
N LEU A 698 21.15 14.27 41.88
CA LEU A 698 22.33 14.40 42.74
C LEU A 698 22.18 15.57 43.69
N CYS A 699 21.69 16.71 43.19
CA CYS A 699 21.53 17.88 44.06
C CYS A 699 20.51 17.62 45.16
N LEU A 700 19.57 16.71 44.93
CA LEU A 700 18.57 16.40 45.96
C LEU A 700 19.26 15.86 47.21
N PHE A 701 20.24 14.96 47.06
CA PHE A 701 20.90 14.39 48.22
C PHE A 701 21.71 15.44 48.96
N ILE A 702 22.67 16.07 48.28
CA ILE A 702 23.52 17.08 48.89
C ILE A 702 22.78 18.42 48.77
N ILE A 703 22.32 18.94 49.91
CA ILE A 703 21.57 20.20 49.89
C ILE A 703 22.41 21.36 49.40
N PRO A 704 23.64 21.57 49.89
CA PRO A 704 24.37 22.80 49.52
C PRO A 704 24.58 22.96 48.03
N LEU A 705 24.55 21.88 47.26
CA LEU A 705 24.75 22.00 45.82
C LEU A 705 23.66 22.80 45.14
N VAL A 706 22.51 22.98 45.79
CA VAL A 706 21.43 23.75 45.17
C VAL A 706 21.83 25.21 45.02
N GLY A 707 22.59 25.74 45.98
CA GLY A 707 23.05 27.12 45.88
C GLY A 707 23.89 27.35 44.65
N CYS A 708 24.72 26.39 44.29
CA CYS A 708 25.54 26.49 43.09
C CYS A 708 24.65 26.54 41.85
N GLY A 709 25.28 26.80 40.71
CA GLY A 709 24.59 26.94 39.45
C GLY A 709 24.28 25.65 38.72
N LEU A 710 24.40 24.51 39.39
CA LEU A 710 24.14 23.24 38.73
C LEU A 710 22.69 23.14 38.26
N VAL A 711 21.75 23.62 39.06
CA VAL A 711 20.33 23.51 38.78
C VAL A 711 19.82 24.86 38.29
N SER A 712 19.09 24.85 37.18
CA SER A 712 18.52 26.05 36.62
C SER A 712 17.13 26.31 37.18
N PHE A 713 16.67 27.55 37.04
CA PHE A 713 15.35 27.96 37.49
C PHE A 713 14.67 28.84 36.43
N ARG A 714 14.82 28.46 35.17
CA ARG A 714 14.21 29.24 34.08
C ARG A 714 12.70 29.25 34.21
N LYS A 715 12.11 28.10 34.52
CA LYS A 715 10.66 28.00 34.66
C LYS A 715 9.97 28.29 33.33
N LEU A 725 16.44 31.29 51.17
CA LEU A 725 16.35 32.01 49.90
C LEU A 725 15.24 31.46 49.03
N TRP A 726 14.85 32.23 48.01
CA TRP A 726 13.79 31.79 47.10
C TRP A 726 14.18 30.53 46.35
N TYR A 727 15.48 30.29 46.14
CA TYR A 727 15.91 29.10 45.43
C TYR A 727 15.49 27.82 46.16
N TYR A 728 15.66 27.81 47.49
CA TYR A 728 15.29 26.63 48.26
C TYR A 728 13.79 26.35 48.14
N VAL A 729 12.97 27.38 48.27
CA VAL A 729 11.53 27.20 48.18
C VAL A 729 11.14 26.71 46.80
N ALA A 730 11.72 27.31 45.75
CA ALA A 730 11.42 26.87 44.39
C ALA A 730 11.80 25.41 44.19
N PHE A 731 12.98 25.02 44.68
CA PHE A 731 13.43 23.65 44.50
C PHE A 731 12.54 22.65 45.24
N PHE A 732 12.14 23.00 46.46
CA PHE A 732 11.40 22.08 47.31
C PHE A 732 9.89 22.14 47.10
N THR A 733 9.39 23.08 46.31
CA THR A 733 7.98 23.12 45.97
C THR A 733 7.65 22.36 44.69
N SER A 734 8.67 21.88 43.97
CA SER A 734 8.43 21.14 42.74
C SER A 734 7.91 19.75 43.07
N PRO A 735 6.81 19.31 42.46
CA PRO A 735 6.31 17.95 42.76
C PRO A 735 7.31 16.86 42.40
N PHE A 736 8.20 17.11 41.44
CA PHE A 736 9.23 16.14 41.10
C PHE A 736 10.11 15.81 42.30
N VAL A 737 10.60 16.85 42.98
CA VAL A 737 11.47 16.65 44.13
C VAL A 737 10.70 16.00 45.28
N VAL A 738 9.43 16.38 45.45
CA VAL A 738 8.61 15.77 46.48
C VAL A 738 8.45 14.28 46.22
N PHE A 739 8.20 13.90 44.96
CA PHE A 739 8.08 12.50 44.61
C PHE A 739 9.38 11.75 44.87
N SER A 740 10.51 12.34 44.51
CA SER A 740 11.79 11.68 44.74
C SER A 740 12.04 11.50 46.24
N TRP A 741 11.75 12.53 47.04
CA TRP A 741 11.94 12.43 48.48
C TRP A 741 11.03 11.36 49.07
N ASN A 742 9.79 11.29 48.60
CA ASN A 742 8.87 10.27 49.08
C ASN A 742 9.37 8.88 48.73
N VAL A 743 9.92 8.71 47.54
CA VAL A 743 10.49 7.41 47.16
C VAL A 743 11.64 7.03 48.08
N VAL A 744 12.53 8.00 48.36
CA VAL A 744 13.65 7.72 49.24
C VAL A 744 13.15 7.31 50.62
N PHE A 745 12.18 8.06 51.15
CA PHE A 745 11.68 7.76 52.49
C PHE A 745 10.95 6.42 52.52
N TYR A 746 10.26 6.06 51.44
CA TYR A 746 9.58 4.76 51.39
C TYR A 746 10.59 3.62 51.38
N ILE A 747 11.69 3.78 50.63
CA ILE A 747 12.73 2.75 50.64
C ILE A 747 13.33 2.62 52.03
N ALA A 748 13.60 3.75 52.69
CA ALA A 748 14.12 3.70 54.05
C ALA A 748 13.12 3.02 54.99
N PHE A 749 11.83 3.30 54.80
CA PHE A 749 10.79 2.68 55.61
C PHE A 749 10.79 1.17 55.41
N LEU A 750 10.94 0.71 54.17
CA LEU A 750 11.01 -0.73 53.91
C LEU A 750 12.24 -1.34 54.59
N LEU A 751 13.38 -0.66 54.53
CA LEU A 751 14.57 -1.16 55.20
C LEU A 751 14.35 -1.28 56.70
N LEU A 752 13.75 -0.27 57.32
CA LEU A 752 13.48 -0.31 58.75
C LEU A 752 12.50 -1.44 59.08
N PHE A 753 11.47 -1.62 58.25
CA PHE A 753 10.51 -2.68 58.47
C PHE A 753 11.19 -4.04 58.46
N ALA A 754 12.04 -4.27 57.45
CA ALA A 754 12.75 -5.54 57.36
C ALA A 754 13.67 -5.75 58.55
N TYR A 755 14.40 -4.70 58.96
CA TYR A 755 15.28 -4.83 60.11
C TYR A 755 14.49 -5.20 61.37
N VAL A 756 13.36 -4.52 61.59
CA VAL A 756 12.55 -4.82 62.77
C VAL A 756 12.07 -6.26 62.73
N LEU A 757 11.58 -6.71 61.57
CA LEU A 757 11.06 -8.07 61.46
C LEU A 757 12.14 -9.11 61.72
N LEU A 758 13.34 -8.90 61.16
CA LEU A 758 14.33 -9.96 61.12
C LEU A 758 15.28 -9.95 62.31
N MET A 759 15.54 -8.80 62.93
CA MET A 759 16.63 -8.67 63.89
C MET A 759 16.26 -8.03 65.22
N ASP A 760 15.16 -7.27 65.29
CA ASP A 760 14.84 -6.51 66.49
C ASP A 760 13.37 -6.69 66.86
N PHE A 761 12.91 -7.93 66.85
CA PHE A 761 11.55 -8.27 67.23
C PHE A 761 11.60 -9.03 68.56
N HIS A 762 10.94 -8.47 69.58
CA HIS A 762 10.94 -9.01 70.92
C HIS A 762 9.53 -8.95 71.49
N SER A 763 9.40 -9.32 72.76
CA SER A 763 8.11 -9.25 73.43
C SER A 763 7.62 -7.82 73.55
N VAL A 764 8.50 -6.90 73.92
CA VAL A 764 8.17 -5.49 74.11
C VAL A 764 8.81 -4.71 72.97
N PRO A 765 8.04 -3.94 72.19
CA PRO A 765 8.63 -3.21 71.06
C PRO A 765 9.67 -2.21 71.53
N HIS A 766 10.72 -2.05 70.73
CA HIS A 766 11.79 -1.11 71.00
C HIS A 766 11.57 0.16 70.19
N THR A 767 12.54 1.07 70.26
CA THR A 767 12.40 2.37 69.62
C THR A 767 12.18 2.27 68.12
N PRO A 768 12.91 1.45 67.36
CA PRO A 768 12.68 1.39 65.91
C PRO A 768 11.25 1.03 65.54
N GLU A 769 10.63 0.12 66.29
CA GLU A 769 9.25 -0.25 65.99
C GLU A 769 8.28 0.87 66.33
N LEU A 770 8.56 1.64 67.38
CA LEU A 770 7.75 2.82 67.66
C LEU A 770 7.86 3.84 66.53
N ILE A 771 9.07 4.03 66.00
CA ILE A 771 9.25 4.90 64.85
C ILE A 771 8.46 4.38 63.66
N LEU A 772 8.48 3.07 63.46
CA LEU A 772 7.71 2.47 62.36
C LEU A 772 6.22 2.74 62.53
N TYR A 773 5.70 2.58 63.74
CA TYR A 773 4.30 2.88 63.99
C TYR A 773 3.99 4.34 63.72
N ALA A 774 4.88 5.24 64.15
CA ALA A 774 4.68 6.66 63.89
C ALA A 774 4.63 6.95 62.40
N LEU A 775 5.52 6.33 61.63
CA LEU A 775 5.50 6.53 60.18
C LEU A 775 4.23 5.99 59.56
N VAL A 776 3.74 4.84 60.03
CA VAL A 776 2.50 4.28 59.49
C VAL A 776 1.31 5.16 59.85
N PHE A 777 1.38 5.88 60.97
CA PHE A 777 0.26 6.70 61.40
C PHE A 777 -0.06 7.80 60.38
N VAL A 778 0.97 8.46 59.84
CA VAL A 778 0.72 9.53 58.88
C VAL A 778 0.13 8.96 57.59
N LEU A 779 0.57 7.77 57.19
CA LEU A 779 -0.04 7.13 56.01
C LEU A 779 -1.51 6.81 56.26
N PHE A 780 -1.83 6.34 57.47
CA PHE A 780 -3.23 6.09 57.81
C PHE A 780 -4.04 7.37 57.77
N CYS A 781 -3.47 8.47 58.28
CA CYS A 781 -4.15 9.75 58.25
C CYS A 781 -4.41 10.20 56.81
N ASP A 782 -3.42 10.03 55.93
CA ASP A 782 -3.61 10.38 54.53
C ASP A 782 -4.69 9.52 53.90
N GLU A 783 -4.73 8.23 54.24
CA GLU A 783 -5.77 7.36 53.71
C GLU A 783 -7.16 7.82 54.17
N VAL A 784 -7.27 8.24 55.44
CA VAL A 784 -8.53 8.75 55.95
C VAL A 784 -8.91 10.04 55.22
N ARG A 785 -7.93 10.90 54.96
CA ARG A 785 -8.19 12.12 54.21
C ARG A 785 -8.71 11.80 52.81
N GLN A 786 -8.12 10.80 52.15
CA GLN A 786 -8.62 10.38 50.84
C GLN A 786 -10.04 9.83 50.95
N TRP A 787 -10.32 9.06 52.00
CA TRP A 787 -11.68 8.57 52.23
C TRP A 787 -12.66 9.72 52.43
N TYR A 788 -12.22 10.82 53.03
CA TYR A 788 -13.10 11.95 53.29
C TYR A 788 -13.34 12.79 52.04
N MET A 789 -12.29 13.08 51.28
CA MET A 789 -12.45 13.86 50.05
C MET A 789 -13.32 13.11 49.05
N ASN A 790 -13.06 11.82 48.87
CA ASN A 790 -13.81 10.96 47.97
C ASN A 790 -14.80 10.12 48.77
N GLY A 791 -15.44 9.17 48.09
CA GLY A 791 -16.38 8.28 48.73
C GLY A 791 -16.14 6.83 48.40
N VAL A 792 -17.21 6.05 48.25
CA VAL A 792 -17.07 4.64 47.92
C VAL A 792 -16.39 4.43 46.59
N ASN A 793 -16.50 5.41 45.67
CA ASN A 793 -15.84 5.28 44.38
C ASN A 793 -14.33 5.16 44.54
N TYR A 794 -13.77 5.73 45.62
CA TYR A 794 -12.34 5.64 45.85
C TYR A 794 -11.87 4.19 45.95
N PHE A 795 -12.74 3.28 46.35
CA PHE A 795 -12.38 1.88 46.49
C PHE A 795 -12.48 1.11 45.17
N THR A 796 -12.89 1.78 44.08
CA THR A 796 -12.97 1.10 42.79
C THR A 796 -11.59 0.64 42.33
N ASP A 797 -10.56 1.46 42.56
CA ASP A 797 -9.22 1.14 42.09
C ASP A 797 -8.61 0.02 42.93
N LEU A 798 -7.70 -0.73 42.30
CA LEU A 798 -7.08 -1.87 42.96
C LEU A 798 -6.10 -1.44 44.03
N TRP A 799 -5.26 -0.44 43.72
CA TRP A 799 -4.17 -0.10 44.63
C TRP A 799 -4.67 0.55 45.91
N ASN A 800 -5.78 1.29 45.85
CA ASN A 800 -6.38 1.82 47.07
C ASN A 800 -6.82 0.68 47.98
N VAL A 801 -7.44 -0.36 47.41
CA VAL A 801 -7.83 -1.52 48.19
C VAL A 801 -6.60 -2.19 48.79
N MET A 802 -5.53 -2.31 48.00
CA MET A 802 -4.31 -2.91 48.52
C MET A 802 -3.76 -2.13 49.71
N ASP A 803 -3.75 -0.79 49.59
CA ASP A 803 -3.26 0.04 50.69
C ASP A 803 -4.11 -0.13 51.93
N THR A 804 -5.43 -0.13 51.77
CA THR A 804 -6.32 -0.29 52.91
C THR A 804 -6.11 -1.65 53.58
N LEU A 805 -5.98 -2.71 52.78
CA LEU A 805 -5.74 -4.03 53.35
C LEU A 805 -4.40 -4.07 54.08
N GLY A 806 -3.37 -3.44 53.52
CA GLY A 806 -2.09 -3.41 54.19
C GLY A 806 -2.16 -2.70 55.54
N LEU A 807 -2.84 -1.56 55.58
CA LEU A 807 -2.97 -0.84 56.84
C LEU A 807 -3.76 -1.65 57.86
N PHE A 808 -4.85 -2.30 57.44
CA PHE A 808 -5.62 -3.12 58.36
C PHE A 808 -4.79 -4.29 58.88
N TYR A 809 -4.01 -4.92 58.00
CA TYR A 809 -3.14 -6.01 58.44
C TYR A 809 -2.10 -5.51 59.44
N PHE A 810 -1.56 -4.32 59.21
CA PHE A 810 -0.61 -3.74 60.16
C PHE A 810 -1.26 -3.54 61.53
N ILE A 811 -2.49 -3.02 61.54
CA ILE A 811 -3.18 -2.79 62.80
C ILE A 811 -3.44 -4.11 63.51
N ALA A 812 -3.86 -5.13 62.76
CA ALA A 812 -4.09 -6.44 63.36
C ALA A 812 -2.80 -7.02 63.92
N GLY A 813 -1.70 -6.85 63.20
CA GLY A 813 -0.42 -7.31 63.70
C GLY A 813 -0.04 -6.61 65.00
N ILE A 814 -0.27 -5.31 65.09
CA ILE A 814 -0.01 -4.58 66.33
C ILE A 814 -0.86 -5.15 67.45
N VAL A 815 -2.16 -5.39 67.18
CA VAL A 815 -3.05 -5.90 68.21
C VAL A 815 -2.56 -7.25 68.72
N PHE A 816 -2.17 -8.13 67.81
CA PHE A 816 -1.65 -9.43 68.23
C PHE A 816 -0.33 -9.28 69.00
N ARG A 817 0.52 -8.34 68.57
CA ARG A 817 1.86 -8.23 69.15
C ARG A 817 1.79 -7.70 70.58
N LEU A 818 0.83 -6.81 70.86
CA LEU A 818 0.80 -6.19 72.19
C LEU A 818 0.56 -7.21 73.30
N HIS A 819 0.11 -8.42 72.97
CA HIS A 819 -0.07 -9.48 73.96
C HIS A 819 1.30 -10.12 74.21
N SER A 820 2.12 -9.41 74.98
CA SER A 820 3.48 -9.87 75.25
C SER A 820 3.48 -11.16 76.07
N SER A 821 2.44 -11.40 76.86
CA SER A 821 2.42 -12.57 77.74
C SER A 821 2.45 -13.86 76.95
N ASN A 822 1.71 -13.93 75.84
CA ASN A 822 1.57 -15.15 75.06
C ASN A 822 2.46 -15.07 73.83
N LYS A 823 3.30 -16.10 73.63
CA LYS A 823 4.24 -16.11 72.52
C LYS A 823 3.57 -16.45 71.19
N SER A 824 2.50 -17.26 71.22
CA SER A 824 1.79 -17.59 70.00
C SER A 824 1.22 -16.33 69.35
N SER A 825 0.70 -15.41 70.16
CA SER A 825 0.22 -14.14 69.63
C SER A 825 1.35 -13.36 68.98
N LEU A 826 2.53 -13.38 69.59
CA LEU A 826 3.69 -12.69 68.99
C LEU A 826 4.04 -13.30 67.63
N TYR A 827 4.04 -14.63 67.54
CA TYR A 827 4.36 -15.26 66.26
C TYR A 827 3.30 -14.93 65.21
N SER A 828 2.03 -14.93 65.60
CA SER A 828 0.97 -14.57 64.67
C SER A 828 1.14 -13.13 64.19
N GLY A 829 1.48 -12.22 65.10
CA GLY A 829 1.73 -10.85 64.70
C GLY A 829 2.90 -10.74 63.74
N ARG A 830 3.96 -11.51 63.97
CA ARG A 830 5.11 -11.48 63.06
C ARG A 830 4.71 -11.97 61.68
N VAL A 831 3.90 -13.03 61.61
CA VAL A 831 3.46 -13.53 60.31
C VAL A 831 2.61 -12.49 59.59
N ILE A 832 1.69 -11.85 60.34
CA ILE A 832 0.86 -10.80 59.74
C ILE A 832 1.74 -9.68 59.21
N PHE A 833 2.76 -9.29 59.98
CA PHE A 833 3.67 -8.25 59.53
C PHE A 833 4.42 -8.66 58.27
N CYS A 834 4.82 -9.93 58.18
CA CYS A 834 5.53 -10.39 56.99
C CYS A 834 4.63 -10.29 55.75
N LEU A 835 3.37 -10.73 55.88
CA LEU A 835 2.46 -10.62 54.75
C LEU A 835 2.21 -9.17 54.36
N ASP A 836 2.02 -8.31 55.37
CA ASP A 836 1.87 -6.89 55.09
C ASP A 836 3.11 -6.31 54.44
N TYR A 837 4.30 -6.82 54.79
CA TYR A 837 5.53 -6.38 54.15
C TYR A 837 5.55 -6.76 52.68
N ILE A 838 5.09 -7.97 52.36
CA ILE A 838 4.93 -8.34 50.96
C ILE A 838 4.05 -7.34 50.24
N ILE A 839 2.91 -7.02 50.85
CA ILE A 839 1.97 -6.09 50.23
C ILE A 839 2.62 -4.73 50.01
N PHE A 840 3.32 -4.22 51.02
CA PHE A 840 3.98 -2.93 50.90
C PHE A 840 5.04 -2.94 49.82
N THR A 841 5.84 -4.01 49.76
CA THR A 841 6.94 -4.06 48.80
C THR A 841 6.45 -4.16 47.38
N LEU A 842 5.31 -4.82 47.14
CA LEU A 842 4.82 -4.95 45.78
C LEU A 842 4.35 -3.63 45.18
N ARG A 843 4.25 -2.57 45.97
CA ARG A 843 3.76 -1.28 45.47
C ARG A 843 4.84 -0.49 44.73
N LEU A 844 6.10 -0.89 44.82
CA LEU A 844 7.15 -0.20 44.08
C LEU A 844 6.88 -0.27 42.58
N ILE A 845 6.32 -1.39 42.11
CA ILE A 845 6.00 -1.53 40.69
C ILE A 845 5.05 -0.42 40.27
N HIS A 846 4.05 -0.14 41.09
CA HIS A 846 3.11 0.93 40.77
C HIS A 846 3.76 2.30 40.84
N ILE A 847 4.53 2.55 41.91
CA ILE A 847 5.06 3.90 42.09
C ILE A 847 6.10 4.23 41.01
N PHE A 848 6.77 3.22 40.45
CA PHE A 848 7.81 3.43 39.45
C PHE A 848 7.27 3.31 38.03
N THR A 849 6.00 3.65 37.80
CA THR A 849 5.40 3.63 36.47
C THR A 849 5.47 4.98 35.78
N VAL A 850 6.36 5.86 36.22
CA VAL A 850 6.52 7.20 35.64
C VAL A 850 7.95 7.46 35.20
N SER A 851 8.83 6.46 35.29
CA SER A 851 10.24 6.68 34.99
C SER A 851 10.49 6.97 33.51
N ARG A 852 9.51 6.71 32.65
CA ARG A 852 9.53 6.91 31.21
C ARG A 852 10.34 5.85 30.49
N ASN A 853 11.04 4.95 31.19
CA ASN A 853 11.71 3.82 30.59
C ASN A 853 11.07 2.50 30.97
N LEU A 854 10.69 2.34 32.24
CA LEU A 854 9.99 1.16 32.71
C LEU A 854 8.47 1.33 32.69
N GLY A 855 7.98 2.56 32.62
CA GLY A 855 6.57 2.83 32.71
C GLY A 855 5.75 2.12 31.65
N PRO A 856 6.09 2.30 30.38
CA PRO A 856 5.32 1.64 29.32
C PRO A 856 5.29 0.13 29.45
N LYS A 857 6.39 -0.48 29.85
CA LYS A 857 6.42 -1.94 30.02
C LYS A 857 5.53 -2.37 31.18
N ILE A 858 5.57 -1.63 32.29
CA ILE A 858 4.68 -1.94 33.41
C ILE A 858 3.23 -1.82 32.97
N ILE A 859 2.92 -0.79 32.18
CA ILE A 859 1.56 -0.61 31.69
C ILE A 859 1.13 -1.78 30.83
N MET A 860 2.01 -2.21 29.92
CA MET A 860 1.70 -3.38 29.09
C MET A 860 1.62 -4.66 29.91
N LEU A 861 2.21 -4.67 31.11
CA LEU A 861 2.20 -5.88 31.93
C LEU A 861 0.79 -6.36 32.21
N GLN A 862 -0.13 -5.43 32.45
CA GLN A 862 -1.51 -5.78 32.80
C GLN A 862 -2.34 -6.20 31.59
N ARG A 863 -1.71 -6.39 30.43
CA ARG A 863 -2.39 -6.75 29.20
C ARG A 863 -2.25 -8.23 28.86
N MET A 864 -1.78 -9.05 29.81
CA MET A 864 -1.43 -10.45 29.53
C MET A 864 -2.07 -11.39 30.55
N LEU A 865 -3.23 -11.03 31.09
CA LEU A 865 -3.87 -11.90 32.08
C LEU A 865 -4.54 -13.09 31.42
N ILE A 866 -5.11 -12.90 30.22
CA ILE A 866 -5.88 -13.97 29.58
C ILE A 866 -4.96 -15.15 29.24
N ASP A 867 -3.76 -14.86 28.74
CA ASP A 867 -2.83 -15.95 28.43
C ASP A 867 -2.45 -16.72 29.69
N VAL A 868 -2.20 -16.01 30.79
CA VAL A 868 -1.87 -16.67 32.05
C VAL A 868 -3.02 -17.55 32.51
N PHE A 869 -4.26 -17.05 32.41
CA PHE A 869 -5.40 -17.84 32.84
C PHE A 869 -5.56 -19.08 31.97
N PHE A 870 -5.37 -18.96 30.66
CA PHE A 870 -5.46 -20.11 29.77
C PHE A 870 -4.40 -21.16 30.13
N PHE A 871 -3.16 -20.70 30.35
CA PHE A 871 -2.09 -21.61 30.73
C PHE A 871 -2.42 -22.32 32.04
N LEU A 872 -2.89 -21.57 33.03
CA LEU A 872 -3.22 -22.16 34.32
C LEU A 872 -4.37 -23.15 34.20
N PHE A 873 -5.36 -22.84 33.37
CA PHE A 873 -6.48 -23.75 33.17
C PHE A 873 -6.01 -25.08 32.61
N LEU A 874 -5.24 -25.05 31.52
CA LEU A 874 -4.74 -26.30 30.94
C LEU A 874 -3.87 -27.05 31.93
N PHE A 875 -2.96 -26.34 32.61
CA PHE A 875 -2.06 -27.00 33.55
C PHE A 875 -2.83 -27.64 34.69
N ALA A 876 -3.86 -26.96 35.20
CA ALA A 876 -4.65 -27.52 36.29
C ALA A 876 -5.40 -28.76 35.84
N VAL A 877 -5.96 -28.74 34.63
CA VAL A 877 -6.65 -29.94 34.14
C VAL A 877 -5.69 -31.12 34.10
N TRP A 878 -4.53 -30.92 33.46
CA TRP A 878 -3.57 -32.02 33.36
C TRP A 878 -3.08 -32.46 34.73
N MET A 879 -2.82 -31.50 35.61
CA MET A 879 -2.34 -31.81 36.96
C MET A 879 -3.33 -32.68 37.70
N VAL A 880 -4.61 -32.29 37.70
CA VAL A 880 -5.62 -33.06 38.40
C VAL A 880 -5.69 -34.47 37.83
N ALA A 881 -5.76 -34.58 36.50
CA ALA A 881 -5.88 -35.90 35.90
C ALA A 881 -4.72 -36.80 36.29
N PHE A 882 -3.50 -36.32 36.08
CA PHE A 882 -2.33 -37.15 36.36
C PHE A 882 -2.22 -37.50 37.82
N GLY A 883 -2.43 -36.52 38.71
CA GLY A 883 -2.30 -36.79 40.14
C GLY A 883 -3.31 -37.81 40.61
N VAL A 884 -4.57 -37.65 40.21
CA VAL A 884 -5.60 -38.60 40.65
C VAL A 884 -5.27 -39.99 40.12
N ALA A 885 -4.89 -40.10 38.85
CA ALA A 885 -4.61 -41.41 38.28
C ALA A 885 -3.44 -42.08 39.01
N ARG A 886 -2.35 -41.34 39.22
CA ARG A 886 -1.18 -41.92 39.87
C ARG A 886 -1.50 -42.34 41.30
N GLN A 887 -2.18 -41.48 42.05
CA GLN A 887 -2.51 -41.82 43.43
C GLN A 887 -3.42 -43.04 43.49
N GLY A 888 -4.38 -43.14 42.56
CA GLY A 888 -5.27 -44.28 42.56
C GLY A 888 -4.56 -45.58 42.22
N ILE A 889 -3.65 -45.54 41.24
CA ILE A 889 -2.98 -46.77 40.82
C ILE A 889 -1.78 -47.13 41.66
N LEU A 890 -1.35 -46.24 42.57
CA LEU A 890 -0.26 -46.56 43.49
C LEU A 890 -0.74 -46.94 44.88
N ARG A 891 -1.56 -46.10 45.50
CA ARG A 891 -1.96 -46.27 46.89
C ARG A 891 -3.48 -46.27 46.99
N GLN A 892 -4.00 -46.91 48.04
CA GLN A 892 -5.43 -47.00 48.26
C GLN A 892 -5.81 -46.52 49.65
N ASN A 893 -6.89 -45.74 49.73
CA ASN A 893 -7.51 -45.35 50.99
C ASN A 893 -6.51 -44.64 51.91
N GLU A 894 -6.05 -43.48 51.43
CA GLU A 894 -5.16 -42.65 52.22
C GLU A 894 -5.84 -42.18 53.50
N GLN A 895 -7.05 -41.65 53.38
CA GLN A 895 -7.89 -41.16 54.46
C GLN A 895 -7.36 -39.87 55.09
N ARG A 896 -6.26 -39.32 54.61
CA ARG A 896 -5.71 -38.06 55.10
C ARG A 896 -5.75 -37.04 53.98
N TRP A 897 -6.40 -35.91 54.23
CA TRP A 897 -6.60 -34.91 53.18
C TRP A 897 -5.29 -34.21 52.82
N ARG A 898 -4.47 -33.89 53.83
CA ARG A 898 -3.25 -33.15 53.57
C ARG A 898 -2.34 -33.91 52.61
N TRP A 899 -2.12 -35.20 52.86
CA TRP A 899 -1.28 -35.98 51.96
C TRP A 899 -1.97 -36.24 50.63
N ILE A 900 -3.31 -36.32 50.62
CA ILE A 900 -4.04 -36.44 49.37
C ILE A 900 -3.71 -35.27 48.45
N PHE A 901 -3.83 -34.05 48.98
CA PHE A 901 -3.54 -32.87 48.17
C PHE A 901 -2.04 -32.75 47.89
N ARG A 902 -1.19 -33.21 48.80
CA ARG A 902 0.24 -33.17 48.58
C ARG A 902 0.64 -34.04 47.39
N SER A 903 0.05 -35.23 47.28
CA SER A 903 0.39 -36.13 46.19
C SER A 903 -0.36 -35.81 44.90
N VAL A 904 -1.55 -35.23 45.01
CA VAL A 904 -2.38 -35.00 43.83
C VAL A 904 -2.07 -33.67 43.15
N ILE A 905 -1.60 -32.68 43.88
CA ILE A 905 -1.49 -31.30 43.39
C ILE A 905 -0.06 -30.78 43.51
N TYR A 906 0.52 -30.85 44.71
CA TYR A 906 1.81 -30.21 44.94
C TYR A 906 2.91 -30.87 44.11
N GLU A 907 3.02 -32.20 44.20
CA GLU A 907 4.08 -32.89 43.46
C GLU A 907 3.95 -32.72 41.96
N PRO A 908 2.79 -32.94 41.35
CA PRO A 908 2.66 -32.62 39.91
C PRO A 908 2.92 -31.16 39.60
N TYR A 909 2.57 -30.25 40.51
CA TYR A 909 2.86 -28.83 40.29
C TYR A 909 4.35 -28.59 40.20
N LEU A 910 5.12 -29.25 41.06
CA LEU A 910 6.58 -29.09 41.02
C LEU A 910 7.17 -29.54 39.68
N ALA A 911 6.48 -30.41 38.95
CA ALA A 911 6.95 -30.82 37.63
C ALA A 911 7.03 -29.67 36.65
N MET A 912 6.30 -28.57 36.90
CA MET A 912 6.37 -27.41 36.02
C MET A 912 7.78 -26.85 35.96
N PHE A 913 8.58 -27.09 36.99
CA PHE A 913 9.91 -26.50 37.11
C PHE A 913 11.03 -27.49 36.78
N GLY A 914 10.70 -28.71 36.35
CA GLY A 914 11.69 -29.60 35.79
C GLY A 914 12.05 -30.80 36.64
N GLN A 915 11.38 -31.03 37.77
CA GLN A 915 11.65 -32.19 38.60
C GLN A 915 10.56 -33.23 38.42
N VAL A 916 10.98 -34.48 38.19
CA VAL A 916 10.08 -35.58 37.91
C VAL A 916 9.34 -35.98 39.19
N PRO A 917 8.06 -36.37 39.11
CA PRO A 917 7.34 -36.71 40.36
C PRO A 917 7.99 -37.83 41.16
N SER A 918 8.58 -38.81 40.49
CA SER A 918 9.20 -39.95 41.16
C SER A 918 8.14 -40.87 41.75
N ASP A 919 8.57 -42.01 42.29
CA ASP A 919 7.73 -43.06 42.86
C ASP A 919 7.01 -43.87 41.78
N VAL A 920 7.29 -43.62 40.50
CA VAL A 920 6.63 -44.38 39.43
C VAL A 920 7.38 -45.66 39.09
N ASP A 921 8.65 -45.77 39.46
CA ASP A 921 9.47 -46.94 39.16
C ASP A 921 9.79 -47.68 40.46
N SER A 922 9.65 -49.01 40.42
CA SER A 922 9.90 -49.81 41.61
C SER A 922 11.39 -49.82 41.98
N THR A 923 12.27 -49.63 41.01
CA THR A 923 13.70 -49.72 41.28
C THR A 923 14.14 -48.66 42.29
N THR A 924 13.75 -47.41 42.06
CA THR A 924 14.15 -46.33 42.95
C THR A 924 13.30 -46.24 44.21
N TYR A 925 12.17 -46.93 44.25
CA TYR A 925 11.29 -46.86 45.41
C TYR A 925 11.92 -47.57 46.60
N ASP A 926 11.81 -46.93 47.78
CA ASP A 926 12.31 -47.50 49.02
C ASP A 926 11.20 -47.43 50.07
N PHE A 927 11.14 -48.45 50.93
CA PHE A 927 10.10 -48.55 51.94
C PHE A 927 10.44 -47.80 53.23
N SER A 928 11.67 -47.27 53.34
CA SER A 928 12.02 -46.51 54.54
C SER A 928 11.19 -45.25 54.66
N HIS A 929 10.96 -44.56 53.54
CA HIS A 929 10.27 -43.28 53.59
C HIS A 929 8.76 -43.44 53.77
N CYS A 930 8.22 -44.60 53.40
CA CYS A 930 6.78 -44.80 53.46
C CYS A 930 6.38 -45.49 54.76
N THR A 931 5.10 -45.34 55.11
CA THR A 931 4.54 -45.95 56.31
C THR A 931 3.30 -46.74 55.94
N PHE A 932 3.23 -47.98 56.44
CA PHE A 932 2.07 -48.83 56.16
C PHE A 932 0.80 -48.27 56.78
N SER A 933 0.92 -47.65 57.95
CA SER A 933 -0.20 -47.00 58.62
C SER A 933 -0.02 -45.48 58.54
N GLY A 934 -1.10 -44.78 58.87
CA GLY A 934 -1.12 -43.33 58.84
C GLY A 934 -0.71 -42.65 60.13
N ASN A 935 -0.19 -43.40 61.10
CA ASN A 935 0.18 -42.81 62.38
C ASN A 935 1.29 -41.78 62.21
N GLU A 936 2.29 -42.09 61.38
CA GLU A 936 3.41 -41.18 61.16
C GLU A 936 3.06 -40.16 60.08
N SER A 937 3.93 -39.16 59.96
CA SER A 937 3.77 -38.11 58.95
C SER A 937 4.62 -38.42 57.72
N LYS A 938 4.26 -39.51 57.05
CA LYS A 938 4.93 -39.96 55.85
C LYS A 938 3.90 -40.42 54.84
N PRO A 939 4.26 -40.47 53.55
CA PRO A 939 3.31 -40.98 52.55
C PRO A 939 3.00 -42.45 52.78
N LEU A 940 1.79 -42.84 52.39
CA LEU A 940 1.37 -44.22 52.53
C LEU A 940 2.15 -45.13 51.58
N CYS A 941 2.45 -46.33 52.04
CA CYS A 941 3.20 -47.27 51.22
C CYS A 941 2.35 -47.78 50.07
N VAL A 942 3.03 -48.15 48.98
CA VAL A 942 2.34 -48.67 47.81
C VAL A 942 1.71 -50.02 48.15
N GLU A 943 0.62 -50.34 47.46
CA GLU A 943 -0.09 -51.58 47.70
C GLU A 943 0.80 -52.78 47.38
N LEU A 944 0.82 -53.80 48.21
CA LEU A 944 1.71 -54.92 48.01
C LEU A 944 0.90 -56.12 47.71
N ASP A 945 1.44 -57.05 46.94
CA ASP A 945 0.67 -58.23 46.56
C ASP A 945 0.91 -59.40 47.55
N GLU A 946 0.55 -60.65 47.20
CA GLU A 946 0.72 -61.80 48.07
C GLU A 946 2.18 -62.10 48.45
N HIS A 947 3.11 -61.79 47.56
CA HIS A 947 4.53 -62.03 47.78
C HIS A 947 5.31 -60.83 48.36
N ASN A 948 4.61 -59.80 48.82
CA ASN A 948 5.18 -58.57 49.39
C ASN A 948 6.03 -57.76 48.44
N LEU A 949 5.61 -57.75 47.18
CA LEU A 949 6.24 -56.96 46.15
C LEU A 949 5.22 -55.92 45.73
N PRO A 950 5.70 -54.69 45.27
CA PRO A 950 4.71 -53.71 44.92
C PRO A 950 3.84 -54.17 43.81
N ARG A 951 2.60 -53.78 43.76
CA ARG A 951 1.73 -54.27 42.78
C ARG A 951 1.53 -53.49 41.52
N PHE A 952 1.89 -52.23 41.49
CA PHE A 952 1.63 -51.37 40.34
C PHE A 952 2.54 -51.74 39.17
N PRO A 953 2.03 -51.73 37.93
CA PRO A 953 2.90 -51.98 36.77
C PRO A 953 3.60 -50.74 36.27
N GLU A 954 4.89 -50.88 35.92
CA GLU A 954 5.65 -49.72 35.46
C GLU A 954 5.29 -49.33 34.04
N TRP A 955 4.83 -50.29 33.22
CA TRP A 955 4.64 -50.05 31.80
C TRP A 955 3.48 -49.10 31.50
N ILE A 956 2.68 -48.74 32.50
CA ILE A 956 1.71 -47.67 32.35
C ILE A 956 2.08 -46.43 33.14
N THR A 957 2.71 -46.58 34.32
CA THR A 957 3.10 -45.41 35.10
C THR A 957 4.16 -44.58 34.38
N ILE A 958 5.20 -45.24 33.87
CA ILE A 958 6.30 -44.50 33.24
C ILE A 958 5.82 -43.73 32.01
N PRO A 959 5.12 -44.34 31.05
CA PRO A 959 4.60 -43.53 29.94
C PRO A 959 3.68 -42.41 30.39
N LEU A 960 2.91 -42.64 31.45
CA LEU A 960 2.01 -41.60 31.96
C LEU A 960 2.80 -40.37 32.38
N VAL A 961 3.86 -40.57 33.19
CA VAL A 961 4.64 -39.44 33.66
C VAL A 961 5.39 -38.79 32.51
N CYS A 962 5.88 -39.60 31.56
CA CYS A 962 6.57 -39.03 30.41
C CYS A 962 5.65 -38.12 29.61
N ILE A 963 4.42 -38.58 29.36
CA ILE A 963 3.45 -37.77 28.61
C ILE A 963 3.10 -36.52 29.38
N TYR A 964 2.91 -36.64 30.71
CA TYR A 964 2.58 -35.47 31.51
C TYR A 964 3.69 -34.43 31.45
N MET A 965 4.95 -34.86 31.59
CA MET A 965 6.06 -33.93 31.51
C MET A 965 6.13 -33.27 30.14
N LEU A 966 5.96 -34.06 29.08
CA LEU A 966 5.99 -33.50 27.73
C LEU A 966 4.90 -32.44 27.57
N SER A 967 3.69 -32.74 28.02
CA SER A 967 2.58 -31.80 27.83
C SER A 967 2.75 -30.54 28.64
N THR A 968 3.25 -30.64 29.88
CA THR A 968 3.29 -29.50 30.79
C THR A 968 4.59 -28.70 30.66
N ASN A 969 5.74 -29.33 30.87
CA ASN A 969 6.98 -28.59 31.01
C ASN A 969 7.37 -27.87 29.72
N ILE A 970 7.01 -28.42 28.57
CA ILE A 970 7.54 -27.98 27.29
C ILE A 970 6.47 -27.29 26.44
N LEU A 971 5.41 -28.01 26.08
CA LEU A 971 4.43 -27.48 25.14
C LEU A 971 3.74 -26.24 25.71
N LEU A 972 3.29 -26.33 26.97
CA LEU A 972 2.55 -25.23 27.56
C LEU A 972 3.41 -23.98 27.70
N VAL A 973 4.65 -24.14 28.17
CA VAL A 973 5.53 -22.99 28.38
C VAL A 973 5.84 -22.31 27.05
N ASN A 974 6.15 -23.12 26.03
CA ASN A 974 6.45 -22.55 24.72
C ASN A 974 5.24 -21.85 24.12
N LEU A 975 4.05 -22.44 24.30
CA LEU A 975 2.83 -21.79 23.83
C LEU A 975 2.61 -20.46 24.53
N LEU A 976 2.85 -20.42 25.84
CA LEU A 976 2.74 -19.17 26.58
C LEU A 976 3.73 -18.14 26.06
N VAL A 977 4.96 -18.57 25.75
CA VAL A 977 5.96 -17.65 25.20
C VAL A 977 5.47 -17.07 23.88
N ALA A 978 4.92 -17.94 23.02
CA ALA A 978 4.43 -17.47 21.73
C ALA A 978 3.28 -16.48 21.88
N MET A 979 2.34 -16.78 22.78
CA MET A 979 1.22 -15.87 22.99
C MET A 979 1.70 -14.53 23.56
N PHE A 980 2.66 -14.56 24.48
CA PHE A 980 3.23 -13.32 24.99
C PHE A 980 3.90 -12.53 23.88
N GLY A 981 4.62 -13.21 22.99
CA GLY A 981 5.26 -12.50 21.89
C GLY A 981 4.24 -11.82 20.99
N TYR A 982 3.18 -12.54 20.64
CA TYR A 982 2.15 -11.94 19.79
C TYR A 982 1.50 -10.76 20.48
N THR A 983 1.17 -10.90 21.77
CA THR A 983 0.51 -9.81 22.49
C THR A 983 1.43 -8.58 22.58
N VAL A 984 2.72 -8.81 22.84
CA VAL A 984 3.66 -7.69 22.89
C VAL A 984 3.73 -7.00 21.53
N GLY A 985 3.79 -7.78 20.46
CA GLY A 985 3.82 -7.17 19.13
C GLY A 985 2.59 -6.34 18.83
N ILE A 986 1.42 -6.84 19.22
CA ILE A 986 0.17 -6.16 18.87
C ILE A 986 0.02 -4.86 19.66
N VAL A 987 0.27 -4.92 20.97
CA VAL A 987 -0.13 -3.82 21.85
C VAL A 987 0.91 -2.70 21.93
N GLN A 988 2.07 -2.87 21.30
CA GLN A 988 3.09 -1.83 21.37
C GLN A 988 2.68 -0.56 20.61
N GLU A 989 1.64 -0.65 19.78
CA GLU A 989 1.26 0.50 18.96
C GLU A 989 0.73 1.65 19.80
N ASN A 990 -0.11 1.36 20.79
CA ASN A 990 -0.80 2.39 21.56
C ASN A 990 -0.43 2.35 23.05
N ASN A 991 0.69 1.71 23.40
CA ASN A 991 1.07 1.64 24.80
C ASN A 991 1.51 3.01 25.32
N ASP A 992 2.23 3.77 24.50
CA ASP A 992 2.70 5.09 24.93
C ASP A 992 1.53 6.02 25.22
N GLN A 993 0.45 5.89 24.45
CA GLN A 993 -0.73 6.71 24.69
C GLN A 993 -1.32 6.46 26.07
N VAL A 994 -1.48 5.18 26.44
CA VAL A 994 -2.00 4.85 27.76
C VAL A 994 -1.03 5.32 28.84
N TRP A 995 0.27 5.17 28.61
CA TRP A 995 1.24 5.63 29.59
C TRP A 995 1.14 7.13 29.79
N LYS A 996 0.96 7.88 28.71
CA LYS A 996 0.82 9.33 28.82
C LYS A 996 -0.45 9.71 29.59
N PHE A 997 -1.55 8.99 29.33
CA PHE A 997 -2.78 9.25 30.08
C PHE A 997 -2.56 9.02 31.58
N GLN A 998 -1.94 7.89 31.94
CA GLN A 998 -1.68 7.62 33.34
C GLN A 998 -0.69 8.61 33.93
N ARG A 999 0.27 9.07 33.13
CA ARG A 999 1.20 10.09 33.58
C ARG A 999 0.46 11.38 33.93
N TYR A 1000 -0.49 11.78 33.09
CA TYR A 1000 -1.30 12.94 33.43
C TYR A 1000 -2.03 12.71 34.73
N PHE A 1001 -2.64 11.53 34.90
CA PHE A 1001 -3.37 11.25 36.13
C PHE A 1001 -2.46 11.42 37.35
N LEU A 1002 -1.27 10.81 37.31
CA LEU A 1002 -0.38 10.87 38.47
C LEU A 1002 0.13 12.28 38.71
N VAL A 1003 0.47 13.01 37.65
CA VAL A 1003 0.95 14.37 37.81
C VAL A 1003 -0.12 15.25 38.44
N GLN A 1004 -1.35 15.12 37.97
CA GLN A 1004 -2.45 15.88 38.55
C GLN A 1004 -2.68 15.50 40.00
N GLU A 1005 -2.57 14.20 40.31
CA GLU A 1005 -2.76 13.76 41.70
C GLU A 1005 -1.71 14.40 42.60
N TYR A 1006 -0.45 14.42 42.15
CA TYR A 1006 0.63 14.97 42.98
C TYR A 1006 0.47 16.48 43.13
N CYS A 1007 0.08 17.17 42.05
CA CYS A 1007 -0.08 18.61 42.13
C CYS A 1007 -1.31 19.00 42.94
N ASN A 1008 -2.29 18.10 43.05
CA ASN A 1008 -3.55 18.44 43.71
C ASN A 1008 -3.41 18.48 45.23
N ARG A 1009 -2.59 17.59 45.80
CA ARG A 1009 -2.49 17.47 47.25
C ARG A 1009 -1.66 18.63 47.80
N LEU A 1010 -1.29 18.54 49.08
CA LEU A 1010 -0.58 19.63 49.74
C LEU A 1010 0.77 19.90 49.09
N ASN A 1011 1.31 18.95 48.34
CA ASN A 1011 2.62 19.10 47.69
C ASN A 1011 3.71 19.34 48.72
N ILE A 1012 3.73 18.48 49.74
CA ILE A 1012 4.71 18.56 50.83
C ILE A 1012 5.37 17.19 50.97
N PRO A 1013 6.64 17.12 51.39
CA PRO A 1013 7.25 15.80 51.59
C PRO A 1013 6.48 14.96 52.58
N PHE A 1014 6.41 13.66 52.31
CA PHE A 1014 5.56 12.76 53.08
C PHE A 1014 5.78 12.83 54.58
N PRO A 1015 7.00 12.74 55.11
CA PRO A 1015 7.16 12.73 56.58
C PRO A 1015 6.70 14.01 57.26
N PHE A 1016 6.60 15.12 56.54
CA PHE A 1016 6.26 16.41 57.13
C PHE A 1016 4.86 16.89 56.73
N VAL A 1017 3.97 15.97 56.38
CA VAL A 1017 2.61 16.36 55.99
C VAL A 1017 1.65 16.42 57.17
N VAL A 1018 1.97 15.76 58.28
CA VAL A 1018 1.07 15.77 59.44
C VAL A 1018 0.87 17.19 59.96
N PHE A 1019 1.94 17.99 59.94
CA PHE A 1019 1.82 19.37 60.38
C PHE A 1019 0.82 20.14 59.51
N ALA A 1020 0.89 19.94 58.20
CA ALA A 1020 -0.06 20.60 57.30
C ALA A 1020 -1.48 20.16 57.60
N TYR A 1021 -1.69 18.86 57.81
CA TYR A 1021 -3.03 18.37 58.14
C TYR A 1021 -3.55 19.04 59.40
N PHE A 1022 -2.74 19.05 60.46
CA PHE A 1022 -3.20 19.63 61.72
C PHE A 1022 -3.49 21.11 61.57
N TYR A 1023 -2.60 21.86 60.92
CA TYR A 1023 -2.80 23.30 60.78
C TYR A 1023 -4.03 23.61 59.95
N MET A 1024 -4.23 22.89 58.84
CA MET A 1024 -5.39 23.16 58.00
C MET A 1024 -6.69 22.75 58.67
N VAL A 1025 -6.67 21.67 59.47
CA VAL A 1025 -7.87 21.30 60.21
C VAL A 1025 -8.20 22.35 61.26
N VAL A 1026 -7.17 22.84 61.96
CA VAL A 1026 -7.40 23.85 62.99
C VAL A 1026 -7.93 25.13 62.37
N LYS A 1027 -7.32 25.59 61.28
CA LYS A 1027 -7.71 26.84 60.67
C LYS A 1027 -8.84 26.65 59.67
N LYS A 1028 -8.77 25.61 58.85
CA LYS A 1028 -9.79 25.35 57.83
C LYS A 1028 -10.61 24.13 58.20
N ASN A 1051 -12.85 39.00 26.49
CA ASN A 1051 -12.22 37.69 26.51
C ASN A 1051 -11.26 37.53 25.33
N GLU A 1052 -10.00 37.92 25.55
CA GLU A 1052 -9.01 37.85 24.49
C GLU A 1052 -8.78 36.41 24.04
N THR A 1053 -8.72 35.48 25.00
CA THR A 1053 -8.43 34.09 24.65
C THR A 1053 -9.51 33.51 23.76
N LEU A 1054 -10.78 33.79 24.07
CA LEU A 1054 -11.87 33.26 23.25
C LEU A 1054 -11.86 33.85 21.85
N ALA A 1055 -11.53 35.14 21.73
CA ALA A 1055 -11.43 35.75 20.41
C ALA A 1055 -10.30 35.12 19.60
N TRP A 1056 -9.15 34.87 20.24
CA TRP A 1056 -8.06 34.20 19.56
C TRP A 1056 -8.47 32.79 19.15
N GLU A 1057 -9.20 32.09 20.02
CA GLU A 1057 -9.70 30.76 19.68
C GLU A 1057 -10.61 30.81 18.46
N GLY A 1058 -11.50 31.80 18.40
CA GLY A 1058 -12.37 31.94 17.25
C GLY A 1058 -11.60 32.22 15.97
N VAL A 1059 -10.58 33.07 16.05
CA VAL A 1059 -9.77 33.37 14.88
C VAL A 1059 -9.06 32.11 14.39
N MET A 1060 -8.48 31.34 15.32
CA MET A 1060 -7.83 30.10 14.92
C MET A 1060 -8.83 29.09 14.37
N LYS A 1061 -10.06 29.09 14.90
CA LYS A 1061 -11.10 28.23 14.35
C LYS A 1061 -11.40 28.60 12.90
N GLU A 1062 -11.52 29.89 12.62
CA GLU A 1062 -11.75 30.33 11.25
C GLU A 1062 -10.59 29.91 10.35
N ASN A 1063 -9.36 30.06 10.84
CA ASN A 1063 -8.20 29.65 10.05
C ASN A 1063 -8.22 28.15 9.79
N TYR A 1064 -8.60 27.35 10.79
CA TYR A 1064 -8.68 25.91 10.61
C TYR A 1064 -9.75 25.53 9.59
N LEU A 1065 -10.90 26.21 9.64
CA LEU A 1065 -11.95 25.94 8.66
C LEU A 1065 -11.47 26.30 7.26
N VAL A 1066 -10.76 27.42 7.12
CA VAL A 1066 -10.23 27.80 5.81
C VAL A 1066 -9.23 26.76 5.31
N LYS A 1067 -8.39 26.26 6.22
CA LYS A 1067 -7.42 25.23 5.83
C LYS A 1067 -8.13 23.96 5.37
N ILE A 1068 -9.20 23.58 6.07
CA ILE A 1068 -9.97 22.40 5.66
C ILE A 1068 -10.57 22.62 4.28
N ASN A 1069 -11.11 23.82 4.05
CA ASN A 1069 -11.69 24.13 2.75
C ASN A 1069 -10.64 24.05 1.64
N THR A 1070 -9.43 24.57 1.91
CA THR A 1070 -8.36 24.50 0.92
C THR A 1070 -7.96 23.05 0.65
N LYS A 1071 -7.88 22.24 1.70
CA LYS A 1071 -7.55 20.83 1.51
C LYS A 1071 -8.60 20.14 0.66
N ALA A 1072 -9.88 20.44 0.91
CA ALA A 1072 -10.95 19.86 0.10
C ALA A 1072 -10.86 20.33 -1.35
N ASN A 1073 -10.60 21.62 -1.57
CA ASN A 1073 -10.53 22.18 -2.92
C ASN A 1073 -9.27 21.80 -3.66
N ASP A 1074 -8.27 21.23 -2.98
CA ASP A 1074 -7.05 20.80 -3.65
C ASP A 1074 -7.28 19.72 -4.69
N ASN A 1075 -8.52 19.29 -4.92
CA ASN A 1075 -8.79 18.29 -5.95
C ASN A 1075 -8.31 18.77 -7.32
N SER A 1076 -8.47 20.06 -7.60
CA SER A 1076 -8.00 20.65 -8.86
C SER A 1076 -8.80 20.12 -10.05
N GLU A 1077 -10.12 20.03 -9.87
CA GLU A 1077 -11.02 19.58 -10.92
C GLU A 1077 -11.61 20.73 -11.73
N GLU A 1078 -11.12 21.95 -11.53
CA GLU A 1078 -11.66 23.12 -12.22
C GLU A 1078 -11.35 23.12 -13.71
N MET A 1079 -10.47 22.23 -14.18
CA MET A 1079 -10.14 22.19 -15.60
C MET A 1079 -11.38 21.88 -16.44
N ARG A 1080 -12.21 20.95 -15.97
CA ARG A 1080 -13.44 20.64 -16.69
C ARG A 1080 -14.36 21.84 -16.76
N HIS A 1081 -14.48 22.59 -15.65
CA HIS A 1081 -15.31 23.79 -15.66
C HIS A 1081 -14.79 24.82 -16.65
N ARG A 1082 -13.46 25.01 -16.67
CA ARG A 1082 -12.87 25.95 -17.61
C ARG A 1082 -13.13 25.52 -19.06
N PHE A 1083 -13.00 24.22 -19.33
CA PHE A 1083 -13.26 23.72 -20.67
C PHE A 1083 -14.72 23.94 -21.06
N ARG A 1084 -15.64 23.70 -20.12
CA ARG A 1084 -17.05 23.92 -20.40
C ARG A 1084 -17.33 25.40 -20.68
N GLN A 1085 -16.71 26.28 -19.91
CA GLN A 1085 -16.88 27.72 -20.15
C GLN A 1085 -16.34 28.10 -21.53
N LEU A 1086 -15.19 27.56 -21.90
CA LEU A 1086 -14.64 27.84 -23.23
C LEU A 1086 -15.56 27.33 -24.32
N ASP A 1087 -16.13 26.13 -24.13
CA ASP A 1087 -17.06 25.59 -25.12
C ASP A 1087 -18.30 26.47 -25.25
N SER A 1088 -18.82 26.95 -24.12
CA SER A 1088 -19.98 27.84 -24.18
C SER A 1088 -19.65 29.14 -24.89
N LYS A 1089 -18.46 29.69 -24.62
CA LYS A 1089 -18.04 30.90 -25.33
C LYS A 1089 -17.92 30.66 -26.82
N LEU A 1090 -17.36 29.51 -27.21
CA LEU A 1090 -17.25 29.17 -28.62
C LEU A 1090 -18.63 29.04 -29.27
N ASN A 1091 -19.58 28.42 -28.56
CA ASN A 1091 -20.93 28.31 -29.08
C ASN A 1091 -21.57 29.68 -29.26
N ASP A 1092 -21.36 30.58 -28.29
CA ASP A 1092 -21.89 31.93 -28.41
C ASP A 1092 -21.27 32.65 -29.60
N LEU A 1093 -19.96 32.49 -29.80
CA LEU A 1093 -19.30 33.10 -30.95
C LEU A 1093 -19.86 32.54 -32.25
N LYS A 1094 -20.10 31.24 -32.31
CA LYS A 1094 -20.67 30.63 -33.50
C LYS A 1094 -22.07 31.17 -33.78
N SER A 1095 -22.88 31.32 -32.73
CA SER A 1095 -24.22 31.89 -32.91
C SER A 1095 -24.14 33.33 -33.40
N LEU A 1096 -23.20 34.11 -32.86
CA LEU A 1096 -23.03 35.48 -33.33
C LEU A 1096 -22.61 35.52 -34.79
N LEU A 1097 -21.70 34.62 -35.19
CA LEU A 1097 -21.28 34.56 -36.58
C LEU A 1097 -22.45 34.18 -37.49
N LYS A 1098 -23.27 33.23 -37.06
CA LYS A 1098 -24.44 32.85 -37.84
C LYS A 1098 -25.41 34.02 -37.98
N GLU A 1099 -25.62 34.77 -36.90
CA GLU A 1099 -26.48 35.95 -36.96
C GLU A 1099 -25.93 36.98 -37.92
N ILE A 1100 -24.61 37.20 -37.89
CA ILE A 1100 -23.99 38.16 -38.79
C ILE A 1100 -24.16 37.70 -40.24
N ALA A 1101 -23.97 36.41 -40.50
CA ALA A 1101 -24.15 35.88 -41.85
C ALA A 1101 -25.59 36.07 -42.32
N ASN A 1102 -26.55 35.79 -41.44
CA ASN A 1102 -27.95 35.99 -41.81
C ASN A 1102 -28.24 37.46 -42.11
N ASN A 1103 -27.67 38.37 -41.30
CA ASN A 1103 -27.87 39.79 -41.56
C ASN A 1103 -27.27 40.20 -42.90
N ILE A 1104 -26.11 39.64 -43.25
CA ILE A 1104 -25.47 39.98 -44.51
C ILE A 1104 -26.39 39.60 -45.68
N LYS A 1105 -26.98 38.40 -45.63
CA LYS A 1105 -27.88 37.95 -46.67
C LYS A 1105 -29.33 38.15 -46.27
N ASP B 41 -2.96 70.32 23.25
CA ASP B 41 -2.01 70.62 22.18
C ASP B 41 -2.65 70.43 20.81
N LEU B 42 -2.79 69.17 20.39
CA LEU B 42 -3.42 68.88 19.10
C LEU B 42 -4.87 69.35 19.08
N VAL B 43 -5.59 69.16 20.18
CA VAL B 43 -6.98 69.59 20.25
C VAL B 43 -7.07 71.10 20.05
N ASN B 44 -6.15 71.85 20.64
CA ASN B 44 -6.16 73.30 20.48
C ASN B 44 -6.01 73.69 19.02
N PHE B 45 -5.09 73.04 18.31
CA PHE B 45 -4.94 73.30 16.88
C PHE B 45 -6.20 72.93 16.12
N ILE B 46 -6.82 71.80 16.46
CA ILE B 46 -8.04 71.36 15.78
C ILE B 46 -9.14 72.39 15.97
N GLN B 47 -9.21 73.01 17.15
CA GLN B 47 -10.23 74.02 17.41
C GLN B 47 -10.26 75.07 16.30
N ALA B 48 -9.09 75.60 15.95
CA ALA B 48 -9.02 76.61 14.90
C ALA B 48 -9.12 75.97 13.51
N ASN B 49 -8.53 74.78 13.33
CA ASN B 49 -8.49 74.18 12.00
C ASN B 49 -9.88 73.84 11.49
N PHE B 50 -10.73 73.26 12.35
CA PHE B 50 -12.05 72.80 11.95
C PHE B 50 -13.18 73.54 12.67
N ASP B 102 -13.75 73.95 15.77
CA ASP B 102 -14.23 73.20 16.92
C ASP B 102 -15.22 72.12 16.49
N ALA B 103 -16.02 71.63 17.44
CA ALA B 103 -17.05 70.63 17.18
C ALA B 103 -16.43 69.32 16.66
N PHE B 104 -15.51 68.78 17.46
CA PHE B 104 -14.89 67.50 17.19
C PHE B 104 -15.07 66.58 18.39
N GLY B 105 -15.36 65.31 18.11
CA GLY B 105 -15.58 64.34 19.17
C GLY B 105 -14.72 63.11 19.06
N ASP B 106 -13.85 62.88 20.05
CA ASP B 106 -13.02 61.69 20.10
C ASP B 106 -13.68 60.66 21.00
N ILE B 107 -13.85 59.44 20.48
CA ILE B 107 -14.55 58.38 21.18
C ILE B 107 -13.62 57.17 21.26
N GLN B 108 -13.52 56.58 22.45
CA GLN B 108 -12.74 55.36 22.67
C GLN B 108 -13.59 54.36 23.44
N PHE B 109 -13.59 53.12 22.97
CA PHE B 109 -14.41 52.07 23.58
C PHE B 109 -13.53 50.93 24.08
N GLY B 116 -10.13 54.89 17.90
CA GLY B 116 -11.52 55.22 17.61
C GLY B 116 -11.75 56.71 17.47
N LYS B 117 -10.71 57.44 17.08
CA LYS B 117 -10.81 58.88 16.96
C LYS B 117 -11.87 59.26 15.93
N TYR B 118 -12.60 60.34 16.20
CA TYR B 118 -13.64 60.83 15.32
C TYR B 118 -13.48 62.34 15.14
N LEU B 119 -14.02 62.84 14.02
CA LEU B 119 -13.88 64.24 13.68
C LEU B 119 -15.11 64.69 12.90
N ARG B 120 -15.30 66.00 12.87
CA ARG B 120 -16.34 66.64 12.06
C ARG B 120 -15.68 67.29 10.86
N LEU B 121 -16.15 66.94 9.66
CA LEU B 121 -15.53 67.38 8.42
C LEU B 121 -16.44 68.37 7.70
N SER B 122 -15.83 69.37 7.07
CA SER B 122 -16.54 70.35 6.28
C SER B 122 -16.07 70.27 4.82
N CYS B 123 -16.99 70.56 3.91
CA CYS B 123 -16.66 70.48 2.49
C CYS B 123 -15.54 71.46 2.14
N ASP B 124 -15.58 72.67 2.69
CA ASP B 124 -14.56 73.67 2.39
C ASP B 124 -13.20 73.30 2.99
N THR B 125 -13.15 72.31 3.87
CA THR B 125 -11.89 71.92 4.48
C THR B 125 -10.89 71.49 3.42
N ASP B 126 -9.66 72.00 3.53
CA ASP B 126 -8.62 71.67 2.59
C ASP B 126 -8.02 70.30 2.91
N SER B 127 -7.83 69.49 1.85
CA SER B 127 -7.26 68.16 2.05
C SER B 127 -5.81 68.23 2.51
N GLU B 128 -5.06 69.23 2.05
CA GLU B 128 -3.65 69.33 2.41
C GLU B 128 -3.48 69.48 3.92
N THR B 129 -4.20 70.42 4.53
CA THR B 129 -4.09 70.64 5.96
C THR B 129 -4.56 69.41 6.74
N LEU B 130 -5.65 68.79 6.28
CA LEU B 130 -6.15 67.60 6.95
C LEU B 130 -5.09 66.49 6.96
N TYR B 131 -4.49 66.22 5.80
CA TYR B 131 -3.46 65.18 5.73
C TYR B 131 -2.25 65.55 6.58
N GLU B 132 -1.85 66.82 6.54
CA GLU B 132 -0.70 67.24 7.32
C GLU B 132 -0.93 67.01 8.81
N LEU B 133 -2.10 67.43 9.31
CA LEU B 133 -2.42 67.23 10.72
C LEU B 133 -2.50 65.74 11.06
N LEU B 134 -3.15 64.96 10.20
CA LEU B 134 -3.30 63.53 10.48
C LEU B 134 -1.94 62.86 10.58
N THR B 135 -1.02 63.19 9.68
CA THR B 135 0.33 62.66 9.78
C THR B 135 1.05 63.20 11.00
N GLN B 136 0.76 64.45 11.39
CA GLN B 136 1.46 65.06 12.51
C GLN B 136 1.13 64.37 13.83
N HIS B 137 -0.15 64.12 14.08
CA HIS B 137 -0.58 63.61 15.39
C HIS B 137 -1.11 62.18 15.37
N TRP B 138 -1.97 61.83 14.41
CA TRP B 138 -2.66 60.55 14.50
C TRP B 138 -1.78 59.38 14.02
N HIS B 139 -1.40 59.40 12.75
CA HIS B 139 -0.77 58.25 12.12
C HIS B 139 0.49 58.67 11.38
N LEU B 140 1.16 57.67 10.79
CA LEU B 140 2.39 57.86 10.04
C LEU B 140 2.10 57.83 8.54
N LYS B 141 3.06 58.33 7.76
CA LYS B 141 2.92 58.32 6.31
C LYS B 141 2.70 56.89 5.82
N THR B 142 1.76 56.74 4.88
CA THR B 142 1.35 55.42 4.42
C THR B 142 2.06 55.07 3.11
N PRO B 143 2.72 53.92 3.02
CA PRO B 143 3.32 53.52 1.74
C PRO B 143 2.31 53.24 0.65
N ASN B 144 1.04 53.00 1.00
CA ASN B 144 0.02 52.69 0.00
C ASN B 144 -1.35 53.00 0.60
N LEU B 145 -2.32 53.23 -0.30
CA LEU B 145 -3.69 53.51 0.09
C LEU B 145 -4.62 52.65 -0.76
N VAL B 146 -5.35 51.74 -0.12
CA VAL B 146 -6.27 50.85 -0.80
C VAL B 146 -7.69 51.27 -0.40
N ILE B 147 -8.32 52.07 -1.25
CA ILE B 147 -9.68 52.51 -0.97
C ILE B 147 -10.66 51.45 -1.46
N SER B 148 -11.81 51.38 -0.79
CA SER B 148 -12.86 50.43 -1.13
C SER B 148 -14.14 51.18 -1.43
N VAL B 149 -14.82 50.77 -2.51
CA VAL B 149 -16.06 51.39 -2.94
C VAL B 149 -17.17 50.34 -2.83
N THR B 150 -18.19 50.64 -2.04
CA THR B 150 -19.32 49.75 -1.85
C THR B 150 -20.61 50.56 -1.82
N GLY B 151 -21.70 49.93 -2.25
CA GLY B 151 -22.97 50.62 -2.25
C GLY B 151 -23.37 51.04 -0.85
N GLY B 152 -23.88 52.27 -0.74
CA GLY B 152 -24.32 52.78 0.54
C GLY B 152 -25.48 51.99 1.14
N ALA B 153 -26.21 51.25 0.33
CA ALA B 153 -27.32 50.46 0.82
C ALA B 153 -26.82 49.40 1.80
N LYS B 154 -27.58 49.19 2.88
CA LYS B 154 -27.17 48.22 3.89
C LYS B 154 -27.17 46.81 3.34
N ASN B 155 -28.10 46.48 2.45
CA ASN B 155 -28.20 45.12 1.93
C ASN B 155 -26.90 44.71 1.25
N PHE B 156 -26.44 43.50 1.58
CA PHE B 156 -25.22 42.97 0.99
C PHE B 156 -25.23 41.45 1.13
N ALA B 157 -24.41 40.80 0.30
CA ALA B 157 -24.28 39.35 0.30
C ALA B 157 -22.81 38.99 0.41
N LEU B 158 -22.49 38.07 1.32
CA LEU B 158 -21.11 37.66 1.56
C LEU B 158 -20.88 36.28 0.94
N LYS B 159 -20.36 36.26 -0.30
CA LYS B 159 -20.03 35.00 -0.94
C LYS B 159 -18.67 34.48 -0.45
N PRO B 160 -18.47 33.16 -0.44
CA PRO B 160 -17.17 32.65 0.05
C PRO B 160 -15.98 33.20 -0.72
N ARG B 161 -16.09 33.30 -2.03
CA ARG B 161 -14.98 33.84 -2.82
C ARG B 161 -14.72 35.30 -2.46
N MET B 162 -15.79 36.09 -2.31
CA MET B 162 -15.62 37.49 -1.91
C MET B 162 -14.97 37.57 -0.53
N ARG B 163 -15.41 36.74 0.41
CA ARG B 163 -14.83 36.74 1.75
C ARG B 163 -13.34 36.43 1.70
N LYS B 164 -12.96 35.40 0.95
CA LYS B 164 -11.55 35.03 0.85
C LYS B 164 -10.75 36.14 0.19
N ILE B 165 -11.29 36.75 -0.87
CA ILE B 165 -10.59 37.81 -1.58
C ILE B 165 -10.33 39.00 -0.65
N PHE B 166 -11.35 39.39 0.12
CA PHE B 166 -11.18 40.53 1.01
C PHE B 166 -10.28 40.20 2.18
N SER B 167 -10.28 38.95 2.66
CA SER B 167 -9.31 38.55 3.68
C SER B 167 -7.89 38.67 3.14
N ARG B 168 -7.66 38.21 1.91
CA ARG B 168 -6.34 38.36 1.31
C ARG B 168 -5.98 39.83 1.14
N LEU B 169 -6.96 40.66 0.78
CA LEU B 169 -6.70 42.09 0.65
C LEU B 169 -6.27 42.69 1.98
N ILE B 170 -6.95 42.33 3.07
CA ILE B 170 -6.58 42.85 4.38
C ILE B 170 -5.19 42.37 4.76
N TYR B 171 -4.87 41.10 4.48
CA TYR B 171 -3.54 40.59 4.78
C TYR B 171 -2.47 41.36 4.02
N ILE B 172 -2.72 41.63 2.73
CA ILE B 172 -1.75 42.38 1.92
C ILE B 172 -1.60 43.79 2.48
N ALA B 173 -2.71 44.43 2.85
CA ALA B 173 -2.63 45.78 3.39
C ALA B 173 -1.82 45.80 4.68
N GLN B 174 -2.03 44.81 5.55
CA GLN B 174 -1.25 44.74 6.79
C GLN B 174 0.23 44.53 6.48
N SER B 175 0.54 43.64 5.53
CA SER B 175 1.94 43.38 5.20
C SER B 175 2.61 44.64 4.66
N LYS B 176 1.92 45.37 3.79
CA LYS B 176 2.47 46.61 3.24
C LYS B 176 2.19 47.82 4.12
N GLY B 177 1.35 47.68 5.14
CA GLY B 177 1.02 48.82 5.97
C GLY B 177 0.24 49.90 5.24
N ALA B 178 -0.69 49.53 4.38
CA ALA B 178 -1.40 50.50 3.56
C ALA B 178 -2.64 51.03 4.29
N TRP B 179 -2.98 52.28 3.99
CA TRP B 179 -4.21 52.86 4.49
C TRP B 179 -5.41 52.28 3.74
N ILE B 180 -6.57 52.30 4.39
CA ILE B 180 -7.82 51.82 3.80
C ILE B 180 -8.87 52.90 3.98
N LEU B 181 -9.52 53.28 2.89
CA LEU B 181 -10.59 54.27 2.90
C LEU B 181 -11.90 53.58 2.54
N THR B 182 -12.93 53.81 3.36
CA THR B 182 -14.20 53.13 3.20
C THR B 182 -15.32 54.02 3.72
N GLY B 183 -16.54 53.71 3.31
CA GLY B 183 -17.69 54.47 3.78
C GLY B 183 -17.87 54.37 5.28
N GLY B 184 -17.78 53.16 5.82
CA GLY B 184 -17.87 52.96 7.26
C GLY B 184 -19.25 53.25 7.81
N THR B 185 -20.24 52.42 7.45
CA THR B 185 -21.60 52.55 7.94
C THR B 185 -22.08 51.30 8.66
N HIS B 186 -21.22 50.31 8.86
CA HIS B 186 -21.55 49.12 9.64
C HIS B 186 -22.65 48.30 8.96
N TYR B 187 -22.41 47.94 7.70
CA TYR B 187 -23.34 47.11 6.96
C TYR B 187 -22.61 46.28 5.93
N GLY B 188 -22.84 44.97 5.96
CA GLY B 188 -22.36 44.10 4.90
C GLY B 188 -20.85 44.11 4.78
N LEU B 189 -20.37 44.59 3.63
CA LEU B 189 -18.94 44.53 3.34
C LEU B 189 -18.14 45.32 4.36
N MET B 190 -18.64 46.49 4.77
CA MET B 190 -17.92 47.29 5.76
C MET B 190 -17.81 46.54 7.08
N LYS B 191 -18.89 45.90 7.53
CA LYS B 191 -18.84 45.12 8.76
C LYS B 191 -17.86 43.96 8.63
N TYR B 192 -17.86 43.29 7.49
CA TYR B 192 -16.93 42.19 7.28
C TYR B 192 -15.49 42.69 7.31
N ILE B 193 -15.22 43.85 6.70
CA ILE B 193 -13.88 44.41 6.73
C ILE B 193 -13.46 44.72 8.15
N GLY B 194 -14.37 45.31 8.94
CA GLY B 194 -14.06 45.57 10.34
C GLY B 194 -13.75 44.30 11.11
N GLU B 195 -14.55 43.26 10.91
CA GLU B 195 -14.31 41.99 11.59
C GLU B 195 -12.98 41.40 11.19
N VAL B 196 -12.65 41.46 9.89
CA VAL B 196 -11.37 40.92 9.43
C VAL B 196 -10.21 41.70 10.03
N VAL B 197 -10.34 43.03 10.10
CA VAL B 197 -9.29 43.83 10.71
C VAL B 197 -9.11 43.45 12.17
N ARG B 198 -10.22 43.26 12.89
CA ARG B 198 -10.13 42.86 14.28
C ARG B 198 -9.44 41.51 14.41
N ASP B 199 -9.81 40.54 13.56
CA ASP B 199 -9.20 39.22 13.63
C ASP B 199 -7.71 39.31 13.35
N ASN B 200 -7.31 40.09 12.35
CA ASN B 200 -5.89 40.22 12.02
C ASN B 200 -5.12 40.88 13.15
N THR B 201 -5.68 41.94 13.76
CA THR B 201 -4.94 42.65 14.80
C THR B 201 -4.87 41.84 16.09
N ILE B 202 -5.88 41.00 16.37
CA ILE B 202 -5.82 40.16 17.56
C ILE B 202 -4.66 39.17 17.46
N SER B 203 -4.49 38.56 16.29
CA SER B 203 -3.40 37.61 16.08
C SER B 203 -2.06 38.33 15.95
N GLU B 208 2.85 47.24 12.00
CA GLU B 208 2.25 46.24 12.88
C GLU B 208 0.79 46.56 13.18
N ASN B 209 0.29 47.64 12.59
CA ASN B 209 -1.08 48.07 12.78
C ASN B 209 -1.70 48.41 11.42
N ILE B 210 -3.03 48.33 11.36
CA ILE B 210 -3.78 48.56 10.13
C ILE B 210 -4.62 49.82 10.31
N VAL B 211 -4.54 50.71 9.34
CA VAL B 211 -5.34 51.94 9.34
C VAL B 211 -6.60 51.70 8.53
N ALA B 212 -7.75 51.97 9.15
CA ALA B 212 -9.06 51.75 8.53
C ALA B 212 -9.90 53.02 8.57
N ILE B 213 -9.30 54.12 8.11
CA ILE B 213 -10.01 55.39 8.07
C ILE B 213 -11.29 55.23 7.25
N GLY B 214 -12.41 55.64 7.82
CA GLY B 214 -13.69 55.54 7.14
C GLY B 214 -14.43 56.85 7.08
N ILE B 215 -14.64 57.38 5.88
CA ILE B 215 -15.33 58.64 5.68
C ILE B 215 -16.82 58.36 5.48
N ALA B 216 -17.65 59.05 6.25
CA ALA B 216 -19.10 58.91 6.14
C ALA B 216 -19.74 60.29 6.22
N ALA B 217 -21.07 60.31 6.07
CA ALA B 217 -21.83 61.56 6.05
C ALA B 217 -22.39 61.85 7.44
N TRP B 218 -22.22 63.11 7.89
CA TRP B 218 -22.75 63.50 9.19
C TRP B 218 -24.27 63.38 9.22
N GLY B 219 -24.94 63.81 8.16
CA GLY B 219 -26.39 63.77 8.16
C GLY B 219 -26.95 62.35 8.17
N MET B 220 -26.29 61.43 7.49
CA MET B 220 -26.81 60.08 7.35
C MET B 220 -26.95 59.36 8.68
N VAL B 221 -26.16 59.74 9.68
CA VAL B 221 -26.19 59.09 10.99
C VAL B 221 -27.05 59.94 11.91
N SER B 222 -27.98 59.29 12.61
CA SER B 222 -28.96 60.03 13.41
C SER B 222 -28.41 60.38 14.79
N ASN B 223 -27.89 59.39 15.51
CA ASN B 223 -27.46 59.59 16.88
C ASN B 223 -26.39 60.68 16.97
N ARG B 224 -26.53 61.57 17.94
CA ARG B 224 -25.57 62.64 18.19
C ARG B 224 -25.02 62.48 19.60
N ASP B 225 -23.69 62.48 19.72
CA ASP B 225 -23.00 62.28 20.98
C ASP B 225 -21.91 63.34 21.12
N THR B 226 -22.27 64.59 20.84
CA THR B 226 -21.30 65.67 20.89
C THR B 226 -20.63 65.73 22.26
N LEU B 227 -19.39 66.23 22.27
CA LEU B 227 -18.63 66.33 23.51
C LEU B 227 -19.36 67.20 24.52
N PHE B 237 -15.82 65.65 27.39
CA PHE B 237 -14.72 65.70 26.43
C PHE B 237 -14.82 64.57 25.42
N SER B 238 -14.42 63.37 25.85
CA SER B 238 -14.46 62.18 24.99
C SER B 238 -15.80 61.48 25.16
N ALA B 239 -16.84 62.12 24.62
CA ALA B 239 -18.18 61.56 24.70
C ALA B 239 -18.24 60.24 23.95
N GLN B 240 -18.82 59.23 24.61
CA GLN B 240 -18.94 57.89 24.04
C GLN B 240 -20.39 57.41 24.16
N TYR B 241 -20.94 56.92 23.05
CA TYR B 241 -22.31 56.44 23.00
C TYR B 241 -22.35 55.15 22.20
N ILE B 242 -23.40 54.35 22.45
CA ILE B 242 -23.58 53.06 21.79
C ILE B 242 -25.00 53.01 21.22
N MET B 243 -25.17 52.13 20.24
CA MET B 243 -26.46 51.93 19.60
C MET B 243 -26.44 50.70 18.70
N ILE B 253 -25.97 55.60 11.55
CA ILE B 253 -25.34 54.32 11.85
C ILE B 253 -23.84 54.45 11.70
N LEU B 254 -23.09 53.74 12.54
CA LEU B 254 -21.64 53.80 12.53
C LEU B 254 -21.07 52.43 12.89
N ASP B 255 -19.82 52.21 12.50
CA ASP B 255 -19.13 50.96 12.74
C ASP B 255 -18.25 51.07 13.97
N ASN B 256 -18.03 49.93 14.63
CA ASN B 256 -17.29 49.88 15.88
C ASN B 256 -15.85 49.41 15.72
N ASN B 257 -15.55 48.62 14.68
CA ASN B 257 -14.22 48.07 14.51
C ASN B 257 -13.26 49.01 13.78
N HIS B 258 -13.78 49.98 13.04
CA HIS B 258 -12.92 50.94 12.38
C HIS B 258 -12.21 51.82 13.41
N THR B 259 -11.01 52.29 13.06
CA THR B 259 -10.14 52.97 14.00
C THR B 259 -10.22 54.49 13.92
N HIS B 260 -10.40 55.06 12.73
CA HIS B 260 -10.35 56.51 12.53
C HIS B 260 -11.52 56.97 11.69
N LEU B 261 -12.73 56.55 12.07
CA LEU B 261 -13.93 56.99 11.36
C LEU B 261 -14.09 58.50 11.49
N LEU B 262 -14.52 59.14 10.41
CA LEU B 262 -14.78 60.57 10.42
C LEU B 262 -16.01 60.87 9.57
N LEU B 263 -16.73 61.93 9.96
CA LEU B 263 -17.96 62.33 9.32
C LEU B 263 -17.79 63.70 8.68
N VAL B 264 -18.48 63.89 7.55
CA VAL B 264 -18.46 65.17 6.85
C VAL B 264 -19.89 65.68 6.69
N ALA B 276 -18.28 62.31 -0.91
CA ALA B 276 -17.75 61.76 -2.16
C ALA B 276 -16.64 62.64 -2.71
N LYS B 277 -16.93 63.94 -2.84
CA LYS B 277 -15.94 64.87 -3.36
C LYS B 277 -14.73 64.97 -2.44
N LEU B 278 -14.98 64.99 -1.13
CA LEU B 278 -13.87 65.11 -0.18
C LEU B 278 -12.90 63.95 -0.30
N ARG B 279 -13.43 62.73 -0.42
CA ARG B 279 -12.56 61.56 -0.51
C ARG B 279 -11.73 61.60 -1.79
N ASN B 280 -12.35 61.97 -2.91
CA ASN B 280 -11.61 62.08 -4.16
C ASN B 280 -10.52 63.14 -4.08
N GLN B 281 -10.85 64.30 -3.47
CA GLN B 281 -9.85 65.35 -3.32
C GLN B 281 -8.68 64.88 -2.48
N LEU B 282 -8.97 64.19 -1.37
CA LEU B 282 -7.90 63.67 -0.51
C LEU B 282 -7.05 62.66 -1.26
N GLU B 283 -7.69 61.77 -2.02
CA GLU B 283 -6.95 60.76 -2.77
C GLU B 283 -6.02 61.40 -3.78
N LYS B 284 -6.52 62.37 -4.54
CA LYS B 284 -5.67 63.01 -5.55
C LYS B 284 -4.54 63.78 -4.89
N TYR B 285 -4.81 64.46 -3.77
CA TYR B 285 -3.74 65.17 -3.07
C TYR B 285 -2.66 64.20 -2.60
N ILE B 286 -3.07 63.07 -2.02
CA ILE B 286 -2.09 62.11 -1.53
C ILE B 286 -1.28 61.54 -2.69
N SER B 287 -1.95 61.27 -3.82
CA SER B 287 -1.24 60.78 -5.00
C SER B 287 -0.20 61.80 -5.47
N GLU B 288 -0.56 63.07 -5.48
CA GLU B 288 0.39 64.11 -5.89
C GLU B 288 1.55 64.22 -4.91
N ARG B 289 1.32 63.94 -3.63
CA ARG B 289 2.36 64.07 -2.63
C ARG B 289 3.53 63.15 -2.94
N THR B 290 4.75 63.69 -2.85
CA THR B 290 5.95 62.91 -3.10
C THR B 290 6.24 61.99 -1.93
N SER B 291 6.75 60.80 -2.24
CA SER B 291 7.11 59.79 -1.25
C SER B 291 8.56 59.40 -1.44
N GLN B 292 9.31 59.35 -0.35
CA GLN B 292 10.72 59.02 -0.38
C GLN B 292 10.98 57.52 -0.36
N ASP B 293 9.94 56.70 -0.23
CA ASP B 293 10.07 55.25 -0.21
C ASP B 293 8.97 54.64 -1.08
N SER B 294 8.97 53.32 -1.17
CA SER B 294 8.01 52.54 -1.94
C SER B 294 8.24 52.61 -3.45
N ASN B 295 9.31 53.30 -3.88
CA ASN B 295 9.65 53.42 -5.31
C ASN B 295 8.43 53.99 -6.03
N TYR B 296 8.02 53.42 -7.17
CA TYR B 296 6.88 53.92 -7.92
C TYR B 296 7.07 55.39 -8.32
N GLY B 297 8.30 55.75 -8.64
CA GLY B 297 8.58 57.10 -9.10
C GLY B 297 8.21 58.17 -8.10
N GLY B 298 8.48 57.94 -6.82
CA GLY B 298 8.17 58.93 -5.81
C GLY B 298 6.70 59.23 -5.65
N LYS B 299 5.83 58.37 -6.16
CA LYS B 299 4.39 58.52 -6.04
C LYS B 299 3.80 57.31 -5.33
N ILE B 300 2.88 57.56 -4.41
CA ILE B 300 2.28 56.48 -3.62
C ILE B 300 1.32 55.71 -4.53
N PRO B 301 1.22 54.38 -4.38
CA PRO B 301 0.34 53.62 -5.30
C PRO B 301 -1.10 54.09 -5.29
N ILE B 302 -1.70 54.24 -4.10
CA ILE B 302 -3.07 54.69 -3.93
C ILE B 302 -4.00 54.02 -4.94
N VAL B 303 -3.97 52.70 -5.00
CA VAL B 303 -4.85 51.97 -5.90
C VAL B 303 -6.30 52.10 -5.44
N CYS B 304 -7.23 52.09 -6.40
CA CYS B 304 -8.66 52.12 -6.10
C CYS B 304 -9.26 50.73 -6.31
N PHE B 305 -10.00 50.25 -5.32
CA PHE B 305 -10.64 48.95 -5.35
C PHE B 305 -12.15 49.15 -5.27
N ALA B 306 -12.88 48.51 -6.19
CA ALA B 306 -14.34 48.64 -6.25
C ALA B 306 -14.93 47.27 -6.53
N GLN B 307 -15.74 46.79 -5.59
CA GLN B 307 -16.43 45.50 -5.72
C GLN B 307 -17.89 45.68 -5.35
N GLY B 308 -18.77 45.03 -6.10
CA GLY B 308 -20.20 45.11 -5.87
C GLY B 308 -20.90 45.98 -6.90
N GLY B 309 -22.23 45.98 -6.82
CA GLY B 309 -23.06 46.70 -7.77
C GLY B 309 -23.72 47.93 -7.16
N GLY B 310 -23.63 49.06 -7.85
CA GLY B 310 -24.25 50.28 -7.36
C GLY B 310 -24.04 51.43 -8.31
N ARG B 311 -24.79 52.52 -8.07
CA ARG B 311 -24.63 53.74 -8.85
C ARG B 311 -23.49 54.59 -8.30
N GLU B 312 -23.48 54.80 -6.98
CA GLU B 312 -22.43 55.61 -6.38
C GLU B 312 -21.05 55.00 -6.60
N THR B 313 -20.96 53.67 -6.65
CA THR B 313 -19.68 53.05 -6.97
C THR B 313 -19.29 53.34 -8.42
N LEU B 314 -20.26 53.39 -9.33
CA LEU B 314 -19.97 53.82 -10.69
C LEU B 314 -19.40 55.23 -10.72
N LYS B 315 -20.05 56.16 -9.99
CA LYS B 315 -19.55 57.53 -9.97
C LYS B 315 -18.16 57.61 -9.35
N ALA B 316 -17.92 56.84 -8.28
CA ALA B 316 -16.61 56.83 -7.64
C ALA B 316 -15.54 56.29 -8.58
N ILE B 317 -15.84 55.20 -9.29
CA ILE B 317 -14.87 54.65 -10.24
C ILE B 317 -14.58 55.67 -11.33
N ASN B 318 -15.62 56.32 -11.86
CA ASN B 318 -15.40 57.29 -12.93
C ASN B 318 -14.51 58.42 -12.44
N THR B 319 -14.85 59.04 -11.30
CA THR B 319 -14.06 60.16 -10.82
C THR B 319 -12.62 59.74 -10.48
N SER B 320 -12.44 58.52 -9.96
CA SER B 320 -11.09 58.02 -9.72
C SER B 320 -10.32 57.89 -11.04
N VAL B 321 -10.99 57.42 -12.09
CA VAL B 321 -10.33 57.29 -13.39
C VAL B 321 -9.95 58.68 -13.93
N LYS B 322 -10.79 59.68 -13.65
CA LYS B 322 -10.47 61.03 -14.11
C LYS B 322 -9.11 61.47 -13.58
N SER B 323 -8.72 60.99 -12.40
CA SER B 323 -7.43 61.32 -11.81
C SER B 323 -6.32 60.36 -12.21
N LYS B 324 -6.62 59.39 -13.09
CA LYS B 324 -5.66 58.42 -13.62
C LYS B 324 -5.30 57.36 -12.60
N ILE B 325 -5.96 57.33 -11.45
CA ILE B 325 -5.64 56.31 -10.43
C ILE B 325 -6.05 54.94 -10.95
N PRO B 326 -5.19 53.92 -10.85
CA PRO B 326 -5.55 52.60 -11.38
C PRO B 326 -6.57 51.90 -10.49
N CYS B 327 -7.64 51.42 -11.11
CA CYS B 327 -8.74 50.76 -10.40
C CYS B 327 -8.80 49.29 -10.79
N VAL B 328 -9.08 48.44 -9.80
CA VAL B 328 -9.22 47.01 -9.98
C VAL B 328 -10.63 46.61 -9.59
N VAL B 329 -11.22 45.70 -10.36
CA VAL B 329 -12.62 45.30 -10.19
C VAL B 329 -12.69 43.78 -10.18
N VAL B 330 -13.68 43.26 -9.45
CA VAL B 330 -13.94 41.82 -9.39
C VAL B 330 -15.32 41.56 -10.00
N GLU B 331 -15.37 40.64 -10.96
CA GLU B 331 -16.61 40.34 -11.67
C GLU B 331 -17.36 39.16 -11.08
N GLY B 332 -16.88 38.59 -9.98
CA GLY B 332 -17.54 37.42 -9.41
C GLY B 332 -18.95 37.70 -8.94
N SER B 333 -19.14 38.79 -8.21
CA SER B 333 -20.42 39.09 -7.57
C SER B 333 -21.04 40.38 -8.06
N GLY B 334 -20.30 41.49 -8.04
CA GLY B 334 -20.86 42.79 -8.35
C GLY B 334 -21.60 42.83 -9.68
N GLN B 335 -22.86 43.27 -9.63
CA GLN B 335 -23.66 43.33 -10.85
C GLN B 335 -23.07 44.29 -11.87
N ILE B 336 -22.84 45.54 -11.45
CA ILE B 336 -22.23 46.51 -12.36
C ILE B 336 -20.77 46.16 -12.60
N ALA B 337 -20.09 45.62 -11.58
CA ALA B 337 -18.72 45.15 -11.78
C ALA B 337 -18.69 44.04 -12.82
N ASP B 338 -19.63 43.11 -12.75
CA ASP B 338 -19.69 42.04 -13.74
C ASP B 338 -20.03 42.59 -15.12
N VAL B 339 -20.91 43.59 -15.18
CA VAL B 339 -21.23 44.24 -16.46
C VAL B 339 -19.96 44.81 -17.08
N ILE B 340 -19.19 45.57 -16.29
CA ILE B 340 -17.97 46.18 -16.81
C ILE B 340 -16.97 45.12 -17.22
N ALA B 341 -16.84 44.06 -16.41
CA ALA B 341 -15.91 42.99 -16.74
C ALA B 341 -16.28 42.30 -18.06
N SER B 342 -17.56 42.05 -18.26
CA SER B 342 -18.00 41.46 -19.53
C SER B 342 -17.82 42.44 -20.68
N LEU B 343 -17.90 43.74 -20.40
CA LEU B 343 -17.79 44.74 -21.47
C LEU B 343 -16.41 44.69 -22.13
N VAL B 344 -15.35 44.57 -21.33
CA VAL B 344 -14.00 44.56 -21.88
C VAL B 344 -13.74 43.22 -22.57
N THR B 351 -21.16 48.51 -27.71
CA THR B 351 -21.79 49.78 -28.05
C THR B 351 -22.88 50.12 -27.03
N SER B 352 -23.68 51.15 -27.35
CA SER B 352 -24.76 51.54 -26.44
C SER B 352 -25.76 50.41 -26.26
N SER B 353 -26.12 49.73 -27.36
CA SER B 353 -27.06 48.62 -27.26
C SER B 353 -26.47 47.48 -26.42
N MET B 354 -25.18 47.19 -26.61
CA MET B 354 -24.55 46.14 -25.82
C MET B 354 -24.54 46.50 -24.34
N VAL B 355 -24.22 47.75 -24.01
CA VAL B 355 -24.21 48.18 -22.62
C VAL B 355 -25.60 48.08 -22.02
N LYS B 356 -26.61 48.52 -22.77
CA LYS B 356 -27.99 48.45 -22.28
C LYS B 356 -28.39 47.00 -22.02
N GLU B 357 -28.06 46.10 -22.96
CA GLU B 357 -28.40 44.70 -22.77
C GLU B 357 -27.69 44.12 -21.56
N LYS B 358 -26.41 44.43 -21.39
CA LYS B 358 -25.65 43.90 -20.26
C LYS B 358 -26.23 44.38 -18.94
N LEU B 359 -26.53 45.69 -18.83
CA LEU B 359 -27.06 46.21 -17.58
C LEU B 359 -28.47 45.70 -17.31
N VAL B 360 -29.27 45.49 -18.36
CA VAL B 360 -30.59 44.91 -18.16
C VAL B 360 -30.46 43.48 -17.66
N ARG B 361 -29.54 42.70 -18.23
CA ARG B 361 -29.35 41.32 -17.79
C ARG B 361 -28.87 41.28 -16.35
N PHE B 362 -27.94 42.16 -15.97
CA PHE B 362 -27.38 42.14 -14.63
C PHE B 362 -28.10 43.06 -13.65
N LEU B 363 -28.85 44.05 -14.13
CA LEU B 363 -29.63 44.94 -13.28
C LEU B 363 -31.06 45.02 -13.82
N PRO B 364 -31.83 43.93 -13.72
CA PRO B 364 -33.24 44.03 -14.15
C PRO B 364 -34.05 44.98 -13.31
N ARG B 365 -34.05 44.80 -11.98
CA ARG B 365 -34.83 45.67 -11.11
C ARG B 365 -34.32 47.11 -11.18
N THR B 366 -33.00 47.30 -11.16
CA THR B 366 -32.44 48.64 -11.23
C THR B 366 -32.79 49.32 -12.56
N VAL B 367 -32.70 48.58 -13.66
CA VAL B 367 -33.01 49.15 -14.96
C VAL B 367 -34.49 49.52 -15.03
N SER B 368 -35.36 48.63 -14.57
CA SER B 368 -36.78 48.90 -14.62
C SER B 368 -37.16 50.10 -13.75
N ARG B 369 -36.59 50.16 -12.54
CA ARG B 369 -36.89 51.28 -11.64
C ARG B 369 -36.19 52.57 -12.07
N LEU B 370 -35.03 52.45 -12.70
CA LEU B 370 -34.30 53.65 -13.11
C LEU B 370 -35.11 54.44 -14.12
N PRO B 371 -35.14 55.77 -14.02
CA PRO B 371 -35.88 56.57 -14.98
C PRO B 371 -35.15 56.66 -16.32
N GLU B 372 -35.86 57.22 -17.30
CA GLU B 372 -35.27 57.38 -18.63
C GLU B 372 -34.06 58.30 -18.59
N GLU B 373 -34.13 59.38 -17.82
CA GLU B 373 -33.01 60.31 -17.74
C GLU B 373 -31.77 59.63 -17.16
N GLU B 374 -31.95 58.82 -16.12
CA GLU B 374 -30.80 58.16 -15.50
C GLU B 374 -30.12 57.17 -16.43
N ILE B 375 -30.86 56.61 -17.40
CA ILE B 375 -30.27 55.64 -18.31
C ILE B 375 -29.16 56.29 -19.13
N GLU B 376 -29.42 57.49 -19.66
CA GLU B 376 -28.42 58.19 -20.44
C GLU B 376 -27.19 58.53 -19.60
N SER B 377 -27.42 58.97 -18.35
CA SER B 377 -26.30 59.29 -17.48
C SER B 377 -25.45 58.05 -17.21
N TRP B 378 -26.09 56.93 -16.90
CA TRP B 378 -25.35 55.69 -16.67
C TRP B 378 -24.57 55.29 -17.91
N ILE B 379 -25.20 55.38 -19.08
CA ILE B 379 -24.53 54.98 -20.32
C ILE B 379 -23.31 55.84 -20.55
N LYS B 380 -23.45 57.16 -20.37
CA LYS B 380 -22.31 58.05 -20.59
C LYS B 380 -21.19 57.79 -19.58
N TRP B 381 -21.54 57.61 -18.30
CA TRP B 381 -20.51 57.33 -17.30
C TRP B 381 -19.76 56.06 -17.65
N LEU B 382 -20.48 54.99 -18.00
CA LEU B 382 -19.82 53.73 -18.32
C LEU B 382 -18.98 53.83 -19.58
N LYS B 383 -19.48 54.54 -20.60
CA LYS B 383 -18.71 54.73 -21.82
C LYS B 383 -17.42 55.49 -21.54
N GLU B 384 -17.50 56.54 -20.73
CA GLU B 384 -16.30 57.28 -20.34
C GLU B 384 -15.33 56.39 -19.56
N ILE B 385 -15.88 55.50 -18.72
CA ILE B 385 -15.03 54.57 -17.98
C ILE B 385 -14.27 53.67 -18.95
N LEU B 386 -14.97 53.14 -19.95
CA LEU B 386 -14.33 52.24 -20.91
C LEU B 386 -13.29 52.96 -21.78
N GLU B 387 -13.28 54.29 -21.79
CA GLU B 387 -12.29 55.00 -22.58
C GLU B 387 -10.88 54.72 -22.08
N SER B 388 -10.71 54.62 -20.76
CA SER B 388 -9.42 54.30 -20.15
C SER B 388 -9.42 52.81 -19.83
N SER B 389 -9.14 52.01 -20.85
CA SER B 389 -9.17 50.55 -20.68
C SER B 389 -7.95 50.05 -19.92
N HIS B 390 -6.79 50.66 -20.15
CA HIS B 390 -5.55 50.15 -19.56
C HIS B 390 -5.59 50.22 -18.04
N LEU B 391 -6.08 51.33 -17.48
CA LEU B 391 -6.10 51.48 -16.03
C LEU B 391 -7.01 50.43 -15.38
N LEU B 392 -8.17 50.18 -15.97
CA LEU B 392 -9.15 49.28 -15.38
C LEU B 392 -8.65 47.84 -15.47
N THR B 393 -8.28 47.26 -14.34
CA THR B 393 -7.91 45.86 -14.27
C THR B 393 -9.07 45.06 -13.69
N VAL B 394 -9.17 43.80 -14.09
CA VAL B 394 -10.29 42.94 -13.69
C VAL B 394 -9.75 41.62 -13.17
N ILE B 395 -10.54 40.98 -12.31
CA ILE B 395 -10.23 39.66 -11.76
C ILE B 395 -11.09 38.64 -12.49
N LYS B 396 -10.45 37.57 -12.97
CA LYS B 396 -11.15 36.52 -13.71
C LYS B 396 -11.75 35.49 -12.75
N MET B 397 -12.88 34.92 -13.17
CA MET B 397 -13.53 33.89 -12.38
C MET B 397 -12.72 32.60 -12.37
N GLU B 398 -11.98 32.33 -13.45
CA GLU B 398 -11.20 31.09 -13.52
C GLU B 398 -10.14 31.06 -12.43
N GLU B 399 -9.49 32.19 -12.16
CA GLU B 399 -8.44 32.24 -11.15
C GLU B 399 -8.99 31.82 -9.80
N ALA B 400 -8.33 30.84 -9.17
CA ALA B 400 -8.72 30.36 -7.86
C ALA B 400 -7.52 30.13 -6.94
N GLY B 401 -6.33 30.55 -7.35
CA GLY B 401 -5.16 30.35 -6.53
C GLY B 401 -5.14 31.27 -5.32
N ASP B 402 -4.24 30.96 -4.39
CA ASP B 402 -4.13 31.74 -3.17
C ASP B 402 -3.74 33.19 -3.47
N GLU B 403 -2.78 33.39 -4.39
CA GLU B 403 -2.28 34.72 -4.71
C GLU B 403 -3.03 35.22 -5.94
N ILE B 404 -4.12 35.97 -5.70
CA ILE B 404 -4.92 36.58 -6.76
C ILE B 404 -5.01 38.09 -6.58
N VAL B 405 -5.31 38.55 -5.36
CA VAL B 405 -5.44 39.97 -5.11
C VAL B 405 -4.10 40.68 -5.33
N SER B 406 -3.02 40.09 -4.81
CA SER B 406 -1.71 40.71 -4.96
C SER B 406 -1.33 40.82 -6.44
N ASN B 407 -1.59 39.76 -7.22
CA ASN B 407 -1.27 39.81 -8.64
C ASN B 407 -2.03 40.91 -9.34
N ALA B 408 -3.33 41.03 -9.06
CA ALA B 408 -4.14 42.05 -9.71
C ALA B 408 -3.65 43.46 -9.36
N ILE B 409 -3.40 43.69 -8.07
CA ILE B 409 -2.96 45.02 -7.65
C ILE B 409 -1.60 45.36 -8.26
N SER B 410 -0.67 44.40 -8.24
CA SER B 410 0.64 44.63 -8.80
C SER B 410 0.56 44.91 -10.30
N TYR B 411 -0.27 44.15 -11.02
CA TYR B 411 -0.41 44.36 -12.45
C TYR B 411 -1.01 45.73 -12.74
N ALA B 412 -2.02 46.13 -11.97
CA ALA B 412 -2.63 47.44 -12.18
C ALA B 412 -1.61 48.56 -11.95
N LEU B 413 -0.84 48.45 -10.87
CA LEU B 413 0.16 49.48 -10.58
C LEU B 413 1.25 49.50 -11.65
N TYR B 414 1.65 48.32 -12.13
CA TYR B 414 2.66 48.26 -13.19
C TYR B 414 2.13 48.91 -14.47
N LYS B 415 0.88 48.64 -14.83
CA LYS B 415 0.29 49.29 -15.99
C LYS B 415 0.28 50.81 -15.82
N ALA B 416 -0.15 51.28 -14.65
CA ALA B 416 -0.22 52.71 -14.42
C ALA B 416 1.16 53.35 -14.52
N PHE B 417 2.18 52.72 -13.95
CA PHE B 417 3.51 53.29 -13.95
C PHE B 417 4.13 53.26 -15.34
N SER B 418 3.87 52.18 -16.11
CA SER B 418 4.48 52.05 -17.43
C SER B 418 3.81 52.96 -18.45
N THR B 419 2.48 53.06 -18.43
CA THR B 419 1.74 53.78 -19.46
C THR B 419 1.56 55.25 -19.16
N ASN B 420 2.03 55.74 -18.00
CA ASN B 420 1.86 57.14 -17.66
C ASN B 420 2.71 58.05 -18.54
N GLU B 421 3.78 57.52 -19.14
CA GLU B 421 4.73 58.25 -19.99
C GLU B 421 5.67 59.13 -19.18
N GLN B 422 5.49 59.23 -17.86
CA GLN B 422 6.37 60.02 -17.00
C GLN B 422 7.16 59.07 -16.13
N ASP B 423 8.49 59.06 -16.30
CA ASP B 423 9.36 58.14 -15.57
C ASP B 423 8.96 56.69 -15.82
N LYS B 424 8.49 56.41 -17.04
CA LYS B 424 8.08 55.07 -17.42
C LYS B 424 9.14 54.34 -18.24
N ASP B 425 9.90 55.06 -19.07
CA ASP B 425 10.95 54.43 -19.85
C ASP B 425 12.10 53.93 -18.99
N ASN B 426 12.17 54.35 -17.74
CA ASN B 426 13.28 53.95 -16.88
C ASN B 426 13.21 52.45 -16.59
N TRP B 427 14.30 51.75 -16.89
CA TRP B 427 14.35 50.30 -16.68
C TRP B 427 14.51 49.97 -15.21
N ASN B 428 15.39 50.69 -14.51
CA ASN B 428 15.71 50.36 -13.12
C ASN B 428 14.49 50.52 -12.22
N GLY B 429 13.79 51.65 -12.35
CA GLY B 429 12.62 51.89 -11.51
C GLY B 429 11.51 50.89 -11.77
N GLN B 430 11.29 50.56 -13.04
CA GLN B 430 10.28 49.56 -13.39
C GLN B 430 10.61 48.22 -12.77
N LEU B 431 11.88 47.80 -12.86
CA LEU B 431 12.27 46.53 -12.25
C LEU B 431 12.09 46.57 -10.74
N LYS B 432 12.46 47.69 -10.10
CA LYS B 432 12.28 47.80 -8.66
C LYS B 432 10.81 47.69 -8.27
N LEU B 433 9.94 48.37 -9.03
CA LEU B 433 8.51 48.31 -8.73
C LEU B 433 7.99 46.88 -8.87
N LEU B 434 8.41 46.18 -9.92
CA LEU B 434 7.97 44.80 -10.09
C LEU B 434 8.52 43.92 -8.98
N LEU B 435 9.73 44.23 -8.48
CA LEU B 435 10.32 43.42 -7.42
C LEU B 435 9.65 43.69 -6.07
N GLU B 436 9.07 44.88 -5.89
CA GLU B 436 8.40 45.18 -4.63
C GLU B 436 7.34 44.13 -4.31
N TRP B 437 6.72 43.56 -5.35
CA TRP B 437 5.79 42.46 -5.21
C TRP B 437 6.38 41.22 -5.86
N ASN B 438 6.00 40.05 -5.36
CA ASN B 438 6.57 38.81 -5.87
C ASN B 438 5.97 38.47 -7.23
N GLN B 439 6.50 39.08 -8.30
CA GLN B 439 6.03 38.87 -9.66
C GLN B 439 7.21 38.40 -10.51
N LEU B 440 7.25 37.10 -10.79
CA LEU B 440 8.34 36.49 -11.53
C LEU B 440 8.09 36.50 -13.04
N ASP B 441 6.98 35.89 -13.47
CA ASP B 441 6.70 35.79 -14.89
C ASP B 441 6.52 37.16 -15.52
N LEU B 442 5.84 38.08 -14.82
CA LEU B 442 5.65 39.42 -15.36
C LEU B 442 6.99 40.12 -15.58
N ALA B 443 7.89 40.02 -14.60
CA ALA B 443 9.20 40.64 -14.74
C ALA B 443 9.97 40.01 -15.90
N SER B 444 9.94 38.68 -16.00
CA SER B 444 10.66 38.01 -17.08
C SER B 444 10.13 38.44 -18.44
N ASP B 445 8.81 38.57 -18.57
CA ASP B 445 8.23 38.90 -19.86
C ASP B 445 8.46 40.37 -20.23
N GLU B 446 8.34 41.28 -19.26
CA GLU B 446 8.37 42.70 -19.57
C GLU B 446 9.79 43.26 -19.58
N ILE B 447 10.57 42.94 -18.55
CA ILE B 447 11.87 43.58 -18.35
C ILE B 447 12.95 42.90 -19.20
N PHE B 448 13.00 41.57 -19.19
CA PHE B 448 14.03 40.82 -19.89
C PHE B 448 13.53 40.27 -21.23
N THR B 449 12.67 41.01 -21.92
CA THR B 449 12.18 40.58 -23.22
C THR B 449 13.25 40.64 -24.30
N ASN B 450 14.39 41.25 -24.02
CA ASN B 450 15.54 41.40 -24.93
C ASN B 450 15.30 42.50 -25.95
N ASP B 451 14.14 43.16 -25.95
CA ASP B 451 13.92 44.25 -26.89
C ASP B 451 14.87 45.40 -26.63
N ARG B 452 15.09 45.74 -25.36
CA ARG B 452 16.01 46.81 -24.97
C ARG B 452 17.12 46.20 -24.11
N ARG B 453 18.36 46.48 -24.47
CA ARG B 453 19.49 45.94 -23.73
C ARG B 453 19.53 46.54 -22.32
N TRP B 454 19.59 45.67 -21.32
CA TRP B 454 19.60 46.11 -19.93
C TRP B 454 21.01 46.17 -19.34
N GLU B 455 21.93 45.35 -19.84
CA GLU B 455 23.30 45.31 -19.34
C GLU B 455 23.35 44.59 -17.99
N SER B 456 24.39 43.77 -17.80
CA SER B 456 24.49 42.97 -16.58
C SER B 456 24.91 43.80 -15.37
N ALA B 457 25.77 44.80 -15.58
CA ALA B 457 26.30 45.56 -14.45
C ALA B 457 25.21 46.31 -13.70
N ASP B 458 24.10 46.62 -14.37
CA ASP B 458 23.04 47.39 -13.72
C ASP B 458 22.31 46.58 -12.66
N LEU B 459 22.34 45.25 -12.76
CA LEU B 459 21.57 44.41 -11.85
C LEU B 459 22.05 44.51 -10.40
N GLN B 460 23.35 44.74 -10.20
CA GLN B 460 23.95 44.67 -8.87
C GLN B 460 23.04 45.26 -7.79
N GLU B 461 22.73 46.56 -7.92
CA GLU B 461 21.90 47.23 -6.93
C GLU B 461 20.67 46.40 -6.60
N VAL B 462 19.82 46.16 -7.61
CA VAL B 462 18.57 45.44 -7.35
C VAL B 462 18.87 44.05 -6.83
N MET B 463 19.93 43.41 -7.34
CA MET B 463 20.30 42.09 -6.83
C MET B 463 20.46 42.13 -5.32
N PHE B 464 21.16 43.15 -4.80
CA PHE B 464 21.34 43.26 -3.36
C PHE B 464 19.99 43.28 -2.65
N THR B 465 19.04 44.07 -3.17
CA THR B 465 17.72 44.12 -2.54
C THR B 465 17.07 42.75 -2.54
N ALA B 466 17.25 41.99 -3.61
CA ALA B 466 16.67 40.64 -3.66
C ALA B 466 17.21 39.77 -2.54
N LEU B 467 18.46 40.01 -2.10
CA LEU B 467 19.00 39.23 -1.01
C LEU B 467 18.41 39.64 0.33
N ILE B 468 17.88 40.85 0.43
CA ILE B 468 17.33 41.33 1.69
C ILE B 468 15.82 41.12 1.76
N LYS B 469 15.12 41.16 0.62
CA LYS B 469 13.69 40.92 0.60
C LYS B 469 13.33 39.44 0.71
N ASP B 470 14.32 38.54 0.66
CA ASP B 470 14.07 37.10 0.76
C ASP B 470 13.20 36.61 -0.38
N ARG B 471 13.65 36.85 -1.61
CA ARG B 471 12.91 36.48 -2.82
C ARG B 471 13.85 35.70 -3.74
N PRO B 472 14.02 34.40 -3.51
CA PRO B 472 15.02 33.64 -4.26
C PRO B 472 14.79 33.60 -5.76
N LYS B 473 13.54 33.68 -6.21
CA LYS B 473 13.27 33.54 -7.64
C LYS B 473 13.90 34.69 -8.43
N PHE B 474 13.85 35.91 -7.89
CA PHE B 474 14.54 37.02 -8.54
C PHE B 474 16.05 36.83 -8.52
N VAL B 475 16.58 36.17 -7.48
CA VAL B 475 17.99 35.82 -7.47
C VAL B 475 18.32 34.88 -8.62
N ARG B 476 17.45 33.89 -8.85
CA ARG B 476 17.62 32.99 -9.98
C ARG B 476 17.58 33.77 -11.30
N LEU B 477 16.62 34.68 -11.43
CA LEU B 477 16.52 35.49 -12.64
C LEU B 477 17.82 36.25 -12.89
N PHE B 478 18.32 36.94 -11.86
CA PHE B 478 19.52 37.75 -12.03
C PHE B 478 20.73 36.88 -12.36
N LEU B 479 20.86 35.72 -11.70
CA LEU B 479 21.98 34.84 -11.99
C LEU B 479 21.91 34.31 -13.43
N GLU B 480 20.71 33.96 -13.90
CA GLU B 480 20.57 33.40 -15.23
C GLU B 480 20.64 34.45 -16.33
N ASN B 481 20.45 35.73 -16.00
CA ASN B 481 20.41 36.80 -17.00
C ASN B 481 21.73 37.56 -17.06
N GLY B 482 22.86 36.88 -16.87
CA GLY B 482 24.17 37.46 -17.13
C GLY B 482 24.88 38.01 -15.92
N LEU B 483 24.28 37.96 -14.73
CA LEU B 483 24.96 38.46 -13.54
C LEU B 483 26.15 37.56 -13.19
N ASN B 484 27.26 38.20 -12.83
CA ASN B 484 28.45 37.49 -12.35
C ASN B 484 28.42 37.55 -10.83
N LEU B 485 28.03 36.45 -10.20
CA LEU B 485 27.84 36.46 -8.75
C LEU B 485 29.15 36.77 -8.03
N GLN B 486 30.25 36.17 -8.48
CA GLN B 486 31.54 36.43 -7.81
C GLN B 486 31.91 37.90 -7.90
N LYS B 487 31.67 38.53 -9.06
CA LYS B 487 31.93 39.96 -9.18
C LYS B 487 31.05 40.76 -8.22
N PHE B 488 29.78 40.34 -8.07
CA PHE B 488 28.88 41.04 -7.16
C PHE B 488 29.38 40.97 -5.72
N LEU B 489 29.88 39.81 -5.30
CA LEU B 489 30.36 39.63 -3.94
C LEU B 489 31.72 40.31 -3.79
N THR B 490 31.70 41.63 -3.80
CA THR B 490 32.88 42.43 -3.53
C THR B 490 33.12 42.49 -2.03
N ASN B 491 34.32 42.95 -1.66
CA ASN B 491 34.67 43.03 -0.24
C ASN B 491 33.72 43.97 0.48
N GLU B 492 33.44 45.14 -0.11
CA GLU B 492 32.53 46.09 0.52
C GLU B 492 31.12 45.51 0.64
N VAL B 493 30.66 44.84 -0.42
CA VAL B 493 29.30 44.28 -0.41
C VAL B 493 29.17 43.26 0.71
N LEU B 494 30.11 42.31 0.78
CA LEU B 494 30.06 41.30 1.82
C LEU B 494 30.20 41.93 3.20
N THR B 495 31.10 42.90 3.34
CA THR B 495 31.27 43.56 4.63
C THR B 495 29.97 44.18 5.11
N GLU B 496 29.30 44.95 4.24
CA GLU B 496 28.03 45.56 4.63
C GLU B 496 26.98 44.50 4.92
N LEU B 497 26.89 43.47 4.07
CA LEU B 497 25.86 42.45 4.24
C LEU B 497 26.00 41.74 5.57
N PHE B 498 27.23 41.41 5.96
CA PHE B 498 27.45 40.76 7.24
C PHE B 498 27.32 41.72 8.41
N SER B 499 27.67 42.99 8.22
CA SER B 499 27.64 43.94 9.33
C SER B 499 26.22 44.32 9.72
N THR B 500 25.38 44.67 8.74
CA THR B 500 24.07 45.24 9.04
C THR B 500 22.92 44.27 8.82
N HIS B 501 22.90 43.54 7.70
CA HIS B 501 21.76 42.68 7.41
C HIS B 501 21.77 41.38 8.19
N PHE B 502 22.89 41.06 8.86
CA PHE B 502 22.94 39.87 9.68
C PHE B 502 22.01 40.02 10.88
N SER B 503 21.08 39.08 11.02
CA SER B 503 20.09 39.16 12.09
C SER B 503 20.77 39.21 13.44
N THR B 504 20.33 40.15 14.29
CA THR B 504 20.91 40.28 15.61
C THR B 504 20.67 39.04 16.46
N LEU B 505 19.45 38.48 16.39
CA LEU B 505 19.16 37.26 17.14
C LEU B 505 20.05 36.12 16.67
N VAL B 506 20.20 35.96 15.35
CA VAL B 506 21.04 34.90 14.82
C VAL B 506 22.49 35.15 15.21
N TYR B 507 22.93 36.41 15.16
CA TYR B 507 24.30 36.72 15.56
C TYR B 507 24.54 36.33 17.02
N ARG B 508 23.62 36.68 17.92
CA ARG B 508 23.79 36.35 19.32
C ARG B 508 23.78 34.83 19.53
N ASN B 509 22.86 34.14 18.87
CA ASN B 509 22.81 32.69 19.02
C ASN B 509 24.08 32.02 18.53
N LEU B 510 24.60 32.47 17.37
CA LEU B 510 25.83 31.90 16.85
C LEU B 510 27.00 32.20 17.77
N GLN B 511 27.08 33.41 18.31
CA GLN B 511 28.14 33.76 19.24
C GLN B 511 28.09 32.87 20.48
N ILE B 512 26.89 32.67 21.02
CA ILE B 512 26.74 31.84 22.22
C ILE B 512 27.15 30.41 21.91
N ALA B 513 26.70 29.87 20.77
CA ALA B 513 27.05 28.49 20.42
C ALA B 513 28.56 28.34 20.23
N LYS B 514 29.19 29.29 19.56
CA LYS B 514 30.63 29.20 19.33
C LYS B 514 31.40 29.29 20.64
N ASN B 515 31.00 30.20 21.53
CA ASN B 515 31.72 30.37 22.79
C ASN B 515 31.46 29.22 23.75
N SER B 516 30.32 28.53 23.61
CA SER B 516 29.93 27.49 24.55
C SER B 516 30.37 26.10 24.07
N TYR B 517 29.90 25.70 22.88
CA TYR B 517 30.17 24.35 22.37
C TYR B 517 31.49 24.30 21.62
N ASN B 518 31.62 25.12 20.56
CA ASN B 518 32.83 25.16 19.76
C ASN B 518 33.03 23.84 19.01
N ASP B 519 33.83 23.87 17.94
CA ASP B 519 34.12 22.69 17.14
C ASP B 519 35.11 23.10 16.07
N ALA B 520 35.57 22.11 15.30
CA ALA B 520 36.53 22.38 14.23
C ALA B 520 35.93 23.28 13.17
N LEU B 521 34.62 23.22 12.96
CA LEU B 521 33.96 24.03 11.94
C LEU B 521 33.31 25.28 12.51
N LEU B 522 32.81 25.22 13.76
CA LEU B 522 32.17 26.40 14.35
C LEU B 522 33.15 27.55 14.47
N THR B 523 34.39 27.26 14.88
CA THR B 523 35.38 28.33 15.03
C THR B 523 35.66 29.00 13.70
N PHE B 524 35.77 28.22 12.62
CA PHE B 524 36.08 28.80 11.32
C PHE B 524 34.97 29.75 10.86
N VAL B 525 33.71 29.31 10.94
CA VAL B 525 32.61 30.16 10.50
C VAL B 525 32.50 31.39 11.39
N TRP B 526 32.69 31.21 12.69
CA TRP B 526 32.63 32.35 13.60
C TRP B 526 33.71 33.38 13.26
N LYS B 527 34.94 32.91 13.01
CA LYS B 527 36.02 33.83 12.68
C LYS B 527 35.75 34.53 11.36
N LEU B 528 35.24 33.80 10.36
CA LEU B 528 34.92 34.43 9.09
C LEU B 528 33.85 35.51 9.26
N VAL B 529 32.80 35.21 10.03
CA VAL B 529 31.74 36.19 10.26
C VAL B 529 32.30 37.41 10.97
N ALA B 530 33.12 37.19 12.00
CA ALA B 530 33.68 38.32 12.73
C ALA B 530 34.57 39.17 11.83
N ASN B 531 35.37 38.53 10.98
CA ASN B 531 36.23 39.27 10.06
C ASN B 531 35.41 40.12 9.10
N PHE B 532 34.37 39.52 8.51
CA PHE B 532 33.57 40.27 7.54
C PHE B 532 32.80 41.41 8.21
N ARG B 533 32.26 41.17 9.41
CA ARG B 533 31.54 42.23 10.10
C ARG B 533 32.48 43.38 10.45
N ARG B 534 33.69 43.07 10.92
CA ARG B 534 34.66 44.10 11.27
C ARG B 534 35.25 44.75 10.03
N THR B 558 42.57 31.71 -0.93
CA THR B 558 41.21 31.75 -1.45
C THR B 558 40.30 32.52 -0.50
N ARG B 559 39.60 33.53 -1.03
CA ARG B 559 38.71 34.34 -0.20
C ARG B 559 37.41 33.61 0.12
N HIS B 560 36.94 32.78 -0.80
CA HIS B 560 35.72 31.99 -0.60
C HIS B 560 34.53 32.88 -0.29
N PRO B 561 34.12 33.75 -1.22
CA PRO B 561 32.92 34.56 -0.97
C PRO B 561 31.64 33.77 -1.09
N LEU B 562 31.58 32.81 -2.02
CA LEU B 562 30.37 32.01 -2.19
C LEU B 562 30.09 31.19 -0.93
N GLN B 563 31.12 30.61 -0.32
CA GLN B 563 30.93 29.88 0.92
C GLN B 563 30.41 30.80 2.02
N ALA B 564 30.94 32.01 2.10
CA ALA B 564 30.48 32.96 3.11
C ALA B 564 29.02 33.30 2.89
N LEU B 565 28.61 33.54 1.65
CA LEU B 565 27.21 33.84 1.36
C LEU B 565 26.32 32.65 1.69
N PHE B 566 26.77 31.43 1.38
CA PHE B 566 25.99 30.25 1.70
C PHE B 566 25.79 30.11 3.21
N ILE B 567 26.86 30.33 3.98
CA ILE B 567 26.74 30.26 5.44
C ILE B 567 25.80 31.35 5.94
N TRP B 568 25.94 32.56 5.41
CA TRP B 568 25.08 33.66 5.83
C TRP B 568 23.61 33.34 5.57
N ALA B 569 23.32 32.76 4.41
CA ALA B 569 21.93 32.45 4.07
C ALA B 569 21.39 31.26 4.86
N ILE B 570 22.26 30.31 5.20
CA ILE B 570 21.78 29.10 5.87
C ILE B 570 21.59 29.33 7.36
N LEU B 571 22.45 30.15 7.97
CA LEU B 571 22.31 30.43 9.40
C LEU B 571 21.02 31.18 9.71
N GLN B 572 20.40 31.81 8.71
CA GLN B 572 19.17 32.58 8.91
C GLN B 572 17.94 31.81 8.49
N ASN B 573 18.05 30.51 8.23
CA ASN B 573 16.90 29.67 7.87
C ASN B 573 16.22 30.18 6.60
N LYS B 574 16.97 30.14 5.50
CA LYS B 574 16.47 30.52 4.18
C LYS B 574 16.67 29.31 3.27
N LYS B 575 15.67 28.43 3.23
CA LYS B 575 15.81 27.16 2.55
C LYS B 575 16.01 27.34 1.05
N GLU B 576 15.11 28.09 0.40
CA GLU B 576 15.20 28.25 -1.05
C GLU B 576 16.43 29.05 -1.43
N LEU B 577 16.73 30.13 -0.71
CA LEU B 577 17.92 30.91 -1.01
C LEU B 577 19.18 30.08 -0.78
N SER B 578 19.20 29.27 0.27
CA SER B 578 20.34 28.40 0.53
C SER B 578 20.53 27.40 -0.60
N LYS B 579 19.43 26.81 -1.10
CA LYS B 579 19.53 25.88 -2.22
C LYS B 579 20.05 26.58 -3.46
N VAL B 580 19.56 27.80 -3.72
CA VAL B 580 20.02 28.54 -4.90
C VAL B 580 21.50 28.83 -4.80
N ILE B 581 21.97 29.23 -3.62
CA ILE B 581 23.39 29.52 -3.44
C ILE B 581 24.21 28.25 -3.57
N TRP B 582 23.67 27.12 -3.10
CA TRP B 582 24.42 25.87 -3.11
C TRP B 582 24.81 25.47 -4.53
N GLU B 583 23.94 25.71 -5.51
CA GLU B 583 24.21 25.32 -6.89
C GLU B 583 25.38 26.07 -7.50
N GLN B 584 25.85 27.15 -6.88
CA GLN B 584 26.94 27.94 -7.41
C GLN B 584 28.30 27.57 -6.82
N THR B 585 28.32 26.94 -5.64
CA THR B 585 29.59 26.60 -5.00
C THR B 585 30.33 25.54 -5.80
N LYS B 586 31.66 25.56 -5.70
CA LYS B 586 32.48 24.58 -6.39
C LYS B 586 32.37 23.21 -5.72
N GLY B 587 32.74 23.13 -4.44
CA GLY B 587 32.59 21.90 -3.69
C GLY B 587 31.22 21.79 -3.07
N CYS B 588 30.36 20.96 -3.66
CA CYS B 588 28.96 20.93 -3.26
C CYS B 588 28.70 19.83 -2.23
N THR B 589 29.30 18.65 -2.41
CA THR B 589 29.11 17.59 -1.42
C THR B 589 29.68 17.99 -0.07
N LEU B 590 30.90 18.55 -0.07
CA LEU B 590 31.51 19.00 1.18
C LEU B 590 30.68 20.11 1.81
N ALA B 591 30.18 21.05 1.01
CA ALA B 591 29.37 22.13 1.53
C ALA B 591 28.08 21.60 2.15
N ALA B 592 27.44 20.63 1.49
CA ALA B 592 26.21 20.05 2.02
C ALA B 592 26.46 19.32 3.33
N LEU B 593 27.56 18.55 3.40
CA LEU B 593 27.87 17.85 4.64
C LEU B 593 28.14 18.84 5.77
N GLY B 594 28.91 19.90 5.48
CA GLY B 594 29.16 20.92 6.49
C GLY B 594 27.88 21.60 6.94
N ALA B 595 26.98 21.89 5.99
CA ALA B 595 25.70 22.49 6.34
C ALA B 595 24.88 21.57 7.25
N SER B 596 24.85 20.28 6.92
CA SER B 596 24.11 19.34 7.76
C SER B 596 24.69 19.30 9.16
N LYS B 597 26.02 19.25 9.28
CA LYS B 597 26.65 19.25 10.60
C LYS B 597 26.33 20.52 11.36
N LEU B 598 26.40 21.67 10.68
CA LEU B 598 26.14 22.95 11.33
C LEU B 598 24.70 23.02 11.83
N LEU B 599 23.75 22.60 11.00
CA LEU B 599 22.36 22.62 11.41
C LEU B 599 22.12 21.68 12.59
N LYS B 600 22.74 20.49 12.56
CA LYS B 600 22.55 19.55 13.65
C LYS B 600 23.10 20.11 14.95
N THR B 601 24.30 20.70 14.92
CA THR B 601 24.86 21.24 16.15
C THR B 601 24.08 22.45 16.64
N LEU B 602 23.57 23.28 15.73
CA LEU B 602 22.74 24.42 16.14
C LEU B 602 21.45 23.94 16.78
N ALA B 603 20.82 22.92 16.21
CA ALA B 603 19.60 22.38 16.81
C ALA B 603 19.88 21.71 18.15
N LYS B 604 21.08 21.15 18.32
CA LYS B 604 21.43 20.54 19.60
C LYS B 604 21.40 21.55 20.74
N VAL B 605 21.55 22.84 20.45
CA VAL B 605 21.50 23.88 21.46
C VAL B 605 20.17 24.60 21.51
N LYS B 606 19.36 24.51 20.46
CA LYS B 606 18.08 25.21 20.42
C LYS B 606 17.11 24.63 21.43
N ASN B 607 16.30 25.49 22.03
CA ASN B 607 15.29 25.09 23.00
C ASN B 607 13.87 25.13 22.45
N ASP B 608 13.61 25.98 21.45
CA ASP B 608 12.27 26.07 20.88
C ASP B 608 11.89 24.75 20.22
N ILE B 609 10.67 24.29 20.48
CA ILE B 609 10.19 23.04 19.90
C ILE B 609 9.97 23.19 18.41
N ASN B 610 9.38 24.30 17.98
CA ASN B 610 9.01 24.46 16.58
C ASN B 610 10.23 24.44 15.67
N ALA B 611 11.29 25.16 16.06
CA ALA B 611 12.50 25.22 15.23
C ALA B 611 13.27 23.90 15.22
N ALA B 612 13.13 23.10 16.27
CA ALA B 612 13.85 21.83 16.34
C ALA B 612 13.47 20.90 15.19
N GLY B 613 12.23 20.97 14.71
CA GLY B 613 11.81 20.17 13.58
C GLY B 613 12.30 20.73 12.27
N GLU B 614 12.25 22.06 12.12
CA GLU B 614 12.69 22.68 10.88
C GLU B 614 14.17 22.45 10.64
N SER B 615 14.99 22.66 11.67
CA SER B 615 16.43 22.47 11.50
C SER B 615 16.76 21.02 11.16
N GLU B 616 16.12 20.08 11.86
CA GLU B 616 16.35 18.67 11.58
C GLU B 616 15.94 18.31 10.15
N GLU B 617 14.79 18.81 9.71
CA GLU B 617 14.33 18.53 8.35
C GLU B 617 15.30 19.08 7.32
N LEU B 618 15.78 20.31 7.53
CA LEU B 618 16.72 20.90 6.58
C LEU B 618 18.03 20.12 6.55
N ALA B 619 18.52 19.69 7.72
CA ALA B 619 19.75 18.90 7.76
C ALA B 619 19.57 17.58 7.03
N ASN B 620 18.42 16.92 7.24
CA ASN B 620 18.16 15.67 6.55
C ASN B 620 18.08 15.89 5.04
N GLU B 621 17.45 16.98 4.62
CA GLU B 621 17.35 17.27 3.19
C GLU B 621 18.74 17.47 2.58
N TYR B 622 19.61 18.21 3.27
CA TYR B 622 20.96 18.40 2.73
C TYR B 622 21.76 17.11 2.72
N GLU B 623 21.58 16.26 3.75
CA GLU B 623 22.26 14.96 3.73
C GLU B 623 21.78 14.12 2.55
N THR B 624 20.48 14.12 2.29
CA THR B 624 19.97 13.40 1.13
C THR B 624 20.53 13.97 -0.17
N ARG B 625 20.62 15.29 -0.27
CA ARG B 625 21.21 15.91 -1.45
C ARG B 625 22.64 15.43 -1.65
N ALA B 626 23.44 15.43 -0.59
CA ALA B 626 24.82 14.98 -0.70
C ALA B 626 24.89 13.52 -1.11
N VAL B 627 24.04 12.67 -0.52
CA VAL B 627 24.06 11.25 -0.84
C VAL B 627 23.72 11.04 -2.32
N GLU B 628 22.67 11.70 -2.80
CA GLU B 628 22.27 11.55 -4.19
C GLU B 628 23.36 12.05 -5.13
N LEU B 629 23.97 13.20 -4.82
CA LEU B 629 25.01 13.74 -5.68
C LEU B 629 26.21 12.80 -5.75
N PHE B 630 26.62 12.25 -4.60
CA PHE B 630 27.76 11.34 -4.63
C PHE B 630 27.42 10.04 -5.34
N THR B 631 26.18 9.55 -5.19
CA THR B 631 25.77 8.37 -5.93
C THR B 631 25.82 8.61 -7.43
N GLU B 632 25.36 9.79 -7.87
CA GLU B 632 25.45 10.13 -9.29
C GLU B 632 26.91 10.19 -9.74
N CYS B 633 27.77 10.80 -8.93
CA CYS B 633 29.18 10.92 -9.31
C CYS B 633 29.85 9.55 -9.41
N TYR B 634 29.59 8.67 -8.45
CA TYR B 634 30.29 7.39 -8.43
C TYR B 634 29.86 6.50 -9.58
N SER B 635 28.59 6.59 -10.00
CA SER B 635 28.10 5.78 -11.11
C SER B 635 28.75 6.14 -12.43
N ASN B 636 29.44 7.27 -12.51
CA ASN B 636 30.11 7.70 -13.73
C ASN B 636 31.58 7.33 -13.76
N ASP B 637 32.31 7.57 -12.67
CA ASP B 637 33.73 7.24 -12.61
C ASP B 637 34.10 6.99 -11.16
N GLU B 638 34.47 5.75 -10.83
CA GLU B 638 34.81 5.40 -9.47
C GLU B 638 36.09 6.08 -9.00
N ASP B 639 37.11 6.12 -9.87
CA ASP B 639 38.39 6.68 -9.47
C ASP B 639 38.27 8.16 -9.14
N LEU B 640 37.57 8.91 -9.98
CA LEU B 640 37.38 10.33 -9.71
C LEU B 640 36.54 10.54 -8.46
N ALA B 641 35.54 9.69 -8.23
CA ALA B 641 34.74 9.81 -7.02
C ALA B 641 35.60 9.59 -5.78
N GLU B 642 36.47 8.58 -5.80
CA GLU B 642 37.35 8.34 -4.67
C GLU B 642 38.33 9.49 -4.48
N GLN B 643 38.85 10.04 -5.58
CA GLN B 643 39.73 11.20 -5.46
C GLN B 643 39.02 12.38 -4.84
N LEU B 644 37.77 12.62 -5.24
CA LEU B 644 36.98 13.67 -4.62
C LEU B 644 36.78 13.40 -3.13
N LEU B 645 36.49 12.15 -2.77
CA LEU B 645 36.31 11.81 -1.37
C LEU B 645 37.57 12.13 -0.56
N VAL B 646 38.73 11.71 -1.07
CA VAL B 646 39.98 12.01 -0.38
C VAL B 646 40.44 13.45 -0.60
N TYR B 647 39.87 14.14 -1.58
CA TYR B 647 40.28 15.50 -1.88
C TYR B 647 40.29 16.36 -0.63
N SER B 648 41.45 16.89 -0.28
CA SER B 648 41.59 17.69 0.93
C SER B 648 40.78 18.99 0.79
N CYS B 649 40.29 19.47 1.93
CA CYS B 649 39.50 20.69 1.97
C CYS B 649 40.40 21.90 1.94
N GLU B 650 40.01 22.90 1.15
CA GLU B 650 40.74 24.16 1.06
C GLU B 650 40.25 25.13 2.15
N ALA B 651 40.43 24.69 3.40
CA ALA B 651 40.07 25.48 4.58
C ALA B 651 38.57 25.72 4.66
N TRP B 652 37.76 24.84 4.06
CA TRP B 652 36.31 24.96 4.21
C TRP B 652 35.91 24.78 5.67
N GLY B 653 36.34 23.68 6.29
CA GLY B 653 36.10 23.44 7.69
C GLY B 653 37.27 22.77 8.37
N GLY B 654 38.37 22.61 7.65
CA GLY B 654 39.51 21.87 8.14
C GLY B 654 39.40 20.37 8.03
N SER B 655 38.46 19.86 7.23
CA SER B 655 38.25 18.43 7.10
C SER B 655 37.54 18.15 5.79
N ASN B 656 37.62 16.88 5.36
CA ASN B 656 37.03 16.45 4.10
C ASN B 656 35.68 15.79 4.34
N CYS B 657 35.10 15.21 3.28
CA CYS B 657 33.73 14.72 3.35
C CYS B 657 33.58 13.61 4.39
N LEU B 658 34.51 12.65 4.40
CA LEU B 658 34.40 11.52 5.32
C LEU B 658 34.38 11.99 6.76
N GLU B 659 35.32 12.87 7.11
CA GLU B 659 35.42 13.33 8.50
C GLU B 659 34.19 14.12 8.91
N LEU B 660 33.68 14.98 8.02
CA LEU B 660 32.48 15.73 8.34
C LEU B 660 31.28 14.81 8.53
N ALA B 661 31.13 13.81 7.66
CA ALA B 661 30.03 12.87 7.79
C ALA B 661 30.13 12.10 9.10
N VAL B 662 31.34 11.69 9.48
CA VAL B 662 31.53 10.95 10.72
C VAL B 662 31.18 11.83 11.91
N GLU B 663 31.72 13.05 11.94
CA GLU B 663 31.44 13.97 13.05
C GLU B 663 29.98 14.37 13.09
N ALA B 664 29.27 14.26 11.97
CA ALA B 664 27.84 14.54 11.91
C ALA B 664 27.01 13.27 11.96
N THR B 665 27.63 12.13 12.29
CA THR B 665 26.96 10.83 12.33
C THR B 665 26.01 10.64 11.16
N ASP B 666 26.46 11.01 9.96
CA ASP B 666 25.67 10.81 8.73
C ASP B 666 25.92 9.39 8.27
N GLN B 667 25.15 8.45 8.84
CA GLN B 667 25.36 7.04 8.55
C GLN B 667 24.98 6.69 7.12
N HIS B 668 24.01 7.38 6.55
CA HIS B 668 23.60 7.08 5.18
C HIS B 668 24.74 7.31 4.19
N PHE B 669 25.47 8.41 4.36
CA PHE B 669 26.55 8.71 3.42
C PHE B 669 27.69 7.70 3.55
N ILE B 670 27.92 7.16 4.75
CA ILE B 670 28.98 6.17 4.92
C ILE B 670 28.52 4.78 4.50
N ALA B 671 27.21 4.51 4.49
CA ALA B 671 26.71 3.17 4.22
C ALA B 671 26.42 2.90 2.75
N GLN B 672 26.57 3.90 1.88
CA GLN B 672 26.28 3.69 0.47
C GLN B 672 27.37 2.84 -0.17
N PRO B 673 27.06 2.17 -1.29
CA PRO B 673 28.02 1.21 -1.84
C PRO B 673 29.38 1.80 -2.18
N GLY B 674 29.44 3.04 -2.66
CA GLY B 674 30.71 3.60 -3.09
C GLY B 674 31.70 3.75 -1.95
N VAL B 675 31.25 4.30 -0.83
CA VAL B 675 32.14 4.51 0.31
C VAL B 675 32.56 3.17 0.89
N GLN B 676 31.64 2.21 0.95
CA GLN B 676 31.99 0.88 1.45
C GLN B 676 33.02 0.19 0.55
N ASN B 677 32.87 0.33 -0.77
CA ASN B 677 33.86 -0.24 -1.68
C ASN B 677 35.22 0.42 -1.51
N PHE B 678 35.22 1.74 -1.36
CA PHE B 678 36.49 2.44 -1.13
C PHE B 678 37.15 1.96 0.16
N LEU B 679 36.37 1.82 1.23
CA LEU B 679 36.91 1.35 2.48
C LEU B 679 37.41 -0.08 2.37
N SER B 680 36.69 -0.93 1.63
CA SER B 680 37.14 -2.30 1.43
C SER B 680 38.47 -2.34 0.68
N LYS B 681 38.60 -1.53 -0.37
CA LYS B 681 39.86 -1.50 -1.11
C LYS B 681 40.99 -1.01 -0.22
N GLN B 682 40.73 -0.01 0.61
CA GLN B 682 41.77 0.47 1.53
C GLN B 682 42.11 -0.61 2.57
N TRP B 683 41.11 -1.36 3.01
CA TRP B 683 41.29 -2.36 4.06
C TRP B 683 42.11 -3.54 3.56
N TYR B 684 41.76 -4.08 2.39
CA TYR B 684 42.54 -5.16 1.80
C TYR B 684 43.90 -4.70 1.31
N GLY B 685 44.12 -3.38 1.21
CA GLY B 685 45.43 -2.90 0.79
C GLY B 685 45.78 -3.39 -0.59
N GLU B 686 47.03 -3.85 -0.73
CA GLU B 686 47.53 -4.29 -2.04
C GLU B 686 46.74 -5.48 -2.55
N ILE B 687 46.38 -6.42 -1.67
CA ILE B 687 45.69 -7.62 -2.10
C ILE B 687 44.38 -7.25 -2.81
N SER B 688 44.09 -7.96 -3.89
CA SER B 688 42.86 -7.72 -4.63
C SER B 688 41.65 -8.00 -3.76
N ARG B 689 40.65 -7.12 -3.84
CA ARG B 689 39.42 -7.33 -3.08
C ARG B 689 38.74 -8.64 -3.48
N ASP B 690 38.96 -9.11 -4.70
CA ASP B 690 38.38 -10.37 -5.16
C ASP B 690 39.32 -11.54 -4.88
N THR B 691 39.73 -11.67 -3.62
CA THR B 691 40.58 -12.77 -3.17
C THR B 691 39.86 -13.52 -2.06
N LYS B 692 39.80 -14.84 -2.20
CA LYS B 692 39.13 -15.65 -1.18
C LYS B 692 39.76 -15.43 0.18
N ASN B 693 38.92 -15.25 1.20
CA ASN B 693 39.43 -14.97 2.54
C ASN B 693 40.18 -16.18 3.10
N TRP B 694 39.67 -17.39 2.89
CA TRP B 694 40.32 -18.56 3.48
C TRP B 694 41.71 -18.77 2.90
N LYS B 695 41.91 -18.47 1.61
CA LYS B 695 43.22 -18.62 1.01
C LYS B 695 44.24 -17.70 1.67
N ILE B 696 43.88 -16.43 1.88
CA ILE B 696 44.81 -15.49 2.49
C ILE B 696 45.04 -15.85 3.96
N ILE B 697 44.00 -16.27 4.65
CA ILE B 697 44.16 -16.68 6.05
C ILE B 697 45.12 -17.86 6.15
N LEU B 698 44.97 -18.84 5.26
CA LEU B 698 45.88 -19.97 5.24
C LEU B 698 47.31 -19.53 4.91
N CYS B 699 47.46 -18.65 3.92
CA CYS B 699 48.79 -18.17 3.56
C CYS B 699 49.44 -17.41 4.70
N LEU B 700 48.64 -16.80 5.57
CA LEU B 700 49.22 -16.08 6.70
C LEU B 700 50.05 -17.00 7.59
N PHE B 701 49.54 -18.20 7.87
CA PHE B 701 50.26 -19.13 8.72
C PHE B 701 51.55 -19.61 8.06
N ILE B 702 51.44 -20.24 6.91
CA ILE B 702 52.59 -20.74 6.18
C ILE B 702 53.14 -19.60 5.32
N ILE B 703 54.32 -19.09 5.70
CA ILE B 703 54.91 -17.97 4.97
C ILE B 703 55.23 -18.33 3.54
N PRO B 704 55.89 -19.46 3.24
CA PRO B 704 56.34 -19.70 1.87
C PRO B 704 55.22 -19.71 0.84
N LEU B 705 53.98 -19.97 1.26
CA LEU B 705 52.87 -19.99 0.30
C LEU B 705 52.62 -18.63 -0.33
N VAL B 706 53.13 -17.55 0.26
CA VAL B 706 52.91 -16.23 -0.31
C VAL B 706 53.63 -16.10 -1.65
N GLY B 707 54.80 -16.73 -1.78
CA GLY B 707 55.53 -16.68 -3.04
C GLY B 707 54.73 -17.30 -4.18
N CYS B 708 54.00 -18.37 -3.89
CA CYS B 708 53.16 -18.99 -4.91
C CYS B 708 52.06 -18.02 -5.34
N GLY B 709 51.32 -18.43 -6.37
CA GLY B 709 50.28 -17.61 -6.95
C GLY B 709 48.94 -17.69 -6.26
N LEU B 710 48.88 -18.25 -5.06
CA LEU B 710 47.60 -18.38 -4.35
C LEU B 710 46.98 -17.00 -4.07
N VAL B 711 47.81 -16.03 -3.69
CA VAL B 711 47.35 -14.71 -3.30
C VAL B 711 47.63 -13.73 -4.43
N SER B 712 46.61 -12.95 -4.80
CA SER B 712 46.74 -11.97 -5.86
C SER B 712 47.18 -10.63 -5.29
N PHE B 713 47.69 -9.77 -6.17
CA PHE B 713 48.14 -8.43 -5.81
C PHE B 713 47.66 -7.42 -6.84
N ARG B 714 46.42 -7.57 -7.30
CA ARG B 714 45.89 -6.64 -8.29
C ARG B 714 45.81 -5.22 -7.74
N LYS B 715 45.39 -5.08 -6.49
CA LYS B 715 45.27 -3.77 -5.87
C LYS B 715 44.25 -2.90 -6.60
N LEU B 725 61.44 -9.56 -1.18
CA LEU B 725 60.77 -9.14 -2.41
C LEU B 725 59.62 -8.19 -2.09
N TRP B 726 59.14 -7.48 -3.12
CA TRP B 726 58.03 -6.55 -2.94
C TRP B 726 56.75 -7.27 -2.52
N TYR B 727 56.60 -8.56 -2.88
CA TYR B 727 55.41 -9.29 -2.49
C TYR B 727 55.29 -9.39 -0.98
N TYR B 728 56.39 -9.67 -0.28
CA TYR B 728 56.34 -9.78 1.18
C TYR B 728 55.91 -8.46 1.81
N VAL B 729 56.50 -7.36 1.35
CA VAL B 729 56.16 -6.05 1.91
C VAL B 729 54.70 -5.72 1.65
N ALA B 730 54.23 -5.99 0.43
CA ALA B 730 52.83 -5.72 0.12
C ALA B 730 51.90 -6.54 1.00
N PHE B 731 52.23 -7.83 1.19
CA PHE B 731 51.38 -8.70 2.00
C PHE B 731 51.36 -8.26 3.45
N PHE B 732 52.51 -7.87 4.00
CA PHE B 732 52.62 -7.56 5.41
C PHE B 732 52.30 -6.11 5.74
N THR B 733 52.11 -5.26 4.74
CA THR B 733 51.69 -3.89 4.99
C THR B 733 50.17 -3.73 4.98
N SER B 734 49.43 -4.77 4.61
CA SER B 734 47.98 -4.68 4.58
C SER B 734 47.43 -4.69 6.00
N PRO B 735 46.55 -3.75 6.36
CA PRO B 735 46.00 -3.76 7.73
C PRO B 735 45.22 -5.03 8.05
N PHE B 736 44.67 -5.70 7.03
CA PHE B 736 43.96 -6.96 7.27
C PHE B 736 44.90 -8.00 7.89
N VAL B 737 46.08 -8.17 7.30
CA VAL B 737 47.02 -9.16 7.82
C VAL B 737 47.53 -8.75 9.19
N VAL B 738 47.73 -7.45 9.40
CA VAL B 738 48.16 -6.97 10.71
C VAL B 738 47.11 -7.31 11.77
N PHE B 739 45.83 -7.07 11.44
CA PHE B 739 44.76 -7.40 12.36
C PHE B 739 44.72 -8.89 12.66
N SER B 740 44.87 -9.73 11.63
CA SER B 740 44.86 -11.17 11.85
C SER B 740 46.02 -11.61 12.74
N TRP B 741 47.21 -11.06 12.49
CA TRP B 741 48.39 -11.39 13.30
C TRP B 741 48.19 -10.95 14.73
N ASN B 742 47.61 -9.76 14.93
CA ASN B 742 47.34 -9.28 16.29
C ASN B 742 46.35 -10.19 17.01
N VAL B 743 45.33 -10.66 16.29
CA VAL B 743 44.37 -11.59 16.89
C VAL B 743 45.07 -12.87 17.31
N VAL B 744 45.92 -13.41 16.44
CA VAL B 744 46.64 -14.64 16.77
C VAL B 744 47.50 -14.43 18.01
N PHE B 745 48.23 -13.32 18.06
CA PHE B 745 49.12 -13.07 19.17
C PHE B 745 48.34 -12.83 20.46
N TYR B 746 47.16 -12.20 20.37
CA TYR B 746 46.34 -11.99 21.55
C TYR B 746 45.81 -13.32 22.10
N ILE B 747 45.41 -14.23 21.21
CA ILE B 747 44.98 -15.55 21.66
C ILE B 747 46.13 -16.29 22.33
N ALA B 748 47.32 -16.22 21.75
CA ALA B 748 48.48 -16.85 22.37
C ALA B 748 48.78 -16.22 23.72
N PHE B 749 48.62 -14.90 23.82
CA PHE B 749 48.83 -14.20 25.09
C PHE B 749 47.84 -14.68 26.14
N LEU B 750 46.59 -14.87 25.76
CA LEU B 750 45.60 -15.40 26.70
C LEU B 750 45.96 -16.80 27.14
N LEU B 751 46.42 -17.64 26.21
CA LEU B 751 46.83 -18.99 26.58
C LEU B 751 47.98 -18.96 27.57
N LEU B 752 48.98 -18.11 27.33
CA LEU B 752 50.11 -18.00 28.25
C LEU B 752 49.66 -17.49 29.60
N PHE B 753 48.76 -16.51 29.62
CA PHE B 753 48.24 -15.98 30.88
C PHE B 753 47.56 -17.08 31.69
N ALA B 754 46.70 -17.87 31.04
CA ALA B 754 46.01 -18.94 31.73
C ALA B 754 47.00 -19.98 32.25
N TYR B 755 47.99 -20.34 31.44
CA TYR B 755 48.98 -21.32 31.89
C TYR B 755 49.74 -20.82 33.11
N VAL B 756 50.16 -19.54 33.09
CA VAL B 756 50.88 -18.99 34.22
C VAL B 756 50.00 -19.01 35.47
N LEU B 757 48.73 -18.61 35.33
CA LEU B 757 47.85 -18.56 36.48
C LEU B 757 47.61 -19.95 37.07
N LEU B 758 47.39 -20.95 36.22
CA LEU B 758 46.91 -22.24 36.69
C LEU B 758 48.01 -23.24 37.03
N MET B 759 49.18 -23.13 36.39
CA MET B 759 50.17 -24.20 36.47
C MET B 759 51.58 -23.76 36.84
N ASP B 760 51.94 -22.49 36.65
CA ASP B 760 53.31 -22.04 36.83
C ASP B 760 53.35 -20.75 37.65
N PHE B 761 52.60 -20.73 38.74
CA PHE B 761 52.58 -19.60 39.66
C PHE B 761 53.28 -20.02 40.96
N HIS B 762 54.34 -19.30 41.31
CA HIS B 762 55.16 -19.61 42.48
C HIS B 762 55.51 -18.31 43.19
N SER B 763 56.35 -18.43 44.22
CA SER B 763 56.79 -17.25 44.96
C SER B 763 57.62 -16.32 44.07
N VAL B 764 58.53 -16.88 43.29
CA VAL B 764 59.41 -16.12 42.41
C VAL B 764 58.97 -16.36 40.98
N PRO B 765 58.65 -15.31 40.21
CA PRO B 765 58.18 -15.51 38.84
C PRO B 765 59.24 -16.20 37.98
N HIS B 766 58.77 -17.06 37.08
CA HIS B 766 59.63 -17.77 36.16
C HIS B 766 59.64 -17.07 34.81
N THR B 767 60.31 -17.68 33.83
CA THR B 767 60.47 -17.06 32.52
C THR B 767 59.14 -16.75 31.85
N PRO B 768 58.15 -17.65 31.82
CA PRO B 768 56.89 -17.32 31.14
C PRO B 768 56.23 -16.08 31.68
N GLU B 769 56.27 -15.85 33.00
CA GLU B 769 55.67 -14.66 33.56
C GLU B 769 56.45 -13.40 33.21
N LEU B 770 57.78 -13.50 33.10
CA LEU B 770 58.56 -12.37 32.61
C LEU B 770 58.19 -12.04 31.17
N ILE B 771 57.99 -13.06 30.34
CA ILE B 771 57.54 -12.83 28.97
C ILE B 771 56.17 -12.17 28.97
N LEU B 772 55.29 -12.61 29.87
CA LEU B 772 53.97 -11.99 29.97
C LEU B 772 54.07 -10.52 30.34
N TYR B 773 54.94 -10.19 31.31
CA TYR B 773 55.16 -8.79 31.67
C TYR B 773 55.68 -7.99 30.49
N ALA B 774 56.64 -8.56 29.75
CA ALA B 774 57.18 -7.87 28.58
C ALA B 774 56.09 -7.59 27.56
N LEU B 775 55.21 -8.57 27.32
CA LEU B 775 54.12 -8.36 26.37
C LEU B 775 53.16 -7.28 26.86
N VAL B 776 52.88 -7.26 28.16
CA VAL B 776 51.98 -6.23 28.69
C VAL B 776 52.62 -4.85 28.60
N PHE B 777 53.95 -4.79 28.65
CA PHE B 777 54.62 -3.49 28.62
C PHE B 777 54.35 -2.74 27.32
N VAL B 778 54.36 -3.43 26.19
CA VAL B 778 54.12 -2.76 24.90
C VAL B 778 52.68 -2.28 24.82
N LEU B 779 51.74 -3.04 25.38
CA LEU B 779 50.35 -2.58 25.42
C LEU B 779 50.22 -1.34 26.27
N PHE B 780 50.92 -1.30 27.41
CA PHE B 780 50.89 -0.10 28.24
C PHE B 780 51.49 1.09 27.50
N CYS B 781 52.57 0.87 26.75
CA CYS B 781 53.17 1.95 25.97
C CYS B 781 52.19 2.46 24.92
N ASP B 782 51.48 1.56 24.25
CA ASP B 782 50.49 1.98 23.26
C ASP B 782 49.36 2.76 23.93
N GLU B 783 48.95 2.34 25.12
CA GLU B 783 47.91 3.08 25.83
C GLU B 783 48.39 4.48 26.19
N VAL B 784 49.64 4.61 26.60
CA VAL B 784 50.21 5.93 26.89
C VAL B 784 50.27 6.78 25.63
N ARG B 785 50.63 6.17 24.50
CA ARG B 785 50.64 6.89 23.24
C ARG B 785 49.25 7.39 22.88
N GLN B 786 48.23 6.56 23.09
CA GLN B 786 46.85 7.01 22.86
C GLN B 786 46.47 8.14 23.80
N TRP B 787 46.90 8.06 25.07
CA TRP B 787 46.67 9.15 26.01
C TRP B 787 47.34 10.44 25.56
N TYR B 788 48.49 10.34 24.90
CA TYR B 788 49.23 11.52 24.46
C TYR B 788 48.62 12.14 23.20
N MET B 789 48.27 11.31 22.22
CA MET B 789 47.65 11.84 21.00
C MET B 789 46.31 12.49 21.30
N ASN B 790 45.49 11.83 22.11
CA ASN B 790 44.19 12.33 22.52
C ASN B 790 44.28 12.91 23.93
N GLY B 791 43.12 13.25 24.49
CA GLY B 791 43.06 13.78 25.83
C GLY B 791 42.03 13.10 26.69
N VAL B 792 41.35 13.86 27.55
CA VAL B 792 40.33 13.29 28.41
C VAL B 792 39.18 12.70 27.60
N ASN B 793 38.94 13.21 26.40
CA ASN B 793 37.87 12.66 25.57
C ASN B 793 38.11 11.19 25.25
N TYR B 794 39.38 10.77 25.23
CA TYR B 794 39.70 9.37 24.96
C TYR B 794 39.04 8.43 25.97
N PHE B 795 38.78 8.91 27.18
CA PHE B 795 38.16 8.10 28.21
C PHE B 795 36.63 8.06 28.10
N THR B 796 36.05 8.75 27.13
CA THR B 796 34.60 8.71 26.97
C THR B 796 34.12 7.31 26.62
N ASP B 797 34.88 6.60 25.77
CA ASP B 797 34.48 5.27 25.33
C ASP B 797 34.63 4.26 26.45
N LEU B 798 33.80 3.20 26.39
CA LEU B 798 33.80 2.19 27.43
C LEU B 798 35.04 1.31 27.37
N TRP B 799 35.42 0.89 26.16
CA TRP B 799 36.49 -0.10 26.04
C TRP B 799 37.85 0.47 26.41
N ASN B 800 38.07 1.76 26.17
CA ASN B 800 39.31 2.39 26.63
C ASN B 800 39.39 2.34 28.15
N VAL B 801 38.27 2.63 28.83
CA VAL B 801 38.24 2.54 30.28
C VAL B 801 38.51 1.11 30.73
N MET B 802 37.92 0.14 30.04
CA MET B 802 38.15 -1.26 30.40
C MET B 802 39.63 -1.62 30.26
N ASP B 803 40.26 -1.18 29.17
CA ASP B 803 41.69 -1.46 28.98
C ASP B 803 42.54 -0.82 30.07
N THR B 804 42.24 0.44 30.41
CA THR B 804 43.00 1.11 31.45
C THR B 804 42.84 0.40 32.79
N LEU B 805 41.61 0.00 33.13
CA LEU B 805 41.39 -0.72 34.37
C LEU B 805 42.12 -2.05 34.38
N GLY B 806 42.12 -2.76 33.24
CA GLY B 806 42.85 -4.02 33.17
C GLY B 806 44.34 -3.84 33.40
N LEU B 807 44.93 -2.81 32.77
CA LEU B 807 46.35 -2.57 32.94
C LEU B 807 46.66 -2.19 34.39
N PHE B 808 45.82 -1.35 35.01
CA PHE B 808 46.05 -0.98 36.41
C PHE B 808 45.94 -2.19 37.32
N TYR B 809 44.96 -3.06 37.06
CA TYR B 809 44.83 -4.28 37.86
C TYR B 809 46.05 -5.18 37.69
N PHE B 810 46.58 -5.27 36.47
CA PHE B 810 47.78 -6.06 36.24
C PHE B 810 48.96 -5.49 37.05
N ILE B 811 49.11 -4.17 37.05
CA ILE B 811 50.20 -3.55 37.80
C ILE B 811 50.04 -3.81 39.29
N ALA B 812 48.81 -3.68 39.80
CA ALA B 812 48.57 -3.96 41.22
C ALA B 812 48.86 -5.41 41.55
N GLY B 813 48.48 -6.34 40.66
CA GLY B 813 48.80 -7.73 40.87
C GLY B 813 50.30 -7.97 40.93
N ILE B 814 51.06 -7.32 40.05
CA ILE B 814 52.51 -7.43 40.10
C ILE B 814 53.04 -6.93 41.43
N VAL B 815 52.53 -5.77 41.87
CA VAL B 815 53.01 -5.20 43.13
C VAL B 815 52.75 -6.15 44.28
N PHE B 816 51.55 -6.73 44.34
CA PHE B 816 51.26 -7.69 45.39
C PHE B 816 52.12 -8.95 45.28
N ARG B 817 52.37 -9.40 44.04
CA ARG B 817 53.08 -10.66 43.85
C ARG B 817 54.55 -10.55 44.24
N LEU B 818 55.15 -9.38 44.02
CA LEU B 818 56.59 -9.26 44.30
C LEU B 818 56.92 -9.48 45.76
N HIS B 819 55.94 -9.43 46.66
CA HIS B 819 56.16 -9.71 48.08
C HIS B 819 56.18 -11.22 48.27
N SER B 820 57.30 -11.83 47.87
CA SER B 820 57.42 -13.28 47.95
C SER B 820 57.39 -13.79 49.38
N SER B 821 57.81 -12.95 50.34
CA SER B 821 57.90 -13.41 51.72
C SER B 821 56.53 -13.80 52.27
N ASN B 822 55.49 -13.02 51.96
CA ASN B 822 54.17 -13.23 52.51
C ASN B 822 53.28 -13.93 51.49
N LYS B 823 52.66 -15.04 51.89
CA LYS B 823 51.84 -15.82 50.98
C LYS B 823 50.47 -15.18 50.73
N SER B 824 49.93 -14.46 51.72
CA SER B 824 48.66 -13.79 51.52
C SER B 824 48.74 -12.78 50.39
N SER B 825 49.85 -12.06 50.29
CA SER B 825 50.05 -11.14 49.18
C SER B 825 50.08 -11.88 47.85
N LEU B 826 50.71 -13.06 47.82
CA LEU B 826 50.71 -13.85 46.59
C LEU B 826 49.30 -14.26 46.19
N TYR B 827 48.50 -14.70 47.16
CA TYR B 827 47.12 -15.09 46.84
C TYR B 827 46.32 -13.90 46.34
N SER B 828 46.49 -12.74 46.98
CA SER B 828 45.79 -11.54 46.53
C SER B 828 46.19 -11.18 45.11
N GLY B 829 47.49 -11.28 44.80
CA GLY B 829 47.94 -11.03 43.44
C GLY B 829 47.34 -11.99 42.44
N ARG B 830 47.23 -13.27 42.82
CA ARG B 830 46.63 -14.25 41.93
C ARG B 830 45.16 -13.92 41.67
N VAL B 831 44.44 -13.51 42.71
CA VAL B 831 43.03 -13.14 42.53
C VAL B 831 42.91 -11.93 41.61
N ILE B 832 43.77 -10.93 41.82
CA ILE B 832 43.75 -9.74 40.96
C ILE B 832 44.02 -10.15 39.52
N PHE B 833 44.98 -11.05 39.31
CA PHE B 833 45.30 -11.50 37.96
C PHE B 833 44.12 -12.24 37.34
N CYS B 834 43.39 -13.03 38.13
CA CYS B 834 42.22 -13.74 37.61
C CYS B 834 41.15 -12.76 37.14
N LEU B 835 40.88 -11.73 37.95
CA LEU B 835 39.88 -10.75 37.54
C LEU B 835 40.34 -9.99 36.29
N ASP B 836 41.62 -9.62 36.25
CA ASP B 836 42.15 -8.97 35.05
C ASP B 836 42.06 -9.89 33.84
N TYR B 837 42.21 -11.20 34.05
CA TYR B 837 42.07 -12.15 32.96
C TYR B 837 40.64 -12.16 32.44
N ILE B 838 39.66 -12.10 33.34
CA ILE B 838 38.27 -11.97 32.90
C ILE B 838 38.13 -10.74 32.02
N ILE B 839 38.69 -9.61 32.48
CA ILE B 839 38.56 -8.36 31.73
C ILE B 839 39.19 -8.50 30.35
N PHE B 840 40.39 -9.08 30.30
CA PHE B 840 41.08 -9.26 29.02
C PHE B 840 40.29 -10.16 28.09
N THR B 841 39.75 -11.26 28.61
CA THR B 841 39.06 -12.23 27.77
C THR B 841 37.76 -11.67 27.22
N LEU B 842 37.08 -10.80 27.96
CA LEU B 842 35.82 -10.27 27.47
C LEU B 842 35.99 -9.32 26.28
N ARG B 843 37.22 -8.94 25.94
CA ARG B 843 37.45 -8.02 24.83
C ARG B 843 37.39 -8.70 23.47
N LEU B 844 37.40 -10.03 23.41
CA LEU B 844 37.27 -10.71 22.13
C LEU B 844 35.96 -10.36 21.44
N ILE B 845 34.90 -10.16 22.23
CA ILE B 845 33.61 -9.77 21.66
C ILE B 845 33.76 -8.48 20.88
N HIS B 846 34.48 -7.52 21.45
CA HIS B 846 34.68 -6.24 20.76
C HIS B 846 35.57 -6.42 19.53
N ILE B 847 36.68 -7.14 19.68
CA ILE B 847 37.63 -7.21 18.56
C ILE B 847 37.02 -7.97 17.38
N PHE B 848 36.10 -8.90 17.64
CA PHE B 848 35.49 -9.70 16.58
C PHE B 848 34.18 -9.12 16.05
N THR B 849 34.04 -7.79 16.08
CA THR B 849 32.85 -7.13 15.57
C THR B 849 33.02 -6.67 14.12
N VAL B 850 33.98 -7.25 13.39
CA VAL B 850 34.24 -6.90 12.00
C VAL B 850 34.19 -8.12 11.09
N SER B 851 33.83 -9.29 11.62
CA SER B 851 33.86 -10.51 10.82
C SER B 851 32.82 -10.51 9.71
N ARG B 852 31.84 -9.60 9.76
CA ARG B 852 30.76 -9.42 8.80
C ARG B 852 29.66 -10.47 8.96
N ASN B 853 29.85 -11.49 9.81
CA ASN B 853 28.81 -12.45 10.12
C ASN B 853 28.33 -12.32 11.56
N LEU B 854 29.26 -12.13 12.50
CA LEU B 854 28.92 -11.90 13.89
C LEU B 854 28.81 -10.43 14.24
N GLY B 855 29.37 -9.55 13.42
CA GLY B 855 29.44 -8.14 13.73
C GLY B 855 28.07 -7.51 13.96
N PRO B 856 27.16 -7.67 13.00
CA PRO B 856 25.83 -7.06 13.17
C PRO B 856 25.11 -7.55 14.42
N LYS B 857 25.24 -8.83 14.75
CA LYS B 857 24.58 -9.35 15.95
C LYS B 857 25.20 -8.77 17.21
N ILE B 858 26.53 -8.65 17.24
CA ILE B 858 27.18 -8.03 18.39
C ILE B 858 26.73 -6.58 18.52
N ILE B 859 26.60 -5.88 17.39
CA ILE B 859 26.14 -4.49 17.43
C ILE B 859 24.72 -4.42 18.00
N MET B 860 23.83 -5.30 17.55
CA MET B 860 22.48 -5.32 18.08
C MET B 860 22.45 -5.73 19.55
N LEU B 861 23.50 -6.41 20.03
CA LEU B 861 23.52 -6.88 21.40
C LEU B 861 23.33 -5.74 22.39
N GLN B 862 23.94 -4.58 22.11
CA GLN B 862 23.87 -3.43 23.02
C GLN B 862 22.54 -2.69 22.94
N ARG B 863 21.55 -3.25 22.24
CA ARG B 863 20.25 -2.61 22.07
C ARG B 863 19.18 -3.21 22.96
N MET B 864 19.57 -4.01 23.97
CA MET B 864 18.62 -4.77 24.78
C MET B 864 18.88 -4.58 26.27
N LEU B 865 19.39 -3.42 26.67
CA LEU B 865 19.66 -3.19 28.09
C LEU B 865 18.38 -2.90 28.87
N ILE B 866 17.43 -2.21 28.24
CA ILE B 866 16.23 -1.79 28.95
C ILE B 866 15.41 -3.00 29.38
N ASP B 867 15.28 -3.99 28.49
CA ASP B 867 14.54 -5.20 28.84
C ASP B 867 15.20 -5.92 30.02
N VAL B 868 16.54 -6.01 30.00
CA VAL B 868 17.26 -6.67 31.08
C VAL B 868 17.03 -5.92 32.39
N PHE B 869 17.08 -4.58 32.34
CA PHE B 869 16.86 -3.80 33.56
C PHE B 869 15.45 -3.99 34.10
N PHE B 870 14.45 -4.01 33.22
CA PHE B 870 13.08 -4.24 33.65
C PHE B 870 12.92 -5.61 34.30
N PHE B 871 13.49 -6.63 33.67
CA PHE B 871 13.44 -7.98 34.23
C PHE B 871 14.10 -8.04 35.60
N LEU B 872 15.28 -7.42 35.72
CA LEU B 872 15.98 -7.43 37.00
C LEU B 872 15.21 -6.67 38.07
N PHE B 873 14.58 -5.56 37.69
CA PHE B 873 13.78 -4.79 38.64
C PHE B 873 12.65 -5.63 39.21
N LEU B 874 11.85 -6.25 38.32
CA LEU B 874 10.74 -7.08 38.79
C LEU B 874 11.26 -8.24 39.65
N PHE B 875 12.31 -8.91 39.18
CA PHE B 875 12.84 -10.06 39.91
C PHE B 875 13.34 -9.65 41.28
N ALA B 876 14.02 -8.50 41.37
CA ALA B 876 14.53 -8.05 42.65
C ALA B 876 13.39 -7.73 43.61
N VAL B 877 12.33 -7.08 43.11
CA VAL B 877 11.20 -6.78 43.99
C VAL B 877 10.62 -8.07 44.55
N TRP B 878 10.34 -9.05 43.68
CA TRP B 878 9.76 -10.30 44.15
C TRP B 878 10.71 -11.03 45.09
N MET B 879 12.00 -11.04 44.76
CA MET B 879 13.01 -11.71 45.58
C MET B 879 13.03 -11.14 46.98
N VAL B 880 13.09 -9.80 47.09
CA VAL B 880 13.14 -9.17 48.41
C VAL B 880 11.88 -9.52 49.19
N ALA B 881 10.71 -9.37 48.56
CA ALA B 881 9.48 -9.64 49.28
C ALA B 881 9.45 -11.07 49.82
N PHE B 882 9.68 -12.05 48.94
CA PHE B 882 9.59 -13.44 49.34
C PHE B 882 10.63 -13.80 50.39
N GLY B 883 11.88 -13.35 50.19
CA GLY B 883 12.92 -13.69 51.14
C GLY B 883 12.64 -13.12 52.52
N VAL B 884 12.25 -11.85 52.59
CA VAL B 884 11.97 -11.23 53.88
C VAL B 884 10.83 -11.96 54.56
N ALA B 885 9.76 -12.24 53.82
CA ALA B 885 8.60 -12.89 54.42
C ALA B 885 8.97 -14.27 54.97
N ARG B 886 9.67 -15.07 54.16
CA ARG B 886 10.02 -16.42 54.57
C ARG B 886 10.95 -16.40 55.79
N GLN B 887 11.97 -15.54 55.76
CA GLN B 887 12.88 -15.46 56.90
C GLN B 887 12.15 -15.02 58.16
N GLY B 888 11.23 -14.07 58.03
CA GLY B 888 10.49 -13.61 59.20
C GLY B 888 9.59 -14.68 59.78
N ILE B 889 8.90 -15.44 58.91
CA ILE B 889 7.95 -16.43 59.41
C ILE B 889 8.60 -17.76 59.76
N LEU B 890 9.89 -17.95 59.44
CA LEU B 890 10.60 -19.16 59.83
C LEU B 890 11.49 -18.96 61.05
N ARG B 891 12.37 -17.96 61.02
CA ARG B 891 13.38 -17.76 62.04
C ARG B 891 13.30 -16.35 62.58
N GLN B 892 13.75 -16.16 63.82
CA GLN B 892 13.72 -14.86 64.48
C GLN B 892 15.09 -14.49 65.00
N ASN B 893 15.46 -13.22 64.80
CA ASN B 893 16.65 -12.62 65.40
C ASN B 893 17.92 -13.41 65.03
N GLU B 894 18.21 -13.41 63.73
CA GLU B 894 19.41 -14.04 63.24
C GLU B 894 20.65 -13.36 63.80
N GLN B 895 20.71 -12.03 63.72
CA GLN B 895 21.79 -11.17 64.22
C GLN B 895 23.07 -11.30 63.40
N ARG B 896 23.09 -12.11 62.35
CA ARG B 896 24.25 -12.25 61.48
C ARG B 896 23.86 -11.77 60.08
N TRP B 897 24.62 -10.80 59.56
CA TRP B 897 24.28 -10.19 58.28
C TRP B 897 24.51 -11.15 57.13
N ARG B 898 25.61 -11.90 57.17
CA ARG B 898 25.95 -12.79 56.06
C ARG B 898 24.84 -13.80 55.82
N TRP B 899 24.37 -14.46 56.88
CA TRP B 899 23.29 -15.43 56.72
C TRP B 899 21.96 -14.74 56.39
N ILE B 900 21.77 -13.52 56.89
CA ILE B 900 20.57 -12.76 56.53
C ILE B 900 20.49 -12.60 55.02
N PHE B 901 21.58 -12.13 54.41
CA PHE B 901 21.59 -11.95 52.96
C PHE B 901 21.58 -13.27 52.22
N ARG B 902 22.19 -14.31 52.81
CA ARG B 902 22.20 -15.63 52.19
C ARG B 902 20.78 -16.18 52.07
N SER B 903 19.97 -16.01 53.11
CA SER B 903 18.62 -16.54 53.10
C SER B 903 17.64 -15.61 52.39
N VAL B 904 17.91 -14.30 52.38
CA VAL B 904 16.95 -13.35 51.83
C VAL B 904 17.14 -13.12 50.33
N ILE B 905 18.36 -13.31 49.82
CA ILE B 905 18.71 -12.91 48.46
C ILE B 905 19.26 -14.09 47.65
N TYR B 906 20.29 -14.75 48.18
CA TYR B 906 20.97 -15.78 47.40
C TYR B 906 20.05 -16.96 47.09
N GLU B 907 19.41 -17.51 48.12
CA GLU B 907 18.55 -18.68 47.90
C GLU B 907 17.38 -18.36 46.99
N PRO B 908 16.61 -17.29 47.20
CA PRO B 908 15.59 -16.93 46.21
C PRO B 908 16.16 -16.66 44.82
N TYR B 909 17.37 -16.11 44.74
CA TYR B 909 17.99 -15.89 43.44
C TYR B 909 18.22 -17.20 42.72
N LEU B 910 18.66 -18.23 43.44
CA LEU B 910 18.88 -19.53 42.82
C LEU B 910 17.60 -20.12 42.25
N ALA B 911 16.43 -19.69 42.73
CA ALA B 911 15.17 -20.16 42.17
C ALA B 911 15.00 -19.75 40.71
N MET B 912 15.72 -18.73 40.25
CA MET B 912 15.63 -18.33 38.85
C MET B 912 16.04 -19.46 37.92
N PHE B 913 16.87 -20.38 38.41
CA PHE B 913 17.44 -21.45 37.59
C PHE B 913 16.76 -22.79 37.80
N GLY B 914 15.70 -22.86 38.61
CA GLY B 914 14.86 -24.03 38.68
C GLY B 914 14.95 -24.85 39.95
N GLN B 915 15.68 -24.40 40.96
CA GLN B 915 15.76 -25.12 42.22
C GLN B 915 14.92 -24.43 43.28
N VAL B 916 14.10 -25.21 43.98
CA VAL B 916 13.16 -24.70 44.97
C VAL B 916 13.92 -24.26 46.21
N PRO B 917 13.50 -23.18 46.88
CA PRO B 917 14.25 -22.73 48.07
C PRO B 917 14.38 -23.78 49.15
N SER B 918 13.36 -24.61 49.35
CA SER B 918 13.37 -25.63 50.39
C SER B 918 13.23 -24.99 51.77
N ASP B 919 13.09 -25.82 52.80
CA ASP B 919 12.91 -25.44 54.20
C ASP B 919 11.49 -24.94 54.46
N VAL B 920 10.59 -25.00 53.47
CA VAL B 920 9.22 -24.54 53.68
C VAL B 920 8.32 -25.63 54.24
N ASP B 921 8.71 -26.90 54.10
CA ASP B 921 7.92 -28.02 54.58
C ASP B 921 8.63 -28.69 55.75
N SER B 922 7.86 -29.00 56.80
CA SER B 922 8.43 -29.61 57.99
C SER B 922 8.90 -31.04 57.73
N THR B 923 8.30 -31.72 56.74
CA THR B 923 8.65 -33.12 56.50
C THR B 923 10.11 -33.27 56.10
N THR B 924 10.57 -32.46 55.14
CA THR B 924 11.94 -32.56 54.67
C THR B 924 12.93 -31.85 55.58
N TYR B 925 12.46 -31.01 56.49
CA TYR B 925 13.36 -30.27 57.36
C TYR B 925 14.04 -31.20 58.36
N ASP B 926 15.33 -31.00 58.56
CA ASP B 926 16.13 -31.76 59.52
C ASP B 926 16.91 -30.80 60.40
N PHE B 927 17.05 -31.15 61.67
CA PHE B 927 17.72 -30.30 62.65
C PHE B 927 19.22 -30.49 62.67
N SER B 928 19.76 -31.47 61.94
CA SER B 928 21.21 -31.65 61.90
C SER B 928 21.90 -30.46 61.26
N HIS B 929 21.33 -29.92 60.19
CA HIS B 929 21.98 -28.85 59.46
C HIS B 929 21.87 -27.51 60.17
N CYS B 930 20.87 -27.35 61.03
CA CYS B 930 20.64 -26.07 61.69
C CYS B 930 21.30 -26.04 63.06
N THR B 931 21.53 -24.83 63.56
CA THR B 931 22.12 -24.60 64.86
C THR B 931 21.24 -23.67 65.68
N PHE B 932 20.97 -24.06 66.93
CA PHE B 932 20.13 -23.23 67.79
C PHE B 932 20.81 -21.92 68.13
N SER B 933 22.13 -21.92 68.25
CA SER B 933 22.92 -20.71 68.48
C SER B 933 23.70 -20.37 67.23
N GLY B 934 24.24 -19.15 67.22
CA GLY B 934 25.00 -18.64 66.10
C GLY B 934 26.48 -18.92 66.15
N ASN B 935 26.94 -19.75 67.10
CA ASN B 935 28.37 -20.01 67.21
C ASN B 935 28.92 -20.70 65.98
N GLU B 936 28.18 -21.66 65.43
CA GLU B 936 28.62 -22.39 64.25
C GLU B 936 28.24 -21.63 62.98
N SER B 937 28.79 -22.09 61.86
CA SER B 937 28.51 -21.50 60.55
C SER B 937 27.41 -22.29 59.84
N LYS B 938 26.22 -22.26 60.42
CA LYS B 938 25.05 -22.93 59.89
C LYS B 938 23.85 -22.03 60.03
N PRO B 939 22.80 -22.27 59.23
CA PRO B 939 21.58 -21.46 59.38
C PRO B 939 20.93 -21.68 60.73
N LEU B 940 20.25 -20.64 61.21
CA LEU B 940 19.56 -20.71 62.49
C LEU B 940 18.37 -21.66 62.40
N CYS B 941 18.13 -22.39 63.49
CA CYS B 941 17.02 -23.33 63.52
C CYS B 941 15.68 -22.61 63.56
N VAL B 942 14.67 -23.26 63.01
CA VAL B 942 13.33 -22.69 62.99
C VAL B 942 12.80 -22.57 64.42
N GLU B 943 11.93 -21.59 64.63
CA GLU B 943 11.37 -21.37 65.96
C GLU B 943 10.55 -22.58 66.41
N LEU B 944 10.69 -23.01 67.65
CA LEU B 944 10.01 -24.20 68.12
C LEU B 944 9.00 -23.80 69.13
N ASP B 945 7.92 -24.55 69.24
CA ASP B 945 6.88 -24.20 70.19
C ASP B 945 7.08 -24.91 71.56
N GLU B 946 6.07 -24.94 72.44
CA GLU B 946 6.18 -25.58 73.75
C GLU B 946 6.50 -27.07 73.71
N HIS B 947 6.04 -27.76 72.68
CA HIS B 947 6.26 -29.19 72.52
C HIS B 947 7.48 -29.58 71.67
N ASN B 948 8.35 -28.62 71.35
CA ASN B 948 9.55 -28.80 70.54
C ASN B 948 9.30 -29.24 69.11
N LEU B 949 8.22 -28.73 68.56
CA LEU B 949 7.87 -28.97 67.18
C LEU B 949 7.98 -27.62 66.48
N PRO B 950 8.31 -27.62 65.11
CA PRO B 950 8.45 -26.32 64.50
C PRO B 950 7.18 -25.57 64.52
N ARG B 951 7.21 -24.28 64.61
CA ARG B 951 6.02 -23.53 64.72
C ARG B 951 5.39 -22.97 63.48
N PHE B 952 6.08 -22.89 62.38
CA PHE B 952 5.57 -22.25 61.18
C PHE B 952 4.51 -23.13 60.53
N PRO B 953 3.43 -22.53 59.99
CA PRO B 953 2.43 -23.32 59.28
C PRO B 953 2.77 -23.53 57.82
N GLU B 954 2.55 -24.75 57.31
CA GLU B 954 2.89 -25.04 55.92
C GLU B 954 1.87 -24.45 54.94
N TRP B 955 0.64 -24.26 55.38
CA TRP B 955 -0.44 -23.87 54.48
C TRP B 955 -0.30 -22.45 53.96
N ILE B 956 0.64 -21.66 54.49
CA ILE B 956 0.98 -20.37 53.91
C ILE B 956 2.36 -20.39 53.27
N THR B 957 3.32 -21.14 53.82
CA THR B 957 4.66 -21.18 53.24
C THR B 957 4.63 -21.83 51.86
N ILE B 958 3.97 -22.99 51.74
CA ILE B 958 3.98 -23.71 50.46
C ILE B 958 3.33 -22.90 49.35
N PRO B 959 2.11 -22.35 49.51
CA PRO B 959 1.57 -21.50 48.45
C PRO B 959 2.46 -20.30 48.15
N LEU B 960 3.12 -19.74 49.16
CA LEU B 960 4.01 -18.61 48.93
C LEU B 960 5.12 -18.98 47.96
N VAL B 961 5.80 -20.09 48.21
CA VAL B 961 6.90 -20.51 47.34
C VAL B 961 6.38 -20.89 45.97
N CYS B 962 5.22 -21.54 45.91
CA CYS B 962 4.65 -21.89 44.60
C CYS B 962 4.38 -20.64 43.77
N ILE B 963 3.78 -19.63 44.39
CA ILE B 963 3.49 -18.38 43.67
C ILE B 963 4.78 -17.70 43.25
N TYR B 964 5.77 -17.68 44.13
CA TYR B 964 7.05 -17.05 43.78
C TYR B 964 7.70 -17.74 42.60
N MET B 965 7.72 -19.08 42.59
CA MET B 965 8.30 -19.81 41.47
C MET B 965 7.53 -19.54 40.19
N LEU B 966 6.19 -19.55 40.27
CA LEU B 966 5.39 -19.27 39.08
C LEU B 966 5.70 -17.88 38.53
N SER B 967 5.77 -16.87 39.40
CA SER B 967 5.99 -15.51 38.94
C SER B 967 7.39 -15.33 38.35
N THR B 968 8.42 -15.93 38.96
CA THR B 968 9.80 -15.67 38.57
C THR B 968 10.28 -16.61 37.46
N ASN B 969 10.24 -17.92 37.69
CA ASN B 969 10.90 -18.84 36.79
C ASN B 969 10.27 -18.86 35.40
N ILE B 970 8.97 -18.60 35.31
CA ILE B 970 8.21 -18.83 34.08
C ILE B 970 7.76 -17.52 33.44
N LEU B 971 6.94 -16.75 34.14
CA LEU B 971 6.34 -15.56 33.53
C LEU B 971 7.42 -14.55 33.12
N LEU B 972 8.36 -14.27 34.03
CA LEU B 972 9.37 -13.26 33.75
C LEU B 972 10.27 -13.67 32.59
N VAL B 973 10.71 -14.93 32.57
CA VAL B 973 11.62 -15.38 31.52
C VAL B 973 10.92 -15.34 30.16
N ASN B 974 9.67 -15.80 30.10
CA ASN B 974 8.93 -15.78 28.86
C ASN B 974 8.67 -14.35 28.39
N LEU B 975 8.36 -13.45 29.31
CA LEU B 975 8.18 -12.04 28.95
C LEU B 975 9.47 -11.45 28.40
N LEU B 976 10.61 -11.79 29.01
CA LEU B 976 11.89 -11.33 28.50
C LEU B 976 12.13 -11.87 27.09
N VAL B 977 11.78 -13.14 26.85
CA VAL B 977 11.94 -13.72 25.52
C VAL B 977 11.10 -12.95 24.51
N ALA B 978 9.86 -12.65 24.87
CA ALA B 978 8.97 -11.92 23.97
C ALA B 978 9.53 -10.52 23.66
N MET B 979 10.00 -9.82 24.69
CA MET B 979 10.54 -8.48 24.47
C MET B 979 11.80 -8.54 23.60
N PHE B 980 12.66 -9.53 23.82
CA PHE B 980 13.82 -9.71 22.96
C PHE B 980 13.41 -9.96 21.53
N GLY B 981 12.39 -10.80 21.31
CA GLY B 981 11.93 -11.05 19.97
C GLY B 981 11.44 -9.79 19.28
N TYR B 982 10.63 -9.00 19.98
CA TYR B 982 10.14 -7.76 19.39
C TYR B 982 11.28 -6.81 19.07
N THR B 983 12.23 -6.66 20.00
CA THR B 983 13.35 -5.76 19.77
C THR B 983 14.19 -6.22 18.58
N VAL B 984 14.45 -7.53 18.47
CA VAL B 984 15.20 -8.04 17.34
C VAL B 984 14.47 -7.75 16.04
N GLY B 985 13.16 -7.97 16.03
CA GLY B 985 12.39 -7.69 14.82
C GLY B 985 12.46 -6.23 14.41
N ILE B 986 12.37 -5.33 15.40
CA ILE B 986 12.30 -3.90 15.08
C ILE B 986 13.64 -3.39 14.57
N VAL B 987 14.74 -3.76 15.25
CA VAL B 987 16.03 -3.11 15.02
C VAL B 987 16.81 -3.71 13.87
N GLN B 988 16.34 -4.80 13.28
CA GLN B 988 17.08 -5.42 12.18
C GLN B 988 17.10 -4.53 10.93
N GLU B 989 16.23 -3.52 10.87
CA GLU B 989 16.13 -2.71 9.67
C GLU B 989 17.41 -1.91 9.41
N ASN B 990 17.98 -1.30 10.46
CA ASN B 990 19.10 -0.38 10.31
C ASN B 990 20.34 -0.87 11.04
N ASN B 991 20.42 -2.16 11.37
CA ASN B 991 21.59 -2.67 12.06
C ASN B 991 22.82 -2.67 11.16
N ASP B 992 22.64 -3.03 9.88
CA ASP B 992 23.77 -3.06 8.96
C ASP B 992 24.38 -1.68 8.78
N GLN B 993 23.55 -0.64 8.82
CA GLN B 993 24.07 0.72 8.69
C GLN B 993 25.01 1.07 9.84
N VAL B 994 24.59 0.75 11.08
CA VAL B 994 25.45 1.01 12.23
C VAL B 994 26.71 0.17 12.15
N TRP B 995 26.58 -1.08 11.72
CA TRP B 995 27.76 -1.92 11.59
C TRP B 995 28.74 -1.35 10.57
N LYS B 996 28.23 -0.83 9.46
CA LYS B 996 29.10 -0.22 8.46
C LYS B 996 29.79 1.02 9.00
N PHE B 997 29.07 1.84 9.77
CA PHE B 997 29.69 3.01 10.38
C PHE B 997 30.83 2.59 11.31
N GLN B 998 30.58 1.61 12.18
CA GLN B 998 31.62 1.14 13.08
C GLN B 998 32.77 0.50 12.32
N ARG B 999 32.46 -0.18 11.21
CA ARG B 999 33.51 -0.76 10.37
C ARG B 999 34.41 0.32 9.82
N TYR B 1000 33.82 1.43 9.35
CA TYR B 1000 34.65 2.55 8.91
C TYR B 1000 35.52 3.05 10.06
N PHE B 1001 34.93 3.20 11.24
CA PHE B 1001 35.72 3.68 12.37
C PHE B 1001 36.94 2.78 12.61
N LEU B 1002 36.71 1.47 12.68
CA LEU B 1002 37.80 0.54 12.98
C LEU B 1002 38.84 0.52 11.87
N VAL B 1003 38.39 0.54 10.61
CA VAL B 1003 39.33 0.52 9.49
C VAL B 1003 40.20 1.76 9.52
N GLN B 1004 39.60 2.92 9.75
CA GLN B 1004 40.37 4.15 9.85
C GLN B 1004 41.34 4.11 11.02
N GLU B 1005 40.90 3.55 12.15
CA GLU B 1005 41.80 3.45 13.31
C GLU B 1005 43.01 2.60 12.98
N TYR B 1006 42.79 1.46 12.31
CA TYR B 1006 43.89 0.56 11.99
C TYR B 1006 44.83 1.20 10.97
N CYS B 1007 44.26 1.89 9.97
CA CYS B 1007 45.11 2.52 8.95
C CYS B 1007 45.86 3.72 9.51
N ASN B 1008 45.33 4.34 10.58
CA ASN B 1008 45.93 5.57 11.09
C ASN B 1008 47.21 5.31 11.85
N ARG B 1009 47.30 4.20 12.58
CA ARG B 1009 48.45 3.94 13.44
C ARG B 1009 49.64 3.50 12.58
N LEU B 1010 50.69 3.01 13.24
CA LEU B 1010 51.92 2.65 12.53
C LEU B 1010 51.68 1.52 11.52
N ASN B 1011 50.60 0.75 11.67
CA ASN B 1011 50.30 -0.34 10.76
C ASN B 1011 51.42 -1.39 10.80
N ILE B 1012 51.78 -1.79 12.01
CA ILE B 1012 52.85 -2.77 12.22
C ILE B 1012 52.29 -3.86 13.14
N PRO B 1013 52.75 -5.11 13.01
CA PRO B 1013 52.26 -6.15 13.94
C PRO B 1013 52.54 -5.79 15.38
N PHE B 1014 51.60 -6.14 16.25
CA PHE B 1014 51.64 -5.71 17.66
C PHE B 1014 52.96 -6.02 18.36
N PRO B 1015 53.49 -7.24 18.31
CA PRO B 1015 54.71 -7.53 19.08
C PRO B 1015 55.92 -6.74 18.63
N PHE B 1016 55.92 -6.20 17.41
CA PHE B 1016 57.07 -5.51 16.85
C PHE B 1016 56.85 -4.00 16.71
N VAL B 1017 55.95 -3.43 17.52
CA VAL B 1017 55.69 -1.99 17.44
C VAL B 1017 56.59 -1.19 18.36
N VAL B 1018 57.19 -1.80 19.38
CA VAL B 1018 58.04 -1.05 20.31
C VAL B 1018 59.22 -0.45 19.57
N PHE B 1019 59.78 -1.18 18.59
CA PHE B 1019 60.88 -0.64 17.81
C PHE B 1019 60.46 0.63 17.07
N ALA B 1020 59.27 0.62 16.48
CA ALA B 1020 58.78 1.80 15.79
C ALA B 1020 58.62 2.97 16.75
N TYR B 1021 58.06 2.71 17.93
CA TYR B 1021 57.91 3.78 18.92
C TYR B 1021 59.27 4.38 19.28
N PHE B 1022 60.25 3.52 19.58
CA PHE B 1022 61.55 4.03 19.99
C PHE B 1022 62.21 4.82 18.86
N TYR B 1023 62.18 4.28 17.63
CA TYR B 1023 62.83 4.96 16.52
C TYR B 1023 62.17 6.30 16.23
N MET B 1024 60.84 6.34 16.24
CA MET B 1024 60.15 7.59 15.94
C MET B 1024 60.32 8.62 17.05
N VAL B 1025 60.41 8.17 18.30
CA VAL B 1025 60.67 9.10 19.40
C VAL B 1025 62.08 9.67 19.27
N VAL B 1026 63.05 8.81 18.94
CA VAL B 1026 64.44 9.27 18.81
C VAL B 1026 64.56 10.25 17.66
N LYS B 1027 63.97 9.92 16.51
CA LYS B 1027 64.11 10.76 15.33
C LYS B 1027 63.04 11.85 15.29
N LYS B 1028 61.80 11.51 15.62
CA LYS B 1028 60.70 12.47 15.60
C LYS B 1028 60.23 12.80 17.00
N ASN B 1051 41.80 22.70 -11.17
CA ASN B 1051 41.17 21.66 -10.36
C ASN B 1051 40.22 20.82 -11.21
N GLU B 1052 40.76 19.75 -11.79
CA GLU B 1052 39.95 18.88 -12.65
C GLU B 1052 38.83 18.23 -11.86
N THR B 1053 39.11 17.77 -10.64
CA THR B 1053 38.11 17.07 -9.86
C THR B 1053 36.92 17.97 -9.54
N LEU B 1054 37.19 19.23 -9.19
CA LEU B 1054 36.10 20.15 -8.86
C LEU B 1054 35.26 20.46 -10.11
N ALA B 1055 35.90 20.60 -11.27
CA ALA B 1055 35.15 20.82 -12.50
C ALA B 1055 34.26 19.63 -12.82
N TRP B 1056 34.79 18.41 -12.65
CA TRP B 1056 33.98 17.22 -12.87
C TRP B 1056 32.82 17.17 -11.88
N GLU B 1057 33.08 17.55 -10.62
CA GLU B 1057 32.02 17.59 -9.63
C GLU B 1057 30.92 18.58 -10.04
N GLY B 1058 31.32 19.75 -10.54
CA GLY B 1058 30.34 20.72 -11.00
C GLY B 1058 29.52 20.20 -12.18
N VAL B 1059 30.17 19.52 -13.12
CA VAL B 1059 29.45 18.96 -14.26
C VAL B 1059 28.44 17.93 -13.79
N MET B 1060 28.86 17.05 -12.87
CA MET B 1060 27.92 16.05 -12.35
C MET B 1060 26.80 16.70 -11.55
N LYS B 1061 27.09 17.80 -10.87
CA LYS B 1061 26.05 18.54 -10.17
C LYS B 1061 25.02 19.08 -11.15
N GLU B 1062 25.48 19.65 -12.26
CA GLU B 1062 24.55 20.14 -13.27
C GLU B 1062 23.71 18.99 -13.83
N ASN B 1063 24.34 17.84 -14.08
CA ASN B 1063 23.60 16.69 -14.57
C ASN B 1063 22.54 16.23 -13.55
N TYR B 1064 22.91 16.23 -12.27
CA TYR B 1064 21.96 15.84 -11.23
C TYR B 1064 20.78 16.80 -11.16
N LEU B 1065 21.06 18.10 -11.27
CA LEU B 1065 19.98 19.09 -11.28
C LEU B 1065 19.07 18.89 -12.47
N VAL B 1066 19.65 18.61 -13.64
CA VAL B 1066 18.83 18.35 -14.83
C VAL B 1066 17.97 17.11 -14.63
N LYS B 1067 18.54 16.07 -14.01
CA LYS B 1067 17.76 14.86 -13.75
C LYS B 1067 16.61 15.14 -12.80
N ILE B 1068 16.86 15.95 -11.77
CA ILE B 1068 15.78 16.32 -10.84
C ILE B 1068 14.69 17.08 -11.58
N ASN B 1069 15.09 18.01 -12.45
CA ASN B 1069 14.11 18.77 -13.22
C ASN B 1069 13.28 17.86 -14.11
N THR B 1070 13.93 16.88 -14.75
CA THR B 1070 13.19 15.94 -15.59
C THR B 1070 12.22 15.10 -14.76
N LYS B 1071 12.66 14.66 -13.58
CA LYS B 1071 11.77 13.90 -12.72
C LYS B 1071 10.56 14.73 -12.31
N ALA B 1072 10.78 16.01 -11.98
CA ALA B 1072 9.67 16.89 -11.64
C ALA B 1072 8.74 17.10 -12.83
N ASN B 1073 9.29 17.30 -14.02
CA ASN B 1073 8.48 17.54 -15.22
C ASN B 1073 7.81 16.29 -15.76
N ASP B 1074 8.17 15.11 -15.26
CA ASP B 1074 7.53 13.88 -15.69
C ASP B 1074 6.04 13.82 -15.37
N ASN B 1075 5.47 14.87 -14.75
CA ASN B 1075 4.04 14.88 -14.47
C ASN B 1075 3.23 14.71 -15.75
N SER B 1076 3.68 15.32 -16.84
CA SER B 1076 3.01 15.19 -18.13
C SER B 1076 1.64 15.88 -18.13
N GLU B 1077 1.59 17.06 -17.54
CA GLU B 1077 0.37 17.86 -17.46
C GLU B 1077 0.25 18.86 -18.61
N GLU B 1078 1.15 18.79 -19.60
CA GLU B 1078 1.15 19.75 -20.70
C GLU B 1078 -0.05 19.59 -21.62
N MET B 1079 -0.82 18.51 -21.49
CA MET B 1079 -1.99 18.31 -22.35
C MET B 1079 -2.99 19.44 -22.17
N ARG B 1080 -3.20 19.88 -20.93
CA ARG B 1080 -4.11 20.99 -20.68
C ARG B 1080 -3.62 22.26 -21.34
N HIS B 1081 -2.31 22.52 -21.27
CA HIS B 1081 -1.76 23.71 -21.93
C HIS B 1081 -1.95 23.64 -23.43
N ARG B 1082 -1.71 22.46 -24.03
CA ARG B 1082 -1.91 22.31 -25.46
C ARG B 1082 -3.37 22.54 -25.84
N PHE B 1083 -4.30 22.01 -25.03
CA PHE B 1083 -5.72 22.21 -25.30
C PHE B 1083 -6.08 23.68 -25.21
N ARG B 1084 -5.54 24.38 -24.20
CA ARG B 1084 -5.81 25.81 -24.08
C ARG B 1084 -5.27 26.58 -25.27
N GLN B 1085 -4.08 26.23 -25.74
CA GLN B 1085 -3.52 26.89 -26.91
C GLN B 1085 -4.39 26.63 -28.14
N LEU B 1086 -4.86 25.40 -28.30
CA LEU B 1086 -5.74 25.10 -29.43
C LEU B 1086 -7.04 25.89 -29.34
N ASP B 1087 -7.60 26.01 -28.14
CA ASP B 1087 -8.82 26.79 -27.96
C ASP B 1087 -8.59 28.25 -28.30
N SER B 1088 -7.46 28.81 -27.87
CA SER B 1088 -7.15 30.20 -28.21
C SER B 1088 -6.99 30.38 -29.71
N LYS B 1089 -6.33 29.42 -30.37
CA LYS B 1089 -6.20 29.49 -31.83
C LYS B 1089 -7.56 29.44 -32.51
N LEU B 1090 -8.44 28.56 -32.02
CA LEU B 1090 -9.79 28.47 -32.58
C LEU B 1090 -10.55 29.79 -32.38
N ASN B 1091 -10.42 30.40 -31.20
CA ASN B 1091 -11.07 31.68 -30.96
C ASN B 1091 -10.53 32.76 -31.91
N ASP B 1092 -9.22 32.77 -32.13
CA ASP B 1092 -8.64 33.73 -33.06
C ASP B 1092 -9.16 33.50 -34.48
N LEU B 1093 -9.27 32.23 -34.89
CA LEU B 1093 -9.81 31.92 -36.21
C LEU B 1093 -11.26 32.37 -36.32
N LYS B 1094 -12.05 32.17 -35.27
CA LYS B 1094 -13.44 32.61 -35.28
C LYS B 1094 -13.53 34.12 -35.39
N SER B 1095 -12.67 34.84 -34.66
CA SER B 1095 -12.67 36.30 -34.76
C SER B 1095 -12.28 36.75 -36.17
N LEU B 1096 -11.29 36.09 -36.77
CA LEU B 1096 -10.91 36.43 -38.14
C LEU B 1096 -12.06 36.18 -39.11
N LEU B 1097 -12.77 35.06 -38.93
CA LEU B 1097 -13.91 34.77 -39.79
C LEU B 1097 -15.01 35.82 -39.62
N LYS B 1098 -15.27 36.23 -38.38
CA LYS B 1098 -16.26 37.28 -38.15
C LYS B 1098 -15.84 38.59 -38.80
N GLU B 1099 -14.56 38.94 -38.72
CA GLU B 1099 -14.07 40.14 -39.37
C GLU B 1099 -14.23 40.05 -40.88
N ILE B 1100 -13.93 38.89 -41.46
CA ILE B 1100 -14.09 38.71 -42.89
C ILE B 1100 -15.56 38.85 -43.29
N ALA B 1101 -16.46 38.25 -42.50
CA ALA B 1101 -17.88 38.37 -42.78
C ALA B 1101 -18.35 39.83 -42.72
N ASN B 1102 -17.87 40.56 -41.71
CA ASN B 1102 -18.22 41.97 -41.60
C ASN B 1102 -17.71 42.76 -42.80
N ASN B 1103 -16.49 42.46 -43.24
CA ASN B 1103 -15.93 43.14 -44.41
C ASN B 1103 -16.76 42.83 -45.65
N ILE B 1104 -17.22 41.59 -45.80
CA ILE B 1104 -18.02 41.22 -46.97
C ILE B 1104 -19.29 42.05 -47.02
N LYS B 1105 -19.96 42.20 -45.88
CA LYS B 1105 -21.19 42.98 -45.81
C LYS B 1105 -20.91 44.38 -45.27
N ASP C 41 57.36 24.15 -40.24
CA ASP C 41 56.75 23.45 -41.37
C ASP C 41 55.44 24.12 -41.77
N LEU C 42 54.39 23.87 -40.99
CA LEU C 42 53.09 24.47 -41.27
C LEU C 42 53.16 25.99 -41.17
N VAL C 43 53.89 26.51 -40.18
CA VAL C 43 54.02 27.95 -40.03
C VAL C 43 54.67 28.56 -41.26
N ASN C 44 55.68 27.89 -41.82
CA ASN C 44 56.33 28.40 -43.01
C ASN C 44 55.35 28.51 -44.17
N PHE C 45 54.51 27.50 -44.36
CA PHE C 45 53.48 27.57 -45.40
C PHE C 45 52.50 28.70 -45.12
N ILE C 46 52.10 28.87 -43.86
CA ILE C 46 51.16 29.94 -43.50
C ILE C 46 51.75 31.30 -43.84
N GLN C 47 53.06 31.46 -43.64
CA GLN C 47 53.71 32.73 -43.94
C GLN C 47 53.36 33.21 -45.35
N ALA C 48 53.50 32.33 -46.32
CA ALA C 48 53.18 32.69 -47.70
C ALA C 48 51.67 32.69 -47.95
N ASN C 49 50.94 31.76 -47.32
CA ASN C 49 49.51 31.63 -47.61
C ASN C 49 48.74 32.87 -47.17
N PHE C 50 49.04 33.40 -45.98
CA PHE C 50 48.30 34.52 -45.42
C PHE C 50 49.17 35.76 -45.22
N ASP C 102 51.91 36.16 -43.64
CA ASP C 102 52.39 36.27 -42.27
C ASP C 102 51.34 36.87 -41.36
N ALA C 103 51.77 37.37 -40.20
CA ALA C 103 50.88 38.02 -39.24
C ALA C 103 49.80 37.05 -38.72
N PHE C 104 50.28 35.94 -38.17
CA PHE C 104 49.42 34.95 -37.53
C PHE C 104 49.90 34.70 -36.11
N GLY C 105 48.94 34.58 -35.19
CA GLY C 105 49.27 34.37 -33.79
C GLY C 105 48.59 33.15 -33.19
N ASP C 106 49.40 32.18 -32.75
CA ASP C 106 48.89 31.00 -32.07
C ASP C 106 48.99 31.20 -30.57
N ILE C 107 47.87 30.99 -29.87
CA ILE C 107 47.80 31.23 -28.44
C ILE C 107 47.31 29.95 -27.77
N GLN C 108 47.98 29.56 -26.69
CA GLN C 108 47.59 28.40 -25.89
C GLN C 108 47.58 28.79 -24.42
N PHE C 109 46.52 28.42 -23.72
CA PHE C 109 46.35 28.78 -22.31
C PHE C 109 46.25 27.53 -21.44
N GLY C 116 43.67 26.22 -29.00
CA GLY C 116 43.45 27.65 -28.96
C GLY C 116 44.13 28.38 -30.11
N LYS C 117 44.32 27.68 -31.22
CA LYS C 117 45.00 28.27 -32.37
C LYS C 117 44.22 29.48 -32.88
N TYR C 118 44.96 30.50 -33.32
CA TYR C 118 44.38 31.72 -33.85
C TYR C 118 45.07 32.09 -35.16
N LEU C 119 44.35 32.86 -35.98
CA LEU C 119 44.85 33.23 -37.29
C LEU C 119 44.31 34.60 -37.67
N ARG C 120 44.98 35.23 -38.63
CA ARG C 120 44.54 36.48 -39.22
C ARG C 120 43.97 36.19 -40.61
N LEU C 121 42.73 36.61 -40.84
CA LEU C 121 42.01 36.29 -42.07
C LEU C 121 41.85 37.54 -42.92
N SER C 122 41.95 37.36 -44.24
CA SER C 122 41.74 38.42 -45.21
C SER C 122 40.55 38.08 -46.10
N CYS C 123 39.85 39.13 -46.53
CA CYS C 123 38.66 38.92 -47.36
C CYS C 123 39.03 38.22 -48.66
N ASP C 124 40.14 38.62 -49.27
CA ASP C 124 40.56 38.02 -50.54
C ASP C 124 41.00 36.57 -50.36
N THR C 125 41.20 36.12 -49.13
CA THR C 125 41.65 34.74 -48.91
C THR C 125 40.65 33.76 -49.49
N ASP C 126 41.16 32.76 -50.22
CA ASP C 126 40.31 31.76 -50.83
C ASP C 126 39.90 30.71 -49.79
N SER C 127 38.61 30.36 -49.82
CA SER C 127 38.11 29.36 -48.87
C SER C 127 38.70 27.99 -49.14
N GLU C 128 38.95 27.65 -50.41
CA GLU C 128 39.46 26.33 -50.74
C GLU C 128 40.82 26.09 -50.08
N THR C 129 41.75 27.02 -50.24
CA THR C 129 43.08 26.86 -49.65
C THR C 129 42.99 26.83 -48.13
N LEU C 130 42.15 27.68 -47.55
CA LEU C 130 41.99 27.69 -46.10
C LEU C 130 41.52 26.33 -45.59
N TYR C 131 40.48 25.78 -46.21
CA TYR C 131 39.97 24.48 -45.79
C TYR C 131 41.01 23.38 -46.00
N GLU C 132 41.72 23.44 -47.13
CA GLU C 132 42.74 22.42 -47.40
C GLU C 132 43.82 22.44 -46.32
N LEU C 133 44.32 23.63 -45.99
CA LEU C 133 45.35 23.73 -44.95
C LEU C 133 44.81 23.28 -43.60
N LEU C 134 43.59 23.71 -43.26
CA LEU C 134 43.02 23.35 -41.96
C LEU C 134 42.90 21.84 -41.82
N THR C 135 42.44 21.17 -42.88
CA THR C 135 42.39 19.71 -42.85
C THR C 135 43.78 19.11 -42.83
N GLN C 136 44.76 19.77 -43.48
CA GLN C 136 46.10 19.21 -43.57
C GLN C 136 46.78 19.18 -42.19
N HIS C 137 46.70 20.27 -41.44
CA HIS C 137 47.46 20.38 -40.19
C HIS C 137 46.60 20.40 -38.94
N TRP C 138 45.51 21.18 -38.91
CA TRP C 138 44.81 21.40 -37.66
C TRP C 138 43.87 20.23 -37.31
N HIS C 139 42.87 19.98 -38.15
CA HIS C 139 41.79 19.07 -37.82
C HIS C 139 41.56 18.09 -38.96
N LEU C 140 40.60 17.19 -38.73
CA LEU C 140 40.22 16.16 -39.70
C LEU C 140 38.92 16.55 -40.40
N LYS C 141 38.67 15.89 -41.53
CA LYS C 141 37.43 16.15 -42.27
C LYS C 141 36.23 15.91 -41.37
N THR C 142 35.26 16.83 -41.47
CA THR C 142 34.10 16.82 -40.58
C THR C 142 32.91 16.15 -41.26
N PRO C 143 32.28 15.16 -40.64
CA PRO C 143 31.07 14.58 -41.24
C PRO C 143 29.89 15.53 -41.30
N ASN C 144 29.91 16.61 -40.51
CA ASN C 144 28.80 17.56 -40.49
C ASN C 144 29.30 18.89 -39.95
N LEU C 145 28.57 19.96 -40.30
CA LEU C 145 28.89 21.31 -39.86
C LEU C 145 27.61 21.96 -39.36
N VAL C 146 27.56 22.28 -38.08
CA VAL C 146 26.40 22.92 -37.46
C VAL C 146 26.80 24.34 -37.11
N ILE C 147 26.46 25.28 -37.98
CA ILE C 147 26.77 26.69 -37.73
C ILE C 147 25.68 27.30 -36.86
N SER C 148 26.06 28.29 -36.06
CA SER C 148 25.14 28.98 -35.18
C SER C 148 25.14 30.48 -35.50
N VAL C 149 23.96 31.07 -35.56
CA VAL C 149 23.79 32.48 -35.87
C VAL C 149 23.18 33.16 -34.65
N THR C 150 23.89 34.14 -34.11
CA THR C 150 23.43 34.89 -32.95
C THR C 150 23.74 36.36 -33.14
N GLY C 151 22.91 37.22 -32.54
CA GLY C 151 23.15 38.64 -32.65
C GLY C 151 24.49 39.04 -32.07
N GLY C 152 25.20 39.91 -32.79
CA GLY C 152 26.49 40.38 -32.33
C GLY C 152 26.42 41.15 -31.02
N ALA C 153 25.26 41.66 -30.66
CA ALA C 153 25.11 42.39 -29.42
C ALA C 153 25.39 41.48 -28.23
N LYS C 154 26.09 42.03 -27.23
CA LYS C 154 26.44 41.24 -26.05
C LYS C 154 25.22 40.81 -25.27
N ASN C 155 24.19 41.65 -25.21
CA ASN C 155 23.00 41.35 -24.42
C ASN C 155 22.36 40.05 -24.90
N PHE C 156 22.03 39.18 -23.94
CA PHE C 156 21.39 37.91 -24.26
C PHE C 156 20.68 37.40 -23.01
N ALA C 157 19.73 36.49 -23.23
CA ALA C 157 18.95 35.89 -22.16
C ALA C 157 19.02 34.37 -22.30
N LEU C 158 19.31 33.68 -21.20
CA LEU C 158 19.44 32.23 -21.20
C LEU C 158 18.20 31.61 -20.56
N LYS C 159 17.22 31.22 -21.40
CA LYS C 159 16.03 30.55 -20.89
C LYS C 159 16.32 29.07 -20.66
N PRO C 160 15.63 28.43 -19.71
CA PRO C 160 15.90 27.00 -19.46
C PRO C 160 15.70 26.14 -20.70
N ARG C 161 14.66 26.39 -21.47
CA ARG C 161 14.43 25.60 -22.68
C ARG C 161 15.55 25.81 -23.69
N MET C 162 15.99 27.06 -23.86
CA MET C 162 17.10 27.33 -24.77
C MET C 162 18.37 26.63 -24.28
N ARG C 163 18.64 26.67 -22.98
CA ARG C 163 19.82 26.01 -22.43
C ARG C 163 19.78 24.52 -22.71
N LYS C 164 18.64 23.88 -22.45
CA LYS C 164 18.51 22.45 -22.69
C LYS C 164 18.67 22.12 -24.17
N ILE C 165 18.06 22.93 -25.04
CA ILE C 165 18.13 22.69 -26.47
C ILE C 165 19.58 22.77 -26.95
N PHE C 166 20.31 23.78 -26.50
CA PHE C 166 21.69 23.92 -26.94
C PHE C 166 22.59 22.86 -26.33
N SER C 167 22.30 22.40 -25.11
CA SER C 167 23.04 21.27 -24.56
C SER C 167 22.83 20.02 -25.40
N ARG C 168 21.58 19.76 -25.81
CA ARG C 168 21.31 18.63 -26.68
C ARG C 168 22.02 18.79 -28.02
N LEU C 169 22.06 20.02 -28.54
CA LEU C 169 22.76 20.27 -29.80
C LEU C 169 24.24 19.94 -29.66
N ILE C 170 24.87 20.36 -28.56
CA ILE C 170 26.29 20.07 -28.36
C ILE C 170 26.50 18.57 -28.24
N TYR C 171 25.61 17.88 -27.52
CA TYR C 171 25.73 16.43 -27.40
C TYR C 171 25.65 15.76 -28.75
N ILE C 172 24.70 16.19 -29.59
CA ILE C 172 24.55 15.61 -30.93
C ILE C 172 25.80 15.88 -31.75
N ALA C 173 26.33 17.10 -31.68
CA ALA C 173 27.52 17.43 -32.45
C ALA C 173 28.70 16.56 -32.02
N GLN C 174 28.86 16.35 -30.70
CA GLN C 174 29.93 15.49 -30.22
C GLN C 174 29.73 14.05 -30.71
N SER C 175 28.50 13.55 -30.65
CA SER C 175 28.24 12.18 -31.09
C SER C 175 28.56 12.02 -32.57
N LYS C 176 28.16 12.99 -33.39
CA LYS C 176 28.44 12.94 -34.82
C LYS C 176 29.79 13.52 -35.18
N GLY C 177 30.47 14.17 -34.24
CA GLY C 177 31.74 14.79 -34.54
C GLY C 177 31.65 15.94 -35.53
N ALA C 178 30.62 16.78 -35.41
CA ALA C 178 30.39 17.84 -36.37
C ALA C 178 31.13 19.11 -35.98
N TRP C 179 31.53 19.88 -36.99
CA TRP C 179 32.12 21.18 -36.76
C TRP C 179 31.04 22.18 -36.34
N ILE C 180 31.46 23.22 -35.62
CA ILE C 180 30.57 24.28 -35.16
C ILE C 180 31.19 25.61 -35.56
N LEU C 181 30.41 26.45 -36.23
CA LEU C 181 30.84 27.78 -36.65
C LEU C 181 30.02 28.81 -35.89
N THR C 182 30.70 29.78 -35.28
CA THR C 182 30.05 30.76 -34.43
C THR C 182 30.84 32.06 -34.46
N GLY C 183 30.18 33.14 -34.04
CA GLY C 183 30.86 34.43 -34.00
C GLY C 183 32.03 34.43 -33.04
N GLY C 184 31.83 33.89 -31.84
CA GLY C 184 32.90 33.79 -30.87
C GLY C 184 33.36 35.13 -30.33
N THR C 185 32.49 35.81 -29.58
CA THR C 185 32.82 37.09 -28.96
C THR C 185 32.67 37.06 -27.45
N HIS C 186 32.39 35.91 -26.86
CA HIS C 186 32.36 35.74 -25.41
C HIS C 186 31.22 36.56 -24.79
N TYR C 187 30.00 36.33 -25.29
CA TYR C 187 28.83 37.00 -24.76
C TYR C 187 27.60 36.13 -24.93
N GLY C 188 26.88 35.91 -23.83
CA GLY C 188 25.58 35.26 -23.90
C GLY C 188 25.67 33.85 -24.47
N LEU C 189 25.03 33.67 -25.63
CA LEU C 189 24.92 32.32 -26.20
C LEU C 189 26.29 31.75 -26.51
N MET C 190 27.21 32.57 -27.02
CA MET C 190 28.55 32.07 -27.32
C MET C 190 29.25 31.60 -26.05
N LYS C 191 29.15 32.37 -24.97
CA LYS C 191 29.75 31.95 -23.71
C LYS C 191 29.13 30.66 -23.20
N TYR C 192 27.81 30.54 -23.31
CA TYR C 192 27.14 29.31 -22.89
C TYR C 192 27.60 28.12 -23.73
N ILE C 193 27.77 28.31 -25.04
CA ILE C 193 28.24 27.24 -25.89
C ILE C 193 29.65 26.82 -25.48
N GLY C 194 30.52 27.80 -25.20
CA GLY C 194 31.86 27.47 -24.73
C GLY C 194 31.84 26.69 -23.43
N GLU C 195 31.01 27.11 -22.48
CA GLU C 195 30.91 26.40 -21.21
C GLU C 195 30.41 24.98 -21.41
N VAL C 196 29.40 24.81 -22.28
CA VAL C 196 28.87 23.48 -22.54
C VAL C 196 29.93 22.59 -23.19
N VAL C 197 30.70 23.15 -24.12
CA VAL C 197 31.76 22.38 -24.74
C VAL C 197 32.79 21.95 -23.71
N ARG C 198 33.15 22.87 -22.80
CA ARG C 198 34.10 22.53 -21.75
C ARG C 198 33.55 21.41 -20.87
N ASP C 199 32.27 21.51 -20.48
CA ASP C 199 31.68 20.49 -19.62
C ASP C 199 31.66 19.15 -20.33
N ASN C 200 31.31 19.13 -21.61
CA ASN C 200 31.27 17.87 -22.36
C ASN C 200 32.66 17.26 -22.49
N THR C 201 33.67 18.09 -22.79
CA THR C 201 35.01 17.54 -23.00
C THR C 201 35.65 17.09 -21.69
N ILE C 202 35.30 17.73 -20.56
CA ILE C 202 35.84 17.29 -19.28
C ILE C 202 35.35 15.88 -18.95
N SER C 203 34.07 15.61 -19.18
CA SER C 203 33.50 14.30 -18.92
C SER C 203 33.94 13.29 -19.98
N GLU C 208 36.09 12.01 -30.60
CA GLU C 208 36.21 12.16 -29.15
C GLU C 208 36.47 13.61 -28.76
N ASN C 209 36.51 14.49 -29.75
CA ASN C 209 36.74 15.91 -29.53
C ASN C 209 35.73 16.71 -30.34
N ILE C 210 35.49 17.94 -29.88
CA ILE C 210 34.51 18.84 -30.49
C ILE C 210 35.24 20.03 -31.08
N VAL C 211 34.93 20.34 -32.33
CA VAL C 211 35.52 21.50 -33.02
C VAL C 211 34.57 22.68 -32.86
N ALA C 212 35.09 23.79 -32.36
CA ALA C 212 34.31 25.00 -32.10
C ALA C 212 34.94 26.20 -32.78
N ILE C 213 35.23 26.05 -34.08
CA ILE C 213 35.80 27.15 -34.84
C ILE C 213 34.89 28.36 -34.76
N GLY C 214 35.46 29.51 -34.39
CA GLY C 214 34.69 30.73 -34.28
C GLY C 214 35.28 31.87 -35.08
N ILE C 215 34.54 32.35 -36.07
CA ILE C 215 34.99 33.44 -36.93
C ILE C 215 34.50 34.76 -36.34
N ALA C 216 35.42 35.70 -36.17
CA ALA C 216 35.08 37.03 -35.65
C ALA C 216 35.82 38.08 -36.46
N ALA C 217 35.56 39.35 -36.13
CA ALA C 217 36.14 40.47 -36.85
C ALA C 217 37.39 40.97 -36.13
N TRP C 218 38.45 41.20 -36.90
CA TRP C 218 39.70 41.71 -36.32
C TRP C 218 39.49 43.09 -35.71
N GLY C 219 38.76 43.96 -36.40
CA GLY C 219 38.57 45.31 -35.91
C GLY C 219 37.74 45.36 -34.63
N MET C 220 36.75 44.49 -34.51
CA MET C 220 35.83 44.55 -33.37
C MET C 220 36.53 44.31 -32.05
N VAL C 221 37.66 43.61 -32.05
CA VAL C 221 38.39 43.30 -30.82
C VAL C 221 39.52 44.31 -30.68
N SER C 222 39.64 44.91 -29.49
CA SER C 222 40.59 46.00 -29.30
C SER C 222 41.98 45.48 -28.98
N ASN C 223 42.10 44.60 -28.00
CA ASN C 223 43.40 44.14 -27.54
C ASN C 223 44.19 43.49 -28.67
N ARG C 224 45.46 43.83 -28.78
CA ARG C 224 46.37 43.27 -29.77
C ARG C 224 47.52 42.57 -29.05
N ASP C 225 47.77 41.31 -29.42
CA ASP C 225 48.79 40.48 -28.79
C ASP C 225 49.61 39.80 -29.89
N THR C 226 50.02 40.58 -30.88
CA THR C 226 50.76 40.03 -32.00
C THR C 226 52.01 39.29 -31.51
N LEU C 227 52.43 38.29 -32.29
CA LEU C 227 53.59 37.50 -31.93
C LEU C 227 54.83 38.39 -31.81
N PHE C 237 56.77 34.29 -30.18
CA PHE C 237 56.13 33.36 -31.11
C PHE C 237 54.67 33.17 -30.77
N SER C 238 54.41 32.36 -29.73
CA SER C 238 53.04 32.08 -29.29
C SER C 238 52.64 33.09 -28.22
N ALA C 239 52.43 34.32 -28.67
CA ALA C 239 52.03 35.38 -27.76
C ALA C 239 50.68 35.07 -27.13
N GLN C 240 50.60 35.22 -25.81
CA GLN C 240 49.39 34.94 -25.05
C GLN C 240 49.06 36.12 -24.15
N TYR C 241 47.80 36.57 -24.21
CA TYR C 241 47.35 37.70 -23.42
C TYR C 241 45.97 37.39 -22.85
N ILE C 242 45.62 38.08 -21.77
CA ILE C 242 44.35 37.88 -21.08
C ILE C 242 43.68 39.23 -20.90
N MET C 243 42.36 39.19 -20.70
CA MET C 243 41.58 40.40 -20.48
C MET C 243 40.17 40.05 -20.04
N ILE C 253 36.97 41.89 -27.90
CA ILE C 253 36.60 40.84 -26.95
C ILE C 253 36.71 39.49 -27.62
N LEU C 254 37.10 38.47 -26.86
CA LEU C 254 37.30 37.14 -27.38
C LEU C 254 36.91 36.11 -26.32
N ASP C 255 36.61 34.90 -26.77
CA ASP C 255 36.21 33.81 -25.90
C ASP C 255 37.40 32.91 -25.59
N ASN C 256 37.34 32.27 -24.42
CA ASN C 256 38.44 31.44 -23.94
C ASN C 256 38.21 29.95 -24.13
N ASN C 257 36.95 29.50 -24.19
CA ASN C 257 36.66 28.08 -24.30
C ASN C 257 36.68 27.56 -25.74
N HIS C 258 36.54 28.44 -26.73
CA HIS C 258 36.62 28.01 -28.11
C HIS C 258 38.04 27.55 -28.44
N THR C 259 38.13 26.61 -29.39
CA THR C 259 39.39 25.94 -29.68
C THR C 259 40.14 26.52 -30.86
N HIS C 260 39.45 26.98 -31.89
CA HIS C 260 40.08 27.44 -33.14
C HIS C 260 39.49 28.77 -33.57
N LEU C 261 39.44 29.73 -32.65
CA LEU C 261 38.96 31.06 -32.99
C LEU C 261 39.88 31.71 -34.02
N LEU C 262 39.28 32.42 -34.97
CA LEU C 262 40.04 33.14 -35.98
C LEU C 262 39.36 34.48 -36.28
N LEU C 263 40.18 35.46 -36.64
CA LEU C 263 39.72 36.81 -36.90
C LEU C 263 39.95 37.17 -38.36
N VAL C 264 39.05 37.98 -38.91
CA VAL C 264 39.17 38.45 -40.28
C VAL C 264 39.14 39.97 -40.29
N ALA C 276 31.18 38.01 -42.42
CA ALA C 276 29.91 37.45 -42.86
C ALA C 276 30.07 36.75 -44.20
N LYS C 277 30.63 37.47 -45.18
CA LYS C 277 30.82 36.89 -46.51
C LYS C 277 31.77 35.71 -46.46
N LEU C 278 32.84 35.83 -45.67
CA LEU C 278 33.83 34.75 -45.61
C LEU C 278 33.21 33.46 -45.09
N ARG C 279 32.38 33.56 -44.05
CA ARG C 279 31.77 32.36 -43.49
C ARG C 279 30.82 31.71 -44.49
N ASN C 280 30.03 32.52 -45.20
CA ASN C 280 29.13 31.97 -46.21
C ASN C 280 29.90 31.30 -47.34
N GLN C 281 31.00 31.93 -47.78
CA GLN C 281 31.82 31.34 -48.83
C GLN C 281 32.38 30.00 -48.38
N LEU C 282 32.90 29.95 -47.15
CA LEU C 282 33.46 28.70 -46.62
C LEU C 282 32.38 27.62 -46.54
N GLU C 283 31.19 28.00 -46.06
CA GLU C 283 30.10 27.04 -45.94
C GLU C 283 29.72 26.46 -47.29
N LYS C 284 29.56 27.32 -48.30
CA LYS C 284 29.18 26.84 -49.62
C LYS C 284 30.28 25.97 -50.22
N TYR C 285 31.54 26.34 -50.03
CA TYR C 285 32.63 25.52 -50.54
C TYR C 285 32.62 24.14 -49.89
N ILE C 286 32.44 24.09 -48.57
CA ILE C 286 32.42 22.81 -47.88
C ILE C 286 31.24 21.97 -48.34
N SER C 287 30.08 22.61 -48.54
CA SER C 287 28.93 21.88 -49.05
C SER C 287 29.21 21.28 -50.42
N GLU C 288 29.85 22.05 -51.29
CA GLU C 288 30.19 21.55 -52.62
C GLU C 288 31.20 20.40 -52.54
N ARG C 289 32.08 20.41 -51.55
CA ARG C 289 33.10 19.38 -51.44
C ARG C 289 32.47 18.00 -51.28
N THR C 290 32.99 17.04 -52.04
CA THR C 290 32.49 15.67 -51.98
C THR C 290 32.99 14.99 -50.72
N SER C 291 32.14 14.14 -50.14
CA SER C 291 32.45 13.38 -48.93
C SER C 291 32.25 11.91 -49.21
N GLN C 292 33.21 11.09 -48.82
CA GLN C 292 33.17 9.65 -49.04
C GLN C 292 32.40 8.91 -47.95
N ASP C 293 31.93 9.60 -46.92
CA ASP C 293 31.17 8.99 -45.84
C ASP C 293 29.99 9.90 -45.49
N SER C 294 29.20 9.46 -44.52
CA SER C 294 28.02 10.18 -44.04
C SER C 294 26.84 10.12 -45.00
N ASN C 295 26.98 9.40 -46.11
CA ASN C 295 25.90 9.23 -47.10
C ASN C 295 25.47 10.63 -47.54
N TYR C 296 24.17 10.93 -47.61
CA TYR C 296 23.68 12.24 -48.02
C TYR C 296 24.17 12.59 -49.43
N GLY C 297 24.25 11.58 -50.29
CA GLY C 297 24.64 11.80 -51.67
C GLY C 297 26.01 12.42 -51.83
N GLY C 298 26.98 11.97 -51.03
CA GLY C 298 28.33 12.51 -51.13
C GLY C 298 28.45 13.97 -50.79
N LYS C 299 27.45 14.55 -50.13
CA LYS C 299 27.47 15.94 -49.72
C LYS C 299 27.33 16.02 -48.20
N ILE C 300 28.13 16.88 -47.59
CA ILE C 300 28.12 17.02 -46.13
C ILE C 300 26.84 17.74 -45.72
N PRO C 301 26.22 17.38 -44.59
CA PRO C 301 24.94 18.03 -44.22
C PRO C 301 25.04 19.54 -44.11
N ILE C 302 26.04 20.05 -43.37
CA ILE C 302 26.27 21.48 -43.18
C ILE C 302 24.96 22.21 -42.92
N VAL C 303 24.19 21.75 -41.95
CA VAL C 303 22.94 22.41 -41.60
C VAL C 303 23.23 23.78 -40.97
N CYS C 304 22.32 24.73 -41.19
CA CYS C 304 22.42 26.05 -40.58
C CYS C 304 21.42 26.17 -39.44
N PHE C 305 21.90 26.62 -38.28
CA PHE C 305 21.08 26.79 -37.09
C PHE C 305 21.08 28.27 -36.71
N ALA C 306 19.89 28.82 -36.48
CA ALA C 306 19.74 30.24 -36.15
C ALA C 306 18.69 30.36 -35.05
N GLN C 307 19.12 30.88 -33.90
CA GLN C 307 18.23 31.11 -32.76
C GLN C 307 18.46 32.50 -32.22
N GLY C 308 17.38 33.18 -31.84
CA GLY C 308 17.45 34.52 -31.32
C GLY C 308 16.99 35.57 -32.32
N GLY C 309 16.90 36.80 -31.85
CA GLY C 309 16.42 37.91 -32.65
C GLY C 309 17.52 38.88 -33.05
N GLY C 310 17.58 39.24 -34.33
CA GLY C 310 18.57 40.19 -34.79
C GLY C 310 18.44 40.46 -36.27
N ARG C 311 19.14 41.50 -36.73
CA ARG C 311 19.18 41.82 -38.15
C ARG C 311 20.24 40.99 -38.87
N GLU C 312 21.45 40.94 -38.31
CA GLU C 312 22.51 40.17 -38.94
C GLU C 312 22.15 38.69 -39.03
N THR C 313 21.40 38.16 -38.07
CA THR C 313 20.93 36.78 -38.19
C THR C 313 19.94 36.64 -39.34
N LEU C 314 19.10 37.66 -39.56
CA LEU C 314 18.24 37.64 -40.74
C LEU C 314 19.05 37.58 -42.03
N LYS C 315 20.09 38.43 -42.13
CA LYS C 315 20.91 38.43 -43.33
C LYS C 315 21.63 37.09 -43.50
N ALA C 316 22.12 36.51 -42.40
CA ALA C 316 22.80 35.22 -42.47
C ALA C 316 21.85 34.12 -42.92
N ILE C 317 20.63 34.10 -42.38
CA ILE C 317 19.65 33.10 -42.79
C ILE C 317 19.34 33.26 -44.27
N ASN C 318 19.13 34.50 -44.72
CA ASN C 318 18.80 34.72 -46.13
C ASN C 318 19.93 34.21 -47.02
N THR C 319 21.17 34.63 -46.75
CA THR C 319 22.28 34.22 -47.60
C THR C 319 22.50 32.71 -47.56
N SER C 320 22.28 32.08 -46.40
CA SER C 320 22.36 30.62 -46.33
C SER C 320 21.29 29.98 -47.20
N VAL C 321 20.08 30.54 -47.20
CA VAL C 321 19.01 30.00 -48.03
C VAL C 321 19.36 30.15 -49.51
N LYS C 322 20.04 31.25 -49.86
CA LYS C 322 20.44 31.44 -51.26
C LYS C 322 21.27 30.26 -51.74
N SER C 323 22.04 29.63 -50.85
CA SER C 323 22.86 28.48 -51.20
C SER C 323 22.12 27.16 -51.05
N LYS C 324 20.84 27.19 -50.69
CA LYS C 324 19.97 26.01 -50.55
C LYS C 324 20.28 25.23 -49.29
N ILE C 325 21.14 25.74 -48.41
CA ILE C 325 21.47 25.00 -47.18
C ILE C 325 20.24 24.98 -46.28
N PRO C 326 19.87 23.82 -45.71
CA PRO C 326 18.66 23.77 -44.88
C PRO C 326 18.90 24.41 -43.51
N CYS C 327 17.99 25.32 -43.14
CA CYS C 327 18.10 26.06 -41.89
C CYS C 327 16.96 25.66 -40.95
N VAL C 328 17.30 25.55 -39.66
CA VAL C 328 16.35 25.22 -38.61
C VAL C 328 16.29 26.38 -37.63
N VAL C 329 15.08 26.70 -37.17
CA VAL C 329 14.84 27.86 -36.32
C VAL C 329 14.01 27.42 -35.12
N VAL C 330 14.22 28.11 -33.99
CA VAL C 330 13.46 27.87 -32.77
C VAL C 330 12.65 29.13 -32.45
N GLU C 331 11.35 28.96 -32.26
CA GLU C 331 10.45 30.08 -32.02
C GLU C 331 10.21 30.35 -30.54
N GLY C 332 10.87 29.61 -29.65
CA GLY C 332 10.61 29.78 -28.23
C GLY C 332 11.00 31.16 -27.72
N SER C 333 12.18 31.63 -28.09
CA SER C 333 12.73 32.88 -27.55
C SER C 333 12.96 33.93 -28.61
N GLY C 334 13.65 33.60 -29.70
CA GLY C 334 14.05 34.59 -30.69
C GLY C 334 12.89 35.42 -31.21
N GLN C 335 13.02 36.75 -31.12
CA GLN C 335 11.94 37.63 -31.57
C GLN C 335 11.70 37.49 -33.06
N ILE C 336 12.76 37.64 -33.87
CA ILE C 336 12.60 37.47 -35.31
C ILE C 336 12.37 36.01 -35.64
N ALA C 337 13.01 35.10 -34.89
CA ALA C 337 12.74 33.68 -35.08
C ALA C 337 11.28 33.37 -34.82
N ASP C 338 10.72 33.94 -33.76
CA ASP C 338 9.30 33.72 -33.46
C ASP C 338 8.42 34.35 -34.54
N VAL C 339 8.82 35.52 -35.05
CA VAL C 339 8.08 36.15 -36.15
C VAL C 339 8.01 35.20 -37.34
N ILE C 340 9.17 34.67 -37.73
CA ILE C 340 9.22 33.77 -38.90
C ILE C 340 8.41 32.52 -38.63
N ALA C 341 8.52 31.96 -37.41
CA ALA C 341 7.77 30.76 -37.08
C ALA C 341 6.26 31.00 -37.16
N SER C 342 5.80 32.14 -36.65
CA SER C 342 4.38 32.47 -36.76
C SER C 342 3.99 32.73 -38.20
N LEU C 343 4.91 33.21 -39.02
CA LEU C 343 4.59 33.53 -40.41
C LEU C 343 4.17 32.28 -41.19
N VAL C 344 4.89 31.18 -41.01
CA VAL C 344 4.58 29.95 -41.74
C VAL C 344 3.31 29.33 -41.18
N THR C 351 1.09 38.51 -45.66
CA THR C 351 1.43 39.56 -46.61
C THR C 351 2.33 40.60 -45.96
N SER C 352 2.53 41.72 -46.66
CA SER C 352 3.38 42.79 -46.12
C SER C 352 2.79 43.33 -44.82
N SER C 353 1.47 43.55 -44.79
CA SER C 353 0.83 44.05 -43.57
C SER C 353 0.98 43.04 -42.43
N MET C 354 0.81 41.75 -42.72
CA MET C 354 0.96 40.74 -41.69
C MET C 354 2.39 40.71 -41.15
N VAL C 355 3.39 40.80 -42.04
CA VAL C 355 4.77 40.81 -41.60
C VAL C 355 5.06 42.03 -40.74
N LYS C 356 4.55 43.19 -41.17
CA LYS C 356 4.76 44.41 -40.39
C LYS C 356 4.14 44.29 -39.01
N GLU C 357 2.91 43.76 -38.93
CA GLU C 357 2.26 43.60 -37.64
C GLU C 357 3.03 42.63 -36.76
N LYS C 358 3.50 41.51 -37.33
CA LYS C 358 4.22 40.52 -36.54
C LYS C 358 5.52 41.11 -36.00
N LEU C 359 6.28 41.82 -36.85
CA LEU C 359 7.55 42.37 -36.38
C LEU C 359 7.33 43.51 -35.39
N VAL C 360 6.25 44.28 -35.55
CA VAL C 360 5.95 45.31 -34.55
C VAL C 360 5.60 44.67 -33.22
N ARG C 361 4.81 43.59 -33.24
CA ARG C 361 4.44 42.92 -32.00
C ARG C 361 5.67 42.32 -31.32
N PHE C 362 6.57 41.71 -32.10
CA PHE C 362 7.74 41.05 -31.53
C PHE C 362 8.96 41.95 -31.46
N LEU C 363 9.02 43.03 -32.24
CA LEU C 363 10.12 43.99 -32.20
C LEU C 363 9.56 45.40 -32.10
N PRO C 364 8.96 45.75 -30.96
CA PRO C 364 8.49 47.14 -30.81
C PRO C 364 9.61 48.15 -30.81
N ARG C 365 10.61 47.96 -29.94
CA ARG C 365 11.72 48.90 -29.87
C ARG C 365 12.51 48.91 -31.18
N THR C 366 12.78 47.74 -31.75
CA THR C 366 13.52 47.67 -33.00
C THR C 366 12.75 48.35 -34.13
N VAL C 367 11.44 48.11 -34.20
CA VAL C 367 10.63 48.70 -35.26
C VAL C 367 10.61 50.22 -35.10
N SER C 368 10.41 50.71 -33.88
CA SER C 368 10.35 52.14 -33.65
C SER C 368 11.69 52.81 -33.97
N ARG C 369 12.79 52.19 -33.54
CA ARG C 369 14.11 52.77 -33.81
C ARG C 369 14.54 52.57 -35.26
N LEU C 370 14.09 51.50 -35.90
CA LEU C 370 14.49 51.25 -37.27
C LEU C 370 13.99 52.37 -38.18
N PRO C 371 14.80 52.83 -39.14
CA PRO C 371 14.34 53.89 -40.03
C PRO C 371 13.37 53.35 -41.09
N GLU C 372 12.78 54.29 -41.82
CA GLU C 372 11.84 53.91 -42.87
C GLU C 372 12.51 53.07 -43.95
N GLU C 373 13.73 53.42 -44.33
CA GLU C 373 14.44 52.67 -45.37
C GLU C 373 14.69 51.24 -44.93
N GLU C 374 15.08 51.04 -43.68
CA GLU C 374 15.37 49.69 -43.20
C GLU C 374 14.14 48.81 -43.17
N ILE C 375 12.94 49.40 -43.03
CA ILE C 375 11.72 48.60 -42.99
C ILE C 375 11.53 47.85 -44.30
N GLU C 376 11.72 48.54 -45.43
CA GLU C 376 11.57 47.90 -46.73
C GLU C 376 12.59 46.79 -46.92
N SER C 377 13.84 47.04 -46.50
CA SER C 377 14.87 46.02 -46.62
C SER C 377 14.51 44.78 -45.80
N TRP C 378 14.08 44.99 -44.56
CA TRP C 378 13.69 43.85 -43.73
C TRP C 378 12.52 43.10 -44.35
N ILE C 379 11.53 43.82 -44.86
CA ILE C 379 10.36 43.17 -45.45
C ILE C 379 10.78 42.34 -46.65
N LYS C 380 11.64 42.89 -47.51
CA LYS C 380 12.07 42.13 -48.68
C LYS C 380 12.89 40.91 -48.29
N TRP C 381 13.82 41.06 -47.33
CA TRP C 381 14.61 39.91 -46.90
C TRP C 381 13.71 38.81 -46.36
N LEU C 382 12.76 39.16 -45.50
CA LEU C 382 11.88 38.15 -44.92
C LEU C 382 10.99 37.51 -45.97
N LYS C 383 10.47 38.31 -46.92
CA LYS C 383 9.65 37.76 -47.98
C LYS C 383 10.45 36.78 -48.84
N GLU C 384 11.69 37.14 -49.17
CA GLU C 384 12.55 36.22 -49.91
C GLU C 384 12.81 34.95 -49.11
N ILE C 385 12.97 35.08 -47.79
CA ILE C 385 13.17 33.91 -46.94
C ILE C 385 11.97 32.98 -47.03
N LEU C 386 10.76 33.56 -46.95
CA LEU C 386 9.55 32.74 -47.00
C LEU C 386 9.34 32.08 -48.37
N GLU C 387 10.06 32.52 -49.40
CA GLU C 387 9.91 31.89 -50.71
C GLU C 387 10.33 30.43 -50.67
N SER C 388 11.39 30.12 -49.92
CA SER C 388 11.87 28.75 -49.75
C SER C 388 11.32 28.22 -48.43
N SER C 389 10.06 27.78 -48.47
CA SER C 389 9.41 27.31 -47.25
C SER C 389 9.91 25.93 -46.84
N HIS C 390 10.19 25.06 -47.82
CA HIS C 390 10.54 23.68 -47.50
C HIS C 390 11.83 23.61 -46.70
N LEU C 391 12.84 24.38 -47.09
CA LEU C 391 14.12 24.33 -46.40
C LEU C 391 13.99 24.76 -44.94
N LEU C 392 13.23 25.83 -44.70
CA LEU C 392 13.12 26.40 -43.36
C LEU C 392 12.31 25.46 -42.47
N THR C 393 12.97 24.82 -41.52
CA THR C 393 12.31 23.99 -40.52
C THR C 393 12.22 24.76 -39.21
N VAL C 394 11.19 24.47 -38.43
CA VAL C 394 10.92 25.20 -37.18
C VAL C 394 10.69 24.21 -36.06
N ILE C 395 10.97 24.66 -34.84
CA ILE C 395 10.74 23.87 -33.63
C ILE C 395 9.47 24.41 -32.96
N LYS C 396 8.57 23.50 -32.61
CA LYS C 396 7.30 23.87 -31.99
C LYS C 396 7.46 24.00 -30.47
N MET C 397 6.67 24.92 -29.90
CA MET C 397 6.69 25.10 -28.46
C MET C 397 6.09 23.91 -27.72
N GLU C 398 5.12 23.22 -28.35
CA GLU C 398 4.49 22.09 -27.69
C GLU C 398 5.49 20.98 -27.41
N GLU C 399 6.40 20.74 -28.34
CA GLU C 399 7.39 19.67 -28.17
C GLU C 399 8.22 19.92 -26.92
N ALA C 400 8.29 18.92 -26.04
CA ALA C 400 9.06 19.01 -24.81
C ALA C 400 9.84 17.73 -24.52
N GLY C 401 9.87 16.78 -25.46
CA GLY C 401 10.57 15.54 -25.23
C GLY C 401 12.08 15.73 -25.28
N ASP C 402 12.79 14.69 -24.82
CA ASP C 402 14.24 14.74 -24.79
C ASP C 402 14.82 14.89 -26.19
N GLU C 403 14.28 14.14 -27.16
CA GLU C 403 14.80 14.14 -28.53
C GLU C 403 13.97 15.12 -29.35
N ILE C 404 14.45 16.37 -29.43
CA ILE C 404 13.81 17.42 -30.23
C ILE C 404 14.77 17.99 -31.26
N VAL C 405 16.00 18.31 -30.84
CA VAL C 405 16.97 18.89 -31.75
C VAL C 405 17.33 17.89 -32.85
N SER C 406 17.57 16.64 -32.47
CA SER C 406 17.93 15.62 -33.45
C SER C 406 16.81 15.44 -34.47
N ASN C 407 15.56 15.40 -34.01
CA ASN C 407 14.44 15.24 -34.93
C ASN C 407 14.37 16.38 -35.92
N ALA C 408 14.52 17.62 -35.43
CA ALA C 408 14.45 18.77 -36.32
C ALA C 408 15.56 18.76 -37.35
N ILE C 409 16.79 18.49 -36.91
CA ILE C 409 17.92 18.47 -37.84
C ILE C 409 17.75 17.37 -38.88
N SER C 410 17.35 16.17 -38.43
CA SER C 410 17.16 15.07 -39.35
C SER C 410 16.06 15.37 -40.36
N TYR C 411 14.95 15.96 -39.90
CA TYR C 411 13.86 16.29 -40.81
C TYR C 411 14.30 17.34 -41.82
N ALA C 412 15.04 18.35 -41.38
CA ALA C 412 15.52 19.38 -42.31
C ALA C 412 16.43 18.78 -43.37
N LEU C 413 17.36 17.92 -42.94
CA LEU C 413 18.28 17.29 -43.90
C LEU C 413 17.53 16.37 -44.86
N TYR C 414 16.53 15.65 -44.35
CA TYR C 414 15.74 14.78 -45.21
C TYR C 414 14.97 15.60 -46.24
N LYS C 415 14.38 16.72 -45.83
CA LYS C 415 13.70 17.60 -46.78
C LYS C 415 14.66 18.10 -47.84
N ALA C 416 15.85 18.55 -47.42
CA ALA C 416 16.82 19.08 -48.37
C ALA C 416 17.24 18.01 -49.37
N PHE C 417 17.49 16.79 -48.90
CA PHE C 417 17.95 15.72 -49.78
C PHE C 417 16.85 15.25 -50.71
N SER C 418 15.60 15.21 -50.23
CA SER C 418 14.50 14.71 -51.06
C SER C 418 14.07 15.74 -52.10
N THR C 419 13.99 17.01 -51.73
CA THR C 419 13.44 18.04 -52.61
C THR C 419 14.48 18.67 -53.52
N ASN C 420 15.76 18.29 -53.40
CA ASN C 420 16.79 18.89 -54.24
C ASN C 420 16.65 18.47 -55.69
N GLU C 421 15.99 17.35 -55.97
CA GLU C 421 15.79 16.78 -57.30
C GLU C 421 17.05 16.11 -57.84
N GLN C 422 18.18 16.19 -57.14
CA GLN C 422 19.42 15.56 -57.55
C GLN C 422 19.72 14.42 -56.60
N ASP C 423 19.73 13.19 -57.12
CA ASP C 423 19.93 12.00 -56.30
C ASP C 423 18.89 11.91 -55.19
N LYS C 424 17.67 12.36 -55.49
CA LYS C 424 16.57 12.34 -54.54
C LYS C 424 15.61 11.18 -54.77
N ASP C 425 15.41 10.78 -56.03
CA ASP C 425 14.54 9.65 -56.32
C ASP C 425 15.11 8.33 -55.84
N ASN C 426 16.39 8.29 -55.49
CA ASN C 426 17.01 7.04 -55.08
C ASN C 426 16.43 6.58 -53.74
N TRP C 427 15.91 5.34 -53.72
CA TRP C 427 15.30 4.80 -52.51
C TRP C 427 16.36 4.41 -51.49
N ASN C 428 17.44 3.76 -51.95
CA ASN C 428 18.44 3.23 -51.03
C ASN C 428 19.14 4.35 -50.26
N GLY C 429 19.57 5.39 -50.97
CA GLY C 429 20.26 6.48 -50.31
C GLY C 429 19.37 7.22 -49.33
N GLN C 430 18.11 7.42 -49.70
CA GLN C 430 17.16 8.08 -48.80
C GLN C 430 16.98 7.26 -47.53
N LEU C 431 16.82 5.94 -47.68
CA LEU C 431 16.68 5.09 -46.50
C LEU C 431 17.93 5.14 -45.63
N LYS C 432 19.11 5.12 -46.26
CA LYS C 432 20.35 5.19 -45.49
C LYS C 432 20.44 6.50 -44.72
N LEU C 433 20.09 7.61 -45.37
CA LEU C 433 20.13 8.90 -44.70
C LEU C 433 19.18 8.92 -43.51
N LEU C 434 17.97 8.40 -43.68
CA LEU C 434 17.03 8.36 -42.57
C LEU C 434 17.53 7.45 -41.46
N LEU C 435 18.26 6.37 -41.82
CA LEU C 435 18.76 5.46 -40.81
C LEU C 435 19.94 6.06 -40.05
N GLU C 436 20.68 6.98 -40.68
CA GLU C 436 21.81 7.60 -39.99
C GLU C 436 21.39 8.21 -38.67
N TRP C 437 20.14 8.69 -38.60
CA TRP C 437 19.54 9.19 -37.37
C TRP C 437 18.39 8.29 -36.97
N ASN C 438 18.12 8.21 -35.67
CA ASN C 438 17.09 7.30 -35.19
C ASN C 438 15.71 7.87 -35.49
N GLN C 439 15.22 7.68 -36.71
CA GLN C 439 13.92 8.17 -37.15
C GLN C 439 13.10 6.98 -37.64
N LEU C 440 12.16 6.53 -36.81
CA LEU C 440 11.33 5.37 -37.10
C LEU C 440 10.06 5.75 -37.86
N ASP C 441 9.24 6.62 -37.26
CA ASP C 441 7.97 6.98 -37.88
C ASP C 441 8.18 7.66 -39.23
N LEU C 442 9.18 8.54 -39.32
CA LEU C 442 9.45 9.22 -40.59
C LEU C 442 9.80 8.22 -41.68
N ALA C 443 10.67 7.25 -41.36
CA ALA C 443 11.04 6.23 -42.34
C ALA C 443 9.82 5.41 -42.74
N SER C 444 9.01 5.00 -41.77
CA SER C 444 7.83 4.20 -42.08
C SER C 444 6.88 4.96 -43.00
N ASP C 445 6.69 6.26 -42.74
CA ASP C 445 5.73 7.03 -43.51
C ASP C 445 6.25 7.33 -44.92
N GLU C 446 7.54 7.66 -45.04
CA GLU C 446 8.06 8.14 -46.32
C GLU C 446 8.52 6.99 -47.21
N ILE C 447 9.30 6.06 -46.66
CA ILE C 447 9.95 5.03 -47.46
C ILE C 447 9.01 3.86 -47.76
N PHE C 448 8.29 3.38 -46.74
CA PHE C 448 7.42 2.23 -46.89
C PHE C 448 5.95 2.63 -47.04
N THR C 449 5.69 3.75 -47.72
CA THR C 449 4.32 4.18 -47.94
C THR C 449 3.57 3.29 -48.93
N ASN C 450 4.26 2.39 -49.62
CA ASN C 450 3.74 1.45 -50.60
C ASN C 450 3.46 2.13 -51.93
N ASP C 451 3.68 3.44 -52.06
CA ASP C 451 3.48 4.10 -53.34
C ASP C 451 4.43 3.56 -54.40
N ARG C 452 5.69 3.35 -54.03
CA ARG C 452 6.71 2.82 -54.93
C ARG C 452 7.21 1.50 -54.35
N ARG C 453 7.22 0.46 -55.18
CA ARG C 453 7.66 -0.85 -54.72
C ARG C 453 9.16 -0.81 -54.42
N TRP C 454 9.52 -1.25 -53.21
CA TRP C 454 10.92 -1.24 -52.79
C TRP C 454 11.61 -2.59 -52.97
N GLU C 455 10.85 -3.68 -52.91
CA GLU C 455 11.40 -5.03 -53.05
C GLU C 455 12.13 -5.44 -51.77
N SER C 456 11.96 -6.70 -51.37
CA SER C 456 12.55 -7.17 -50.12
C SER C 456 14.05 -7.40 -50.23
N ALA C 457 14.52 -7.85 -51.39
CA ALA C 457 15.94 -8.20 -51.53
C ALA C 457 16.85 -6.99 -51.33
N ASP C 458 16.33 -5.79 -51.58
CA ASP C 458 17.16 -4.59 -51.46
C ASP C 458 17.52 -4.28 -50.02
N LEU C 459 16.71 -4.73 -49.06
CA LEU C 459 16.92 -4.38 -47.67
C LEU C 459 18.23 -4.92 -47.11
N GLN C 460 18.68 -6.08 -47.59
CA GLN C 460 19.81 -6.78 -47.00
C GLN C 460 20.93 -5.83 -46.56
N GLU C 461 21.49 -5.09 -47.53
CA GLU C 461 22.58 -4.19 -47.23
C GLU C 461 22.26 -3.33 -46.01
N VAL C 462 21.20 -2.52 -46.11
CA VAL C 462 20.87 -1.63 -45.01
C VAL C 462 20.58 -2.41 -43.75
N MET C 463 19.93 -3.57 -43.88
CA MET C 463 19.68 -4.41 -42.71
C MET C 463 20.97 -4.68 -41.96
N PHE C 464 22.03 -5.04 -42.68
CA PHE C 464 23.31 -5.30 -42.03
C PHE C 464 23.76 -4.09 -41.21
N THR C 465 23.65 -2.89 -41.79
CA THR C 465 24.04 -1.69 -41.07
C THR C 465 23.22 -1.53 -39.80
N ALA C 466 21.93 -1.87 -39.86
CA ALA C 466 21.09 -1.77 -38.67
C ALA C 466 21.60 -2.66 -37.56
N LEU C 467 22.24 -3.79 -37.90
CA LEU C 467 22.79 -4.66 -36.88
C LEU C 467 24.06 -4.09 -36.26
N ILE C 468 24.74 -3.20 -36.97
CA ILE C 468 25.98 -2.63 -36.46
C ILE C 468 25.75 -1.28 -35.76
N LYS C 469 24.75 -0.52 -36.20
CA LYS C 469 24.43 0.75 -35.56
C LYS C 469 23.68 0.58 -34.25
N ASP C 470 23.25 -0.64 -33.91
CA ASP C 470 22.53 -0.90 -32.66
C ASP C 470 21.21 -0.14 -32.63
N ARG C 471 20.37 -0.37 -33.64
CA ARG C 471 19.08 0.30 -33.79
C ARG C 471 18.00 -0.76 -34.00
N PRO C 472 17.50 -1.36 -32.92
CA PRO C 472 16.58 -2.49 -33.08
C PRO C 472 15.28 -2.16 -33.80
N LYS C 473 14.81 -0.92 -33.70
CA LYS C 473 13.52 -0.58 -34.30
C LYS C 473 13.57 -0.72 -35.82
N PHE C 474 14.67 -0.32 -36.45
CA PHE C 474 14.82 -0.54 -37.88
C PHE C 474 14.91 -2.02 -38.21
N VAL C 475 15.47 -2.83 -37.30
CA VAL C 475 15.45 -4.27 -37.49
C VAL C 475 14.01 -4.78 -37.50
N ARG C 476 13.19 -4.29 -36.59
CA ARG C 476 11.78 -4.65 -36.59
C ARG C 476 11.10 -4.22 -37.89
N LEU C 477 11.38 -3.01 -38.35
CA LEU C 477 10.81 -2.54 -39.61
C LEU C 477 11.17 -3.49 -40.75
N PHE C 478 12.46 -3.81 -40.88
CA PHE C 478 12.90 -4.65 -41.98
C PHE C 478 12.29 -6.05 -41.89
N LEU C 479 12.22 -6.62 -40.68
CA LEU C 479 11.62 -7.94 -40.53
C LEU C 479 10.14 -7.93 -40.89
N GLU C 480 9.41 -6.87 -40.49
CA GLU C 480 7.99 -6.80 -40.75
C GLU C 480 7.66 -6.42 -42.19
N ASN C 481 8.61 -5.84 -42.93
CA ASN C 481 8.36 -5.37 -44.28
C ASN C 481 8.88 -6.35 -45.34
N GLY C 482 8.79 -7.65 -45.07
CA GLY C 482 9.04 -8.66 -46.08
C GLY C 482 10.43 -9.26 -46.08
N LEU C 483 11.32 -8.82 -45.18
CA LEU C 483 12.65 -9.39 -45.13
C LEU C 483 12.60 -10.83 -44.64
N ASN C 484 13.37 -11.70 -45.29
CA ASN C 484 13.52 -13.09 -44.87
C ASN C 484 14.81 -13.18 -44.07
N LEU C 485 14.68 -13.24 -42.75
CA LEU C 485 15.87 -13.19 -41.89
C LEU C 485 16.79 -14.37 -42.16
N GLN C 486 16.22 -15.57 -42.30
CA GLN C 486 17.06 -16.75 -42.56
C GLN C 486 17.83 -16.60 -43.86
N LYS C 487 17.19 -16.07 -44.90
CA LYS C 487 17.90 -15.82 -46.15
C LYS C 487 19.02 -14.81 -45.95
N PHE C 488 18.78 -13.78 -45.13
CA PHE C 488 19.81 -12.78 -44.87
C PHE C 488 21.02 -13.39 -44.20
N LEU C 489 20.80 -14.29 -43.23
CA LEU C 489 21.89 -14.92 -42.50
C LEU C 489 22.54 -15.99 -43.38
N THR C 490 23.25 -15.52 -44.39
CA THR C 490 24.05 -16.39 -45.24
C THR C 490 25.35 -16.73 -44.54
N ASN C 491 26.05 -17.74 -45.08
CA ASN C 491 27.31 -18.16 -44.48
C ASN C 491 28.31 -17.02 -44.49
N GLU C 492 28.42 -16.31 -45.62
CA GLU C 492 29.37 -15.21 -45.70
C GLU C 492 28.99 -14.09 -44.74
N VAL C 493 27.69 -13.78 -44.66
CA VAL C 493 27.23 -12.69 -43.78
C VAL C 493 27.58 -13.01 -42.33
N LEU C 494 27.24 -14.22 -41.87
CA LEU C 494 27.54 -14.60 -40.50
C LEU C 494 29.04 -14.65 -40.27
N THR C 495 29.80 -15.17 -41.24
CA THR C 495 31.25 -15.23 -41.09
C THR C 495 31.83 -13.85 -40.87
N GLU C 496 31.46 -12.89 -41.73
CA GLU C 496 31.97 -11.53 -41.57
C GLU C 496 31.51 -10.92 -40.25
N LEU C 497 30.23 -11.10 -39.90
CA LEU C 497 29.69 -10.49 -38.70
C LEU C 497 30.43 -10.98 -37.46
N PHE C 498 30.71 -12.28 -37.39
CA PHE C 498 31.45 -12.82 -36.26
C PHE C 498 32.92 -12.48 -36.31
N SER C 499 33.50 -12.36 -37.50
CA SER C 499 34.93 -12.12 -37.61
C SER C 499 35.30 -10.70 -37.22
N THR C 500 34.58 -9.70 -37.76
CA THR C 500 34.99 -8.31 -37.60
C THR C 500 34.15 -7.54 -36.60
N HIS C 501 32.82 -7.66 -36.66
CA HIS C 501 31.97 -6.85 -35.79
C HIS C 501 31.92 -7.37 -34.37
N PHE C 502 32.43 -8.58 -34.11
CA PHE C 502 32.46 -9.10 -32.75
C PHE C 502 33.43 -8.28 -31.91
N SER C 503 32.92 -7.73 -30.81
CA SER C 503 33.74 -6.87 -29.96
C SER C 503 34.97 -7.61 -29.47
N THR C 504 36.13 -6.97 -29.58
CA THR C 504 37.37 -7.59 -29.14
C THR C 504 37.37 -7.85 -27.65
N LEU C 505 36.87 -6.89 -26.86
CA LEU C 505 36.79 -7.08 -25.41
C LEU C 505 35.87 -8.26 -25.08
N VAL C 506 34.71 -8.33 -25.73
CA VAL C 506 33.79 -9.43 -25.50
C VAL C 506 34.41 -10.74 -25.94
N TYR C 507 35.12 -10.74 -27.08
CA TYR C 507 35.78 -11.95 -27.54
C TYR C 507 36.79 -12.44 -26.51
N ARG C 508 37.63 -11.54 -25.99
CA ARG C 508 38.63 -11.93 -25.02
C ARG C 508 37.98 -12.45 -23.73
N ASN C 509 36.94 -11.76 -23.26
CA ASN C 509 36.26 -12.20 -22.05
C ASN C 509 35.64 -13.58 -22.23
N LEU C 510 34.99 -13.81 -23.37
CA LEU C 510 34.38 -15.11 -23.62
C LEU C 510 35.45 -16.19 -23.73
N GLN C 511 36.56 -15.90 -24.39
CA GLN C 511 37.65 -16.87 -24.48
C GLN C 511 38.18 -17.23 -23.10
N ILE C 512 38.39 -16.21 -22.26
CA ILE C 512 38.91 -16.46 -20.91
C ILE C 512 37.92 -17.30 -20.11
N ALA C 513 36.63 -16.95 -20.19
CA ALA C 513 35.62 -17.71 -19.44
C ALA C 513 35.56 -19.15 -19.91
N LYS C 514 35.60 -19.38 -21.22
CA LYS C 514 35.52 -20.74 -21.75
C LYS C 514 36.75 -21.54 -21.34
N ASN C 515 37.94 -20.94 -21.42
CA ASN C 515 39.15 -21.68 -21.10
C ASN C 515 39.30 -21.90 -19.60
N SER C 516 38.67 -21.05 -18.77
CA SER C 516 38.83 -21.12 -17.32
C SER C 516 37.73 -21.95 -16.67
N TYR C 517 36.47 -21.54 -16.86
CA TYR C 517 35.34 -22.19 -16.19
C TYR C 517 34.84 -23.38 -17.00
N ASN C 518 34.43 -23.14 -18.25
CA ASN C 518 33.92 -24.19 -19.12
C ASN C 518 32.60 -24.74 -18.59
N ASP C 519 31.82 -25.39 -19.46
CA ASP C 519 30.55 -25.98 -19.08
C ASP C 519 30.00 -26.68 -20.31
N ALA C 520 28.87 -27.37 -20.12
CA ALA C 520 28.24 -28.09 -21.23
C ALA C 520 27.79 -27.13 -22.32
N LEU C 521 27.42 -25.91 -21.96
CA LEU C 521 26.95 -24.93 -22.93
C LEU C 521 28.03 -23.95 -23.37
N LEU C 522 28.98 -23.61 -22.47
CA LEU C 522 30.03 -22.67 -22.84
C LEU C 522 30.88 -23.22 -23.98
N THR C 523 31.20 -24.51 -23.93
CA THR C 523 32.02 -25.10 -24.99
C THR C 523 31.32 -25.02 -26.34
N PHE C 524 30.01 -25.28 -26.36
CA PHE C 524 29.28 -25.27 -27.63
C PHE C 524 29.30 -23.87 -28.25
N VAL C 525 28.97 -22.84 -27.46
CA VAL C 525 28.94 -21.49 -28.00
C VAL C 525 30.34 -21.05 -28.42
N TRP C 526 31.35 -21.40 -27.62
CA TRP C 526 32.72 -21.05 -27.97
C TRP C 526 33.12 -21.69 -29.30
N LYS C 527 32.80 -22.98 -29.48
CA LYS C 527 33.15 -23.66 -30.72
C LYS C 527 32.41 -23.05 -31.90
N LEU C 528 31.13 -22.73 -31.72
CA LEU C 528 30.38 -22.10 -32.81
C LEU C 528 30.98 -20.76 -33.20
N VAL C 529 31.33 -19.94 -32.20
CA VAL C 529 31.94 -18.64 -32.47
C VAL C 529 33.27 -18.82 -33.20
N ALA C 530 34.09 -19.75 -32.73
CA ALA C 530 35.38 -19.97 -33.38
C ALA C 530 35.20 -20.44 -34.82
N ASN C 531 34.24 -21.33 -35.06
CA ASN C 531 33.98 -21.80 -36.42
C ASN C 531 33.55 -20.67 -37.33
N PHE C 532 32.61 -19.83 -36.86
CA PHE C 532 32.13 -18.75 -37.71
C PHE C 532 33.21 -17.71 -37.96
N ARG C 533 34.02 -17.39 -36.94
CA ARG C 533 35.09 -16.42 -37.14
C ARG C 533 36.12 -16.95 -38.13
N ARG C 534 36.47 -18.23 -38.03
CA ARG C 534 37.44 -18.83 -38.95
C ARG C 534 36.83 -19.05 -40.32
N THR C 558 21.45 -29.29 -38.74
CA THR C 558 20.90 -27.96 -38.60
C THR C 558 22.00 -26.93 -38.37
N ARG C 559 22.03 -25.89 -39.22
CA ARG C 559 23.06 -24.86 -39.09
C ARG C 559 22.77 -23.91 -37.93
N HIS C 560 21.50 -23.66 -37.64
CA HIS C 560 21.10 -22.80 -36.53
C HIS C 560 21.71 -21.41 -36.66
N PRO C 561 21.36 -20.66 -37.70
CA PRO C 561 21.88 -19.29 -37.80
C PRO C 561 21.19 -18.33 -36.84
N LEU C 562 19.89 -18.51 -36.60
CA LEU C 562 19.18 -17.63 -35.68
C LEU C 562 19.74 -17.75 -34.27
N GLN C 563 20.05 -18.97 -33.82
CA GLN C 563 20.65 -19.14 -32.51
C GLN C 563 22.01 -18.45 -32.44
N ALA C 564 22.80 -18.55 -33.50
CA ALA C 564 24.10 -17.89 -33.53
C ALA C 564 23.94 -16.38 -33.43
N LEU C 565 22.99 -15.81 -34.17
CA LEU C 565 22.75 -14.38 -34.10
C LEU C 565 22.28 -13.96 -32.71
N PHE C 566 21.40 -14.76 -32.10
CA PHE C 566 20.93 -14.45 -30.75
C PHE C 566 22.09 -14.45 -29.76
N ILE C 567 22.97 -15.45 -29.85
CA ILE C 567 24.13 -15.49 -28.96
C ILE C 567 25.03 -14.29 -29.21
N TRP C 568 25.27 -13.97 -30.47
CA TRP C 568 26.12 -12.83 -30.80
C TRP C 568 25.56 -11.54 -30.23
N ALA C 569 24.24 -11.34 -30.32
CA ALA C 569 23.64 -10.12 -29.82
C ALA C 569 23.58 -10.09 -28.30
N ILE C 570 23.44 -11.25 -27.66
CA ILE C 570 23.28 -11.26 -26.21
C ILE C 570 24.62 -11.14 -25.50
N LEU C 571 25.67 -11.73 -26.08
CA LEU C 571 26.99 -11.62 -25.45
C LEU C 571 27.51 -10.19 -25.44
N GLN C 572 26.96 -9.32 -26.27
CA GLN C 572 27.40 -7.93 -26.36
C GLN C 572 26.49 -6.98 -25.60
N ASN C 573 25.58 -7.50 -24.78
CA ASN C 573 24.69 -6.67 -23.96
C ASN C 573 23.84 -5.74 -24.82
N LYS C 574 22.99 -6.36 -25.64
CA LYS C 574 22.04 -5.65 -26.51
C LYS C 574 20.65 -6.16 -26.14
N LYS C 575 20.02 -5.51 -25.16
CA LYS C 575 18.77 -6.01 -24.60
C LYS C 575 17.65 -6.00 -25.63
N GLU C 576 17.42 -4.85 -26.27
CA GLU C 576 16.32 -4.75 -27.23
C GLU C 576 16.58 -5.61 -28.46
N LEU C 577 17.80 -5.59 -28.99
CA LEU C 577 18.12 -6.42 -30.13
C LEU C 577 18.00 -7.90 -29.78
N SER C 578 18.43 -8.28 -28.58
CA SER C 578 18.31 -9.66 -28.15
C SER C 578 16.84 -10.07 -28.06
N LYS C 579 15.98 -9.20 -27.53
CA LYS C 579 14.55 -9.50 -27.46
C LYS C 579 13.97 -9.64 -28.85
N VAL C 580 14.36 -8.76 -29.77
CA VAL C 580 13.83 -8.83 -31.14
C VAL C 580 14.24 -10.14 -31.79
N ILE C 581 15.50 -10.54 -31.60
CA ILE C 581 15.97 -11.80 -32.19
C ILE C 581 15.27 -12.98 -31.55
N TRP C 582 14.97 -12.89 -30.25
CA TRP C 582 14.37 -14.01 -29.54
C TRP C 582 13.01 -14.39 -30.14
N GLU C 583 12.24 -13.40 -30.58
CA GLU C 583 10.91 -13.67 -31.13
C GLU C 583 10.95 -14.46 -32.42
N GLN C 584 12.11 -14.59 -33.06
CA GLN C 584 12.22 -15.31 -34.32
C GLN C 584 12.67 -16.76 -34.15
N THR C 585 13.30 -17.09 -33.03
CA THR C 585 13.79 -18.45 -32.82
C THR C 585 12.64 -19.43 -32.69
N LYS C 586 12.89 -20.68 -33.08
CA LYS C 586 11.87 -21.72 -32.98
C LYS C 586 11.67 -22.13 -31.52
N GLY C 587 12.73 -22.62 -30.88
CA GLY C 587 12.66 -22.96 -29.47
C GLY C 587 12.96 -21.76 -28.59
N CYS C 588 11.92 -21.18 -28.00
CA CYS C 588 12.07 -19.91 -27.30
C CYS C 588 12.29 -20.13 -25.80
N THR C 589 11.57 -21.06 -25.19
CA THR C 589 11.79 -21.32 -23.77
C THR C 589 13.19 -21.85 -23.52
N LEU C 590 13.64 -22.81 -24.34
CA LEU C 590 14.99 -23.34 -24.20
C LEU C 590 16.03 -22.25 -24.44
N ALA C 591 15.81 -21.40 -25.44
CA ALA C 591 16.74 -20.32 -25.71
C ALA C 591 16.82 -19.34 -24.54
N ALA C 592 15.67 -19.00 -23.96
CA ALA C 592 15.65 -18.09 -22.82
C ALA C 592 16.37 -18.68 -21.62
N LEU C 593 16.13 -19.97 -21.34
CA LEU C 593 16.81 -20.62 -20.22
C LEU C 593 18.33 -20.65 -20.46
N GLY C 594 18.75 -20.99 -21.68
CA GLY C 594 20.17 -20.97 -21.98
C GLY C 594 20.77 -19.58 -21.85
N ALA C 595 20.04 -18.56 -22.29
CA ALA C 595 20.51 -17.19 -22.15
C ALA C 595 20.66 -16.81 -20.68
N SER C 596 19.69 -17.18 -19.85
CA SER C 596 19.78 -16.87 -18.43
C SER C 596 20.99 -17.55 -17.81
N LYS C 597 21.21 -18.83 -18.14
CA LYS C 597 22.38 -19.54 -17.62
C LYS C 597 23.67 -18.88 -18.07
N LEU C 598 23.74 -18.51 -19.35
CA LEU C 598 24.95 -17.89 -19.89
C LEU C 598 25.24 -16.56 -19.20
N LEU C 599 24.21 -15.74 -19.03
CA LEU C 599 24.40 -14.46 -18.36
C LEU C 599 24.84 -14.65 -16.91
N LYS C 600 24.23 -15.63 -16.22
CA LYS C 600 24.61 -15.86 -14.84
C LYS C 600 26.05 -16.30 -14.72
N THR C 601 26.49 -17.23 -15.59
CA THR C 601 27.87 -17.69 -15.50
C THR C 601 28.85 -16.60 -15.91
N LEU C 602 28.49 -15.77 -16.89
CA LEU C 602 29.35 -14.64 -17.26
C LEU C 602 29.47 -13.65 -16.12
N ALA C 603 28.37 -13.34 -15.45
CA ALA C 603 28.43 -12.43 -14.31
C ALA C 603 29.21 -13.04 -13.14
N LYS C 604 29.19 -14.37 -13.01
CA LYS C 604 29.95 -15.01 -11.95
C LYS C 604 31.44 -14.75 -12.09
N VAL C 605 31.92 -14.44 -13.29
CA VAL C 605 33.33 -14.14 -13.51
C VAL C 605 33.61 -12.64 -13.61
N LYS C 606 32.59 -11.82 -13.85
CA LYS C 606 32.80 -10.39 -14.00
C LYS C 606 33.20 -9.76 -12.67
N ASN C 607 34.08 -8.77 -12.75
CA ASN C 607 34.55 -8.04 -11.57
C ASN C 607 33.95 -6.64 -11.45
N ASP C 608 33.56 -6.02 -12.57
CA ASP C 608 32.98 -4.69 -12.52
C ASP C 608 31.67 -4.71 -11.74
N ILE C 609 31.49 -3.74 -10.84
CA ILE C 609 30.27 -3.66 -10.05
C ILE C 609 29.09 -3.26 -10.91
N ASN C 610 29.28 -2.30 -11.81
CA ASN C 610 28.16 -1.78 -12.59
C ASN C 610 27.54 -2.85 -13.47
N ALA C 611 28.37 -3.64 -14.15
CA ALA C 611 27.85 -4.68 -15.04
C ALA C 611 27.21 -5.84 -14.29
N ALA C 612 27.63 -6.07 -13.05
CA ALA C 612 27.08 -7.18 -12.27
C ALA C 612 25.57 -7.02 -12.07
N GLY C 613 25.07 -5.80 -11.98
CA GLY C 613 23.65 -5.57 -11.85
C GLY C 613 22.92 -5.73 -13.16
N GLU C 614 23.51 -5.22 -14.25
CA GLU C 614 22.88 -5.31 -15.56
C GLU C 614 22.73 -6.77 -15.99
N SER C 615 23.79 -7.55 -15.85
CA SER C 615 23.71 -8.95 -16.27
C SER C 615 22.68 -9.71 -15.45
N GLU C 616 22.66 -9.49 -14.14
CA GLU C 616 21.69 -10.15 -13.28
C GLU C 616 20.26 -9.76 -13.65
N GLU C 617 20.04 -8.48 -13.91
CA GLU C 617 18.70 -8.02 -14.29
C GLU C 617 18.26 -8.65 -15.60
N LEU C 618 19.16 -8.71 -16.59
CA LEU C 618 18.81 -9.31 -17.87
C LEU C 618 18.50 -10.80 -17.71
N ALA C 619 19.30 -11.51 -16.90
CA ALA C 619 19.04 -12.92 -16.67
C ALA C 619 17.70 -13.13 -16.00
N ASN C 620 17.37 -12.29 -15.00
CA ASN C 620 16.08 -12.40 -14.34
C ASN C 620 14.94 -12.12 -15.31
N GLU C 621 15.12 -11.13 -16.18
CA GLU C 621 14.09 -10.81 -17.16
C GLU C 621 13.84 -11.99 -18.09
N TYR C 622 14.92 -12.63 -18.57
CA TYR C 622 14.74 -13.78 -19.45
C TYR C 622 14.12 -14.96 -18.72
N GLU C 623 14.48 -15.17 -17.45
CA GLU C 623 13.84 -16.23 -16.68
C GLU C 623 12.34 -15.96 -16.53
N THR C 624 11.97 -14.72 -16.25
CA THR C 624 10.56 -14.37 -16.17
C THR C 624 9.86 -14.59 -17.50
N ARG C 625 10.51 -14.23 -18.61
CA ARG C 625 9.93 -14.47 -19.92
C ARG C 625 9.66 -15.95 -20.13
N ALA C 626 10.64 -16.80 -19.81
CA ALA C 626 10.46 -18.23 -19.97
C ALA C 626 9.33 -18.75 -19.10
N VAL C 627 9.26 -18.29 -17.85
CA VAL C 627 8.22 -18.75 -16.93
C VAL C 627 6.84 -18.38 -17.48
N GLU C 628 6.68 -17.12 -17.91
CA GLU C 628 5.40 -16.67 -18.43
C GLU C 628 5.02 -17.44 -19.69
N LEU C 629 5.98 -17.66 -20.59
CA LEU C 629 5.67 -18.39 -21.83
C LEU C 629 5.25 -19.82 -21.53
N PHE C 630 5.94 -20.49 -20.61
CA PHE C 630 5.55 -21.86 -20.30
C PHE C 630 4.22 -21.91 -19.58
N THR C 631 3.93 -20.92 -18.72
CA THR C 631 2.63 -20.87 -18.08
C THR C 631 1.51 -20.70 -19.11
N GLU C 632 1.74 -19.84 -20.11
CA GLU C 632 0.76 -19.68 -21.18
C GLU C 632 0.59 -20.98 -21.95
N CYS C 633 1.69 -21.66 -22.26
CA CYS C 633 1.61 -22.91 -23.02
C CYS C 633 0.85 -23.99 -22.24
N TYR C 634 1.14 -24.13 -20.95
CA TYR C 634 0.54 -25.21 -20.18
C TYR C 634 -0.96 -25.00 -19.99
N SER C 635 -1.40 -23.74 -19.88
CA SER C 635 -2.82 -23.45 -19.71
C SER C 635 -3.64 -23.82 -20.92
N ASN C 636 -3.01 -24.09 -22.06
CA ASN C 636 -3.71 -24.46 -23.29
C ASN C 636 -3.77 -25.96 -23.50
N ASP C 637 -2.65 -26.67 -23.32
CA ASP C 637 -2.62 -28.11 -23.49
C ASP C 637 -1.51 -28.67 -22.61
N GLU C 638 -1.87 -29.47 -21.61
CA GLU C 638 -0.89 -30.01 -20.69
C GLU C 638 0.01 -31.04 -21.38
N ASP C 639 -0.57 -31.91 -22.22
CA ASP C 639 0.22 -32.96 -22.84
C ASP C 639 1.29 -32.38 -23.76
N LEU C 640 0.92 -31.40 -24.57
CA LEU C 640 1.90 -30.77 -25.45
C LEU C 640 2.95 -30.02 -24.65
N ALA C 641 2.56 -29.39 -23.55
CA ALA C 641 3.54 -28.71 -22.71
C ALA C 641 4.55 -29.69 -22.14
N GLU C 642 4.08 -30.84 -21.66
CA GLU C 642 4.99 -31.85 -21.13
C GLU C 642 5.89 -32.41 -22.23
N GLN C 643 5.34 -32.61 -23.43
CA GLN C 643 6.16 -33.07 -24.54
C GLN C 643 7.25 -32.06 -24.87
N LEU C 644 6.90 -30.77 -24.87
CA LEU C 644 7.90 -29.74 -25.09
C LEU C 644 8.96 -29.76 -23.99
N LEU C 645 8.54 -29.94 -22.74
CA LEU C 645 9.50 -30.01 -21.65
C LEU C 645 10.49 -31.16 -21.86
N VAL C 646 9.98 -32.34 -22.19
CA VAL C 646 10.85 -33.49 -22.45
C VAL C 646 11.51 -33.41 -23.81
N TYR C 647 11.01 -32.56 -24.71
CA TYR C 647 11.55 -32.47 -26.06
C TYR C 647 13.06 -32.30 -26.03
N SER C 648 13.77 -33.24 -26.62
CA SER C 648 15.23 -33.21 -26.62
C SER C 648 15.73 -32.01 -27.42
N CYS C 649 16.88 -31.50 -27.01
CA CYS C 649 17.49 -30.35 -27.66
C CYS C 649 18.24 -30.79 -28.91
N GLU C 650 18.08 -30.01 -29.98
CA GLU C 650 18.78 -30.27 -31.23
C GLU C 650 20.15 -29.58 -31.22
N ALA C 651 20.97 -30.01 -30.25
CA ALA C 651 22.33 -29.51 -30.09
C ALA C 651 22.37 -28.04 -29.75
N TRP C 652 21.30 -27.52 -29.14
CA TRP C 652 21.32 -26.13 -28.67
C TRP C 652 22.38 -25.94 -27.60
N GLY C 653 22.34 -26.77 -26.56
CA GLY C 653 23.35 -26.75 -25.52
C GLY C 653 23.68 -28.13 -25.01
N GLY C 654 23.12 -29.15 -25.64
CA GLY C 654 23.26 -30.51 -25.17
C GLY C 654 22.33 -30.90 -24.04
N SER C 655 21.28 -30.12 -23.79
CA SER C 655 20.37 -30.39 -22.69
C SER C 655 19.05 -29.70 -22.96
N ASN C 656 18.01 -30.15 -22.26
CA ASN C 656 16.66 -29.64 -22.43
C ASN C 656 16.35 -28.61 -21.35
N CYS C 657 15.08 -28.16 -21.30
CA CYS C 657 14.71 -27.05 -20.44
C CYS C 657 14.95 -27.37 -18.97
N LEU C 658 14.54 -28.56 -18.52
CA LEU C 658 14.67 -28.91 -17.12
C LEU C 658 16.12 -28.88 -16.68
N GLU C 659 17.00 -29.49 -17.46
CA GLU C 659 18.41 -29.56 -17.08
C GLU C 659 19.04 -28.17 -17.06
N LEU C 660 18.71 -27.33 -18.05
CA LEU C 660 19.26 -25.98 -18.05
C LEU C 660 18.77 -25.18 -16.86
N ALA C 661 17.48 -25.30 -16.52
CA ALA C 661 16.95 -24.59 -15.36
C ALA C 661 17.63 -25.05 -14.08
N VAL C 662 17.86 -26.36 -13.96
CA VAL C 662 18.51 -26.89 -12.77
C VAL C 662 19.94 -26.38 -12.67
N GLU C 663 20.69 -26.48 -13.77
CA GLU C 663 22.08 -26.02 -13.77
C GLU C 663 22.17 -24.51 -13.58
N ALA C 664 21.10 -23.78 -13.88
CA ALA C 664 21.03 -22.34 -13.66
C ALA C 664 20.28 -21.99 -12.39
N THR C 665 20.00 -22.98 -11.54
CA THR C 665 19.25 -22.79 -10.29
C THR C 665 18.07 -21.86 -10.49
N ASP C 666 17.33 -22.05 -11.58
CA ASP C 666 16.10 -21.27 -11.84
C ASP C 666 14.97 -21.93 -11.08
N GLN C 667 14.85 -21.58 -9.80
CA GLN C 667 13.86 -22.22 -8.94
C GLN C 667 12.44 -21.85 -9.34
N HIS C 668 12.23 -20.65 -9.87
CA HIS C 668 10.88 -20.25 -10.26
C HIS C 668 10.32 -21.14 -11.35
N PHE C 669 11.15 -21.49 -12.35
CA PHE C 669 10.66 -22.32 -13.44
C PHE C 669 10.34 -23.74 -12.97
N ILE C 670 11.07 -24.24 -11.97
CA ILE C 670 10.79 -25.58 -11.46
C ILE C 670 9.63 -25.58 -10.47
N ALA C 671 9.33 -24.44 -9.85
CA ALA C 671 8.31 -24.38 -8.80
C ALA C 671 6.91 -24.08 -9.31
N GLN C 672 6.75 -23.80 -10.61
CA GLN C 672 5.43 -23.47 -11.13
C GLN C 672 4.57 -24.73 -11.18
N PRO C 673 3.24 -24.56 -11.19
CA PRO C 673 2.36 -25.73 -11.06
C PRO C 673 2.56 -26.78 -12.14
N GLY C 674 2.84 -26.37 -13.39
CA GLY C 674 2.94 -27.35 -14.46
C GLY C 674 4.08 -28.33 -14.27
N VAL C 675 5.26 -27.82 -13.93
CA VAL C 675 6.42 -28.69 -13.75
C VAL C 675 6.22 -29.59 -12.54
N GLN C 676 5.63 -29.05 -11.47
CA GLN C 676 5.37 -29.86 -10.29
C GLN C 676 4.37 -30.97 -10.59
N ASN C 677 3.33 -30.67 -11.37
CA ASN C 677 2.37 -31.71 -11.76
C ASN C 677 3.03 -32.77 -12.62
N PHE C 678 3.88 -32.36 -13.56
CA PHE C 678 4.60 -33.33 -14.37
C PHE C 678 5.49 -34.23 -13.51
N LEU C 679 6.20 -33.64 -12.56
CA LEU C 679 7.05 -34.42 -11.68
C LEU C 679 6.23 -35.35 -10.81
N SER C 680 5.07 -34.89 -10.33
CA SER C 680 4.20 -35.75 -9.53
C SER C 680 3.72 -36.94 -10.34
N LYS C 681 3.31 -36.71 -11.59
CA LYS C 681 2.85 -37.81 -12.43
C LYS C 681 3.99 -38.79 -12.68
N GLN C 682 5.20 -38.28 -12.91
CA GLN C 682 6.34 -39.18 -13.11
C GLN C 682 6.66 -39.95 -11.82
N TRP C 683 6.48 -39.30 -10.67
CA TRP C 683 6.84 -39.90 -9.39
C TRP C 683 5.87 -41.02 -9.02
N TYR C 684 4.57 -40.77 -9.14
CA TYR C 684 3.57 -41.80 -8.88
C TYR C 684 3.58 -42.89 -9.96
N GLY C 685 4.23 -42.65 -11.10
CA GLY C 685 4.30 -43.67 -12.13
C GLY C 685 2.94 -44.05 -12.63
N GLU C 686 2.71 -45.36 -12.75
CA GLU C 686 1.45 -45.85 -13.30
C GLU C 686 0.27 -45.47 -12.41
N ILE C 687 0.45 -45.51 -11.09
CA ILE C 687 -0.64 -45.23 -10.18
C ILE C 687 -1.17 -43.82 -10.43
N SER C 688 -2.49 -43.68 -10.38
CA SER C 688 -3.12 -42.38 -10.57
C SER C 688 -2.69 -41.42 -9.48
N ARG C 689 -2.40 -40.18 -9.87
CA ARG C 689 -2.02 -39.17 -8.90
C ARG C 689 -3.14 -38.92 -7.88
N ASP C 690 -4.38 -39.18 -8.27
CA ASP C 690 -5.53 -39.02 -7.37
C ASP C 690 -5.82 -40.31 -6.62
N THR C 691 -4.80 -40.85 -5.96
CA THR C 691 -4.93 -42.06 -5.14
C THR C 691 -4.50 -41.73 -3.72
N LYS C 692 -5.35 -42.10 -2.76
CA LYS C 692 -5.02 -41.84 -1.36
C LYS C 692 -3.70 -42.48 -0.98
N ASN C 693 -2.85 -41.72 -0.29
CA ASN C 693 -1.53 -42.22 0.07
C ASN C 693 -1.64 -43.38 1.06
N TRP C 694 -2.53 -43.29 2.04
CA TRP C 694 -2.61 -44.34 3.05
C TRP C 694 -3.04 -45.66 2.44
N LYS C 695 -3.93 -45.63 1.44
CA LYS C 695 -4.36 -46.86 0.80
C LYS C 695 -3.19 -47.58 0.12
N ILE C 696 -2.37 -46.83 -0.62
CA ILE C 696 -1.23 -47.44 -1.31
C ILE C 696 -0.19 -47.91 -0.30
N ILE C 697 0.04 -47.13 0.75
CA ILE C 697 0.99 -47.55 1.78
C ILE C 697 0.54 -48.85 2.43
N LEU C 698 -0.75 -48.96 2.73
CA LEU C 698 -1.28 -50.19 3.30
C LEU C 698 -1.15 -51.35 2.32
N CYS C 699 -1.47 -51.11 1.04
CA CYS C 699 -1.36 -52.17 0.04
C CYS C 699 0.08 -52.63 -0.13
N LEU C 700 1.04 -51.75 0.14
CA LEU C 700 2.44 -52.15 0.03
C LEU C 700 2.77 -53.32 0.95
N PHE C 701 2.29 -53.27 2.19
CA PHE C 701 2.58 -54.33 3.15
C PHE C 701 1.91 -55.64 2.73
N ILE C 702 0.60 -55.64 2.62
CA ILE C 702 -0.15 -56.83 2.22
C ILE C 702 -0.17 -56.88 0.70
N ILE C 703 0.56 -57.85 0.13
CA ILE C 703 0.64 -57.97 -1.32
C ILE C 703 -0.72 -58.26 -1.95
N PRO C 704 -1.50 -59.23 -1.45
CA PRO C 704 -2.72 -59.61 -2.17
C PRO C 704 -3.71 -58.47 -2.37
N LEU C 705 -3.65 -57.43 -1.54
CA LEU C 705 -4.58 -56.31 -1.68
C LEU C 705 -4.39 -55.57 -2.99
N VAL C 706 -3.25 -55.74 -3.66
CA VAL C 706 -3.03 -55.04 -4.93
C VAL C 706 -3.99 -55.56 -6.00
N GLY C 707 -4.30 -56.85 -5.96
CA GLY C 707 -5.24 -57.41 -6.93
C GLY C 707 -6.61 -56.76 -6.83
N CYS C 708 -7.05 -56.46 -5.61
CA CYS C 708 -8.32 -55.78 -5.42
C CYS C 708 -8.28 -54.39 -6.04
N GLY C 709 -9.44 -53.74 -6.05
CA GLY C 709 -9.60 -52.44 -6.66
C GLY C 709 -9.23 -51.26 -5.78
N LEU C 710 -8.53 -51.51 -4.68
CA LEU C 710 -8.17 -50.41 -3.78
C LEU C 710 -7.25 -49.40 -4.47
N VAL C 711 -6.31 -49.88 -5.27
CA VAL C 711 -5.32 -49.05 -5.93
C VAL C 711 -5.69 -48.89 -7.40
N SER C 712 -5.69 -47.64 -7.87
CA SER C 712 -6.01 -47.33 -9.25
C SER C 712 -4.76 -47.35 -10.11
N PHE C 713 -4.97 -47.47 -11.42
CA PHE C 713 -3.87 -47.48 -12.40
C PHE C 713 -4.23 -46.60 -13.58
N ARG C 714 -4.84 -45.44 -13.32
CA ARG C 714 -5.22 -44.54 -14.40
C ARG C 714 -4.00 -44.04 -15.17
N LYS C 715 -2.93 -43.71 -14.45
CA LYS C 715 -1.71 -43.22 -15.08
C LYS C 715 -1.96 -41.91 -15.81
N LEU C 725 0.87 -60.74 -13.30
CA LEU C 725 0.01 -59.86 -14.08
C LEU C 725 0.66 -58.50 -14.26
N TRP C 726 0.14 -57.72 -15.22
CA TRP C 726 0.67 -56.38 -15.48
C TRP C 726 0.48 -55.46 -14.27
N TYR C 727 -0.54 -55.72 -13.43
CA TYR C 727 -0.76 -54.88 -12.27
C TYR C 727 0.43 -54.93 -11.31
N TYR C 728 0.98 -56.12 -11.08
CA TYR C 728 2.12 -56.24 -10.17
C TYR C 728 3.32 -55.45 -10.70
N VAL C 729 3.61 -55.60 -11.99
CA VAL C 729 4.75 -54.89 -12.58
C VAL C 729 4.54 -53.39 -12.50
N ALA C 730 3.34 -52.93 -12.81
CA ALA C 730 3.06 -51.50 -12.73
C ALA C 730 3.23 -50.98 -11.31
N PHE C 731 2.73 -51.74 -10.32
CA PHE C 731 2.82 -51.30 -8.94
C PHE C 731 4.26 -51.26 -8.46
N PHE C 732 5.06 -52.26 -8.84
CA PHE C 732 6.42 -52.39 -8.33
C PHE C 732 7.45 -51.63 -9.16
N THR C 733 7.07 -51.09 -10.31
CA THR C 733 7.97 -50.25 -11.09
C THR C 733 7.87 -48.77 -10.72
N SER C 734 6.92 -48.39 -9.88
CA SER C 734 6.77 -47.00 -9.50
C SER C 734 7.88 -46.61 -8.52
N PRO C 735 8.59 -45.50 -8.76
CA PRO C 735 9.66 -45.12 -7.82
C PRO C 735 9.14 -44.83 -6.42
N PHE C 736 7.87 -44.45 -6.28
CA PHE C 736 7.29 -44.23 -4.96
C PHE C 736 7.35 -45.51 -4.12
N VAL C 737 6.90 -46.62 -4.70
CA VAL C 737 6.90 -47.88 -3.95
C VAL C 737 8.32 -48.34 -3.68
N VAL C 738 9.23 -48.13 -4.63
CA VAL C 738 10.62 -48.49 -4.42
C VAL C 738 11.20 -47.70 -3.23
N PHE C 739 10.90 -46.39 -3.17
CA PHE C 739 11.37 -45.58 -2.06
C PHE C 739 10.80 -46.07 -0.74
N SER C 740 9.50 -46.39 -0.71
CA SER C 740 8.90 -46.88 0.51
C SER C 740 9.53 -48.20 0.96
N TRP C 741 9.75 -49.11 0.02
CA TRP C 741 10.38 -50.39 0.34
C TRP C 741 11.79 -50.19 0.85
N ASN C 742 12.54 -49.27 0.24
CA ASN C 742 13.90 -48.98 0.70
C ASN C 742 13.88 -48.42 2.12
N VAL C 743 12.91 -47.55 2.42
CA VAL C 743 12.80 -47.02 3.77
C VAL C 743 12.52 -48.14 4.77
N VAL C 744 11.60 -49.03 4.42
CA VAL C 744 11.29 -50.15 5.31
C VAL C 744 12.53 -51.00 5.55
N PHE C 745 13.26 -51.31 4.49
CA PHE C 745 14.42 -52.17 4.62
C PHE C 745 15.53 -51.47 5.40
N TYR C 746 15.66 -50.15 5.25
CA TYR C 746 16.66 -49.41 6.01
C TYR C 746 16.33 -49.41 7.50
N ILE C 747 15.05 -49.26 7.84
CA ILE C 747 14.65 -49.33 9.25
C ILE C 747 14.94 -50.72 9.81
N ALA C 748 14.63 -51.76 9.05
CA ALA C 748 14.94 -53.12 9.50
C ALA C 748 16.44 -53.31 9.66
N PHE C 749 17.22 -52.73 8.75
CA PHE C 749 18.68 -52.80 8.85
C PHE C 749 19.17 -52.13 10.12
N LEU C 750 18.61 -50.98 10.46
CA LEU C 750 18.99 -50.31 11.71
C LEU C 750 18.63 -51.16 12.91
N LEU C 751 17.45 -51.79 12.90
CA LEU C 751 17.06 -52.66 14.00
C LEU C 751 18.04 -53.81 14.15
N LEU C 752 18.42 -54.45 13.04
CA LEU C 752 19.37 -55.55 13.09
C LEU C 752 20.72 -55.08 13.59
N PHE C 753 21.17 -53.91 13.14
CA PHE C 753 22.44 -53.36 13.60
C PHE C 753 22.44 -53.16 15.11
N ALA C 754 21.37 -52.56 15.64
CA ALA C 754 21.27 -52.34 17.07
C ALA C 754 21.25 -53.65 17.83
N TYR C 755 20.49 -54.64 17.33
CA TYR C 755 20.45 -55.93 18.02
C TYR C 755 21.82 -56.58 18.06
N VAL C 756 22.55 -56.55 16.93
CA VAL C 756 23.87 -57.13 16.90
C VAL C 756 24.80 -56.43 17.89
N LEU C 757 24.75 -55.10 17.91
CA LEU C 757 25.63 -54.36 18.79
C LEU C 757 25.33 -54.65 20.27
N LEU C 758 24.06 -54.70 20.63
CA LEU C 758 23.69 -54.72 22.04
C LEU C 758 23.55 -56.11 22.64
N MET C 759 23.21 -57.12 21.83
CA MET C 759 22.81 -58.41 22.37
C MET C 759 23.52 -59.62 21.77
N ASP C 760 24.10 -59.52 20.58
CA ASP C 760 24.65 -60.67 19.88
C ASP C 760 26.04 -60.35 19.34
N PHE C 761 26.87 -59.74 20.17
CA PHE C 761 28.25 -59.43 19.81
C PHE C 761 29.18 -60.33 20.62
N HIS C 762 29.98 -61.13 19.92
CA HIS C 762 30.87 -62.10 20.53
C HIS C 762 32.22 -62.06 19.81
N SER C 763 33.11 -62.98 20.20
CA SER C 763 34.41 -63.06 19.55
C SER C 763 34.28 -63.45 18.08
N VAL C 764 33.43 -64.43 17.79
CA VAL C 764 33.22 -64.92 16.43
C VAL C 764 31.85 -64.46 15.96
N PRO C 765 31.75 -63.74 14.84
CA PRO C 765 30.45 -63.25 14.39
C PRO C 765 29.48 -64.39 14.11
N HIS C 766 28.21 -64.16 14.42
CA HIS C 766 27.16 -65.13 14.17
C HIS C 766 26.42 -64.78 12.89
N THR C 767 25.35 -65.52 12.61
CA THR C 767 24.62 -65.35 11.36
C THR C 767 24.08 -63.93 11.18
N PRO C 768 23.45 -63.30 12.18
CA PRO C 768 22.92 -61.95 11.96
C PRO C 768 23.98 -60.97 11.52
N GLU C 769 25.19 -61.05 12.05
CA GLU C 769 26.24 -60.13 11.64
C GLU C 769 26.72 -60.41 10.23
N LEU C 770 26.74 -61.68 9.82
CA LEU C 770 27.04 -62.00 8.43
C LEU C 770 25.98 -61.41 7.49
N ILE C 771 24.71 -61.49 7.89
CA ILE C 771 23.65 -60.87 7.11
C ILE C 771 23.86 -59.36 7.04
N LEU C 772 24.26 -58.76 8.16
CA LEU C 772 24.53 -57.32 8.17
C LEU C 772 25.66 -56.96 7.21
N TYR C 773 26.73 -57.76 7.20
CA TYR C 773 27.83 -57.53 6.26
C TYR C 773 27.34 -57.65 4.83
N ALA C 774 26.52 -58.67 4.54
CA ALA C 774 26.00 -58.84 3.20
C ALA C 774 25.18 -57.63 2.77
N LEU C 775 24.35 -57.11 3.68
CA LEU C 775 23.54 -55.93 3.35
C LEU C 775 24.43 -54.72 3.10
N VAL C 776 25.48 -54.56 3.89
CA VAL C 776 26.38 -53.42 3.69
C VAL C 776 27.13 -53.55 2.37
N PHE C 777 27.37 -54.79 1.91
CA PHE C 777 28.12 -54.99 0.68
C PHE C 777 27.43 -54.35 -0.51
N VAL C 778 26.11 -54.50 -0.62
CA VAL C 778 25.39 -53.94 -1.76
C VAL C 778 25.42 -52.42 -1.71
N LEU C 779 25.35 -51.84 -0.51
CA LEU C 779 25.47 -50.39 -0.39
C LEU C 779 26.85 -49.92 -0.83
N PHE C 780 27.89 -50.67 -0.46
CA PHE C 780 29.24 -50.32 -0.91
C PHE C 780 29.34 -50.41 -2.43
N CYS C 781 28.72 -51.43 -3.03
CA CYS C 781 28.73 -51.57 -4.48
C CYS C 781 28.03 -50.39 -5.14
N ASP C 782 26.90 -49.96 -4.59
CA ASP C 782 26.19 -48.80 -5.13
C ASP C 782 27.05 -47.55 -5.00
N GLU C 783 27.75 -47.40 -3.88
CA GLU C 783 28.63 -46.24 -3.71
C GLU C 783 29.75 -46.25 -4.76
N VAL C 784 30.31 -47.44 -5.04
CA VAL C 784 31.33 -47.54 -6.06
C VAL C 784 30.75 -47.20 -7.44
N ARG C 785 29.53 -47.65 -7.71
CA ARG C 785 28.87 -47.31 -8.96
C ARG C 785 28.69 -45.80 -9.09
N GLN C 786 28.30 -45.13 -8.01
CA GLN C 786 28.19 -43.68 -8.04
C GLN C 786 29.55 -43.02 -8.26
N TRP C 787 30.60 -43.56 -7.64
CA TRP C 787 31.96 -43.07 -7.88
C TRP C 787 32.36 -43.23 -9.34
N TYR C 788 31.89 -44.29 -10.00
CA TYR C 788 32.26 -44.54 -11.39
C TYR C 788 31.48 -43.65 -12.36
N MET C 789 30.17 -43.51 -12.16
CA MET C 789 29.38 -42.65 -13.03
C MET C 789 29.83 -41.20 -12.92
N ASN C 790 30.05 -40.73 -11.71
CA ASN C 790 30.51 -39.37 -11.44
C ASN C 790 32.00 -39.38 -11.14
N GLY C 791 32.52 -38.23 -10.71
CA GLY C 791 33.92 -38.12 -10.36
C GLY C 791 34.14 -37.46 -9.03
N VAL C 792 35.19 -36.65 -8.92
CA VAL C 792 35.47 -35.95 -7.67
C VAL C 792 34.35 -35.00 -7.29
N ASN C 793 33.60 -34.50 -8.27
CA ASN C 793 32.49 -33.61 -7.96
C ASN C 793 31.45 -34.30 -7.08
N TYR C 794 31.35 -35.62 -7.18
CA TYR C 794 30.39 -36.36 -6.36
C TYR C 794 30.65 -36.15 -4.87
N PHE C 795 31.88 -35.85 -4.48
CA PHE C 795 32.23 -35.63 -3.09
C PHE C 795 31.93 -34.20 -2.62
N THR C 796 31.44 -33.34 -3.50
CA THR C 796 31.12 -31.98 -3.09
C THR C 796 30.01 -31.97 -2.05
N ASP C 797 29.00 -32.84 -2.21
CA ASP C 797 27.87 -32.87 -1.31
C ASP C 797 28.26 -33.44 0.04
N LEU C 798 27.54 -33.01 1.08
CA LEU C 798 27.85 -33.44 2.44
C LEU C 798 27.45 -34.89 2.68
N TRP C 799 26.27 -35.28 2.21
CA TRP C 799 25.74 -36.60 2.56
C TRP C 799 26.52 -37.72 1.88
N ASN C 800 27.05 -37.48 0.69
CA ASN C 800 27.93 -38.47 0.05
C ASN C 800 29.17 -38.70 0.90
N VAL C 801 29.76 -37.62 1.41
CA VAL C 801 30.91 -37.74 2.30
C VAL C 801 30.54 -38.52 3.55
N MET C 802 29.36 -38.23 4.11
CA MET C 802 28.92 -38.94 5.31
C MET C 802 28.79 -40.44 5.02
N ASP C 803 28.19 -40.79 3.88
CA ASP C 803 28.04 -42.20 3.52
C ASP C 803 29.39 -42.88 3.36
N THR C 804 30.34 -42.22 2.68
CA THR C 804 31.65 -42.80 2.49
C THR C 804 32.36 -43.00 3.83
N LEU C 805 32.27 -42.01 4.72
CA LEU C 805 32.88 -42.15 6.03
C LEU C 805 32.25 -43.29 6.82
N GLY C 806 30.92 -43.42 6.74
CA GLY C 806 30.26 -44.52 7.43
C GLY C 806 30.72 -45.87 6.93
N LEU C 807 30.82 -46.03 5.61
CA LEU C 807 31.27 -47.30 5.05
C LEU C 807 32.71 -47.59 5.45
N PHE C 808 33.58 -46.58 5.42
CA PHE C 808 34.97 -46.80 5.83
C PHE C 808 35.05 -47.18 7.30
N TYR C 809 34.25 -46.53 8.15
CA TYR C 809 34.23 -46.88 9.56
C TYR C 809 33.75 -48.31 9.76
N PHE C 810 32.74 -48.73 8.99
CA PHE C 810 32.26 -50.10 9.08
C PHE C 810 33.37 -51.09 8.71
N ILE C 811 34.11 -50.79 7.64
CA ILE C 811 35.20 -51.68 7.23
C ILE C 811 36.27 -51.74 8.30
N ALA C 812 36.63 -50.59 8.88
CA ALA C 812 37.62 -50.58 9.96
C ALA C 812 37.14 -51.38 11.17
N GLY C 813 35.85 -51.25 11.51
CA GLY C 813 35.31 -52.03 12.59
C GLY C 813 35.39 -53.52 12.32
N ILE C 814 35.11 -53.94 11.09
CA ILE C 814 35.25 -55.34 10.72
C ILE C 814 36.69 -55.78 10.91
N VAL C 815 37.63 -54.97 10.42
CA VAL C 815 39.05 -55.33 10.52
C VAL C 815 39.45 -55.51 11.97
N PHE C 816 39.04 -54.58 12.84
CA PHE C 816 39.36 -54.73 14.25
C PHE C 816 38.67 -55.95 14.87
N ARG C 817 37.44 -56.23 14.45
CA ARG C 817 36.66 -57.28 15.09
C ARG C 817 37.21 -58.66 14.74
N LEU C 818 37.75 -58.82 13.53
CA LEU C 818 38.20 -60.16 13.12
C LEU C 818 39.34 -60.67 13.98
N HIS C 819 40.00 -59.81 14.76
CA HIS C 819 41.05 -60.24 15.68
C HIS C 819 40.38 -60.78 16.94
N SER C 820 39.85 -62.00 16.83
CA SER C 820 39.13 -62.60 17.94
C SER C 820 40.04 -62.87 19.13
N SER C 821 41.35 -63.07 18.88
CA SER C 821 42.25 -63.43 19.97
C SER C 821 42.33 -62.32 21.02
N ASN C 822 42.38 -61.06 20.59
CA ASN C 822 42.57 -59.94 21.49
C ASN C 822 41.24 -59.25 21.74
N LYS C 823 40.89 -59.07 23.02
CA LYS C 823 39.62 -58.48 23.39
C LYS C 823 39.60 -56.96 23.20
N SER C 824 40.75 -56.30 23.36
CA SER C 824 40.81 -54.87 23.16
C SER C 824 40.43 -54.51 21.73
N SER C 825 40.87 -55.30 20.76
CA SER C 825 40.48 -55.08 19.38
C SER C 825 38.97 -55.23 19.21
N LEU C 826 38.38 -56.22 19.89
CA LEU C 826 36.93 -56.37 19.82
C LEU C 826 36.21 -55.15 20.37
N TYR C 827 36.67 -54.63 21.51
CA TYR C 827 36.03 -53.44 22.08
C TYR C 827 36.18 -52.24 21.15
N SER C 828 37.37 -52.07 20.55
CA SER C 828 37.56 -50.98 19.61
C SER C 828 36.63 -51.11 18.42
N GLY C 829 36.47 -52.34 17.90
CA GLY C 829 35.54 -52.55 16.82
C GLY C 829 34.11 -52.22 17.20
N ARG C 830 33.71 -52.58 18.42
CA ARG C 830 32.37 -52.26 18.89
C ARG C 830 32.17 -50.75 18.96
N VAL C 831 33.16 -50.03 19.46
CA VAL C 831 33.06 -48.56 19.53
C VAL C 831 32.94 -47.96 18.14
N ILE C 832 33.76 -48.46 17.20
CA ILE C 832 33.69 -47.97 15.83
C ILE C 832 32.31 -48.23 15.26
N PHE C 833 31.75 -49.41 15.52
CA PHE C 833 30.42 -49.74 15.02
C PHE C 833 29.37 -48.82 15.63
N CYS C 834 29.51 -48.48 16.91
CA CYS C 834 28.55 -47.57 17.54
C CYS C 834 28.58 -46.19 16.88
N LEU C 835 29.78 -45.67 16.63
CA LEU C 835 29.86 -44.37 15.97
C LEU C 835 29.29 -44.43 14.55
N ASP C 836 29.61 -45.51 13.83
CA ASP C 836 29.03 -45.68 12.50
C ASP C 836 27.51 -45.80 12.57
N TYR C 837 26.99 -46.39 13.63
CA TYR C 837 25.55 -46.48 13.81
C TYR C 837 24.95 -45.10 14.00
N ILE C 838 25.61 -44.24 14.77
CA ILE C 838 25.16 -42.85 14.87
C ILE C 838 25.09 -42.22 13.49
N ILE C 839 26.15 -42.41 12.70
CA ILE C 839 26.19 -41.82 11.36
C ILE C 839 25.04 -42.33 10.51
N PHE C 840 24.82 -43.64 10.53
CA PHE C 840 23.75 -44.24 9.74
C PHE C 840 22.39 -43.71 10.17
N THR C 841 22.16 -43.61 11.49
CA THR C 841 20.85 -43.22 11.99
C THR C 841 20.55 -41.76 11.68
N LEU C 842 21.57 -40.90 11.64
CA LEU C 842 21.30 -39.50 11.37
C LEU C 842 20.86 -39.24 9.94
N ARG C 843 20.92 -40.23 9.05
CA ARG C 843 20.53 -40.04 7.66
C ARG C 843 19.02 -40.09 7.45
N LEU C 844 18.25 -40.53 8.44
CA LEU C 844 16.79 -40.53 8.30
C LEU C 844 16.27 -39.12 8.07
N ILE C 845 16.90 -38.12 8.70
CA ILE C 845 16.50 -36.74 8.51
C ILE C 845 16.57 -36.38 7.04
N HIS C 846 17.65 -36.78 6.38
CA HIS C 846 17.80 -36.48 4.95
C HIS C 846 16.79 -37.26 4.12
N ILE C 847 16.64 -38.57 4.40
CA ILE C 847 15.79 -39.38 3.53
C ILE C 847 14.33 -38.95 3.66
N PHE C 848 13.93 -38.42 4.81
CA PHE C 848 12.54 -38.02 5.04
C PHE C 848 12.27 -36.55 4.73
N THR C 849 13.00 -35.99 3.77
CA THR C 849 12.80 -34.60 3.36
C THR C 849 11.88 -34.48 2.16
N VAL C 850 11.06 -35.51 1.89
CA VAL C 850 10.13 -35.51 0.77
C VAL C 850 8.70 -35.79 1.22
N SER C 851 8.46 -35.88 2.54
CA SER C 851 7.14 -36.24 3.02
C SER C 851 6.09 -35.17 2.75
N ARG C 852 6.51 -33.95 2.39
CA ARG C 852 5.69 -32.80 2.08
C ARG C 852 5.12 -32.13 3.33
N ASN C 853 5.30 -32.72 4.51
CA ASN C 853 4.91 -32.10 5.77
C ASN C 853 6.12 -31.73 6.62
N LEU C 854 7.11 -32.62 6.69
CA LEU C 854 8.35 -32.35 7.39
C LEU C 854 9.43 -31.79 6.49
N GLY C 855 9.30 -31.95 5.18
CA GLY C 855 10.33 -31.57 4.24
C GLY C 855 10.71 -30.10 4.32
N PRO C 856 9.72 -29.21 4.21
CA PRO C 856 10.04 -27.77 4.28
C PRO C 856 10.73 -27.37 5.57
N LYS C 857 10.32 -27.95 6.70
CA LYS C 857 10.95 -27.61 7.97
C LYS C 857 12.38 -28.11 8.02
N ILE C 858 12.63 -29.33 7.52
CA ILE C 858 14.00 -29.83 7.46
C ILE C 858 14.85 -28.94 6.57
N ILE C 859 14.28 -28.47 5.45
CA ILE C 859 15.01 -27.58 4.55
C ILE C 859 15.37 -26.28 5.27
N MET C 860 14.40 -25.70 5.99
CA MET C 860 14.68 -24.49 6.74
C MET C 860 15.67 -24.73 7.88
N LEU C 861 15.82 -25.98 8.32
CA LEU C 861 16.70 -26.28 9.43
C LEU C 861 18.13 -25.81 9.16
N GLN C 862 18.59 -25.97 7.92
CA GLN C 862 19.97 -25.61 7.56
C GLN C 862 20.15 -24.11 7.38
N ARG C 863 19.16 -23.30 7.74
CA ARG C 863 19.21 -21.85 7.58
C ARG C 863 19.50 -21.13 8.88
N MET C 864 19.94 -21.85 9.93
CA MET C 864 20.09 -21.28 11.26
C MET C 864 21.46 -21.59 11.86
N LEU C 865 22.49 -21.72 11.02
CA LEU C 865 23.82 -22.02 11.53
C LEU C 865 24.48 -20.80 12.16
N ILE C 866 24.22 -19.62 11.59
CA ILE C 866 24.91 -18.41 12.05
C ILE C 866 24.51 -18.08 13.49
N ASP C 867 23.22 -18.22 13.80
CA ASP C 867 22.76 -17.96 15.17
C ASP C 867 23.41 -18.92 16.15
N VAL C 868 23.50 -20.21 15.77
CA VAL C 868 24.13 -21.20 16.64
C VAL C 868 25.60 -20.85 16.86
N PHE C 869 26.29 -20.45 15.79
CA PHE C 869 27.70 -20.09 15.93
C PHE C 869 27.89 -18.88 16.84
N PHE C 870 27.03 -17.87 16.69
CA PHE C 870 27.10 -16.69 17.55
C PHE C 870 26.88 -17.06 19.02
N PHE C 871 25.86 -17.88 19.26
CA PHE C 871 25.58 -18.33 20.63
C PHE C 871 26.76 -19.09 21.21
N LEU C 872 27.34 -20.01 20.42
CA LEU C 872 28.47 -20.78 20.90
C LEU C 872 29.69 -19.90 21.16
N PHE C 873 29.91 -18.90 20.31
CA PHE C 873 31.02 -17.99 20.50
C PHE C 873 30.90 -17.25 21.83
N LEU C 874 29.74 -16.63 22.07
CA LEU C 874 29.55 -15.91 23.33
C LEU C 874 29.69 -16.85 24.52
N PHE C 875 29.06 -18.02 24.44
CA PHE C 875 29.08 -18.97 25.55
C PHE C 875 30.50 -19.43 25.82
N ALA C 876 31.29 -19.69 24.78
CA ALA C 876 32.66 -20.13 24.97
C ALA C 876 33.49 -19.04 25.62
N VAL C 877 33.31 -17.79 25.20
CA VAL C 877 34.07 -16.70 25.81
C VAL C 877 33.77 -16.64 27.31
N TRP C 878 32.49 -16.63 27.66
CA TRP C 878 32.12 -16.54 29.08
C TRP C 878 32.61 -17.76 29.85
N MET C 879 32.48 -18.94 29.24
CA MET C 879 32.91 -20.18 29.89
C MET C 879 34.39 -20.14 30.21
N VAL C 880 35.22 -19.76 29.23
CA VAL C 880 36.66 -19.72 29.45
C VAL C 880 36.97 -18.72 30.57
N ALA C 881 36.40 -17.52 30.49
CA ALA C 881 36.70 -16.51 31.49
C ALA C 881 36.36 -17.01 32.89
N PHE C 882 35.13 -17.47 33.08
CA PHE C 882 34.69 -17.89 34.40
C PHE C 882 35.48 -19.07 34.92
N GLY C 883 35.71 -20.08 34.06
CA GLY C 883 36.43 -21.26 34.50
C GLY C 883 37.85 -20.93 34.92
N VAL C 884 38.56 -20.15 34.10
CA VAL C 884 39.94 -19.80 34.44
C VAL C 884 39.97 -19.02 35.74
N ALA C 885 39.08 -18.04 35.89
CA ALA C 885 39.09 -17.23 37.10
C ALA C 885 38.83 -18.09 38.35
N ARG C 886 37.81 -18.94 38.28
CA ARG C 886 37.45 -19.76 39.44
C ARG C 886 38.58 -20.72 39.79
N GLN C 887 39.15 -21.39 38.78
CA GLN C 887 40.23 -22.33 39.05
C GLN C 887 41.44 -21.61 39.64
N GLY C 888 41.74 -20.41 39.15
CA GLY C 888 42.88 -19.68 39.68
C GLY C 888 42.67 -19.23 41.11
N ILE C 889 41.46 -18.76 41.44
CA ILE C 889 41.21 -18.25 42.79
C ILE C 889 40.86 -19.33 43.79
N LEU C 890 40.64 -20.58 43.34
CA LEU C 890 40.38 -21.68 44.25
C LEU C 890 41.60 -22.56 44.48
N ARG C 891 42.22 -23.05 43.41
CA ARG C 891 43.30 -24.02 43.50
C ARG C 891 44.51 -23.51 42.73
N GLN C 892 45.69 -24.00 43.12
CA GLN C 892 46.95 -23.59 42.50
C GLN C 892 47.74 -24.80 42.06
N ASN C 893 48.31 -24.71 40.85
CA ASN C 893 49.27 -25.67 40.33
C ASN C 893 48.68 -27.09 40.32
N GLU C 894 47.64 -27.25 39.50
CA GLU C 894 47.02 -28.55 39.33
C GLU C 894 48.01 -29.54 38.71
N GLN C 895 48.67 -29.14 37.63
CA GLN C 895 49.68 -29.91 36.89
C GLN C 895 49.08 -31.08 36.12
N ARG C 896 47.77 -31.28 36.16
CA ARG C 896 47.10 -32.33 35.41
C ARG C 896 46.16 -31.69 34.40
N TRP C 897 46.35 -32.03 33.12
CA TRP C 897 45.58 -31.39 32.05
C TRP C 897 44.12 -31.83 32.08
N ARG C 898 43.87 -33.12 32.32
CA ARG C 898 42.50 -33.63 32.28
C ARG C 898 41.62 -32.90 33.29
N TRP C 899 42.09 -32.77 34.54
CA TRP C 899 41.30 -32.07 35.54
C TRP C 899 41.25 -30.57 35.26
N ILE C 900 42.31 -30.02 34.67
CA ILE C 900 42.29 -28.61 34.28
C ILE C 900 41.12 -28.34 33.34
N PHE C 901 41.00 -29.16 32.29
CA PHE C 901 39.89 -28.98 31.35
C PHE C 901 38.55 -29.35 31.96
N ARG C 902 38.55 -30.32 32.88
CA ARG C 902 37.31 -30.71 33.55
C ARG C 902 36.75 -29.55 34.37
N SER C 903 37.61 -28.82 35.08
CA SER C 903 37.16 -27.73 35.92
C SER C 903 36.96 -26.44 35.13
N VAL C 904 37.70 -26.25 34.03
CA VAL C 904 37.65 -24.99 33.31
C VAL C 904 36.55 -24.96 32.25
N ILE C 905 36.17 -26.12 31.71
CA ILE C 905 35.30 -26.20 30.54
C ILE C 905 34.05 -27.03 30.83
N TYR C 906 34.24 -28.26 31.29
CA TYR C 906 33.11 -29.18 31.43
C TYR C 906 32.11 -28.68 32.47
N GLU C 907 32.58 -28.35 33.66
CA GLU C 907 31.66 -27.92 34.72
C GLU C 907 30.95 -26.63 34.35
N PRO C 908 31.61 -25.57 33.90
CA PRO C 908 30.87 -24.40 33.41
C PRO C 908 29.94 -24.72 32.25
N TYR C 909 30.31 -25.67 31.39
CA TYR C 909 29.42 -26.07 30.30
C TYR C 909 28.13 -26.66 30.83
N LEU C 910 28.22 -27.48 31.88
CA LEU C 910 27.02 -28.06 32.47
C LEU C 910 26.08 -27.00 33.01
N ALA C 911 26.58 -25.81 33.34
CA ALA C 911 25.71 -24.72 33.79
C ALA C 911 24.71 -24.30 32.74
N MET C 912 24.96 -24.59 31.46
CA MET C 912 24.02 -24.25 30.41
C MET C 912 22.67 -24.93 30.63
N PHE C 913 22.67 -26.06 31.35
CA PHE C 913 21.47 -26.87 31.53
C PHE C 913 20.83 -26.70 32.90
N GLY C 914 21.35 -25.80 33.74
CA GLY C 914 20.66 -25.41 34.95
C GLY C 914 21.28 -25.89 36.25
N GLN C 915 22.45 -26.51 36.22
CA GLN C 915 23.12 -26.94 37.44
C GLN C 915 24.28 -26.01 37.77
N VAL C 916 24.33 -25.57 39.02
CA VAL C 916 25.32 -24.60 39.48
C VAL C 916 26.68 -25.28 39.58
N PRO C 917 27.78 -24.59 39.26
CA PRO C 917 29.10 -25.26 39.32
C PRO C 917 29.43 -25.82 40.68
N SER C 918 29.03 -25.15 41.76
CA SER C 918 29.34 -25.60 43.12
C SER C 918 30.81 -25.37 43.43
N ASP C 919 31.20 -25.61 44.68
CA ASP C 919 32.55 -25.45 45.22
C ASP C 919 32.87 -23.97 45.44
N VAL C 920 31.92 -23.06 45.24
CA VAL C 920 32.18 -21.63 45.44
C VAL C 920 31.95 -21.20 46.88
N ASP C 921 31.18 -21.98 47.65
CA ASP C 921 30.88 -21.66 49.04
C ASP C 921 31.56 -22.64 49.96
N SER C 922 32.17 -22.12 51.03
CA SER C 922 32.89 -22.97 51.97
C SER C 922 31.95 -23.86 52.77
N THR C 923 30.69 -23.44 52.94
CA THR C 923 29.77 -24.21 53.78
C THR C 923 29.52 -25.60 53.19
N THR C 924 29.22 -25.67 51.90
CA THR C 924 28.93 -26.95 51.27
C THR C 924 30.19 -27.72 50.90
N TYR C 925 31.35 -27.08 50.91
CA TYR C 925 32.58 -27.76 50.53
C TYR C 925 32.98 -28.79 51.58
N ASP C 926 33.40 -29.97 51.10
CA ASP C 926 33.88 -31.04 51.96
C ASP C 926 35.22 -31.53 51.45
N PHE C 927 36.10 -31.90 52.38
CA PHE C 927 37.45 -32.33 52.05
C PHE C 927 37.54 -33.81 51.72
N SER C 928 36.46 -34.57 51.89
CA SER C 928 36.49 -35.99 51.54
C SER C 928 36.70 -36.18 50.04
N HIS C 929 36.03 -35.37 49.22
CA HIS C 929 36.09 -35.56 47.78
C HIS C 929 37.40 -35.08 47.19
N CYS C 930 38.09 -34.16 47.87
CA CYS C 930 39.30 -33.58 47.32
C CYS C 930 40.54 -34.30 47.84
N THR C 931 41.64 -34.16 47.11
CA THR C 931 42.91 -34.76 47.46
C THR C 931 44.00 -33.69 47.48
N PHE C 932 44.79 -33.69 48.56
CA PHE C 932 45.86 -32.70 48.67
C PHE C 932 46.94 -32.93 47.62
N SER C 933 47.19 -34.18 47.26
CA SER C 933 48.13 -34.53 46.21
C SER C 933 47.37 -35.05 45.00
N GLY C 934 48.09 -35.14 43.88
CA GLY C 934 47.52 -35.58 42.63
C GLY C 934 47.58 -37.07 42.38
N ASN C 935 47.97 -37.87 43.39
CA ASN C 935 48.09 -39.30 43.19
C ASN C 935 46.75 -39.94 42.86
N GLU C 936 45.69 -39.52 43.54
CA GLU C 936 44.36 -40.06 43.30
C GLU C 936 43.68 -39.35 42.14
N SER C 937 42.56 -39.91 41.70
CA SER C 937 41.77 -39.34 40.62
C SER C 937 40.61 -38.50 41.19
N LYS C 938 40.98 -37.43 41.87
CA LYS C 938 40.04 -36.51 42.48
C LYS C 938 40.50 -35.09 42.25
N PRO C 939 39.60 -34.11 42.34
CA PRO C 939 40.01 -32.71 42.20
C PRO C 939 40.95 -32.30 43.32
N LEU C 940 41.83 -31.36 43.00
CA LEU C 940 42.77 -30.85 43.99
C LEU C 940 42.04 -30.04 45.06
N CYS C 941 42.52 -30.15 46.30
CA CYS C 941 41.90 -29.43 47.40
C CYS C 941 42.18 -27.94 47.29
N VAL C 942 41.25 -27.15 47.84
CA VAL C 942 41.39 -25.70 47.82
C VAL C 942 42.57 -25.29 48.69
N GLU C 943 43.19 -24.17 48.34
CA GLU C 943 44.35 -23.69 49.08
C GLU C 943 43.96 -23.36 50.52
N LEU C 944 44.78 -23.75 51.50
CA LEU C 944 44.43 -23.55 52.88
C LEU C 944 45.37 -22.56 53.46
N ASP C 945 44.94 -21.81 54.45
CA ASP C 945 45.79 -20.80 55.05
C ASP C 945 46.56 -21.34 56.28
N GLU C 946 47.16 -20.49 57.12
CA GLU C 946 47.91 -20.92 58.29
C GLU C 946 47.10 -21.71 59.31
N HIS C 947 45.82 -21.42 59.43
CA HIS C 947 44.92 -22.09 60.37
C HIS C 947 44.16 -23.29 59.80
N ASN C 948 44.51 -23.75 58.60
CA ASN C 948 43.88 -24.87 57.90
C ASN C 948 42.43 -24.66 57.53
N LEU C 949 42.13 -23.42 57.19
CA LEU C 949 40.80 -23.05 56.72
C LEU C 949 40.97 -22.64 55.27
N PRO C 950 39.88 -22.83 54.41
CA PRO C 950 40.09 -22.47 53.03
C PRO C 950 40.37 -21.03 52.88
N ARG C 951 41.16 -20.64 51.92
CA ARG C 951 41.53 -19.28 51.79
C ARG C 951 40.73 -18.39 50.89
N PHE C 952 39.94 -18.91 49.99
CA PHE C 952 39.24 -18.12 49.01
C PHE C 952 38.09 -17.35 49.67
N PRO C 953 37.85 -16.09 49.26
CA PRO C 953 36.71 -15.35 49.81
C PRO C 953 35.42 -15.61 49.05
N GLU C 954 34.31 -15.77 49.77
CA GLU C 954 33.04 -16.06 49.12
C GLU C 954 32.43 -14.82 48.46
N TRP C 955 32.76 -13.63 48.97
CA TRP C 955 32.10 -12.41 48.52
C TRP C 955 32.46 -12.02 47.09
N ILE C 956 33.44 -12.69 46.48
CA ILE C 956 33.70 -12.53 45.05
C ILE C 956 33.32 -13.77 44.26
N THR C 957 33.48 -14.98 44.83
CA THR C 957 33.12 -16.19 44.10
C THR C 957 31.62 -16.26 43.85
N ILE C 958 30.81 -16.01 44.89
CA ILE C 958 29.36 -16.15 44.74
C ILE C 958 28.81 -15.17 43.72
N PRO C 959 29.10 -13.86 43.78
CA PRO C 959 28.63 -12.97 42.72
C PRO C 959 29.13 -13.38 41.34
N LEU C 960 30.35 -13.90 41.25
CA LEU C 960 30.88 -14.34 39.97
C LEU C 960 30.00 -15.42 39.35
N VAL C 961 29.68 -16.45 40.13
CA VAL C 961 28.86 -17.54 39.61
C VAL C 961 27.45 -17.07 39.32
N CYS C 962 26.92 -16.18 40.16
CA CYS C 962 25.58 -15.65 39.89
C CYS C 962 25.54 -14.90 38.56
N ILE C 963 26.54 -14.05 38.32
CA ILE C 963 26.58 -13.31 37.06
C ILE C 963 26.75 -14.25 35.89
N TYR C 964 27.61 -15.26 36.03
CA TYR C 964 27.81 -16.21 34.94
C TYR C 964 26.53 -16.95 34.61
N MET C 965 25.79 -17.42 35.63
CA MET C 965 24.53 -18.10 35.38
C MET C 965 23.53 -17.17 34.72
N LEU C 966 23.44 -15.92 35.20
CA LEU C 966 22.51 -14.97 34.59
C LEU C 966 22.85 -14.76 33.12
N SER C 967 24.13 -14.57 32.80
CA SER C 967 24.52 -14.28 31.43
C SER C 967 24.29 -15.47 30.51
N THR C 968 24.58 -16.69 30.98
CA THR C 968 24.56 -17.87 30.12
C THR C 968 23.19 -18.53 30.07
N ASN C 969 22.66 -18.95 31.21
CA ASN C 969 21.48 -19.80 31.21
C ASN C 969 20.24 -19.10 30.66
N ILE C 970 20.16 -17.78 30.84
CA ILE C 970 18.92 -17.03 30.58
C ILE C 970 19.06 -16.12 29.37
N LEU C 971 19.97 -15.14 29.43
CA LEU C 971 20.04 -14.14 28.38
C LEU C 971 20.38 -14.78 27.03
N LEU C 972 21.40 -15.64 27.01
CA LEU C 972 21.83 -16.23 25.74
C LEU C 972 20.74 -17.11 25.13
N VAL C 973 20.10 -17.94 25.94
CA VAL C 973 19.08 -18.85 25.41
C VAL C 973 17.90 -18.06 24.86
N ASN C 974 17.45 -17.03 25.59
CA ASN C 974 16.35 -16.22 25.12
C ASN C 974 16.70 -15.46 23.85
N LEU C 975 17.93 -14.95 23.77
CA LEU C 975 18.38 -14.28 22.55
C LEU C 975 18.39 -15.24 21.37
N LEU C 976 18.84 -16.48 21.60
CA LEU C 976 18.81 -17.48 20.55
C LEU C 976 17.38 -17.77 20.11
N VAL C 977 16.45 -17.84 21.06
CA VAL C 977 15.05 -18.07 20.72
C VAL C 977 14.53 -16.92 19.85
N ALA C 978 14.86 -15.69 20.22
CA ALA C 978 14.40 -14.54 19.45
C ALA C 978 14.97 -14.56 18.03
N MET C 979 16.26 -14.86 17.90
CA MET C 979 16.88 -14.91 16.58
C MET C 979 16.27 -16.03 15.73
N PHE C 980 16.01 -17.18 16.33
CA PHE C 980 15.34 -18.26 15.62
C PHE C 980 13.96 -17.83 15.16
N GLY C 981 13.21 -17.13 16.01
CA GLY C 981 11.90 -16.66 15.62
C GLY C 981 11.96 -15.73 14.43
N TYR C 982 12.88 -14.76 14.47
CA TYR C 982 13.01 -13.83 13.35
C TYR C 982 13.40 -14.56 12.08
N THR C 983 14.36 -15.49 12.16
CA THR C 983 14.79 -16.22 10.98
C THR C 983 13.65 -17.05 10.40
N VAL C 984 12.88 -17.72 11.27
CA VAL C 984 11.74 -18.50 10.79
C VAL C 984 10.74 -17.59 10.09
N GLY C 985 10.46 -16.44 10.67
CA GLY C 985 9.52 -15.52 10.04
C GLY C 985 9.99 -15.06 8.68
N ILE C 986 11.29 -14.76 8.56
CA ILE C 986 11.80 -14.19 7.31
C ILE C 986 11.81 -15.23 6.20
N VAL C 987 12.29 -16.45 6.50
CA VAL C 987 12.61 -17.42 5.45
C VAL C 987 11.42 -18.26 5.02
N GLN C 988 10.27 -18.12 5.69
CA GLN C 988 9.11 -18.93 5.31
C GLN C 988 8.56 -18.53 3.95
N GLU C 989 8.97 -17.38 3.42
CA GLU C 989 8.40 -16.90 2.16
C GLU C 989 8.77 -17.81 0.99
N ASN C 990 10.03 -18.23 0.92
CA ASN C 990 10.54 -18.97 -0.24
C ASN C 990 11.03 -20.37 0.14
N ASN C 991 10.59 -20.90 1.28
CA ASN C 991 11.03 -22.23 1.67
C ASN C 991 10.43 -23.31 0.78
N ASP C 992 9.15 -23.14 0.40
CA ASP C 992 8.50 -24.13 -0.45
C ASP C 992 9.17 -24.23 -1.80
N GLN C 993 9.68 -23.10 -2.32
CA GLN C 993 10.38 -23.12 -3.59
C GLN C 993 11.62 -23.99 -3.53
N VAL C 994 12.43 -23.82 -2.47
CA VAL C 994 13.63 -24.63 -2.31
C VAL C 994 13.25 -26.09 -2.13
N TRP C 995 12.19 -26.35 -1.35
CA TRP C 995 11.75 -27.74 -1.17
C TRP C 995 11.34 -28.36 -2.48
N LYS C 996 10.64 -27.62 -3.33
CA LYS C 996 10.25 -28.14 -4.64
C LYS C 996 11.46 -28.42 -5.52
N PHE C 997 12.45 -27.54 -5.49
CA PHE C 997 13.67 -27.79 -6.25
C PHE C 997 14.35 -29.08 -5.79
N GLN C 998 14.51 -29.25 -4.47
CA GLN C 998 15.12 -30.46 -3.95
C GLN C 998 14.27 -31.69 -4.25
N ARG C 999 12.94 -31.53 -4.25
CA ARG C 999 12.05 -32.63 -4.60
C ARG C 999 12.29 -33.07 -6.03
N TYR C 1000 12.43 -32.10 -6.95
CA TYR C 1000 12.78 -32.46 -8.32
C TYR C 1000 14.10 -33.22 -8.36
N PHE C 1001 15.10 -32.73 -7.64
CA PHE C 1001 16.39 -33.40 -7.63
C PHE C 1001 16.24 -34.86 -7.21
N LEU C 1002 15.55 -35.10 -6.09
CA LEU C 1002 15.42 -36.45 -5.56
C LEU C 1002 14.60 -37.34 -6.49
N VAL C 1003 13.51 -36.80 -7.06
CA VAL C 1003 12.69 -37.58 -7.97
C VAL C 1003 13.49 -37.99 -9.19
N GLN C 1004 14.25 -37.06 -9.75
CA GLN C 1004 15.09 -37.39 -10.90
C GLN C 1004 16.15 -38.41 -10.54
N GLU C 1005 16.73 -38.29 -9.34
CA GLU C 1005 17.74 -39.27 -8.92
C GLU C 1005 17.14 -40.66 -8.84
N TYR C 1006 15.94 -40.77 -8.27
CA TYR C 1006 15.31 -42.08 -8.11
C TYR C 1006 14.92 -42.65 -9.46
N CYS C 1007 14.40 -41.80 -10.36
CA CYS C 1007 14.00 -42.30 -11.68
C CYS C 1007 15.21 -42.64 -12.54
N ASN C 1008 16.37 -42.05 -12.26
CA ASN C 1008 17.54 -42.23 -13.11
C ASN C 1008 18.17 -43.60 -12.92
N ARG C 1009 18.18 -44.11 -11.69
CA ARG C 1009 18.88 -45.35 -11.39
C ARG C 1009 18.07 -46.54 -11.91
N LEU C 1010 18.47 -47.75 -11.52
CA LEU C 1010 17.82 -48.96 -12.02
C LEU C 1010 16.34 -49.02 -11.64
N ASN C 1011 15.92 -48.28 -10.61
CA ASN C 1011 14.54 -48.29 -10.17
C ASN C 1011 14.13 -49.68 -9.71
N ILE C 1012 14.95 -50.27 -8.86
CA ILE C 1012 14.72 -51.62 -8.33
C ILE C 1012 14.81 -51.54 -6.81
N PRO C 1013 14.08 -52.37 -6.07
CA PRO C 1013 14.22 -52.34 -4.60
C PRO C 1013 15.65 -52.61 -4.17
N PHE C 1014 16.08 -51.92 -3.12
CA PHE C 1014 17.48 -51.95 -2.69
C PHE C 1014 18.04 -53.34 -2.48
N PRO C 1015 17.40 -54.25 -1.75
CA PRO C 1015 18.01 -55.56 -1.50
C PRO C 1015 18.22 -56.39 -2.75
N PHE C 1016 17.49 -56.10 -3.84
CA PHE C 1016 17.55 -56.91 -5.05
C PHE C 1016 18.23 -56.18 -6.21
N VAL C 1017 19.11 -55.22 -5.91
CA VAL C 1017 19.80 -54.49 -6.98
C VAL C 1017 21.10 -55.15 -7.39
N VAL C 1018 21.68 -56.01 -6.54
CA VAL C 1018 22.96 -56.64 -6.89
C VAL C 1018 22.81 -57.48 -8.14
N PHE C 1019 21.67 -58.15 -8.30
CA PHE C 1019 21.44 -58.94 -9.51
C PHE C 1019 21.47 -58.06 -10.75
N ALA C 1020 20.84 -56.89 -10.68
CA ALA C 1020 20.85 -55.98 -11.81
C ALA C 1020 22.27 -55.52 -12.13
N TYR C 1021 23.05 -55.19 -11.09
CA TYR C 1021 24.43 -54.78 -11.32
C TYR C 1021 25.21 -55.89 -12.02
N PHE C 1022 25.11 -57.12 -11.52
CA PHE C 1022 25.87 -58.21 -12.11
C PHE C 1022 25.45 -58.46 -13.55
N TYR C 1023 24.13 -58.50 -13.80
CA TYR C 1023 23.65 -58.79 -15.15
C TYR C 1023 24.07 -57.70 -16.13
N MET C 1024 23.95 -56.43 -15.72
CA MET C 1024 24.30 -55.34 -16.62
C MET C 1024 25.80 -55.27 -16.86
N VAL C 1025 26.61 -55.60 -15.85
CA VAL C 1025 28.05 -55.63 -16.05
C VAL C 1025 28.42 -56.76 -17.01
N VAL C 1026 27.79 -57.93 -16.85
CA VAL C 1026 28.09 -59.06 -17.72
C VAL C 1026 27.69 -58.75 -19.15
N LYS C 1027 26.48 -58.21 -19.34
CA LYS C 1027 25.98 -57.95 -20.68
C LYS C 1027 26.42 -56.58 -21.19
N LYS C 1028 26.37 -55.55 -20.35
CA LYS C 1028 26.74 -54.20 -20.74
C LYS C 1028 28.04 -53.78 -20.06
N ASN C 1051 7.95 -30.66 -37.20
CA ASN C 1051 7.98 -30.50 -35.75
C ASN C 1051 6.72 -29.80 -35.27
N GLU C 1052 5.70 -30.62 -34.94
CA GLU C 1052 4.43 -30.07 -34.48
C GLU C 1052 4.60 -29.30 -33.18
N THR C 1053 5.39 -29.83 -32.24
CA THR C 1053 5.54 -29.19 -30.95
C THR C 1053 6.16 -27.81 -31.09
N LEU C 1054 7.17 -27.67 -31.94
CA LEU C 1054 7.81 -26.37 -32.11
C LEU C 1054 6.86 -25.36 -32.77
N ALA C 1055 6.04 -25.82 -33.72
CA ALA C 1055 5.05 -24.93 -34.32
C ALA C 1055 4.04 -24.47 -33.30
N TRP C 1056 3.57 -25.38 -32.44
CA TRP C 1056 2.65 -25.00 -31.38
C TRP C 1056 3.30 -24.02 -30.42
N GLU C 1057 4.59 -24.24 -30.10
CA GLU C 1057 5.31 -23.32 -29.24
C GLU C 1057 5.39 -21.93 -29.87
N GLY C 1058 5.65 -21.86 -31.18
CA GLY C 1058 5.69 -20.58 -31.85
C GLY C 1058 4.34 -19.88 -31.83
N VAL C 1059 3.26 -20.63 -32.05
CA VAL C 1059 1.92 -20.04 -32.02
C VAL C 1059 1.64 -19.48 -30.63
N MET C 1060 1.96 -20.25 -29.58
CA MET C 1060 1.74 -19.75 -28.23
C MET C 1060 2.63 -18.55 -27.92
N LYS C 1061 3.83 -18.52 -28.48
CA LYS C 1061 4.70 -17.36 -28.33
C LYS C 1061 4.06 -16.12 -28.95
N GLU C 1062 3.50 -16.26 -30.14
CA GLU C 1062 2.82 -15.14 -30.78
C GLU C 1062 1.64 -14.68 -29.92
N ASN C 1063 0.87 -15.64 -29.39
CA ASN C 1063 -0.25 -15.28 -28.53
C ASN C 1063 0.22 -14.53 -27.28
N TYR C 1064 1.33 -14.99 -26.68
CA TYR C 1064 1.87 -14.32 -25.51
C TYR C 1064 2.32 -12.91 -25.82
N LEU C 1065 2.97 -12.72 -26.98
CA LEU C 1065 3.38 -11.38 -27.38
C LEU C 1065 2.18 -10.48 -27.59
N VAL C 1066 1.12 -11.01 -28.20
CA VAL C 1066 -0.10 -10.23 -28.40
C VAL C 1066 -0.71 -9.85 -27.06
N LYS C 1067 -0.71 -10.79 -26.11
CA LYS C 1067 -1.24 -10.49 -24.78
C LYS C 1067 -0.43 -9.39 -24.09
N ILE C 1068 0.89 -9.45 -24.23
CA ILE C 1068 1.74 -8.40 -23.65
C ILE C 1068 1.42 -7.06 -24.29
N ASN C 1069 1.25 -7.04 -25.61
CA ASN C 1069 0.92 -5.81 -26.30
C ASN C 1069 -0.42 -5.25 -25.82
N THR C 1070 -1.41 -6.12 -25.63
CA THR C 1070 -2.71 -5.67 -25.13
C THR C 1070 -2.59 -5.11 -23.71
N LYS C 1071 -1.80 -5.78 -22.87
CA LYS C 1071 -1.60 -5.27 -21.51
C LYS C 1071 -0.95 -3.90 -21.54
N ALA C 1072 0.05 -3.71 -22.41
CA ALA C 1072 0.69 -2.40 -22.54
C ALA C 1072 -0.29 -1.35 -23.05
N ASN C 1073 -1.11 -1.69 -24.05
CA ASN C 1073 -2.06 -0.75 -24.63
C ASN C 1073 -3.27 -0.49 -23.74
N ASP C 1074 -3.46 -1.27 -22.68
CA ASP C 1074 -4.57 -1.04 -21.77
C ASP C 1074 -4.50 0.31 -21.06
N ASN C 1075 -3.48 1.14 -21.34
CA ASN C 1075 -3.41 2.46 -20.72
C ASN C 1075 -4.66 3.28 -21.03
N SER C 1076 -5.18 3.16 -22.25
CA SER C 1076 -6.40 3.86 -22.65
C SER C 1076 -6.17 5.38 -22.73
N GLU C 1077 -5.04 5.76 -23.29
CA GLU C 1077 -4.69 7.17 -23.46
C GLU C 1077 -5.10 7.71 -24.83
N GLU C 1078 -5.86 6.94 -25.61
CA GLU C 1078 -6.25 7.35 -26.96
C GLU C 1078 -7.24 8.51 -26.95
N MET C 1079 -7.81 8.86 -25.80
CA MET C 1079 -8.76 9.97 -25.74
C MET C 1079 -8.11 11.27 -26.19
N ARG C 1080 -6.87 11.51 -25.76
CA ARG C 1080 -6.16 12.71 -26.19
C ARG C 1080 -5.96 12.73 -27.69
N HIS C 1081 -5.60 11.58 -28.27
CA HIS C 1081 -5.44 11.52 -29.73
C HIS C 1081 -6.75 11.81 -30.45
N ARG C 1082 -7.85 11.25 -29.94
CA ARG C 1082 -9.15 11.51 -30.55
C ARG C 1082 -9.51 12.99 -30.46
N PHE C 1083 -9.24 13.61 -29.31
CA PHE C 1083 -9.51 15.03 -29.15
C PHE C 1083 -8.67 15.86 -30.10
N ARG C 1084 -7.39 15.49 -30.27
CA ARG C 1084 -6.54 16.22 -31.20
C ARG C 1084 -7.05 16.07 -32.63
N GLN C 1085 -7.48 14.87 -33.02
CA GLN C 1085 -8.04 14.67 -34.35
C GLN C 1085 -9.30 15.51 -34.55
N LEU C 1086 -10.16 15.56 -33.53
CA LEU C 1086 -11.36 16.39 -33.64
C LEU C 1086 -11.01 17.86 -33.77
N ASP C 1087 -10.00 18.32 -33.02
CA ASP C 1087 -9.57 19.71 -33.12
C ASP C 1087 -9.03 20.01 -34.51
N SER C 1088 -8.24 19.09 -35.07
CA SER C 1088 -7.73 19.30 -36.43
C SER C 1088 -8.85 19.35 -37.45
N LYS C 1089 -9.85 18.47 -37.29
CA LYS C 1089 -11.01 18.50 -38.19
C LYS C 1089 -11.75 19.82 -38.07
N LEU C 1090 -11.92 20.31 -36.84
CA LEU C 1090 -12.59 21.59 -36.65
C LEU C 1090 -11.80 22.73 -37.29
N ASN C 1091 -10.47 22.70 -37.17
CA ASN C 1091 -9.65 23.72 -37.81
C ASN C 1091 -9.79 23.65 -39.33
N ASP C 1092 -9.81 22.45 -39.89
CA ASP C 1092 -9.99 22.31 -41.33
C ASP C 1092 -11.35 22.85 -41.76
N LEU C 1093 -12.40 22.56 -40.98
CA LEU C 1093 -13.73 23.09 -41.29
C LEU C 1093 -13.74 24.61 -41.22
N LYS C 1094 -13.06 25.19 -40.24
CA LYS C 1094 -13.00 26.64 -40.13
C LYS C 1094 -12.27 27.24 -41.32
N SER C 1095 -11.17 26.61 -41.75
CA SER C 1095 -10.46 27.10 -42.93
C SER C 1095 -11.34 27.01 -44.17
N LEU C 1096 -12.08 25.92 -44.32
CA LEU C 1096 -12.99 25.80 -45.46
C LEU C 1096 -14.06 26.88 -45.43
N LEU C 1097 -14.61 27.15 -44.24
CA LEU C 1097 -15.61 28.20 -44.12
C LEU C 1097 -15.03 29.57 -44.47
N LYS C 1098 -13.80 29.84 -44.02
CA LYS C 1098 -13.15 31.10 -44.38
C LYS C 1098 -12.93 31.20 -45.88
N GLU C 1099 -12.52 30.11 -46.52
CA GLU C 1099 -12.35 30.11 -47.96
C GLU C 1099 -13.67 30.37 -48.67
N ILE C 1100 -14.75 29.75 -48.20
CA ILE C 1100 -16.05 29.97 -48.79
C ILE C 1100 -16.47 31.42 -48.64
N ALA C 1101 -16.25 32.00 -47.46
CA ALA C 1101 -16.58 33.40 -47.24
C ALA C 1101 -15.79 34.32 -48.17
N ASN C 1102 -14.50 34.03 -48.34
CA ASN C 1102 -13.68 34.82 -49.25
C ASN C 1102 -14.18 34.70 -50.68
N ASN C 1103 -14.57 33.50 -51.09
CA ASN C 1103 -15.10 33.31 -52.44
C ASN C 1103 -16.40 34.09 -52.62
N ILE C 1104 -17.25 34.12 -51.59
CA ILE C 1104 -18.51 34.85 -51.69
C ILE C 1104 -18.25 36.33 -51.94
N LYS C 1105 -17.31 36.91 -51.21
CA LYS C 1105 -16.96 38.32 -51.38
C LYS C 1105 -15.71 38.47 -52.25
N ASP D 41 -13.58 -42.19 -59.41
CA ASP D 41 -14.96 -41.75 -59.29
C ASP D 41 -15.09 -40.26 -59.60
N LEU D 42 -14.69 -39.42 -58.63
CA LEU D 42 -14.75 -37.98 -58.83
C LEU D 42 -13.83 -37.55 -59.97
N VAL D 43 -12.64 -38.14 -60.06
CA VAL D 43 -11.71 -37.80 -61.12
C VAL D 43 -12.33 -38.10 -62.48
N ASN D 44 -13.04 -39.22 -62.60
CA ASN D 44 -13.67 -39.56 -63.86
C ASN D 44 -14.68 -38.49 -64.27
N PHE D 45 -15.49 -38.02 -63.32
CA PHE D 45 -16.43 -36.94 -63.61
C PHE D 45 -15.70 -35.67 -64.01
N ILE D 46 -14.61 -35.35 -63.32
CA ILE D 46 -13.83 -34.15 -63.63
C ILE D 46 -13.30 -34.21 -65.05
N GLN D 47 -12.90 -35.41 -65.49
CA GLN D 47 -12.37 -35.57 -66.85
C GLN D 47 -13.32 -34.95 -67.88
N ALA D 48 -14.61 -35.29 -67.78
CA ALA D 48 -15.58 -34.75 -68.71
C ALA D 48 -15.96 -33.30 -68.36
N ASN D 49 -16.03 -32.99 -67.06
CA ASN D 49 -16.51 -31.67 -66.66
C ASN D 49 -15.55 -30.57 -67.12
N PHE D 50 -14.24 -30.78 -66.97
CA PHE D 50 -13.25 -29.76 -67.28
C PHE D 50 -12.31 -30.19 -68.40
N ASP D 102 -10.46 -32.76 -68.73
CA ASP D 102 -9.22 -33.30 -68.21
C ASP D 102 -8.25 -32.19 -67.83
N ALA D 103 -6.96 -32.53 -67.71
CA ALA D 103 -5.91 -31.56 -67.40
C ALA D 103 -6.13 -30.93 -66.03
N PHE D 104 -6.23 -31.79 -65.01
CA PHE D 104 -6.34 -31.38 -63.62
C PHE D 104 -5.24 -32.03 -62.81
N GLY D 105 -4.65 -31.26 -61.89
CA GLY D 105 -3.57 -31.76 -61.07
C GLY D 105 -3.81 -31.58 -59.58
N ASP D 106 -3.89 -32.70 -58.85
CA ASP D 106 -4.03 -32.68 -57.41
C ASP D 106 -2.67 -32.84 -56.76
N ILE D 107 -2.32 -31.93 -55.86
CA ILE D 107 -1.02 -31.90 -55.22
C ILE D 107 -1.22 -31.93 -53.71
N GLN D 108 -0.46 -32.79 -53.03
CA GLN D 108 -0.47 -32.88 -51.57
C GLN D 108 0.96 -32.88 -51.06
N PHE D 109 1.21 -32.06 -50.05
CA PHE D 109 2.56 -31.91 -49.49
C PHE D 109 2.58 -32.30 -48.02
N GLY D 116 -4.70 -29.65 -50.34
CA GLY D 116 -3.91 -28.97 -51.35
C GLY D 116 -4.38 -29.26 -52.76
N LYS D 117 -5.67 -29.57 -52.90
CA LYS D 117 -6.22 -29.91 -54.20
C LYS D 117 -6.07 -28.74 -55.16
N TYR D 118 -5.80 -29.05 -56.43
CA TYR D 118 -5.63 -28.05 -57.47
C TYR D 118 -6.44 -28.46 -58.70
N LEU D 119 -6.78 -27.45 -59.51
CA LEU D 119 -7.61 -27.68 -60.68
C LEU D 119 -7.24 -26.68 -61.77
N ARG D 120 -7.61 -27.02 -62.99
CA ARG D 120 -7.47 -26.13 -64.14
C ARG D 120 -8.84 -25.57 -64.50
N LEU D 121 -8.95 -24.25 -64.55
CA LEU D 121 -10.22 -23.56 -64.74
C LEU D 121 -10.27 -22.92 -66.12
N SER D 122 -11.45 -22.95 -66.74
CA SER D 122 -11.69 -22.33 -68.02
C SER D 122 -12.76 -21.24 -67.86
N CYS D 123 -12.62 -20.19 -68.67
CA CYS D 123 -13.57 -19.07 -68.58
C CYS D 123 -14.98 -19.53 -68.89
N ASP D 124 -15.15 -20.39 -69.90
CA ASP D 124 -16.48 -20.87 -70.27
C ASP D 124 -17.08 -21.79 -69.20
N THR D 125 -16.28 -22.24 -68.24
CA THR D 125 -16.79 -23.13 -67.21
C THR D 125 -17.92 -22.47 -66.44
N ASP D 126 -19.01 -23.22 -66.25
CA ASP D 126 -20.17 -22.70 -65.54
C ASP D 126 -19.93 -22.75 -64.02
N SER D 127 -20.29 -21.66 -63.35
CA SER D 127 -20.10 -21.61 -61.90
C SER D 127 -21.02 -22.60 -61.19
N GLU D 128 -22.22 -22.83 -61.71
CA GLU D 128 -23.16 -23.72 -61.04
C GLU D 128 -22.59 -25.13 -60.93
N THR D 129 -22.10 -25.69 -62.04
CA THR D 129 -21.55 -27.04 -62.02
C THR D 129 -20.31 -27.10 -61.13
N LEU D 130 -19.46 -26.08 -61.20
CA LEU D 130 -18.27 -26.06 -60.35
C LEU D 130 -18.64 -26.12 -58.88
N TYR D 131 -19.58 -25.26 -58.46
CA TYR D 131 -20.00 -25.26 -57.05
C TYR D 131 -20.65 -26.59 -56.67
N GLU D 132 -21.48 -27.13 -57.56
CA GLU D 132 -22.14 -28.40 -57.26
C GLU D 132 -21.12 -29.51 -57.03
N LEU D 133 -20.13 -29.61 -57.93
CA LEU D 133 -19.10 -30.64 -57.77
C LEU D 133 -18.28 -30.40 -56.50
N LEU D 134 -17.90 -29.14 -56.25
CA LEU D 134 -17.09 -28.84 -55.07
C LEU D 134 -17.82 -29.24 -53.80
N THR D 135 -19.11 -28.94 -53.71
CA THR D 135 -19.89 -29.38 -52.56
C THR D 135 -20.04 -30.89 -52.54
N GLN D 136 -20.11 -31.53 -53.72
CA GLN D 136 -20.33 -32.96 -53.78
C GLN D 136 -19.13 -33.74 -53.22
N HIS D 137 -17.92 -33.37 -53.62
CA HIS D 137 -16.73 -34.16 -53.27
C HIS D 137 -15.78 -33.46 -52.31
N TRP D 138 -15.46 -32.18 -52.54
CA TRP D 138 -14.38 -31.56 -51.78
C TRP D 138 -14.85 -31.10 -50.39
N HIS D 139 -15.79 -30.16 -50.34
CA HIS D 139 -16.13 -29.49 -49.10
C HIS D 139 -17.65 -29.49 -48.89
N LEU D 140 -18.06 -28.91 -47.77
CA LEU D 140 -19.47 -28.81 -47.39
C LEU D 140 -19.99 -27.40 -47.66
N LYS D 141 -21.31 -27.28 -47.68
CA LYS D 141 -21.93 -25.97 -47.89
C LYS D 141 -21.45 -25.00 -46.82
N THR D 142 -21.14 -23.77 -47.27
CA THR D 142 -20.54 -22.77 -46.39
C THR D 142 -21.61 -21.82 -45.87
N PRO D 143 -21.71 -21.61 -44.55
CA PRO D 143 -22.67 -20.61 -44.05
C PRO D 143 -22.33 -19.19 -44.43
N ASN D 144 -21.08 -18.92 -44.82
CA ASN D 144 -20.67 -17.55 -45.18
C ASN D 144 -19.45 -17.63 -46.07
N LEU D 145 -19.23 -16.56 -46.85
CA LEU D 145 -18.10 -16.45 -47.74
C LEU D 145 -17.47 -15.07 -47.55
N VAL D 146 -16.23 -15.03 -47.08
CA VAL D 146 -15.51 -13.78 -46.85
C VAL D 146 -14.40 -13.72 -47.88
N ILE D 147 -14.65 -13.01 -48.97
CA ILE D 147 -13.63 -12.86 -50.01
C ILE D 147 -12.70 -11.70 -49.64
N SER D 148 -11.45 -11.80 -50.09
CA SER D 148 -10.45 -10.78 -49.84
C SER D 148 -9.90 -10.26 -51.17
N VAL D 149 -9.77 -8.95 -51.27
CA VAL D 149 -9.27 -8.29 -52.47
C VAL D 149 -7.96 -7.61 -52.12
N THR D 150 -6.89 -7.98 -52.81
CA THR D 150 -5.57 -7.41 -52.59
C THR D 150 -4.88 -7.19 -53.93
N GLY D 151 -4.01 -6.19 -53.98
CA GLY D 151 -3.30 -5.92 -55.22
C GLY D 151 -2.45 -7.10 -55.64
N GLY D 152 -2.49 -7.41 -56.94
CA GLY D 152 -1.70 -8.51 -57.47
C GLY D 152 -0.20 -8.31 -57.31
N ALA D 153 0.24 -7.07 -57.13
CA ALA D 153 1.65 -6.80 -56.96
C ALA D 153 2.18 -7.48 -55.69
N LYS D 154 3.39 -8.04 -55.79
CA LYS D 154 3.97 -8.74 -54.65
C LYS D 154 4.24 -7.80 -53.49
N ASN D 155 4.63 -6.56 -53.77
CA ASN D 155 4.98 -5.62 -52.71
C ASN D 155 3.80 -5.41 -51.77
N PHE D 156 4.09 -5.47 -50.47
CA PHE D 156 3.06 -5.27 -49.46
C PHE D 156 3.73 -4.88 -48.14
N ALA D 157 2.94 -4.27 -47.26
CA ALA D 157 3.41 -3.84 -45.95
C ALA D 157 2.47 -4.39 -44.89
N LEU D 158 3.04 -4.99 -43.85
CA LEU D 158 2.27 -5.60 -42.77
C LEU D 158 2.32 -4.70 -41.54
N LYS D 159 1.30 -3.83 -41.38
CA LYS D 159 1.21 -2.99 -40.21
C LYS D 159 0.63 -3.78 -39.03
N PRO D 160 0.99 -3.43 -37.79
CA PRO D 160 0.44 -4.18 -36.65
C PRO D 160 -1.08 -4.17 -36.60
N ARG D 161 -1.70 -3.04 -36.88
CA ARG D 161 -3.16 -2.98 -36.86
C ARG D 161 -3.75 -3.87 -37.95
N MET D 162 -3.16 -3.85 -39.14
CA MET D 162 -3.64 -4.73 -40.21
C MET D 162 -3.48 -6.19 -39.82
N ARG D 163 -2.34 -6.54 -39.23
CA ARG D 163 -2.11 -7.92 -38.80
C ARG D 163 -3.16 -8.36 -37.79
N LYS D 164 -3.43 -7.52 -36.79
CA LYS D 164 -4.42 -7.86 -35.78
C LYS D 164 -5.81 -7.98 -36.39
N ILE D 165 -6.16 -7.06 -37.30
CA ILE D 165 -7.48 -7.09 -37.92
C ILE D 165 -7.66 -8.37 -38.72
N PHE D 166 -6.65 -8.77 -39.49
CA PHE D 166 -6.78 -9.98 -40.29
C PHE D 166 -6.75 -11.23 -39.43
N SER D 167 -6.03 -11.21 -38.31
CA SER D 167 -6.10 -12.34 -37.37
C SER D 167 -7.51 -12.48 -36.81
N ARG D 168 -8.12 -11.36 -36.43
CA ARG D 168 -9.50 -11.41 -35.96
C ARG D 168 -10.44 -11.90 -37.05
N LEU D 169 -10.20 -11.48 -38.29
CA LEU D 169 -11.02 -11.94 -39.41
C LEU D 169 -10.92 -13.45 -39.56
N ILE D 170 -9.70 -14.00 -39.48
CA ILE D 170 -9.53 -15.45 -39.61
C ILE D 170 -10.22 -16.16 -38.46
N TYR D 171 -10.11 -15.61 -37.24
CA TYR D 171 -10.78 -16.23 -36.10
C TYR D 171 -12.29 -16.25 -36.30
N ILE D 172 -12.85 -15.14 -36.79
CA ILE D 172 -14.30 -15.08 -37.03
C ILE D 172 -14.69 -16.08 -38.10
N ALA D 173 -13.90 -16.18 -39.17
CA ALA D 173 -14.22 -17.12 -40.23
C ALA D 173 -14.20 -18.55 -39.71
N GLN D 174 -13.21 -18.89 -38.88
CA GLN D 174 -13.16 -20.23 -38.30
C GLN D 174 -14.37 -20.47 -37.40
N SER D 175 -14.74 -19.49 -36.58
CA SER D 175 -15.88 -19.67 -35.69
C SER D 175 -17.16 -19.88 -36.48
N LYS D 176 -17.36 -19.12 -37.55
CA LYS D 176 -18.54 -19.26 -38.39
C LYS D 176 -18.36 -20.31 -39.48
N GLY D 177 -17.15 -20.81 -39.68
CA GLY D 177 -16.91 -21.77 -40.74
C GLY D 177 -17.12 -21.21 -42.13
N ALA D 178 -16.68 -19.98 -42.37
CA ALA D 178 -16.92 -19.32 -43.65
C ALA D 178 -15.82 -19.63 -44.65
N TRP D 179 -16.20 -19.66 -45.93
CA TRP D 179 -15.22 -19.80 -46.99
C TRP D 179 -14.45 -18.49 -47.17
N ILE D 180 -13.24 -18.60 -47.71
CA ILE D 180 -12.38 -17.45 -47.99
C ILE D 180 -11.91 -17.56 -49.43
N LEU D 181 -12.10 -16.48 -50.19
CA LEU D 181 -11.67 -16.40 -51.58
C LEU D 181 -10.57 -15.36 -51.68
N THR D 182 -9.46 -15.73 -52.32
CA THR D 182 -8.29 -14.87 -52.39
C THR D 182 -7.52 -15.17 -53.66
N GLY D 183 -6.66 -14.24 -54.05
CA GLY D 183 -5.84 -14.45 -55.24
C GLY D 183 -4.90 -15.63 -55.09
N GLY D 184 -4.23 -15.72 -53.95
CA GLY D 184 -3.35 -16.85 -53.68
C GLY D 184 -2.12 -16.88 -54.56
N THR D 185 -1.23 -15.91 -54.39
CA THR D 185 0.02 -15.84 -55.14
C THR D 185 1.25 -15.86 -54.24
N HIS D 186 1.07 -16.03 -52.94
CA HIS D 186 2.18 -16.18 -52.00
C HIS D 186 3.01 -14.89 -51.91
N TYR D 187 2.33 -13.78 -51.62
CA TYR D 187 3.00 -12.50 -51.45
C TYR D 187 2.24 -11.63 -50.48
N GLY D 188 2.95 -11.13 -49.47
CA GLY D 188 2.39 -10.12 -48.59
C GLY D 188 1.16 -10.61 -47.85
N LEU D 189 0.02 -9.97 -48.14
CA LEU D 189 -1.20 -10.27 -47.39
C LEU D 189 -1.62 -11.72 -47.56
N MET D 190 -1.48 -12.26 -48.77
CA MET D 190 -1.85 -13.66 -48.99
C MET D 190 -0.97 -14.59 -48.16
N LYS D 191 0.33 -14.33 -48.11
CA LYS D 191 1.22 -15.15 -47.29
C LYS D 191 0.86 -15.04 -45.82
N TYR D 192 0.55 -13.83 -45.36
CA TYR D 192 0.16 -13.66 -43.97
C TYR D 192 -1.14 -14.41 -43.66
N ILE D 193 -2.10 -14.38 -44.59
CA ILE D 193 -3.34 -15.11 -44.39
C ILE D 193 -3.07 -16.61 -44.30
N GLY D 194 -2.20 -17.12 -45.18
CA GLY D 194 -1.84 -18.53 -45.11
C GLY D 194 -1.19 -18.89 -43.78
N GLU D 195 -0.26 -18.05 -43.31
CA GLU D 195 0.39 -18.31 -42.04
C GLU D 195 -0.61 -18.28 -40.88
N VAL D 196 -1.54 -17.33 -40.92
CA VAL D 196 -2.54 -17.25 -39.86
C VAL D 196 -3.44 -18.48 -39.88
N VAL D 197 -3.82 -18.93 -41.08
CA VAL D 197 -4.64 -20.14 -41.18
C VAL D 197 -3.90 -21.33 -40.61
N ARG D 198 -2.60 -21.45 -40.93
CA ARG D 198 -1.81 -22.55 -40.39
C ARG D 198 -1.75 -22.48 -38.87
N ASP D 199 -1.51 -21.29 -38.32
CA ASP D 199 -1.43 -21.14 -36.87
C ASP D 199 -2.75 -21.52 -36.22
N ASN D 200 -3.87 -21.07 -36.80
CA ASN D 200 -5.18 -21.39 -36.23
C ASN D 200 -5.46 -22.89 -36.29
N THR D 201 -5.14 -23.53 -37.42
CA THR D 201 -5.46 -24.96 -37.55
C THR D 201 -4.55 -25.82 -36.69
N ILE D 202 -3.30 -25.38 -36.45
CA ILE D 202 -2.42 -26.14 -35.57
C ILE D 202 -2.97 -26.19 -34.15
N SER D 203 -3.45 -25.05 -33.66
CA SER D 203 -4.02 -24.98 -32.32
C SER D 203 -5.40 -25.63 -32.27
N GLU D 208 -14.67 -27.14 -37.84
CA GLU D 208 -13.37 -27.32 -37.19
C GLU D 208 -12.22 -27.12 -38.18
N ASN D 209 -12.55 -26.78 -39.42
CA ASN D 209 -11.57 -26.54 -40.46
C ASN D 209 -11.92 -25.25 -41.19
N ILE D 210 -10.89 -24.65 -41.81
CA ILE D 210 -11.02 -23.38 -42.51
C ILE D 210 -10.78 -23.62 -43.99
N VAL D 211 -11.68 -23.12 -44.82
CA VAL D 211 -11.55 -23.22 -46.28
C VAL D 211 -10.89 -21.94 -46.79
N ALA D 212 -9.80 -22.11 -47.54
CA ALA D 212 -9.01 -21.00 -48.07
C ALA D 212 -8.86 -21.13 -49.57
N ILE D 213 -9.97 -21.33 -50.26
CA ILE D 213 -9.94 -21.44 -51.72
C ILE D 213 -9.32 -20.18 -52.30
N GLY D 214 -8.32 -20.36 -53.17
CA GLY D 214 -7.65 -19.25 -53.80
C GLY D 214 -7.62 -19.35 -55.30
N ILE D 215 -8.26 -18.41 -55.98
CA ILE D 215 -8.33 -18.39 -57.44
C ILE D 215 -7.18 -17.54 -57.96
N ALA D 216 -6.42 -18.11 -58.90
CA ALA D 216 -5.30 -17.39 -59.52
C ALA D 216 -5.31 -17.67 -61.01
N ALA D 217 -4.37 -17.03 -61.72
CA ALA D 217 -4.29 -17.13 -63.17
C ALA D 217 -3.27 -18.20 -63.56
N TRP D 218 -3.67 -19.06 -64.51
CA TRP D 218 -2.76 -20.11 -64.98
C TRP D 218 -1.53 -19.50 -65.64
N GLY D 219 -1.71 -18.47 -66.45
CA GLY D 219 -0.58 -17.88 -67.16
C GLY D 219 0.41 -17.21 -66.23
N MET D 220 -0.08 -16.57 -65.16
CA MET D 220 0.78 -15.79 -64.28
C MET D 220 1.84 -16.64 -63.60
N VAL D 221 1.58 -17.94 -63.42
CA VAL D 221 2.52 -18.84 -62.75
C VAL D 221 3.32 -19.57 -63.81
N SER D 222 4.65 -19.59 -63.65
CA SER D 222 5.51 -20.13 -64.70
C SER D 222 5.65 -21.65 -64.58
N ASN D 223 5.99 -22.14 -63.40
CA ASN D 223 6.28 -23.56 -63.22
C ASN D 223 5.07 -24.41 -63.60
N ARG D 224 5.32 -25.49 -64.34
CA ARG D 224 4.29 -26.43 -64.74
C ARG D 224 4.64 -27.81 -64.18
N ASP D 225 3.67 -28.42 -63.50
CA ASP D 225 3.86 -29.71 -62.85
C ASP D 225 2.67 -30.62 -63.20
N THR D 226 2.32 -30.65 -64.47
CA THR D 226 1.17 -31.43 -64.91
C THR D 226 1.32 -32.89 -64.48
N LEU D 227 0.18 -33.55 -64.28
CA LEU D 227 0.18 -34.94 -63.86
C LEU D 227 0.91 -35.82 -64.87
N PHE D 237 0.24 -39.15 -61.46
CA PHE D 237 -1.11 -38.78 -61.06
C PHE D 237 -1.10 -37.49 -60.23
N SER D 238 -0.72 -37.62 -58.96
CA SER D 238 -0.66 -36.47 -58.05
C SER D 238 0.74 -35.85 -58.11
N ALA D 239 1.01 -35.20 -59.24
CA ALA D 239 2.30 -34.55 -59.42
C ALA D 239 2.49 -33.45 -58.39
N GLN D 240 3.67 -33.44 -57.75
CA GLN D 240 4.00 -32.46 -56.73
C GLN D 240 5.36 -31.84 -57.03
N TYR D 241 5.41 -30.51 -56.99
CA TYR D 241 6.63 -29.77 -57.29
C TYR D 241 6.77 -28.64 -56.28
N ILE D 242 8.01 -28.18 -56.10
CA ILE D 242 8.32 -27.11 -55.16
C ILE D 242 9.14 -26.05 -55.88
N MET D 243 9.13 -24.84 -55.31
CA MET D 243 9.88 -23.72 -55.86
C MET D 243 9.89 -22.55 -54.89
N ILE D 253 4.01 -18.24 -59.59
CA ILE D 253 4.18 -18.32 -58.14
C ILE D 253 2.89 -18.82 -57.51
N LEU D 254 3.02 -19.59 -56.44
CA LEU D 254 1.88 -20.17 -55.76
C LEU D 254 2.16 -20.25 -54.26
N ASP D 255 1.08 -20.33 -53.48
CA ASP D 255 1.16 -20.40 -52.04
C ASP D 255 1.06 -21.83 -51.56
N ASN D 256 1.68 -22.11 -50.41
CA ASN D 256 1.75 -23.45 -49.86
C ASN D 256 0.75 -23.72 -48.75
N ASN D 257 0.31 -22.68 -48.02
CA ASN D 257 -0.59 -22.87 -46.90
C ASN D 257 -2.06 -22.94 -47.30
N HIS D 258 -2.42 -22.42 -48.47
CA HIS D 258 -3.80 -22.52 -48.93
C HIS D 258 -4.16 -23.97 -49.22
N THR D 259 -5.45 -24.29 -49.05
CA THR D 259 -5.91 -25.66 -49.10
C THR D 259 -6.48 -26.07 -50.45
N HIS D 260 -7.17 -25.17 -51.15
CA HIS D 260 -7.88 -25.50 -52.39
C HIS D 260 -7.58 -24.47 -53.46
N LEU D 261 -6.29 -24.19 -53.68
CA LEU D 261 -5.90 -23.26 -54.73
C LEU D 261 -6.30 -23.81 -56.09
N LEU D 262 -6.77 -22.93 -56.97
CA LEU D 262 -7.12 -23.31 -58.33
C LEU D 262 -6.72 -22.20 -59.29
N LEU D 263 -6.39 -22.61 -60.51
CA LEU D 263 -5.92 -21.71 -61.55
C LEU D 263 -6.91 -21.68 -62.70
N VAL D 264 -7.02 -20.51 -63.33
CA VAL D 264 -7.89 -20.34 -64.49
C VAL D 264 -7.07 -19.81 -65.66
N ALA D 276 -10.82 -12.80 -62.74
CA ALA D 276 -11.64 -11.76 -62.13
C ALA D 276 -13.12 -12.01 -62.38
N LYS D 277 -13.47 -12.22 -63.66
CA LYS D 277 -14.87 -12.47 -64.01
C LYS D 277 -15.37 -13.76 -63.39
N LEU D 278 -14.52 -14.80 -63.40
CA LEU D 278 -14.95 -16.09 -62.85
C LEU D 278 -15.30 -15.98 -61.37
N ARG D 279 -14.47 -15.26 -60.60
CA ARG D 279 -14.73 -15.14 -59.17
C ARG D 279 -16.03 -14.38 -58.92
N ASN D 280 -16.26 -13.30 -59.67
CA ASN D 280 -17.51 -12.55 -59.52
C ASN D 280 -18.71 -13.41 -59.87
N GLN D 281 -18.61 -14.18 -60.96
CA GLN D 281 -19.72 -15.05 -61.35
C GLN D 281 -20.01 -16.08 -60.26
N LEU D 282 -18.96 -16.68 -59.71
CA LEU D 282 -19.14 -17.66 -58.64
C LEU D 282 -19.78 -17.02 -57.41
N GLU D 283 -19.31 -15.82 -57.05
CA GLU D 283 -19.87 -15.13 -55.89
C GLU D 283 -21.34 -14.85 -56.07
N LYS D 284 -21.73 -14.31 -57.23
CA LYS D 284 -23.14 -14.00 -57.46
C LYS D 284 -23.98 -15.27 -57.48
N TYR D 285 -23.47 -16.35 -58.08
CA TYR D 285 -24.22 -17.60 -58.08
C TYR D 285 -24.44 -18.10 -56.67
N ILE D 286 -23.38 -18.07 -55.84
CA ILE D 286 -23.52 -18.55 -54.47
C ILE D 286 -24.50 -17.67 -53.69
N SER D 287 -24.45 -16.36 -53.92
CA SER D 287 -25.40 -15.47 -53.26
C SER D 287 -26.83 -15.81 -53.65
N GLU D 288 -27.06 -16.08 -54.93
CA GLU D 288 -28.40 -16.45 -55.39
C GLU D 288 -28.85 -17.78 -54.79
N ARG D 289 -27.92 -18.69 -54.54
CA ARG D 289 -28.27 -20.01 -54.02
C ARG D 289 -28.96 -19.89 -52.67
N THR D 290 -30.06 -20.63 -52.52
CA THR D 290 -30.81 -20.62 -51.27
C THR D 290 -30.08 -21.43 -50.21
N SER D 291 -30.16 -20.97 -48.96
CA SER D 291 -29.54 -21.62 -47.82
C SER D 291 -30.60 -21.90 -46.77
N GLN D 292 -30.61 -23.12 -46.25
CA GLN D 292 -31.58 -23.53 -45.24
C GLN D 292 -31.18 -23.15 -43.82
N ASP D 293 -30.00 -22.58 -43.64
CA ASP D 293 -29.52 -22.16 -42.32
C ASP D 293 -28.87 -20.78 -42.44
N SER D 294 -28.40 -20.27 -41.32
CA SER D 294 -27.74 -18.97 -41.21
C SER D 294 -28.71 -17.79 -41.31
N ASN D 295 -30.01 -18.07 -41.42
CA ASN D 295 -31.05 -17.02 -41.49
C ASN D 295 -30.70 -16.11 -42.67
N TYR D 296 -30.73 -14.79 -42.51
CA TYR D 296 -30.42 -13.86 -43.58
C TYR D 296 -31.34 -14.07 -44.79
N GLY D 297 -32.60 -14.41 -44.51
CA GLY D 297 -33.58 -14.58 -45.57
C GLY D 297 -33.21 -15.64 -46.58
N GLY D 298 -32.68 -16.77 -46.11
CA GLY D 298 -32.32 -17.85 -47.02
C GLY D 298 -31.22 -17.51 -47.99
N LYS D 299 -30.47 -16.44 -47.75
CA LYS D 299 -29.37 -16.02 -48.59
C LYS D 299 -28.08 -16.00 -47.78
N ILE D 300 -27.01 -16.52 -48.36
CA ILE D 300 -25.73 -16.59 -47.66
C ILE D 300 -25.14 -15.19 -47.57
N PRO D 301 -24.47 -14.82 -46.46
CA PRO D 301 -23.96 -13.44 -46.35
C PRO D 301 -23.03 -13.05 -47.48
N ILE D 302 -22.03 -13.88 -47.79
CA ILE D 302 -21.05 -13.63 -48.85
C ILE D 302 -20.59 -12.19 -48.85
N VAL D 303 -20.12 -11.70 -47.71
CA VAL D 303 -19.62 -10.34 -47.62
C VAL D 303 -18.32 -10.22 -48.41
N CYS D 304 -18.08 -9.03 -48.97
CA CYS D 304 -16.85 -8.73 -49.68
C CYS D 304 -15.95 -7.85 -48.81
N PHE D 305 -14.69 -8.26 -48.68
CA PHE D 305 -13.70 -7.54 -47.89
C PHE D 305 -12.58 -7.08 -48.81
N ALA D 306 -12.22 -5.79 -48.73
CA ALA D 306 -11.19 -5.21 -49.58
C ALA D 306 -10.34 -4.29 -48.73
N GLN D 307 -9.05 -4.61 -48.63
CA GLN D 307 -8.08 -3.80 -47.89
C GLN D 307 -6.84 -3.61 -48.74
N GLY D 308 -6.28 -2.40 -48.70
CA GLY D 308 -5.11 -2.06 -49.46
C GLY D 308 -5.43 -1.20 -50.67
N GLY D 309 -4.36 -0.74 -51.33
CA GLY D 309 -4.48 0.15 -52.47
C GLY D 309 -4.15 -0.52 -53.79
N GLY D 310 -5.01 -0.34 -54.79
CA GLY D 310 -4.76 -0.92 -56.09
C GLY D 310 -5.85 -0.57 -57.08
N ARG D 311 -5.58 -0.85 -58.36
CA ARG D 311 -6.58 -0.65 -59.40
C ARG D 311 -7.52 -1.85 -59.51
N GLU D 312 -6.94 -3.06 -59.55
CA GLU D 312 -7.76 -4.26 -59.65
C GLU D 312 -8.69 -4.41 -58.45
N THR D 313 -8.27 -3.95 -57.27
CA THR D 313 -9.17 -3.97 -56.12
C THR D 313 -10.32 -2.98 -56.33
N LEU D 314 -10.04 -1.84 -56.97
CA LEU D 314 -11.12 -0.93 -57.31
C LEU D 314 -12.13 -1.60 -58.25
N LYS D 315 -11.63 -2.27 -59.29
CA LYS D 315 -12.54 -2.94 -60.21
C LYS D 315 -13.33 -4.04 -59.51
N ALA D 316 -12.67 -4.80 -58.62
CA ALA D 316 -13.36 -5.86 -57.89
C ALA D 316 -14.44 -5.30 -56.98
N ILE D 317 -14.14 -4.20 -56.27
CA ILE D 317 -15.14 -3.59 -55.41
C ILE D 317 -16.32 -3.10 -56.25
N ASN D 318 -16.04 -2.45 -57.38
CA ASN D 318 -17.13 -1.95 -58.22
C ASN D 318 -18.01 -3.09 -58.69
N THR D 319 -17.42 -4.15 -59.27
CA THR D 319 -18.22 -5.24 -59.78
C THR D 319 -18.99 -5.96 -58.66
N SER D 320 -18.40 -6.06 -57.47
CA SER D 320 -19.12 -6.64 -56.34
C SER D 320 -20.32 -5.76 -55.98
N VAL D 321 -20.15 -4.44 -56.01
CA VAL D 321 -21.27 -3.55 -55.71
C VAL D 321 -22.37 -3.69 -56.76
N LYS D 322 -21.98 -3.93 -58.01
CA LYS D 322 -22.98 -4.12 -59.06
C LYS D 322 -23.94 -5.25 -58.69
N SER D 323 -23.45 -6.26 -57.96
CA SER D 323 -24.28 -7.38 -57.54
C SER D 323 -24.96 -7.15 -56.20
N LYS D 324 -24.79 -5.96 -55.61
CA LYS D 324 -25.41 -5.55 -54.35
C LYS D 324 -24.76 -6.21 -53.15
N ILE D 325 -23.66 -6.93 -53.33
CA ILE D 325 -23.01 -7.60 -52.20
C ILE D 325 -22.41 -6.53 -51.29
N PRO D 326 -22.62 -6.62 -49.97
CA PRO D 326 -22.09 -5.58 -49.08
C PRO D 326 -20.58 -5.71 -48.89
N CYS D 327 -19.88 -4.59 -49.09
CA CYS D 327 -18.42 -4.55 -49.00
C CYS D 327 -17.99 -3.71 -47.81
N VAL D 328 -16.94 -4.17 -47.12
CA VAL D 328 -16.36 -3.48 -45.98
C VAL D 328 -14.93 -3.13 -46.31
N VAL D 329 -14.50 -1.94 -45.91
CA VAL D 329 -13.19 -1.40 -46.25
C VAL D 329 -12.53 -0.87 -44.99
N VAL D 330 -11.20 -0.93 -44.96
CA VAL D 330 -10.40 -0.41 -43.85
C VAL D 330 -9.54 0.73 -44.39
N GLU D 331 -9.63 1.89 -43.72
CA GLU D 331 -8.92 3.09 -44.16
C GLU D 331 -7.58 3.27 -43.47
N GLY D 332 -7.17 2.32 -42.63
CA GLY D 332 -5.92 2.49 -41.89
C GLY D 332 -4.70 2.55 -42.80
N SER D 333 -4.62 1.63 -43.75
CA SER D 333 -3.42 1.48 -44.59
C SER D 333 -3.70 1.71 -46.06
N GLY D 334 -4.70 1.04 -46.64
CA GLY D 334 -4.93 1.09 -48.06
C GLY D 334 -5.05 2.50 -48.61
N GLN D 335 -4.23 2.81 -49.62
CA GLN D 335 -4.25 4.16 -50.20
C GLN D 335 -5.59 4.47 -50.83
N ILE D 336 -6.05 3.61 -51.74
CA ILE D 336 -7.36 3.83 -52.35
C ILE D 336 -8.46 3.58 -51.34
N ALA D 337 -8.27 2.62 -50.44
CA ALA D 337 -9.23 2.41 -49.36
C ALA D 337 -9.35 3.65 -48.50
N ASP D 338 -8.22 4.27 -48.17
CA ASP D 338 -8.26 5.50 -47.38
C ASP D 338 -8.91 6.64 -48.17
N VAL D 339 -8.65 6.70 -49.48
CA VAL D 339 -9.31 7.70 -50.33
C VAL D 339 -10.82 7.55 -50.24
N ILE D 340 -11.30 6.32 -50.42
CA ILE D 340 -12.75 6.09 -50.38
C ILE D 340 -13.32 6.39 -49.01
N ALA D 341 -12.59 6.00 -47.95
CA ALA D 341 -13.05 6.28 -46.60
C ALA D 341 -13.16 7.78 -46.33
N SER D 342 -12.18 8.55 -46.78
CA SER D 342 -12.25 10.00 -46.63
C SER D 342 -13.35 10.59 -47.50
N LEU D 343 -13.66 9.95 -48.62
CA LEU D 343 -14.67 10.49 -49.53
C LEU D 343 -16.05 10.53 -48.87
N VAL D 344 -16.42 9.47 -48.15
CA VAL D 344 -17.73 9.42 -47.51
C VAL D 344 -17.75 10.35 -46.30
N THR D 351 -16.71 15.90 -55.11
CA THR D 351 -16.89 16.02 -56.55
C THR D 351 -15.67 15.46 -57.29
N SER D 352 -15.62 15.70 -58.61
CA SER D 352 -14.49 15.22 -59.39
C SER D 352 -13.18 15.84 -58.90
N SER D 353 -13.19 17.15 -58.62
CA SER D 353 -11.98 17.80 -58.13
C SER D 353 -11.56 17.22 -56.77
N MET D 354 -12.54 16.98 -55.89
CA MET D 354 -12.22 16.40 -54.59
C MET D 354 -11.61 15.01 -54.74
N VAL D 355 -12.19 14.18 -55.62
CA VAL D 355 -11.66 12.85 -55.84
C VAL D 355 -10.24 12.91 -56.39
N LYS D 356 -10.02 13.81 -57.36
CA LYS D 356 -8.69 13.96 -57.93
C LYS D 356 -7.68 14.37 -56.87
N GLU D 357 -8.05 15.34 -56.03
CA GLU D 357 -7.14 15.79 -54.98
C GLU D 357 -6.85 14.65 -54.00
N LYS D 358 -7.88 13.90 -53.61
CA LYS D 358 -7.69 12.82 -52.65
C LYS D 358 -6.76 11.74 -53.22
N LEU D 359 -6.99 11.34 -54.48
CA LEU D 359 -6.16 10.30 -55.07
C LEU D 359 -4.74 10.80 -55.31
N VAL D 360 -4.57 12.08 -55.65
CA VAL D 360 -3.22 12.62 -55.79
C VAL D 360 -2.51 12.61 -54.45
N ARG D 361 -3.20 13.00 -53.38
CA ARG D 361 -2.58 13.00 -52.05
C ARG D 361 -2.21 11.59 -51.62
N PHE D 362 -3.08 10.61 -51.88
CA PHE D 362 -2.83 9.25 -51.44
C PHE D 362 -2.14 8.39 -52.49
N LEU D 363 -2.19 8.76 -53.76
CA LEU D 363 -1.52 8.04 -54.83
C LEU D 363 -0.72 9.03 -55.68
N PRO D 364 0.35 9.62 -55.13
CA PRO D 364 1.18 10.51 -55.96
C PRO D 364 1.86 9.78 -57.10
N ARG D 365 2.60 8.71 -56.80
CA ARG D 365 3.30 7.97 -57.86
C ARG D 365 2.30 7.36 -58.84
N THR D 366 1.22 6.76 -58.34
CA THR D 366 0.23 6.16 -59.22
C THR D 366 -0.43 7.20 -60.11
N VAL D 367 -0.77 8.36 -59.54
CA VAL D 367 -1.41 9.40 -60.32
C VAL D 367 -0.45 9.92 -61.39
N SER D 368 0.80 10.16 -61.02
CA SER D 368 1.76 10.68 -61.97
C SER D 368 2.02 9.68 -63.10
N ARG D 369 2.17 8.40 -62.75
CA ARG D 369 2.41 7.37 -63.76
C ARG D 369 1.15 7.04 -64.56
N LEU D 370 -0.01 7.16 -63.94
CA LEU D 370 -1.25 6.82 -64.63
C LEU D 370 -1.44 7.75 -65.83
N PRO D 371 -1.90 7.23 -66.97
CA PRO D 371 -2.12 8.08 -68.13
C PRO D 371 -3.39 8.91 -67.98
N GLU D 372 -3.57 9.84 -68.92
CA GLU D 372 -4.74 10.70 -68.90
C GLU D 372 -6.02 9.88 -69.07
N GLU D 373 -6.00 8.89 -69.95
CA GLU D 373 -7.19 8.07 -70.18
C GLU D 373 -7.58 7.32 -68.91
N GLU D 374 -6.60 6.77 -68.20
CA GLU D 374 -6.91 6.00 -66.99
C GLU D 374 -7.52 6.87 -65.90
N ILE D 375 -7.21 8.17 -65.88
CA ILE D 375 -7.75 9.04 -64.85
C ILE D 375 -9.27 9.09 -64.94
N GLU D 376 -9.81 9.25 -66.15
CA GLU D 376 -11.25 9.30 -66.33
C GLU D 376 -11.90 7.98 -65.91
N SER D 377 -11.28 6.85 -66.28
CA SER D 377 -11.82 5.56 -65.89
C SER D 377 -11.85 5.41 -64.37
N TRP D 378 -10.76 5.77 -63.71
CA TRP D 378 -10.73 5.69 -62.25
C TRP D 378 -11.80 6.59 -61.62
N ILE D 379 -11.94 7.80 -62.15
CA ILE D 379 -12.92 8.73 -61.59
C ILE D 379 -14.32 8.17 -61.75
N LYS D 380 -14.64 7.63 -62.93
CA LYS D 380 -15.97 7.08 -63.13
C LYS D 380 -16.22 5.86 -62.25
N TRP D 381 -15.23 4.95 -62.13
CA TRP D 381 -15.42 3.79 -61.27
C TRP D 381 -15.67 4.22 -59.84
N LEU D 382 -14.88 5.15 -59.32
CA LEU D 382 -15.05 5.59 -57.94
C LEU D 382 -16.37 6.30 -57.73
N LYS D 383 -16.78 7.14 -58.70
CA LYS D 383 -18.06 7.82 -58.60
C LYS D 383 -19.21 6.82 -58.58
N GLU D 384 -19.15 5.81 -59.43
CA GLU D 384 -20.17 4.76 -59.42
C GLU D 384 -20.16 4.02 -58.09
N ILE D 385 -18.98 3.80 -57.52
CA ILE D 385 -18.89 3.14 -56.21
C ILE D 385 -19.61 3.97 -55.16
N LEU D 386 -19.37 5.29 -55.16
CA LEU D 386 -20.00 6.16 -54.17
C LEU D 386 -21.52 6.25 -54.35
N GLU D 387 -22.05 5.81 -55.49
CA GLU D 387 -23.50 5.87 -55.68
C GLU D 387 -24.21 4.98 -54.67
N SER D 388 -23.64 3.81 -54.37
CA SER D 388 -24.19 2.89 -53.38
C SER D 388 -23.45 3.11 -52.06
N SER D 389 -23.87 4.14 -51.34
CA SER D 389 -23.19 4.50 -50.09
C SER D 389 -23.55 3.53 -48.97
N HIS D 390 -24.80 3.07 -48.93
CA HIS D 390 -25.25 2.25 -47.81
C HIS D 390 -24.48 0.94 -47.73
N LEU D 391 -24.26 0.28 -48.88
CA LEU D 391 -23.57 -1.00 -48.86
C LEU D 391 -22.14 -0.85 -48.35
N LEU D 392 -21.44 0.19 -48.79
CA LEU D 392 -20.03 0.36 -48.45
C LEU D 392 -19.90 0.73 -46.97
N THR D 393 -19.39 -0.19 -46.17
CA THR D 393 -19.08 0.07 -44.78
C THR D 393 -17.58 0.29 -44.62
N VAL D 394 -17.21 1.09 -43.62
CA VAL D 394 -15.82 1.47 -43.41
C VAL D 394 -15.45 1.26 -41.95
N ILE D 395 -14.16 1.04 -41.72
CA ILE D 395 -13.62 0.89 -40.38
C ILE D 395 -12.92 2.19 -40.00
N LYS D 396 -13.22 2.71 -38.82
CA LYS D 396 -12.65 3.96 -38.34
C LYS D 396 -11.30 3.72 -37.67
N MET D 397 -10.42 4.72 -37.79
CA MET D 397 -9.12 4.63 -37.15
C MET D 397 -9.23 4.74 -35.63
N GLU D 398 -10.24 5.47 -35.14
CA GLU D 398 -10.38 5.63 -33.69
C GLU D 398 -10.64 4.29 -33.02
N GLU D 399 -11.45 3.43 -33.64
CA GLU D 399 -11.77 2.14 -33.04
C GLU D 399 -10.50 1.33 -32.82
N ALA D 400 -10.31 0.86 -31.58
CA ALA D 400 -9.15 0.05 -31.23
C ALA D 400 -9.52 -1.13 -30.34
N GLY D 401 -10.81 -1.39 -30.14
CA GLY D 401 -11.22 -2.48 -29.29
C GLY D 401 -10.99 -3.84 -29.95
N ASP D 402 -11.09 -4.88 -29.12
CA ASP D 402 -10.87 -6.23 -29.62
C ASP D 402 -11.88 -6.61 -30.70
N GLU D 403 -13.16 -6.26 -30.48
CA GLU D 403 -14.23 -6.63 -31.41
C GLU D 403 -14.48 -5.44 -32.34
N ILE D 404 -13.81 -5.47 -33.50
CA ILE D 404 -13.96 -4.46 -34.54
C ILE D 404 -14.40 -5.07 -35.86
N VAL D 405 -13.73 -6.16 -36.28
CA VAL D 405 -14.06 -6.80 -37.54
C VAL D 405 -15.48 -7.36 -37.50
N SER D 406 -15.82 -8.04 -36.40
CA SER D 406 -17.15 -8.63 -36.28
C SER D 406 -18.22 -7.55 -36.33
N ASN D 407 -18.01 -6.43 -35.64
CA ASN D 407 -18.99 -5.35 -35.66
C ASN D 407 -19.19 -4.81 -37.06
N ALA D 408 -18.09 -4.59 -37.79
CA ALA D 408 -18.20 -4.05 -39.14
C ALA D 408 -18.94 -5.02 -40.07
N ILE D 409 -18.58 -6.29 -40.01
CA ILE D 409 -19.23 -7.27 -40.88
C ILE D 409 -20.72 -7.39 -40.55
N SER D 410 -21.05 -7.46 -39.25
CA SER D 410 -22.43 -7.57 -38.85
C SER D 410 -23.24 -6.34 -39.28
N TYR D 411 -22.66 -5.15 -39.12
CA TYR D 411 -23.35 -3.93 -39.53
C TYR D 411 -23.57 -3.90 -41.03
N ALA D 412 -22.56 -4.30 -41.80
CA ALA D 412 -22.72 -4.32 -43.26
C ALA D 412 -23.83 -5.29 -43.68
N LEU D 413 -23.83 -6.49 -43.09
CA LEU D 413 -24.86 -7.47 -43.43
C LEU D 413 -26.24 -6.98 -43.01
N TYR D 414 -26.33 -6.34 -41.85
CA TYR D 414 -27.62 -5.80 -41.40
C TYR D 414 -28.11 -4.72 -42.35
N LYS D 415 -27.22 -3.82 -42.79
CA LYS D 415 -27.61 -2.81 -43.77
C LYS D 415 -28.11 -3.46 -45.05
N ALA D 416 -27.38 -4.45 -45.55
CA ALA D 416 -27.77 -5.10 -46.79
C ALA D 416 -29.13 -5.76 -46.66
N PHE D 417 -29.38 -6.45 -45.54
CA PHE D 417 -30.64 -7.16 -45.36
C PHE D 417 -31.79 -6.20 -45.16
N SER D 418 -31.56 -5.08 -44.45
CA SER D 418 -32.64 -4.14 -44.17
C SER D 418 -33.00 -3.31 -45.39
N THR D 419 -32.00 -2.83 -46.14
CA THR D 419 -32.23 -1.90 -47.23
C THR D 419 -32.52 -2.58 -48.56
N ASN D 420 -32.49 -3.92 -48.62
CA ASN D 420 -32.74 -4.61 -49.87
C ASN D 420 -34.19 -4.50 -50.31
N GLU D 421 -35.11 -4.22 -49.38
CA GLU D 421 -36.55 -4.11 -49.62
C GLU D 421 -37.22 -5.47 -49.82
N GLN D 422 -36.45 -6.56 -49.86
CA GLN D 422 -37.01 -7.90 -50.00
C GLN D 422 -36.80 -8.65 -48.69
N ASP D 423 -37.91 -9.01 -48.04
CA ASP D 423 -37.85 -9.68 -46.74
C ASP D 423 -37.10 -8.82 -45.72
N LYS D 424 -37.24 -7.51 -45.84
CA LYS D 424 -36.59 -6.57 -44.94
C LYS D 424 -37.52 -6.03 -43.86
N ASP D 425 -38.81 -5.86 -44.18
CA ASP D 425 -39.77 -5.39 -43.19
C ASP D 425 -40.03 -6.41 -42.10
N ASN D 426 -39.62 -7.66 -42.29
CA ASN D 426 -39.88 -8.70 -41.30
C ASN D 426 -39.09 -8.42 -40.02
N TRP D 427 -39.81 -8.35 -38.90
CA TRP D 427 -39.18 -8.07 -37.61
C TRP D 427 -38.42 -9.29 -37.10
N ASN D 428 -39.03 -10.47 -37.20
CA ASN D 428 -38.45 -11.67 -36.61
C ASN D 428 -37.12 -12.02 -37.28
N GLY D 429 -37.08 -12.02 -38.61
CA GLY D 429 -35.86 -12.36 -39.31
C GLY D 429 -34.75 -11.36 -39.05
N GLN D 430 -35.09 -10.08 -39.00
CA GLN D 430 -34.09 -9.05 -38.69
C GLN D 430 -33.51 -9.27 -37.31
N LEU D 431 -34.37 -9.55 -36.32
CA LEU D 431 -33.87 -9.80 -34.97
C LEU D 431 -32.99 -11.04 -34.94
N LYS D 432 -33.38 -12.10 -35.65
CA LYS D 432 -32.56 -13.31 -35.69
C LYS D 432 -31.19 -13.03 -36.30
N LEU D 433 -31.16 -12.26 -37.40
CA LEU D 433 -29.90 -11.93 -38.03
C LEU D 433 -29.00 -11.14 -37.08
N LEU D 434 -29.58 -10.16 -36.38
CA LEU D 434 -28.79 -9.39 -35.43
C LEU D 434 -28.31 -10.27 -34.28
N LEU D 435 -29.10 -11.27 -33.89
CA LEU D 435 -28.70 -12.15 -32.80
C LEU D 435 -27.61 -13.13 -33.23
N GLU D 436 -27.55 -13.45 -34.52
CA GLU D 436 -26.51 -14.37 -34.98
C GLU D 436 -25.12 -13.88 -34.59
N TRP D 437 -24.95 -12.56 -34.51
CA TRP D 437 -23.73 -11.94 -34.03
C TRP D 437 -24.03 -11.20 -32.73
N ASN D 438 -23.02 -11.09 -31.87
CA ASN D 438 -23.24 -10.46 -30.57
C ASN D 438 -23.33 -8.95 -30.72
N GLN D 439 -24.50 -8.44 -31.09
CA GLN D 439 -24.75 -7.02 -31.28
C GLN D 439 -25.90 -6.60 -30.38
N LEU D 440 -25.56 -5.95 -29.27
CA LEU D 440 -26.54 -5.53 -28.27
C LEU D 440 -27.11 -4.14 -28.56
N ASP D 441 -26.23 -3.14 -28.64
CA ASP D 441 -26.69 -1.77 -28.84
C ASP D 441 -27.41 -1.62 -30.17
N LEU D 442 -26.89 -2.26 -31.23
CA LEU D 442 -27.55 -2.17 -32.53
C LEU D 442 -28.96 -2.74 -32.48
N ALA D 443 -29.12 -3.90 -31.84
CA ALA D 443 -30.45 -4.50 -31.72
C ALA D 443 -31.37 -3.60 -30.91
N SER D 444 -30.88 -3.05 -29.80
CA SER D 444 -31.71 -2.19 -28.97
C SER D 444 -32.17 -0.96 -29.75
N ASP D 445 -31.26 -0.37 -30.54
CA ASP D 445 -31.60 0.85 -31.25
C ASP D 445 -32.53 0.59 -32.43
N GLU D 446 -32.31 -0.50 -33.16
CA GLU D 446 -33.05 -0.71 -34.41
C GLU D 446 -34.36 -1.46 -34.17
N ILE D 447 -34.32 -2.54 -33.40
CA ILE D 447 -35.47 -3.43 -33.27
C ILE D 447 -36.47 -2.91 -32.23
N PHE D 448 -35.97 -2.48 -31.07
CA PHE D 448 -36.83 -2.03 -29.97
C PHE D 448 -36.90 -0.51 -29.89
N THR D 449 -36.88 0.18 -31.03
CA THR D 449 -36.99 1.62 -31.04
C THR D 449 -38.38 2.11 -30.66
N ASN D 450 -39.36 1.22 -30.58
CA ASN D 450 -40.75 1.50 -30.23
C ASN D 450 -41.52 2.10 -31.39
N ASP D 451 -40.88 2.34 -32.54
CA ASP D 451 -41.60 2.87 -33.69
C ASP D 451 -42.67 1.89 -34.17
N ARG D 452 -42.33 0.60 -34.22
CA ARG D 452 -43.25 -0.45 -34.63
C ARG D 452 -43.44 -1.41 -33.46
N ARG D 453 -44.69 -1.69 -33.12
CA ARG D 453 -44.97 -2.59 -32.00
C ARG D 453 -44.53 -4.00 -32.35
N TRP D 454 -43.73 -4.60 -31.47
CA TRP D 454 -43.21 -5.95 -31.70
C TRP D 454 -44.02 -7.03 -30.99
N GLU D 455 -44.65 -6.69 -29.87
CA GLU D 455 -45.44 -7.64 -29.09
C GLU D 455 -44.52 -8.57 -28.31
N SER D 456 -44.90 -8.87 -27.07
CA SER D 456 -44.05 -9.69 -26.21
C SER D 456 -44.10 -11.17 -26.58
N ALA D 457 -45.25 -11.66 -27.02
CA ALA D 457 -45.39 -13.09 -27.30
C ALA D 457 -44.46 -13.56 -28.41
N ASP D 458 -44.07 -12.64 -29.30
CA ASP D 458 -43.22 -13.05 -30.43
C ASP D 458 -41.81 -13.40 -29.99
N LEU D 459 -41.36 -12.88 -28.85
CA LEU D 459 -39.99 -13.08 -28.43
C LEU D 459 -39.67 -14.55 -28.12
N GLN D 460 -40.65 -15.31 -27.64
CA GLN D 460 -40.41 -16.66 -27.14
C GLN D 460 -39.40 -17.42 -28.00
N GLU D 461 -39.74 -17.62 -29.28
CA GLU D 461 -38.87 -18.37 -30.17
C GLU D 461 -37.42 -17.89 -30.05
N VAL D 462 -37.19 -16.62 -30.38
CA VAL D 462 -35.82 -16.11 -30.35
C VAL D 462 -35.24 -16.21 -28.96
N MET D 463 -36.06 -15.97 -27.93
CA MET D 463 -35.57 -16.12 -26.56
C MET D 463 -34.94 -17.49 -26.36
N PHE D 464 -35.62 -18.54 -26.83
CA PHE D 464 -35.08 -19.89 -26.68
C PHE D 464 -33.69 -19.98 -27.31
N THR D 465 -33.53 -19.43 -28.51
CA THR D 465 -32.22 -19.46 -29.16
C THR D 465 -31.18 -18.75 -28.32
N ALA D 466 -31.56 -17.65 -27.68
CA ALA D 466 -30.61 -16.94 -26.83
C ALA D 466 -30.12 -17.81 -25.69
N LEU D 467 -30.95 -18.75 -25.22
CA LEU D 467 -30.51 -19.65 -24.16
C LEU D 467 -29.54 -20.70 -24.68
N ILE D 468 -29.56 -20.98 -25.97
CA ILE D 468 -28.69 -22.01 -26.54
C ILE D 468 -27.41 -21.40 -27.11
N LYS D 469 -27.46 -20.16 -27.60
CA LYS D 469 -26.28 -19.50 -28.13
C LYS D 469 -25.36 -18.97 -27.03
N ASP D 470 -25.80 -19.01 -25.77
CA ASP D 470 -24.99 -18.53 -24.65
C ASP D 470 -24.70 -17.04 -24.78
N ARG D 471 -25.76 -16.24 -24.88
CA ARG D 471 -25.66 -14.79 -25.07
C ARG D 471 -26.55 -14.11 -24.02
N PRO D 472 -26.03 -13.94 -22.80
CA PRO D 472 -26.89 -13.44 -21.72
C PRO D 472 -27.46 -12.04 -21.95
N LYS D 473 -26.75 -11.19 -22.69
CA LYS D 473 -27.21 -9.82 -22.86
C LYS D 473 -28.54 -9.77 -23.61
N PHE D 474 -28.72 -10.62 -24.62
CA PHE D 474 -30.01 -10.70 -25.29
C PHE D 474 -31.09 -11.25 -24.36
N VAL D 475 -30.71 -12.13 -23.42
CA VAL D 475 -31.65 -12.58 -22.41
C VAL D 475 -32.11 -11.41 -21.56
N ARG D 476 -31.17 -10.54 -21.17
CA ARG D 476 -31.53 -9.34 -20.43
C ARG D 476 -32.46 -8.45 -21.26
N LEU D 477 -32.15 -8.26 -22.54
CA LEU D 477 -33.01 -7.46 -23.40
C LEU D 477 -34.42 -8.00 -23.42
N PHE D 478 -34.56 -9.31 -23.66
CA PHE D 478 -35.88 -9.91 -23.77
C PHE D 478 -36.64 -9.81 -22.44
N LEU D 479 -35.96 -10.04 -21.31
CA LEU D 479 -36.62 -9.94 -20.02
C LEU D 479 -37.08 -8.50 -19.75
N GLU D 480 -36.26 -7.51 -20.11
CA GLU D 480 -36.60 -6.13 -19.83
C GLU D 480 -37.62 -5.56 -20.82
N ASN D 481 -37.81 -6.20 -21.98
CA ASN D 481 -38.71 -5.68 -23.01
C ASN D 481 -40.05 -6.40 -23.00
N GLY D 482 -40.55 -6.78 -21.83
CA GLY D 482 -41.91 -7.26 -21.69
C GLY D 482 -42.08 -8.76 -21.68
N LEU D 483 -40.99 -9.53 -21.82
CA LEU D 483 -41.11 -10.98 -21.79
C LEU D 483 -41.50 -11.45 -20.39
N ASN D 484 -42.42 -12.40 -20.33
CA ASN D 484 -42.82 -13.05 -19.08
C ASN D 484 -42.06 -14.36 -18.99
N LEU D 485 -41.00 -14.38 -18.18
CA LEU D 485 -40.13 -15.55 -18.13
C LEU D 485 -40.89 -16.79 -17.66
N GLN D 486 -41.73 -16.64 -16.64
CA GLN D 486 -42.49 -17.79 -16.14
C GLN D 486 -43.40 -18.35 -17.23
N LYS D 487 -44.05 -17.48 -18.00
CA LYS D 487 -44.86 -17.96 -19.12
C LYS D 487 -44.02 -18.69 -20.14
N PHE D 488 -42.80 -18.19 -20.40
CA PHE D 488 -41.92 -18.85 -21.37
C PHE D 488 -41.55 -20.26 -20.91
N LEU D 489 -41.27 -20.42 -19.62
CA LEU D 489 -40.88 -21.72 -19.09
C LEU D 489 -42.12 -22.61 -18.97
N THR D 490 -42.63 -23.03 -20.11
CA THR D 490 -43.72 -23.99 -20.17
C THR D 490 -43.18 -25.39 -19.95
N ASN D 491 -44.09 -26.33 -19.69
CA ASN D 491 -43.67 -27.71 -19.45
C ASN D 491 -42.95 -28.27 -20.66
N GLU D 492 -43.49 -28.04 -21.87
CA GLU D 492 -42.84 -28.55 -23.07
C GLU D 492 -41.47 -27.91 -23.27
N VAL D 493 -41.39 -26.59 -23.04
CA VAL D 493 -40.12 -25.88 -23.25
C VAL D 493 -39.05 -26.45 -22.32
N LEU D 494 -39.37 -26.56 -21.02
CA LEU D 494 -38.41 -27.10 -20.07
C LEU D 494 -38.07 -28.55 -20.40
N THR D 495 -39.07 -29.34 -20.78
CA THR D 495 -38.81 -30.74 -21.12
C THR D 495 -37.81 -30.84 -22.25
N GLU D 496 -38.03 -30.09 -23.34
CA GLU D 496 -37.10 -30.13 -24.46
C GLU D 496 -35.73 -29.62 -24.05
N LEU D 497 -35.68 -28.51 -23.31
CA LEU D 497 -34.41 -27.91 -22.94
C LEU D 497 -33.57 -28.87 -22.12
N PHE D 498 -34.19 -29.58 -21.17
CA PHE D 498 -33.46 -30.55 -20.37
C PHE D 498 -33.14 -31.82 -21.14
N SER D 499 -34.00 -32.21 -22.08
CA SER D 499 -33.79 -33.47 -22.79
C SER D 499 -32.65 -33.37 -23.79
N THR D 500 -32.64 -32.32 -24.62
CA THR D 500 -31.70 -32.25 -25.73
C THR D 500 -30.55 -31.29 -25.50
N HIS D 501 -30.81 -30.08 -25.01
CA HIS D 501 -29.75 -29.09 -24.87
C HIS D 501 -28.86 -29.34 -23.67
N PHE D 502 -29.25 -30.26 -22.77
CA PHE D 502 -28.41 -30.58 -21.63
C PHE D 502 -27.14 -31.28 -22.11
N SER D 503 -25.99 -30.72 -21.76
CA SER D 503 -24.72 -31.28 -22.22
C SER D 503 -24.58 -32.72 -21.78
N THR D 504 -24.18 -33.59 -22.71
CA THR D 504 -24.02 -35.00 -22.40
C THR D 504 -22.92 -35.22 -21.37
N LEU D 505 -21.80 -34.50 -21.52
CA LEU D 505 -20.71 -34.62 -20.54
C LEU D 505 -21.19 -34.18 -19.15
N VAL D 506 -21.89 -33.06 -19.09
CA VAL D 506 -22.41 -32.58 -17.80
C VAL D 506 -23.42 -33.56 -17.25
N TYR D 507 -24.28 -34.12 -18.11
CA TYR D 507 -25.25 -35.11 -17.65
C TYR D 507 -24.55 -36.31 -17.04
N ARG D 508 -23.53 -36.84 -17.71
CA ARG D 508 -22.82 -38.00 -17.20
C ARG D 508 -22.11 -37.67 -15.88
N ASN D 509 -21.47 -36.51 -15.81
CA ASN D 509 -20.78 -36.14 -14.58
C ASN D 509 -21.75 -35.99 -13.42
N LEU D 510 -22.90 -35.36 -13.67
CA LEU D 510 -23.89 -35.20 -12.60
C LEU D 510 -24.45 -36.55 -12.18
N GLN D 511 -24.71 -37.44 -13.13
CA GLN D 511 -25.19 -38.78 -12.79
C GLN D 511 -24.18 -39.52 -11.93
N ILE D 512 -22.90 -39.45 -12.31
CA ILE D 512 -21.86 -40.14 -11.55
C ILE D 512 -21.77 -39.56 -10.14
N ALA D 513 -21.79 -38.23 -10.03
CA ALA D 513 -21.70 -37.60 -8.71
C ALA D 513 -22.88 -37.98 -7.84
N LYS D 514 -24.09 -37.97 -8.40
CA LYS D 514 -25.28 -38.31 -7.62
C LYS D 514 -25.24 -39.76 -7.17
N ASN D 515 -24.84 -40.67 -8.07
CA ASN D 515 -24.84 -42.09 -7.72
C ASN D 515 -23.69 -42.43 -6.77
N SER D 516 -22.62 -41.64 -6.76
CA SER D 516 -21.44 -41.94 -5.96
C SER D 516 -21.47 -41.24 -4.60
N TYR D 517 -21.56 -39.90 -4.62
CA TYR D 517 -21.48 -39.13 -3.39
C TYR D 517 -22.86 -38.97 -2.75
N ASN D 518 -23.82 -38.40 -3.49
CA ASN D 518 -25.17 -38.19 -3.00
C ASN D 518 -25.18 -37.19 -1.85
N ASP D 519 -26.35 -36.60 -1.58
CA ASP D 519 -26.51 -35.63 -0.50
C ASP D 519 -27.97 -35.23 -0.46
N ALA D 520 -28.33 -34.43 0.54
CA ALA D 520 -29.71 -33.98 0.69
C ALA D 520 -30.14 -33.13 -0.50
N LEU D 521 -29.21 -32.42 -1.13
CA LEU D 521 -29.54 -31.56 -2.26
C LEU D 521 -29.24 -32.21 -3.61
N LEU D 522 -28.20 -33.06 -3.67
CA LEU D 522 -27.87 -33.71 -4.95
C LEU D 522 -29.02 -34.58 -5.43
N THR D 523 -29.65 -35.32 -4.52
CA THR D 523 -30.76 -36.19 -4.92
C THR D 523 -31.91 -35.38 -5.49
N PHE D 524 -32.23 -34.25 -4.88
CA PHE D 524 -33.35 -33.43 -5.35
C PHE D 524 -33.10 -32.93 -6.77
N VAL D 525 -31.93 -32.36 -7.02
CA VAL D 525 -31.63 -31.83 -8.35
C VAL D 525 -31.58 -32.96 -9.37
N TRP D 526 -31.00 -34.10 -8.99
CA TRP D 526 -30.94 -35.23 -9.90
C TRP D 526 -32.34 -35.71 -10.27
N LYS D 527 -33.24 -35.82 -9.27
CA LYS D 527 -34.59 -36.26 -9.55
C LYS D 527 -35.33 -35.26 -10.43
N LEU D 528 -35.15 -33.96 -10.16
CA LEU D 528 -35.79 -32.95 -10.99
C LEU D 528 -35.31 -33.03 -12.44
N VAL D 529 -33.99 -33.18 -12.63
CA VAL D 529 -33.44 -33.29 -13.98
C VAL D 529 -33.99 -34.53 -14.67
N ALA D 530 -34.02 -35.66 -13.97
CA ALA D 530 -34.53 -36.88 -14.58
C ALA D 530 -36.00 -36.74 -14.95
N ASN D 531 -36.79 -36.11 -14.09
CA ASN D 531 -38.21 -35.91 -14.39
C ASN D 531 -38.39 -35.04 -15.62
N PHE D 532 -37.66 -33.93 -15.70
CA PHE D 532 -37.82 -33.04 -16.84
C PHE D 532 -37.34 -33.69 -18.13
N ARG D 533 -36.23 -34.42 -18.08
CA ARG D 533 -35.74 -35.09 -19.28
C ARG D 533 -36.73 -36.14 -19.75
N ARG D 534 -37.31 -36.91 -18.83
CA ARG D 534 -38.29 -37.94 -19.19
C ARG D 534 -39.62 -37.32 -19.58
N THR D 558 -45.66 -26.45 -5.83
CA THR D 558 -44.89 -25.49 -6.60
C THR D 558 -44.01 -26.20 -7.63
N ARG D 559 -44.14 -25.81 -8.90
CA ARG D 559 -43.36 -26.44 -9.96
C ARG D 559 -41.91 -25.96 -9.95
N HIS D 560 -41.68 -24.71 -9.57
CA HIS D 560 -40.33 -24.14 -9.49
C HIS D 560 -39.61 -24.24 -10.82
N PRO D 561 -40.11 -23.56 -11.86
CA PRO D 561 -39.38 -23.59 -13.14
C PRO D 561 -38.14 -22.71 -13.12
N LEU D 562 -38.19 -21.57 -12.43
CA LEU D 562 -37.02 -20.69 -12.37
C LEU D 562 -35.85 -21.38 -11.68
N GLN D 563 -36.11 -22.12 -10.60
CA GLN D 563 -35.05 -22.86 -9.94
C GLN D 563 -34.46 -23.91 -10.87
N ALA D 564 -35.30 -24.59 -11.64
CA ALA D 564 -34.81 -25.59 -12.58
C ALA D 564 -33.93 -24.94 -13.63
N LEU D 565 -34.34 -23.80 -14.17
CA LEU D 565 -33.52 -23.10 -15.16
C LEU D 565 -32.20 -22.64 -14.56
N PHE D 566 -32.23 -22.14 -13.32
CA PHE D 566 -31.00 -21.72 -12.66
C PHE D 566 -30.03 -22.89 -12.49
N ILE D 567 -30.55 -24.04 -12.06
CA ILE D 567 -29.71 -25.22 -11.91
C ILE D 567 -29.15 -25.65 -13.27
N TRP D 568 -30.00 -25.65 -14.29
CA TRP D 568 -29.55 -26.04 -15.62
C TRP D 568 -28.44 -25.14 -16.12
N ALA D 569 -28.56 -23.83 -15.89
CA ALA D 569 -27.55 -22.90 -16.36
C ALA D 569 -26.27 -22.97 -15.53
N ILE D 570 -26.39 -23.28 -14.24
CA ILE D 570 -25.21 -23.26 -13.37
C ILE D 570 -24.41 -24.54 -13.51
N LEU D 571 -25.08 -25.68 -13.72
CA LEU D 571 -24.35 -26.93 -13.89
C LEU D 571 -23.51 -26.94 -15.14
N GLN D 572 -23.78 -26.07 -16.10
CA GLN D 572 -23.04 -26.00 -17.36
C GLN D 572 -22.00 -24.91 -17.38
N ASN D 573 -21.70 -24.29 -16.22
CA ASN D 573 -20.67 -23.26 -16.12
C ASN D 573 -20.99 -22.07 -17.03
N LYS D 574 -22.10 -21.40 -16.73
CA LYS D 574 -22.54 -20.20 -17.44
C LYS D 574 -22.67 -19.10 -16.40
N LYS D 575 -21.58 -18.38 -16.15
CA LYS D 575 -21.53 -17.43 -15.06
C LYS D 575 -22.51 -16.28 -15.26
N GLU D 576 -22.44 -15.62 -16.43
CA GLU D 576 -23.31 -14.47 -16.67
C GLU D 576 -24.76 -14.89 -16.77
N LEU D 577 -25.05 -15.98 -17.48
CA LEU D 577 -26.42 -16.46 -17.58
C LEU D 577 -26.95 -16.86 -16.21
N SER D 578 -26.11 -17.51 -15.39
CA SER D 578 -26.52 -17.89 -14.05
C SER D 578 -26.84 -16.66 -13.21
N LYS D 579 -26.02 -15.61 -13.31
CA LYS D 579 -26.29 -14.37 -12.58
C LYS D 579 -27.59 -13.74 -13.04
N VAL D 580 -27.83 -13.73 -14.35
CA VAL D 580 -29.06 -13.15 -14.88
C VAL D 580 -30.27 -13.91 -14.37
N ILE D 581 -30.19 -15.25 -14.37
CA ILE D 581 -31.31 -16.05 -13.88
C ILE D 581 -31.51 -15.84 -12.39
N TRP D 582 -30.41 -15.65 -11.64
CA TRP D 582 -30.51 -15.52 -10.19
C TRP D 582 -31.37 -14.32 -9.80
N GLU D 583 -31.28 -13.22 -10.54
CA GLU D 583 -32.03 -12.02 -10.21
C GLU D 583 -33.53 -12.20 -10.33
N GLN D 584 -34.00 -13.28 -10.96
CA GLN D 584 -35.42 -13.51 -11.14
C GLN D 584 -36.02 -14.43 -10.07
N THR D 585 -35.20 -15.24 -9.40
CA THR D 585 -35.72 -16.17 -8.41
C THR D 585 -36.28 -15.42 -7.21
N LYS D 586 -37.26 -16.04 -6.54
CA LYS D 586 -37.85 -15.44 -5.36
C LYS D 586 -36.89 -15.51 -4.17
N GLY D 587 -36.50 -16.73 -3.79
CA GLY D 587 -35.53 -16.91 -2.73
C GLY D 587 -34.12 -16.87 -3.26
N CYS D 588 -33.43 -15.75 -3.04
CA CYS D 588 -32.13 -15.53 -3.68
C CYS D 588 -30.99 -15.94 -2.76
N THR D 589 -31.07 -15.63 -1.47
CA THR D 589 -30.01 -16.05 -0.56
C THR D 589 -29.93 -17.57 -0.47
N LEU D 590 -31.09 -18.24 -0.34
CA LEU D 590 -31.10 -19.69 -0.29
C LEU D 590 -30.58 -20.28 -1.59
N ALA D 591 -30.98 -19.70 -2.72
CA ALA D 591 -30.50 -20.19 -4.01
C ALA D 591 -28.99 -20.04 -4.15
N ALA D 592 -28.45 -18.90 -3.70
CA ALA D 592 -27.01 -18.68 -3.78
C ALA D 592 -26.26 -19.66 -2.89
N LEU D 593 -26.76 -19.90 -1.67
CA LEU D 593 -26.11 -20.85 -0.78
C LEU D 593 -26.14 -22.26 -1.38
N GLY D 594 -27.29 -22.66 -1.93
CA GLY D 594 -27.37 -23.96 -2.57
C GLY D 594 -26.43 -24.07 -3.76
N ALA D 595 -26.33 -23.00 -4.55
CA ALA D 595 -25.40 -23.00 -5.68
C ALA D 595 -23.96 -23.15 -5.21
N SER D 596 -23.59 -22.43 -4.15
CA SER D 596 -22.23 -22.55 -3.63
C SER D 596 -21.95 -23.96 -3.17
N LYS D 597 -22.89 -24.57 -2.44
CA LYS D 597 -22.72 -25.95 -1.99
C LYS D 597 -22.58 -26.90 -3.16
N LEU D 598 -23.43 -26.72 -4.18
CA LEU D 598 -23.40 -27.61 -5.34
C LEU D 598 -22.07 -27.49 -6.07
N LEU D 599 -21.60 -26.27 -6.28
CA LEU D 599 -20.32 -26.08 -6.96
C LEU D 599 -19.18 -26.68 -6.15
N LYS D 600 -19.20 -26.50 -4.82
CA LYS D 600 -18.14 -27.06 -4.00
C LYS D 600 -18.12 -28.57 -4.07
N THR D 601 -19.29 -29.21 -3.98
CA THR D 601 -19.32 -30.67 -4.03
C THR D 601 -18.94 -31.19 -5.41
N LEU D 602 -19.34 -30.49 -6.47
CA LEU D 602 -18.94 -30.89 -7.81
C LEU D 602 -17.44 -30.77 -7.99
N ALA D 603 -16.83 -29.70 -7.50
CA ALA D 603 -15.39 -29.55 -7.59
C ALA D 603 -14.66 -30.59 -6.73
N LYS D 604 -15.28 -31.02 -5.63
CA LYS D 604 -14.66 -32.05 -4.80
C LYS D 604 -14.46 -33.35 -5.57
N VAL D 605 -15.23 -33.59 -6.62
CA VAL D 605 -15.09 -34.79 -7.43
C VAL D 605 -14.32 -34.54 -8.72
N LYS D 606 -14.20 -33.29 -9.16
CA LYS D 606 -13.51 -33.00 -10.41
C LYS D 606 -12.02 -33.29 -10.30
N ASN D 607 -11.44 -33.77 -11.38
CA ASN D 607 -10.01 -34.07 -11.45
C ASN D 607 -9.21 -33.05 -12.26
N ASP D 608 -9.85 -32.38 -13.22
CA ASP D 608 -9.14 -31.40 -14.03
C ASP D 608 -8.66 -30.25 -13.16
N ILE D 609 -7.41 -29.83 -13.36
CA ILE D 609 -6.85 -28.74 -12.58
C ILE D 609 -7.49 -27.41 -12.97
N ASN D 610 -7.68 -27.19 -14.27
CA ASN D 610 -8.17 -25.89 -14.74
C ASN D 610 -9.56 -25.59 -14.19
N ALA D 611 -10.46 -26.58 -14.24
CA ALA D 611 -11.83 -26.36 -13.76
C ALA D 611 -11.91 -26.21 -12.25
N ALA D 612 -10.96 -26.79 -11.52
CA ALA D 612 -10.98 -26.71 -10.06
C ALA D 612 -10.90 -25.27 -9.58
N GLY D 613 -10.22 -24.39 -10.30
CA GLY D 613 -10.15 -22.99 -9.95
C GLY D 613 -11.41 -22.25 -10.31
N GLU D 614 -11.96 -22.54 -11.50
CA GLU D 614 -13.17 -21.86 -11.94
C GLU D 614 -14.35 -22.16 -11.02
N SER D 615 -14.54 -23.43 -10.68
CA SER D 615 -15.66 -23.79 -9.81
C SER D 615 -15.51 -23.14 -8.43
N GLU D 616 -14.30 -23.17 -7.88
CA GLU D 616 -14.07 -22.55 -6.57
C GLU D 616 -14.32 -21.05 -6.62
N GLU D 617 -13.87 -20.39 -7.68
CA GLU D 617 -14.08 -18.95 -7.80
C GLU D 617 -15.57 -18.63 -7.90
N LEU D 618 -16.31 -19.41 -8.69
CA LEU D 618 -17.74 -19.16 -8.82
C LEU D 618 -18.46 -19.39 -7.49
N ALA D 619 -18.09 -20.44 -6.76
CA ALA D 619 -18.70 -20.69 -5.46
C ALA D 619 -18.41 -19.56 -4.50
N ASN D 620 -17.16 -19.06 -4.48
CA ASN D 620 -16.82 -17.95 -3.61
C ASN D 620 -17.60 -16.70 -3.99
N GLU D 621 -17.76 -16.46 -5.29
CA GLU D 621 -18.52 -15.30 -5.74
C GLU D 621 -19.97 -15.37 -5.27
N TYR D 622 -20.59 -16.56 -5.40
CA TYR D 622 -21.97 -16.69 -4.93
C TYR D 622 -22.08 -16.56 -3.43
N GLU D 623 -21.10 -17.09 -2.68
CA GLU D 623 -21.11 -16.91 -1.23
C GLU D 623 -21.01 -15.43 -0.86
N THR D 624 -20.14 -14.69 -1.55
CA THR D 624 -20.06 -13.25 -1.30
C THR D 624 -21.36 -12.55 -1.65
N ARG D 625 -22.00 -12.95 -2.75
CA ARG D 625 -23.29 -12.37 -3.10
C ARG D 625 -24.30 -12.59 -1.99
N ALA D 626 -24.38 -13.82 -1.48
CA ALA D 626 -25.32 -14.12 -0.40
C ALA D 626 -25.01 -13.30 0.84
N VAL D 627 -23.73 -13.20 1.20
CA VAL D 627 -23.35 -12.46 2.40
C VAL D 627 -23.75 -10.99 2.25
N GLU D 628 -23.44 -10.39 1.10
CA GLU D 628 -23.78 -8.98 0.89
C GLU D 628 -25.29 -8.77 0.91
N LEU D 629 -26.05 -9.66 0.27
CA LEU D 629 -27.50 -9.51 0.24
C LEU D 629 -28.09 -9.61 1.65
N PHE D 630 -27.61 -10.57 2.44
CA PHE D 630 -28.14 -10.69 3.79
C PHE D 630 -27.73 -9.51 4.67
N THR D 631 -26.51 -8.99 4.47
CA THR D 631 -26.10 -7.81 5.21
C THR D 631 -26.99 -6.62 4.87
N GLU D 632 -27.32 -6.46 3.59
CA GLU D 632 -28.24 -5.39 3.19
C GLU D 632 -29.61 -5.59 3.83
N CYS D 633 -30.11 -6.82 3.82
CA CYS D 633 -31.43 -7.09 4.39
C CYS D 633 -31.46 -6.81 5.89
N TYR D 634 -30.43 -7.25 6.62
CA TYR D 634 -30.46 -7.11 8.07
C TYR D 634 -30.36 -5.65 8.50
N SER D 635 -29.62 -4.83 7.74
CA SER D 635 -29.49 -3.42 8.07
C SER D 635 -30.80 -2.66 7.95
N ASN D 636 -31.81 -3.24 7.32
CA ASN D 636 -33.11 -2.60 7.16
C ASN D 636 -34.12 -3.01 8.23
N ASP D 637 -34.22 -4.32 8.50
CA ASP D 637 -35.15 -4.82 9.50
C ASP D 637 -34.60 -6.13 10.05
N GLU D 638 -34.25 -6.14 11.34
CA GLU D 638 -33.67 -7.33 11.94
C GLU D 638 -34.70 -8.45 12.06
N ASP D 639 -35.93 -8.12 12.45
CA ASP D 639 -36.94 -9.16 12.66
C ASP D 639 -37.25 -9.88 11.36
N LEU D 640 -37.44 -9.14 10.27
CA LEU D 640 -37.71 -9.77 8.99
C LEU D 640 -36.52 -10.58 8.51
N ALA D 641 -35.30 -10.10 8.76
CA ALA D 641 -34.12 -10.87 8.38
C ALA D 641 -34.06 -12.19 9.13
N GLU D 642 -34.35 -12.18 10.43
CA GLU D 642 -34.36 -13.42 11.20
C GLU D 642 -35.47 -14.35 10.72
N GLN D 643 -36.65 -13.79 10.40
CA GLN D 643 -37.72 -14.62 9.88
C GLN D 643 -37.32 -15.27 8.56
N LEU D 644 -36.65 -14.52 7.68
CA LEU D 644 -36.15 -15.09 6.44
C LEU D 644 -35.14 -16.19 6.72
N LEU D 645 -34.24 -15.97 7.69
CA LEU D 645 -33.26 -16.99 8.03
C LEU D 645 -33.95 -18.29 8.47
N VAL D 646 -34.93 -18.17 9.37
CA VAL D 646 -35.67 -19.35 9.82
C VAL D 646 -36.69 -19.82 8.79
N TYR D 647 -37.02 -18.99 7.81
CA TYR D 647 -38.03 -19.35 6.82
C TYR D 647 -37.74 -20.70 6.21
N SER D 648 -38.66 -21.64 6.38
CA SER D 648 -38.47 -22.99 5.89
C SER D 648 -38.43 -22.99 4.36
N CYS D 649 -37.68 -23.94 3.82
CA CYS D 649 -37.51 -24.07 2.37
C CYS D 649 -38.70 -24.80 1.78
N GLU D 650 -39.19 -24.30 0.65
CA GLU D 650 -40.28 -24.93 -0.07
C GLU D 650 -39.74 -25.99 -1.04
N ALA D 651 -39.08 -26.99 -0.45
CA ALA D 651 -38.51 -28.12 -1.18
C ALA D 651 -37.42 -27.68 -2.14
N TRP D 652 -36.75 -26.56 -1.85
CA TRP D 652 -35.61 -26.16 -2.67
C TRP D 652 -34.49 -27.19 -2.57
N GLY D 653 -34.08 -27.52 -1.34
CA GLY D 653 -33.09 -28.56 -1.12
C GLY D 653 -33.39 -29.38 0.12
N GLY D 654 -34.54 -29.13 0.74
CA GLY D 654 -34.88 -29.76 2.00
C GLY D 654 -34.25 -29.12 3.22
N SER D 655 -33.74 -27.90 3.09
CA SER D 655 -33.08 -27.22 4.21
C SER D 655 -33.09 -25.73 3.96
N ASN D 656 -32.87 -24.97 5.03
CA ASN D 656 -32.88 -23.52 4.98
C ASN D 656 -31.46 -22.97 4.89
N CYS D 657 -31.32 -21.64 4.98
CA CYS D 657 -30.04 -21.00 4.72
C CYS D 657 -28.97 -21.46 5.70
N LEU D 658 -29.30 -21.52 7.00
CA LEU D 658 -28.31 -21.88 8.00
C LEU D 658 -27.75 -23.27 7.74
N GLU D 659 -28.64 -24.23 7.50
CA GLU D 659 -28.20 -25.61 7.30
C GLU D 659 -27.35 -25.74 6.04
N LEU D 660 -27.75 -25.07 4.96
CA LEU D 660 -26.95 -25.13 3.74
C LEU D 660 -25.58 -24.51 3.94
N ALA D 661 -25.51 -23.37 4.64
CA ALA D 661 -24.23 -22.74 4.90
C ALA D 661 -23.34 -23.64 5.75
N VAL D 662 -23.93 -24.31 6.75
CA VAL D 662 -23.15 -25.20 7.60
C VAL D 662 -22.63 -26.38 6.80
N GLU D 663 -23.51 -27.02 6.02
CA GLU D 663 -23.10 -28.17 5.21
C GLU D 663 -22.11 -27.77 4.13
N ALA D 664 -22.08 -26.49 3.75
CA ALA D 664 -21.11 -25.97 2.79
C ALA D 664 -19.96 -25.26 3.46
N THR D 665 -19.82 -25.41 4.79
CA THR D 665 -18.77 -24.75 5.57
C THR D 665 -18.57 -23.31 5.13
N ASP D 666 -19.66 -22.58 4.91
CA ASP D 666 -19.59 -21.15 4.57
C ASP D 666 -19.46 -20.38 5.86
N GLN D 667 -18.21 -20.26 6.34
CA GLN D 667 -17.96 -19.62 7.63
C GLN D 667 -18.26 -18.12 7.60
N HIS D 668 -18.07 -17.48 6.44
CA HIS D 668 -18.32 -16.05 6.36
C HIS D 668 -19.78 -15.72 6.63
N PHE D 669 -20.70 -16.53 6.08
CA PHE D 669 -22.12 -16.25 6.27
C PHE D 669 -22.54 -16.46 7.72
N ILE D 670 -21.90 -17.40 8.42
CA ILE D 670 -22.24 -17.63 9.82
C ILE D 670 -21.56 -16.63 10.75
N ALA D 671 -20.45 -16.02 10.31
CA ALA D 671 -19.67 -15.15 11.17
C ALA D 671 -20.08 -13.69 11.11
N GLN D 672 -21.03 -13.32 10.24
CA GLN D 672 -21.43 -11.93 10.13
C GLN D 672 -22.26 -11.53 11.35
N PRO D 673 -22.33 -10.23 11.65
CA PRO D 673 -22.97 -9.81 12.90
C PRO D 673 -24.41 -10.25 13.04
N GLY D 674 -25.19 -10.27 11.96
CA GLY D 674 -26.60 -10.59 12.08
C GLY D 674 -26.85 -12.00 12.57
N VAL D 675 -26.15 -12.97 11.98
CA VAL D 675 -26.35 -14.36 12.37
C VAL D 675 -25.85 -14.59 13.79
N GLN D 676 -24.74 -13.95 14.16
CA GLN D 676 -24.24 -14.08 15.52
C GLN D 676 -25.21 -13.48 16.54
N ASN D 677 -25.81 -12.34 16.21
CA ASN D 677 -26.81 -11.75 17.10
C ASN D 677 -28.03 -12.65 17.24
N PHE D 678 -28.49 -13.23 16.12
CA PHE D 678 -29.61 -14.15 16.18
C PHE D 678 -29.28 -15.36 17.06
N LEU D 679 -28.08 -15.92 16.90
CA LEU D 679 -27.68 -17.05 17.71
C LEU D 679 -27.57 -16.67 19.17
N SER D 680 -27.05 -15.48 19.46
CA SER D 680 -26.96 -15.02 20.84
C SER D 680 -28.34 -14.89 21.47
N LYS D 681 -29.29 -14.31 20.74
CA LYS D 681 -30.64 -14.18 21.27
C LYS D 681 -31.26 -15.55 21.51
N GLN D 682 -31.03 -16.49 20.60
CA GLN D 682 -31.55 -17.84 20.81
C GLN D 682 -30.87 -18.52 22.01
N TRP D 683 -29.58 -18.24 22.20
CA TRP D 683 -28.80 -18.89 23.26
C TRP D 683 -29.22 -18.39 24.63
N TYR D 684 -29.33 -17.07 24.79
CA TYR D 684 -29.80 -16.50 26.05
C TYR D 684 -31.29 -16.77 26.29
N GLY D 685 -32.02 -17.21 25.27
CA GLY D 685 -33.43 -17.52 25.46
C GLY D 685 -34.21 -16.32 25.92
N GLU D 686 -35.05 -16.53 26.94
CA GLU D 686 -35.92 -15.46 27.43
C GLU D 686 -35.11 -14.31 28.00
N ILE D 687 -34.02 -14.61 28.71
CA ILE D 687 -33.24 -13.57 29.35
C ILE D 687 -32.73 -12.58 28.30
N SER D 688 -32.76 -11.30 28.65
CA SER D 688 -32.29 -10.26 27.75
C SER D 688 -30.81 -10.44 27.47
N ARG D 689 -30.42 -10.27 26.20
CA ARG D 689 -29.02 -10.37 25.84
C ARG D 689 -28.17 -9.33 26.58
N ASP D 690 -28.78 -8.21 26.97
CA ASP D 690 -28.07 -7.17 27.71
C ASP D 690 -28.19 -7.39 29.21
N THR D 691 -27.82 -8.59 29.66
CA THR D 691 -27.82 -8.94 31.08
C THR D 691 -26.41 -9.36 31.47
N LYS D 692 -25.91 -8.78 32.56
CA LYS D 692 -24.57 -9.12 33.03
C LYS D 692 -24.46 -10.61 33.30
N ASN D 693 -23.37 -11.21 32.82
CA ASN D 693 -23.19 -12.65 32.98
C ASN D 693 -23.01 -13.03 34.45
N TRP D 694 -22.25 -12.24 35.21
CA TRP D 694 -21.99 -12.61 36.59
C TRP D 694 -23.28 -12.59 37.41
N LYS D 695 -24.19 -11.67 37.12
CA LYS D 695 -25.45 -11.61 37.86
C LYS D 695 -26.27 -12.88 37.65
N ILE D 696 -26.38 -13.34 36.40
CA ILE D 696 -27.15 -14.55 36.13
C ILE D 696 -26.45 -15.77 36.70
N ILE D 697 -25.13 -15.82 36.61
CA ILE D 697 -24.39 -16.95 37.19
C ILE D 697 -24.62 -17.02 38.69
N LEU D 698 -24.57 -15.87 39.36
CA LEU D 698 -24.84 -15.83 40.79
C LEU D 698 -26.27 -16.25 41.10
N CYS D 699 -27.24 -15.76 40.32
CA CYS D 699 -28.63 -16.12 40.54
C CYS D 699 -28.86 -17.61 40.34
N LEU D 700 -28.04 -18.25 39.50
CA LEU D 700 -28.19 -19.69 39.28
C LEU D 700 -28.02 -20.47 40.58
N PHE D 701 -27.03 -20.10 41.39
CA PHE D 701 -26.78 -20.82 42.64
C PHE D 701 -27.92 -20.60 43.62
N ILE D 702 -28.16 -19.35 43.99
CA ILE D 702 -29.23 -19.01 44.93
C ILE D 702 -30.52 -18.87 44.14
N ILE D 703 -31.44 -19.83 44.34
CA ILE D 703 -32.70 -19.81 43.59
C ILE D 703 -33.54 -18.58 43.92
N PRO D 704 -33.75 -18.21 45.19
CA PRO D 704 -34.69 -17.13 45.49
C PRO D 704 -34.34 -15.80 44.82
N LEU D 705 -33.08 -15.59 44.46
CA LEU D 705 -32.70 -14.33 43.82
C LEU D 705 -33.36 -14.14 42.47
N VAL D 706 -33.87 -15.21 41.86
CA VAL D 706 -34.51 -15.07 40.55
C VAL D 706 -35.80 -14.25 40.67
N GLY D 707 -36.51 -14.39 41.79
CA GLY D 707 -37.72 -13.61 41.99
C GLY D 707 -37.44 -12.12 41.99
N CYS D 708 -36.31 -11.71 42.57
CA CYS D 708 -35.93 -10.31 42.58
C CYS D 708 -35.69 -9.83 41.15
N GLY D 709 -35.48 -8.52 41.02
CA GLY D 709 -35.29 -7.88 39.74
C GLY D 709 -33.87 -7.92 39.20
N LEU D 710 -33.01 -8.75 39.77
CA LEU D 710 -31.62 -8.81 39.31
C LEU D 710 -31.54 -9.27 37.85
N VAL D 711 -32.36 -10.24 37.47
CA VAL D 711 -32.33 -10.84 36.14
C VAL D 711 -33.51 -10.30 35.33
N SER D 712 -33.21 -9.84 34.11
CA SER D 712 -34.23 -9.32 33.22
C SER D 712 -34.81 -10.43 32.35
N PHE D 713 -35.98 -10.15 31.79
CA PHE D 713 -36.67 -11.09 30.90
C PHE D 713 -37.22 -10.35 29.69
N ARG D 714 -36.44 -9.42 29.14
CA ARG D 714 -36.89 -8.67 27.98
C ARG D 714 -37.11 -9.58 26.78
N LYS D 715 -36.21 -10.54 26.57
CA LYS D 715 -36.32 -11.46 25.45
C LYS D 715 -36.24 -10.72 24.12
N LEU D 725 -44.13 -19.89 39.05
CA LEU D 725 -44.39 -18.71 38.22
C LEU D 725 -43.72 -18.85 36.87
N TRP D 726 -44.15 -18.02 35.91
CA TRP D 726 -43.57 -18.05 34.57
C TRP D 726 -42.09 -17.67 34.59
N TYR D 727 -41.65 -16.87 35.57
CA TYR D 727 -40.25 -16.50 35.64
C TYR D 727 -39.35 -17.71 35.82
N TYR D 728 -39.74 -18.65 36.69
CA TYR D 728 -38.93 -19.84 36.91
C TYR D 728 -38.79 -20.65 35.62
N VAL D 729 -39.91 -20.85 34.93
CA VAL D 729 -39.88 -21.64 33.69
C VAL D 729 -39.02 -20.95 32.65
N ALA D 730 -39.16 -19.64 32.51
CA ALA D 730 -38.35 -18.91 31.55
C ALA D 730 -36.87 -19.02 31.88
N PHE D 731 -36.52 -18.89 33.17
CA PHE D 731 -35.12 -18.96 33.57
C PHE D 731 -34.54 -20.34 33.33
N PHE D 732 -35.31 -21.39 33.63
CA PHE D 732 -34.80 -22.75 33.57
C PHE D 732 -34.96 -23.39 32.20
N THR D 733 -35.65 -22.75 31.26
CA THR D 733 -35.74 -23.25 29.90
C THR D 733 -34.63 -22.70 28.99
N SER D 734 -33.85 -21.75 29.48
CA SER D 734 -32.78 -21.18 28.67
C SER D 734 -31.63 -22.18 28.55
N PRO D 735 -31.15 -22.46 27.33
CA PRO D 735 -30.03 -23.41 27.21
C PRO D 735 -28.77 -22.95 27.93
N PHE D 736 -28.60 -21.65 28.13
CA PHE D 736 -27.44 -21.15 28.87
C PHE D 736 -27.44 -21.71 30.30
N VAL D 737 -28.58 -21.60 30.98
CA VAL D 737 -28.65 -22.09 32.36
C VAL D 737 -28.51 -23.60 32.40
N VAL D 738 -29.08 -24.30 31.42
CA VAL D 738 -28.93 -25.74 31.36
C VAL D 738 -27.46 -26.13 31.22
N PHE D 739 -26.73 -25.42 30.34
CA PHE D 739 -25.31 -25.69 30.18
C PHE D 739 -24.55 -25.43 31.47
N SER D 740 -24.85 -24.33 32.15
CA SER D 740 -24.17 -24.03 33.41
C SER D 740 -24.44 -25.11 34.46
N TRP D 741 -25.70 -25.53 34.57
CA TRP D 741 -26.06 -26.57 35.52
C TRP D 741 -25.36 -27.88 35.19
N ASN D 742 -25.29 -28.22 33.90
CA ASN D 742 -24.58 -29.44 33.50
C ASN D 742 -23.10 -29.37 33.85
N VAL D 743 -22.49 -28.19 33.66
CA VAL D 743 -21.09 -28.03 34.04
C VAL D 743 -20.91 -28.23 35.53
N VAL D 744 -21.79 -27.63 36.33
CA VAL D 744 -21.70 -27.79 37.78
C VAL D 744 -21.82 -29.26 38.16
N PHE D 745 -22.79 -29.96 37.58
CA PHE D 745 -23.01 -31.35 37.93
C PHE D 745 -21.86 -32.22 37.47
N TYR D 746 -21.24 -31.89 36.32
CA TYR D 746 -20.09 -32.66 35.85
C TYR D 746 -18.89 -32.47 36.78
N ILE D 747 -18.68 -31.25 37.26
CA ILE D 747 -17.60 -31.03 38.23
C ILE D 747 -17.86 -31.81 39.51
N ALA D 748 -19.09 -31.80 39.99
CA ALA D 748 -19.43 -32.58 41.18
C ALA D 748 -19.22 -34.07 40.93
N PHE D 749 -19.57 -34.53 39.73
CA PHE D 749 -19.36 -35.93 39.37
C PHE D 749 -17.89 -36.28 39.39
N LEU D 750 -17.03 -35.40 38.88
CA LEU D 750 -15.59 -35.65 38.93
C LEU D 750 -15.10 -35.70 40.36
N LEU D 751 -15.59 -34.80 41.22
CA LEU D 751 -15.20 -34.83 42.62
C LEU D 751 -15.59 -36.14 43.27
N LEU D 752 -16.82 -36.61 43.03
CA LEU D 752 -17.26 -37.87 43.59
C LEU D 752 -16.44 -39.03 43.07
N PHE D 753 -16.12 -39.02 41.77
CA PHE D 753 -15.29 -40.06 41.19
C PHE D 753 -13.93 -40.14 41.87
N ALA D 754 -13.29 -38.98 42.05
CA ALA D 754 -11.99 -38.94 42.69
C ALA D 754 -12.08 -39.43 44.13
N TYR D 755 -13.12 -39.00 44.86
CA TYR D 755 -13.26 -39.45 46.24
C TYR D 755 -13.42 -40.96 46.32
N VAL D 756 -14.26 -41.53 45.43
CA VAL D 756 -14.45 -42.97 45.44
C VAL D 756 -13.14 -43.69 45.14
N LEU D 757 -12.40 -43.20 44.14
CA LEU D 757 -11.16 -43.87 43.78
C LEU D 757 -10.13 -43.81 44.91
N LEU D 758 -10.00 -42.67 45.57
CA LEU D 758 -8.88 -42.45 46.48
C LEU D 758 -9.17 -42.84 47.92
N MET D 759 -10.43 -42.79 48.36
CA MET D 759 -10.73 -42.89 49.78
C MET D 759 -11.81 -43.90 50.15
N ASP D 760 -12.68 -44.30 49.22
CA ASP D 760 -13.82 -45.14 49.55
C ASP D 760 -13.94 -46.29 48.55
N PHE D 761 -12.81 -46.94 48.27
CA PHE D 761 -12.79 -48.10 47.38
C PHE D 761 -12.50 -49.35 48.22
N HIS D 762 -13.43 -50.30 48.18
CA HIS D 762 -13.35 -51.52 48.98
C HIS D 762 -13.77 -52.70 48.12
N SER D 763 -13.85 -53.88 48.75
CA SER D 763 -14.28 -55.07 48.03
C SER D 763 -15.72 -54.95 47.56
N VAL D 764 -16.60 -54.44 48.42
CA VAL D 764 -18.02 -54.30 48.12
C VAL D 764 -18.31 -52.82 47.95
N PRO D 765 -18.86 -52.38 46.82
CA PRO D 765 -19.11 -50.95 46.61
C PRO D 765 -20.09 -50.40 47.65
N HIS D 766 -19.85 -49.16 48.06
CA HIS D 766 -20.70 -48.48 49.01
C HIS D 766 -21.66 -47.55 48.27
N THR D 767 -22.43 -46.77 49.04
CA THR D 767 -23.45 -45.92 48.45
C THR D 767 -22.89 -44.92 47.44
N PRO D 768 -21.79 -44.21 47.71
CA PRO D 768 -21.29 -43.24 46.73
C PRO D 768 -21.00 -43.86 45.38
N GLU D 769 -20.46 -45.08 45.34
CA GLU D 769 -20.18 -45.72 44.07
C GLU D 769 -21.45 -46.14 43.35
N LEU D 770 -22.48 -46.54 44.10
CA LEU D 770 -23.77 -46.81 43.47
C LEU D 770 -24.35 -45.53 42.85
N ILE D 771 -24.21 -44.40 43.55
CA ILE D 771 -24.64 -43.13 42.98
C ILE D 771 -23.85 -42.82 41.72
N LEU D 772 -22.55 -43.10 41.74
CA LEU D 772 -21.72 -42.87 40.56
C LEU D 772 -22.19 -43.72 39.39
N TYR D 773 -22.51 -44.99 39.64
CA TYR D 773 -23.03 -45.86 38.59
C TYR D 773 -24.35 -45.32 38.05
N ALA D 774 -25.23 -44.86 38.94
CA ALA D 774 -26.51 -44.31 38.50
C ALA D 774 -26.29 -43.10 37.61
N LEU D 775 -25.35 -42.22 37.98
CA LEU D 775 -25.07 -41.05 37.15
C LEU D 775 -24.52 -41.46 35.80
N VAL D 776 -23.65 -42.46 35.77
CA VAL D 776 -23.09 -42.91 34.49
C VAL D 776 -24.17 -43.54 33.62
N PHE D 777 -25.20 -44.12 34.24
CA PHE D 777 -26.24 -44.79 33.47
C PHE D 777 -26.98 -43.82 32.55
N VAL D 778 -27.29 -42.63 33.03
CA VAL D 778 -28.01 -41.66 32.20
C VAL D 778 -27.14 -41.18 31.05
N LEU D 779 -25.83 -41.03 31.30
CA LEU D 779 -24.92 -40.68 30.20
C LEU D 779 -24.88 -41.78 29.16
N PHE D 780 -24.86 -43.03 29.60
CA PHE D 780 -24.89 -44.14 28.64
C PHE D 780 -26.19 -44.13 27.84
N CYS D 781 -27.31 -43.84 28.50
CA CYS D 781 -28.59 -43.77 27.79
C CYS D 781 -28.57 -42.65 26.75
N ASP D 782 -28.01 -41.49 27.10
CA ASP D 782 -27.90 -40.40 26.14
C ASP D 782 -27.01 -40.79 24.97
N GLU D 783 -25.92 -41.51 25.25
CA GLU D 783 -25.05 -41.96 24.16
C GLU D 783 -25.79 -42.92 23.23
N VAL D 784 -26.61 -43.81 23.80
CA VAL D 784 -27.40 -44.72 22.98
C VAL D 784 -28.42 -43.94 22.16
N ARG D 785 -29.03 -42.91 22.75
CA ARG D 785 -29.96 -42.07 22.01
C ARG D 785 -29.26 -41.39 20.84
N GLN D 786 -28.04 -40.90 21.05
CA GLN D 786 -27.29 -40.31 19.95
C GLN D 786 -26.95 -41.34 18.88
N TRP D 787 -26.61 -42.57 19.30
CA TRP D 787 -26.39 -43.65 18.34
C TRP D 787 -27.64 -43.96 17.53
N TYR D 788 -28.82 -43.81 18.13
CA TYR D 788 -30.07 -44.11 17.44
C TYR D 788 -30.48 -43.00 16.47
N MET D 789 -30.39 -41.74 16.91
CA MET D 789 -30.73 -40.63 16.02
C MET D 789 -29.79 -40.58 14.82
N ASN D 790 -28.50 -40.74 15.05
CA ASN D 790 -27.49 -40.74 14.01
C ASN D 790 -27.08 -42.18 13.70
N GLY D 791 -26.03 -42.32 12.88
CA GLY D 791 -25.52 -43.62 12.54
C GLY D 791 -24.03 -43.73 12.69
N VAL D 792 -23.37 -44.45 11.78
CA VAL D 792 -21.92 -44.60 11.85
C VAL D 792 -21.22 -43.26 11.68
N ASN D 793 -21.84 -42.30 11.01
CA ASN D 793 -21.22 -40.99 10.86
C ASN D 793 -20.99 -40.32 12.21
N TYR D 794 -21.81 -40.67 13.21
CA TYR D 794 -21.64 -40.08 14.54
C TYR D 794 -20.26 -40.39 15.11
N PHE D 795 -19.63 -41.48 14.69
CA PHE D 795 -18.32 -41.85 15.19
C PHE D 795 -17.19 -41.14 14.44
N THR D 796 -17.50 -40.32 13.45
CA THR D 796 -16.45 -39.59 12.74
C THR D 796 -15.72 -38.64 13.67
N ASP D 797 -16.44 -37.98 14.57
CA ASP D 797 -15.84 -37.00 15.46
C ASP D 797 -14.98 -37.68 16.52
N LEU D 798 -13.97 -36.95 17.00
CA LEU D 798 -13.04 -37.51 17.97
C LEU D 798 -13.68 -37.64 19.35
N TRP D 799 -14.42 -36.62 19.78
CA TRP D 799 -14.91 -36.60 21.15
C TRP D 799 -16.00 -37.64 21.39
N ASN D 800 -16.79 -37.95 20.37
CA ASN D 800 -17.76 -39.04 20.50
C ASN D 800 -17.04 -40.36 20.73
N VAL D 801 -15.95 -40.60 19.99
CA VAL D 801 -15.16 -41.81 20.20
C VAL D 801 -14.58 -41.82 21.61
N MET D 802 -14.09 -40.67 22.08
CA MET D 802 -13.54 -40.60 23.44
C MET D 802 -14.62 -40.95 24.47
N ASP D 803 -15.82 -40.41 24.30
CA ASP D 803 -16.90 -40.71 25.24
C ASP D 803 -17.26 -42.19 25.23
N THR D 804 -17.35 -42.79 24.04
CA THR D 804 -17.67 -44.20 23.95
C THR D 804 -16.60 -45.05 24.61
N LEU D 805 -15.32 -44.72 24.38
CA LEU D 805 -14.24 -45.46 25.01
C LEU D 805 -14.29 -45.31 26.52
N GLY D 806 -14.58 -44.10 27.01
CA GLY D 806 -14.68 -43.91 28.45
C GLY D 806 -15.78 -44.75 29.06
N LEU D 807 -16.95 -44.77 28.43
CA LEU D 807 -18.06 -45.57 28.94
C LEU D 807 -17.72 -47.06 28.92
N PHE D 808 -17.09 -47.54 27.85
CA PHE D 808 -16.71 -48.94 27.79
C PHE D 808 -15.68 -49.28 28.87
N TYR D 809 -14.72 -48.39 29.09
CA TYR D 809 -13.74 -48.62 30.15
C TYR D 809 -14.41 -48.66 31.52
N PHE D 810 -15.40 -47.78 31.73
CA PHE D 810 -16.13 -47.80 33.00
C PHE D 810 -16.85 -49.13 33.19
N ILE D 811 -17.48 -49.64 32.13
CA ILE D 811 -18.19 -50.91 32.23
C ILE D 811 -17.21 -52.04 32.52
N ALA D 812 -16.06 -52.04 31.84
CA ALA D 812 -15.04 -53.07 32.10
C ALA D 812 -14.53 -52.99 33.54
N GLY D 813 -14.33 -51.77 34.04
CA GLY D 813 -13.92 -51.61 35.42
C GLY D 813 -14.95 -52.16 36.39
N ILE D 814 -16.23 -51.93 36.12
CA ILE D 814 -17.28 -52.50 36.95
C ILE D 814 -17.20 -54.01 36.92
N VAL D 815 -17.05 -54.58 35.73
CA VAL D 815 -17.01 -56.04 35.60
C VAL D 815 -15.86 -56.61 36.41
N PHE D 816 -14.68 -55.99 36.31
CA PHE D 816 -13.55 -56.46 37.09
C PHE D 816 -13.78 -56.28 38.59
N ARG D 817 -14.43 -55.18 38.98
CA ARG D 817 -14.56 -54.86 40.39
C ARG D 817 -15.54 -55.81 41.08
N LEU D 818 -16.57 -56.25 40.36
CA LEU D 818 -17.59 -57.09 41.01
C LEU D 818 -17.02 -58.41 41.52
N HIS D 819 -15.83 -58.80 41.07
CA HIS D 819 -15.18 -60.02 41.56
C HIS D 819 -14.50 -59.68 42.89
N SER D 820 -15.33 -59.58 43.94
CA SER D 820 -14.82 -59.20 45.25
C SER D 820 -13.87 -60.25 45.82
N SER D 821 -14.03 -61.52 45.41
CA SER D 821 -13.23 -62.59 45.99
C SER D 821 -11.74 -62.39 45.69
N ASN D 822 -11.41 -61.98 44.47
CA ASN D 822 -10.03 -61.86 44.04
C ASN D 822 -9.58 -60.40 44.08
N LYS D 823 -8.47 -60.13 44.76
CA LYS D 823 -7.99 -58.77 44.93
C LYS D 823 -7.32 -58.24 43.67
N SER D 824 -6.69 -59.11 42.87
CA SER D 824 -6.06 -58.67 41.64
C SER D 824 -7.10 -58.06 40.70
N SER D 825 -8.29 -58.65 40.63
CA SER D 825 -9.36 -58.09 39.83
C SER D 825 -9.76 -56.71 40.33
N LEU D 826 -9.80 -56.54 41.66
CA LEU D 826 -10.11 -55.23 42.22
C LEU D 826 -9.06 -54.19 41.82
N TYR D 827 -7.79 -54.56 41.89
CA TYR D 827 -6.74 -53.61 41.50
C TYR D 827 -6.83 -53.27 40.02
N SER D 828 -7.10 -54.27 39.17
CA SER D 828 -7.26 -54.01 37.75
C SER D 828 -8.43 -53.07 37.50
N GLY D 829 -9.54 -53.28 38.21
CA GLY D 829 -10.67 -52.38 38.08
C GLY D 829 -10.33 -50.96 38.50
N ARG D 830 -9.56 -50.82 39.58
CA ARG D 830 -9.16 -49.49 40.02
C ARG D 830 -8.29 -48.81 38.97
N VAL D 831 -7.37 -49.55 38.37
CA VAL D 831 -6.53 -48.96 37.32
C VAL D 831 -7.37 -48.53 36.13
N ILE D 832 -8.32 -49.38 35.72
CA ILE D 832 -9.20 -49.03 34.61
C ILE D 832 -9.97 -47.77 34.95
N PHE D 833 -10.47 -47.66 36.18
CA PHE D 833 -11.21 -46.48 36.59
C PHE D 833 -10.33 -45.24 36.56
N CYS D 834 -9.06 -45.37 36.96
CA CYS D 834 -8.15 -44.23 36.92
C CYS D 834 -7.95 -43.73 35.49
N LEU D 835 -7.73 -44.66 34.56
CA LEU D 835 -7.55 -44.26 33.16
C LEU D 835 -8.84 -43.61 32.62
N ASP D 836 -9.99 -44.20 32.95
CA ASP D 836 -11.25 -43.60 32.54
C ASP D 836 -11.43 -42.22 33.16
N TYR D 837 -10.93 -42.02 34.38
CA TYR D 837 -11.00 -40.71 35.01
C TYR D 837 -10.16 -39.70 34.25
N ILE D 838 -8.97 -40.11 33.79
CA ILE D 838 -8.18 -39.23 32.93
C ILE D 838 -8.99 -38.83 31.71
N ILE D 839 -9.63 -39.82 31.07
CA ILE D 839 -10.41 -39.54 29.86
C ILE D 839 -11.53 -38.56 30.16
N PHE D 840 -12.26 -38.79 31.25
CA PHE D 840 -13.36 -37.91 31.62
C PHE D 840 -12.87 -36.50 31.90
N THR D 841 -11.75 -36.37 32.63
CA THR D 841 -11.27 -35.05 33.02
C THR D 841 -10.76 -34.26 31.84
N LEU D 842 -10.21 -34.92 30.82
CA LEU D 842 -9.70 -34.18 29.68
C LEU D 842 -10.80 -33.55 28.83
N ARG D 843 -12.06 -33.86 29.09
CA ARG D 843 -13.16 -33.30 28.30
C ARG D 843 -13.53 -31.89 28.71
N LEU D 844 -13.05 -31.40 29.85
CA LEU D 844 -13.33 -30.02 30.24
C LEU D 844 -12.80 -29.04 29.21
N ILE D 845 -11.67 -29.36 28.59
CA ILE D 845 -11.11 -28.50 27.55
C ILE D 845 -12.13 -28.32 26.43
N HIS D 846 -12.77 -29.40 26.03
CA HIS D 846 -13.78 -29.32 24.96
C HIS D 846 -15.01 -28.55 25.43
N ILE D 847 -15.51 -28.88 26.64
CA ILE D 847 -16.77 -28.27 27.05
C ILE D 847 -16.60 -26.77 27.28
N PHE D 848 -15.40 -26.31 27.64
CA PHE D 848 -15.15 -24.90 27.91
C PHE D 848 -14.64 -24.13 26.69
N THR D 849 -15.04 -24.54 25.49
CA THR D 849 -14.64 -23.86 24.27
C THR D 849 -15.68 -22.84 23.81
N VAL D 850 -16.56 -22.39 24.72
CA VAL D 850 -17.60 -21.42 24.41
C VAL D 850 -17.54 -20.21 25.33
N SER D 851 -16.53 -20.14 26.21
CA SER D 851 -16.48 -19.06 27.19
C SER D 851 -16.24 -17.69 26.55
N ARG D 852 -15.82 -17.65 25.28
CA ARG D 852 -15.55 -16.47 24.49
C ARG D 852 -14.21 -15.82 24.85
N ASN D 853 -13.53 -16.28 25.91
CA ASN D 853 -12.19 -15.83 26.24
C ASN D 853 -11.14 -16.92 26.03
N LEU D 854 -11.46 -18.15 26.43
CA LEU D 854 -10.58 -19.29 26.21
C LEU D 854 -10.90 -20.03 24.93
N GLY D 855 -12.09 -19.84 24.37
CA GLY D 855 -12.54 -20.60 23.23
C GLY D 855 -11.63 -20.48 22.02
N PRO D 856 -11.35 -19.24 21.60
CA PRO D 856 -10.47 -19.07 20.43
C PRO D 856 -9.10 -19.69 20.61
N LYS D 857 -8.52 -19.60 21.81
CA LYS D 857 -7.21 -20.20 22.05
C LYS D 857 -7.28 -21.72 21.99
N ILE D 858 -8.33 -22.31 22.56
CA ILE D 858 -8.51 -23.76 22.47
C ILE D 858 -8.65 -24.17 21.02
N ILE D 859 -9.39 -23.39 20.23
CA ILE D 859 -9.57 -23.70 18.81
C ILE D 859 -8.22 -23.66 18.10
N MET D 860 -7.42 -22.63 18.36
CA MET D 860 -6.10 -22.54 17.75
C MET D 860 -5.18 -23.66 18.24
N LEU D 861 -5.48 -24.24 19.40
CA LEU D 861 -4.62 -25.28 19.95
C LEU D 861 -4.42 -26.44 18.98
N GLN D 862 -5.48 -26.82 18.26
CA GLN D 862 -5.42 -27.95 17.34
C GLN D 862 -4.73 -27.61 16.03
N ARG D 863 -4.10 -26.44 15.93
CA ARG D 863 -3.44 -26.00 14.71
C ARG D 863 -1.93 -26.14 14.78
N MET D 864 -1.41 -26.89 15.77
CA MET D 864 0.03 -26.96 16.01
C MET D 864 0.51 -28.40 16.14
N LEU D 865 -0.14 -29.33 15.44
CA LEU D 865 0.28 -30.73 15.52
C LEU D 865 1.54 -30.99 14.71
N ILE D 866 1.69 -30.31 13.58
CA ILE D 866 2.81 -30.60 12.68
C ILE D 866 4.13 -30.24 13.35
N ASP D 867 4.17 -29.10 14.05
CA ASP D 867 5.39 -28.70 14.75
C ASP D 867 5.75 -29.73 15.82
N VAL D 868 4.75 -30.20 16.57
CA VAL D 868 5.00 -31.20 17.60
C VAL D 868 5.55 -32.48 16.98
N PHE D 869 4.96 -32.91 15.85
CA PHE D 869 5.43 -34.12 15.20
C PHE D 869 6.86 -33.97 14.71
N PHE D 870 7.20 -32.82 14.13
CA PHE D 870 8.56 -32.57 13.68
C PHE D 870 9.55 -32.62 14.84
N PHE D 871 9.19 -31.95 15.94
CA PHE D 871 10.04 -31.97 17.13
C PHE D 871 10.24 -33.38 17.65
N LEU D 872 9.16 -34.16 17.73
CA LEU D 872 9.26 -35.52 18.22
C LEU D 872 10.10 -36.39 17.29
N PHE D 873 9.96 -36.19 15.98
CA PHE D 873 10.75 -36.94 15.02
C PHE D 873 12.24 -36.71 15.23
N LEU D 874 12.65 -35.43 15.26
CA LEU D 874 14.06 -35.12 15.46
C LEU D 874 14.55 -35.67 16.80
N PHE D 875 13.77 -35.46 17.87
CA PHE D 875 14.18 -35.90 19.19
C PHE D 875 14.32 -37.41 19.23
N ALA D 876 13.40 -38.14 18.60
CA ALA D 876 13.48 -39.59 18.60
C ALA D 876 14.71 -40.07 17.85
N VAL D 877 15.02 -39.45 16.71
CA VAL D 877 16.21 -39.85 15.97
C VAL D 877 17.45 -39.68 16.85
N TRP D 878 17.60 -38.51 17.45
CA TRP D 878 18.79 -38.26 18.28
C TRP D 878 18.81 -39.19 19.49
N MET D 879 17.65 -39.41 20.10
CA MET D 879 17.56 -40.29 21.27
C MET D 879 18.02 -41.69 20.94
N VAL D 880 17.50 -42.25 19.83
CA VAL D 880 17.88 -43.61 19.45
C VAL D 880 19.39 -43.67 19.20
N ALA D 881 19.91 -42.72 18.42
CA ALA D 881 21.33 -42.77 18.10
C ALA D 881 22.18 -42.74 19.36
N PHE D 882 21.94 -41.75 20.23
CA PHE D 882 22.76 -41.59 21.42
C PHE D 882 22.63 -42.78 22.35
N GLY D 883 21.39 -43.25 22.58
CA GLY D 883 21.20 -44.36 23.49
C GLY D 883 21.89 -45.63 23.01
N VAL D 884 21.72 -45.96 21.73
CA VAL D 884 22.35 -47.16 21.20
C VAL D 884 23.86 -47.05 21.30
N ALA D 885 24.42 -45.90 20.93
CA ALA D 885 25.87 -45.74 20.97
C ALA D 885 26.40 -45.89 22.40
N ARG D 886 25.77 -45.22 23.35
CA ARG D 886 26.23 -45.26 24.73
C ARG D 886 26.13 -46.67 25.30
N GLN D 887 24.99 -47.34 25.07
CA GLN D 887 24.83 -48.69 25.59
C GLN D 887 25.85 -49.64 24.97
N GLY D 888 26.13 -49.48 23.68
CA GLY D 888 27.10 -50.35 23.03
C GLY D 888 28.51 -50.13 23.55
N ILE D 889 28.90 -48.87 23.76
CA ILE D 889 30.27 -48.59 24.19
C ILE D 889 30.47 -48.70 25.69
N LEU D 890 29.39 -48.88 26.47
CA LEU D 890 29.51 -49.08 27.91
C LEU D 890 29.36 -50.54 28.32
N ARG D 891 28.28 -51.19 27.90
CA ARG D 891 27.94 -52.53 28.35
C ARG D 891 27.72 -53.43 27.14
N GLN D 892 27.92 -54.74 27.34
CA GLN D 892 27.78 -55.72 26.28
C GLN D 892 26.84 -56.83 26.70
N ASN D 893 25.95 -57.23 25.78
CA ASN D 893 25.10 -58.41 25.92
C ASN D 893 24.25 -58.32 27.20
N GLU D 894 23.37 -57.32 27.21
CA GLU D 894 22.44 -57.17 28.31
C GLU D 894 21.50 -58.36 28.41
N GLN D 895 20.90 -58.76 27.29
CA GLN D 895 19.99 -59.89 27.15
C GLN D 895 18.64 -59.65 27.82
N ARG D 896 18.41 -58.49 28.42
CA ARG D 896 17.13 -58.15 29.03
C ARG D 896 16.54 -56.96 28.28
N TRP D 897 15.31 -57.14 27.78
CA TRP D 897 14.69 -56.11 26.95
C TRP D 897 14.30 -54.89 27.78
N ARG D 898 13.77 -55.11 28.98
CA ARG D 898 13.30 -53.99 29.80
C ARG D 898 14.43 -53.01 30.08
N TRP D 899 15.59 -53.52 30.52
CA TRP D 899 16.71 -52.63 30.79
C TRP D 899 17.30 -52.06 29.50
N ILE D 900 17.23 -52.82 28.40
CA ILE D 900 17.67 -52.29 27.11
C ILE D 900 16.90 -51.02 26.77
N PHE D 901 15.58 -51.08 26.86
CA PHE D 901 14.76 -49.90 26.56
C PHE D 901 14.92 -48.83 27.62
N ARG D 902 15.15 -49.22 28.87
CA ARG D 902 15.35 -48.25 29.94
C ARG D 902 16.60 -47.41 29.69
N SER D 903 17.68 -48.04 29.24
CA SER D 903 18.93 -47.33 29.01
C SER D 903 18.95 -46.64 27.65
N VAL D 904 18.23 -47.18 26.66
CA VAL D 904 18.31 -46.65 25.31
C VAL D 904 17.32 -45.51 25.06
N ILE D 905 16.20 -45.48 25.78
CA ILE D 905 15.09 -44.60 25.47
C ILE D 905 14.72 -43.73 26.68
N TYR D 906 14.46 -44.35 27.82
CA TYR D 906 13.94 -43.61 28.97
C TYR D 906 14.96 -42.60 29.48
N GLU D 907 16.18 -43.04 29.74
CA GLU D 907 17.19 -42.13 30.28
C GLU D 907 17.51 -40.99 29.32
N PRO D 908 17.79 -41.22 28.04
CA PRO D 908 17.94 -40.09 27.12
C PRO D 908 16.69 -39.22 27.03
N TYR D 909 15.50 -39.81 27.16
CA TYR D 909 14.28 -39.01 27.15
C TYR D 909 14.25 -38.05 28.32
N LEU D 910 14.68 -38.50 29.50
CA LEU D 910 14.71 -37.62 30.66
C LEU D 910 15.64 -36.43 30.45
N ALA D 911 16.61 -36.53 29.55
CA ALA D 911 17.48 -35.39 29.26
C ALA D 911 16.73 -34.22 28.67
N MET D 912 15.54 -34.44 28.11
CA MET D 912 14.74 -33.34 27.58
C MET D 912 14.40 -32.33 28.66
N PHE D 913 14.37 -32.77 29.92
CA PHE D 913 13.95 -31.93 31.04
C PHE D 913 15.10 -31.40 31.87
N GLY D 914 16.35 -31.66 31.47
CA GLY D 914 17.49 -30.99 32.06
C GLY D 914 18.38 -31.84 32.94
N GLN D 915 18.15 -33.15 33.03
CA GLN D 915 19.00 -34.02 33.82
C GLN D 915 19.92 -34.83 32.91
N VAL D 916 21.20 -34.84 33.24
CA VAL D 916 22.22 -35.50 32.42
C VAL D 916 22.09 -37.01 32.56
N PRO D 917 22.33 -37.78 31.49
CA PRO D 917 22.17 -39.24 31.61
C PRO D 917 23.03 -39.87 32.68
N SER D 918 24.24 -39.36 32.90
CA SER D 918 25.16 -39.92 33.89
C SER D 918 25.71 -41.26 33.41
N ASP D 919 26.66 -41.81 34.16
CA ASP D 919 27.36 -43.07 33.88
C ASP D 919 28.38 -42.90 32.76
N VAL D 920 28.60 -41.68 32.26
CA VAL D 920 29.58 -41.48 31.20
C VAL D 920 30.98 -41.24 31.74
N ASP D 921 31.11 -40.85 33.00
CA ASP D 921 32.40 -40.58 33.62
C ASP D 921 32.71 -41.64 34.67
N SER D 922 33.95 -42.13 34.66
CA SER D 922 34.35 -43.17 35.59
C SER D 922 34.42 -42.66 37.03
N THR D 923 34.64 -41.35 37.21
CA THR D 923 34.81 -40.82 38.56
C THR D 923 33.54 -40.99 39.38
N THR D 924 32.39 -40.62 38.82
CA THR D 924 31.14 -40.72 39.55
C THR D 924 30.55 -42.12 39.53
N TYR D 925 31.04 -43.00 38.66
CA TYR D 925 30.50 -44.35 38.58
C TYR D 925 30.85 -45.16 39.82
N ASP D 926 29.86 -45.91 40.32
CA ASP D 926 30.04 -46.79 41.47
C ASP D 926 29.51 -48.17 41.12
N PHE D 927 30.18 -49.19 41.63
CA PHE D 927 29.82 -50.58 41.34
C PHE D 927 28.75 -51.13 42.27
N SER D 928 28.35 -50.38 43.30
CA SER D 928 27.29 -50.85 44.18
C SER D 928 25.97 -50.98 43.44
N HIS D 929 25.66 -50.01 42.58
CA HIS D 929 24.36 -50.00 41.92
C HIS D 929 24.28 -51.02 40.79
N CYS D 930 25.43 -51.41 40.23
CA CYS D 930 25.43 -52.31 39.09
C CYS D 930 25.61 -53.76 39.53
N THR D 931 25.21 -54.68 38.66
CA THR D 931 25.32 -56.11 38.90
C THR D 931 26.05 -56.77 37.74
N PHE D 932 27.03 -57.60 38.07
CA PHE D 932 27.79 -58.29 37.03
C PHE D 932 26.92 -59.29 36.27
N SER D 933 25.97 -59.91 36.95
CA SER D 933 25.00 -60.81 36.34
C SER D 933 23.63 -60.16 36.31
N GLY D 934 22.74 -60.77 35.54
CA GLY D 934 21.39 -60.27 35.37
C GLY D 934 20.38 -60.81 36.36
N ASN D 935 20.83 -61.53 37.40
CA ASN D 935 19.89 -62.10 38.35
C ASN D 935 19.12 -61.03 39.09
N GLU D 936 19.79 -59.95 39.49
CA GLU D 936 19.14 -58.86 40.21
C GLU D 936 18.49 -57.88 39.24
N SER D 937 17.69 -56.98 39.80
CA SER D 937 17.01 -55.95 39.02
C SER D 937 17.81 -54.64 39.07
N LYS D 938 19.00 -54.68 38.50
CA LYS D 938 19.90 -53.55 38.44
C LYS D 938 20.54 -53.49 37.07
N PRO D 939 21.05 -52.32 36.66
CA PRO D 939 21.74 -52.23 35.37
C PRO D 939 23.01 -53.07 35.37
N LEU D 940 23.36 -53.56 34.18
CA LEU D 940 24.56 -54.36 34.03
C LEU D 940 25.81 -53.50 34.24
N CYS D 941 26.83 -54.10 34.85
CA CYS D 941 28.07 -53.38 35.11
C CYS D 941 28.82 -53.13 33.81
N VAL D 942 29.60 -52.04 33.80
CA VAL D 942 30.39 -51.69 32.64
C VAL D 942 31.47 -52.74 32.41
N GLU D 943 31.87 -52.91 31.16
CA GLU D 943 32.88 -53.91 30.82
C GLU D 943 34.21 -53.56 31.49
N LEU D 944 34.90 -54.54 32.06
CA LEU D 944 36.12 -54.28 32.78
C LEU D 944 37.25 -54.87 32.05
N ASP D 945 38.43 -54.31 32.14
CA ASP D 945 39.58 -54.84 31.41
C ASP D 945 40.38 -55.85 32.27
N GLU D 946 41.62 -56.20 31.87
CA GLU D 946 42.44 -57.15 32.61
C GLU D 946 42.76 -56.74 34.05
N HIS D 947 42.88 -55.45 34.30
CA HIS D 947 43.18 -54.92 35.63
C HIS D 947 41.97 -54.55 36.49
N ASN D 948 40.76 -54.93 36.07
CA ASN D 948 39.49 -54.65 36.74
C ASN D 948 39.14 -53.18 36.85
N LEU D 949 39.50 -52.45 35.81
CA LEU D 949 39.16 -51.05 35.70
C LEU D 949 38.20 -50.94 34.53
N PRO D 950 37.25 -49.90 34.55
CA PRO D 950 36.33 -49.86 33.45
C PRO D 950 37.02 -49.63 32.16
N ARG D 951 36.54 -50.14 31.08
CA ARG D 951 37.21 -50.03 29.85
C ARG D 951 36.86 -48.90 28.92
N PHE D 952 35.74 -48.26 29.08
CA PHE D 952 35.27 -47.24 28.16
C PHE D 952 36.11 -45.97 28.31
N PRO D 953 36.43 -45.29 27.20
CA PRO D 953 37.16 -44.02 27.30
C PRO D 953 36.23 -42.83 27.51
N GLU D 954 36.62 -41.90 28.38
CA GLU D 954 35.78 -40.75 28.66
C GLU D 954 35.84 -39.71 27.54
N TRP D 955 36.95 -39.66 26.80
CA TRP D 955 37.16 -38.60 25.83
C TRP D 955 36.23 -38.68 24.63
N ILE D 956 35.47 -39.77 24.49
CA ILE D 956 34.41 -39.83 23.50
C ILE D 956 33.03 -39.81 24.14
N THR D 957 32.86 -40.42 25.32
CA THR D 957 31.56 -40.42 25.97
C THR D 957 31.14 -39.02 26.38
N ILE D 958 32.04 -38.27 27.02
CA ILE D 958 31.67 -36.94 27.51
C ILE D 958 31.29 -36.00 26.38
N PRO D 959 32.10 -35.85 25.31
CA PRO D 959 31.64 -35.01 24.20
C PRO D 959 30.34 -35.49 23.58
N LEU D 960 30.12 -36.80 23.54
CA LEU D 960 28.87 -37.33 23.00
C LEU D 960 27.67 -36.81 23.78
N VAL D 961 27.72 -36.93 25.10
CA VAL D 961 26.59 -36.48 25.92
C VAL D 961 26.45 -34.97 25.85
N CYS D 962 27.57 -34.24 25.81
CA CYS D 962 27.49 -32.78 25.69
C CYS D 962 26.79 -32.38 24.40
N ILE D 963 27.16 -33.01 23.29
CA ILE D 963 26.54 -32.70 22.00
C ILE D 963 25.07 -33.07 22.02
N TYR D 964 24.73 -34.22 22.60
CA TYR D 964 23.33 -34.63 22.67
C TYR D 964 22.50 -33.64 23.47
N MET D 965 23.01 -33.20 24.63
CA MET D 965 22.28 -32.22 25.42
C MET D 965 22.13 -30.91 24.67
N LEU D 966 23.20 -30.45 24.01
CA LEU D 966 23.10 -29.21 23.24
C LEU D 966 22.04 -29.32 22.16
N SER D 967 22.03 -30.43 21.42
CA SER D 967 21.09 -30.58 20.32
C SER D 967 19.66 -30.69 20.80
N THR D 968 19.41 -31.40 21.90
CA THR D 968 18.05 -31.69 22.34
C THR D 968 17.49 -30.63 23.27
N ASN D 969 18.15 -30.37 24.39
CA ASN D 969 17.54 -29.55 25.43
C ASN D 969 17.33 -28.11 24.99
N ILE D 970 18.19 -27.60 24.10
CA ILE D 970 18.24 -26.17 23.78
C ILE D 970 17.75 -25.89 22.37
N LEU D 971 18.44 -26.42 21.36
CA LEU D 971 18.12 -26.06 19.98
C LEU D 971 16.69 -26.47 19.62
N LEU D 972 16.32 -27.71 19.94
CA LEU D 972 15.00 -28.20 19.55
C LEU D 972 13.89 -27.42 20.24
N VAL D 973 14.03 -27.16 21.54
CA VAL D 973 12.98 -26.46 22.28
C VAL D 973 12.81 -25.04 21.75
N ASN D 974 13.93 -24.35 21.50
CA ASN D 974 13.86 -22.99 20.99
C ASN D 974 13.27 -22.96 19.59
N LEU D 975 13.61 -23.94 18.75
CA LEU D 975 13.02 -24.02 17.42
C LEU D 975 11.52 -24.25 17.51
N LEU D 976 11.08 -25.11 18.43
CA LEU D 976 9.66 -25.32 18.63
C LEU D 976 8.97 -24.03 19.08
N VAL D 977 9.62 -23.27 19.96
CA VAL D 977 9.05 -22.00 20.40
C VAL D 977 8.89 -21.06 19.22
N ALA D 978 9.91 -20.98 18.36
CA ALA D 978 9.85 -20.10 17.20
C ALA D 978 8.72 -20.52 16.25
N MET D 979 8.60 -21.82 15.99
CA MET D 979 7.55 -22.29 15.10
C MET D 979 6.17 -22.02 15.69
N PHE D 980 6.00 -22.22 16.99
CA PHE D 980 4.74 -21.88 17.65
C PHE D 980 4.44 -20.40 17.51
N GLY D 981 5.44 -19.54 17.69
CA GLY D 981 5.22 -18.12 17.54
C GLY D 981 4.76 -17.76 16.14
N TYR D 982 5.42 -18.30 15.12
CA TYR D 982 5.02 -18.02 13.75
C TYR D 982 3.60 -18.51 13.49
N THR D 983 3.28 -19.73 13.93
CA THR D 983 1.95 -20.27 13.70
C THR D 983 0.88 -19.43 14.39
N VAL D 984 1.15 -19.00 15.63
CA VAL D 984 0.19 -18.15 16.33
C VAL D 984 -0.01 -16.85 15.59
N GLY D 985 1.08 -16.25 15.11
CA GLY D 985 0.95 -15.00 14.36
C GLY D 985 0.12 -15.17 13.10
N ILE D 986 0.33 -16.28 12.38
CA ILE D 986 -0.34 -16.46 11.09
C ILE D 986 -1.82 -16.71 11.28
N VAL D 987 -2.18 -17.60 12.22
CA VAL D 987 -3.54 -18.13 12.28
C VAL D 987 -4.50 -17.26 13.08
N GLN D 988 -4.00 -16.19 13.72
CA GLN D 988 -4.88 -15.33 14.50
C GLN D 988 -5.87 -14.57 13.63
N GLU D 989 -5.63 -14.52 12.32
CA GLU D 989 -6.48 -13.71 11.45
C GLU D 989 -7.91 -14.26 11.38
N ASN D 990 -8.04 -15.58 11.25
CA ASN D 990 -9.35 -16.20 11.01
C ASN D 990 -9.75 -17.15 12.13
N ASN D 991 -9.14 -17.03 13.31
CA ASN D 991 -9.49 -17.92 14.41
C ASN D 991 -10.89 -17.63 14.94
N ASP D 992 -11.26 -16.34 15.02
CA ASP D 992 -12.58 -15.98 15.53
C ASP D 992 -13.68 -16.53 14.64
N GLN D 993 -13.43 -16.58 13.32
CA GLN D 993 -14.42 -17.13 12.41
C GLN D 993 -14.70 -18.60 12.70
N VAL D 994 -13.63 -19.39 12.89
CA VAL D 994 -13.82 -20.80 13.22
C VAL D 994 -14.50 -20.95 14.56
N TRP D 995 -14.12 -20.11 15.53
CA TRP D 995 -14.77 -20.18 16.83
C TRP D 995 -16.25 -19.88 16.73
N LYS D 996 -16.63 -18.90 15.91
CA LYS D 996 -18.04 -18.59 15.73
C LYS D 996 -18.79 -19.74 15.07
N PHE D 997 -18.17 -20.38 14.08
CA PHE D 997 -18.80 -21.54 13.45
C PHE D 997 -19.04 -22.65 14.48
N GLN D 998 -18.02 -22.97 15.28
CA GLN D 998 -18.18 -23.99 16.30
C GLN D 998 -19.20 -23.58 17.36
N ARG D 999 -19.26 -22.28 17.67
CA ARG D 999 -20.26 -21.78 18.61
C ARG D 999 -21.66 -22.02 18.08
N TYR D 1000 -21.87 -21.75 16.78
CA TYR D 1000 -23.17 -22.08 16.19
C TYR D 1000 -23.46 -23.57 16.33
N PHE D 1001 -22.48 -24.40 16.02
CA PHE D 1001 -22.69 -25.84 16.12
C PHE D 1001 -23.16 -26.23 17.53
N LEU D 1002 -22.44 -25.76 18.54
CA LEU D 1002 -22.76 -26.13 19.92
C LEU D 1002 -24.11 -25.57 20.35
N VAL D 1003 -24.41 -24.32 19.98
CA VAL D 1003 -25.68 -23.73 20.35
C VAL D 1003 -26.83 -24.51 19.73
N GLN D 1004 -26.70 -24.86 18.46
CA GLN D 1004 -27.74 -25.66 17.80
C GLN D 1004 -27.87 -27.02 18.44
N GLU D 1005 -26.74 -27.64 18.82
CA GLU D 1005 -26.81 -28.95 19.47
C GLU D 1005 -27.57 -28.86 20.78
N TYR D 1006 -27.30 -27.82 21.58
CA TYR D 1006 -27.95 -27.68 22.87
C TYR D 1006 -29.44 -27.38 22.69
N CYS D 1007 -29.78 -26.53 21.72
CA CYS D 1007 -31.19 -26.20 21.50
C CYS D 1007 -31.96 -27.37 20.90
N ASN D 1008 -31.26 -28.29 20.22
CA ASN D 1008 -31.94 -29.37 19.51
C ASN D 1008 -32.44 -30.44 20.46
N ARG D 1009 -31.71 -30.73 21.53
CA ARG D 1009 -32.05 -31.83 22.42
C ARG D 1009 -33.23 -31.42 23.31
N LEU D 1010 -33.52 -32.23 24.33
CA LEU D 1010 -34.67 -31.98 25.19
C LEU D 1010 -34.56 -30.65 25.93
N ASN D 1011 -33.35 -30.10 26.05
CA ASN D 1011 -33.15 -28.84 26.76
C ASN D 1011 -33.58 -28.96 28.22
N ILE D 1012 -33.10 -30.01 28.87
CA ILE D 1012 -33.42 -30.28 30.27
C ILE D 1012 -32.10 -30.48 31.02
N PRO D 1013 -32.03 -30.14 32.30
CA PRO D 1013 -30.78 -30.39 33.04
C PRO D 1013 -30.41 -31.86 33.02
N PHE D 1014 -29.11 -32.12 32.94
CA PHE D 1014 -28.60 -33.49 32.74
C PHE D 1014 -29.13 -34.50 33.74
N PRO D 1015 -29.09 -34.26 35.05
CA PRO D 1015 -29.53 -35.30 35.99
C PRO D 1015 -31.00 -35.66 35.88
N PHE D 1016 -31.82 -34.79 35.29
CA PHE D 1016 -33.27 -34.99 35.22
C PHE D 1016 -33.75 -35.29 33.80
N VAL D 1017 -32.88 -35.82 32.95
CA VAL D 1017 -33.28 -36.13 31.57
C VAL D 1017 -33.83 -37.54 31.43
N VAL D 1018 -33.53 -38.45 32.36
CA VAL D 1018 -34.02 -39.82 32.24
C VAL D 1018 -35.53 -39.85 32.25
N PHE D 1019 -36.17 -38.99 33.05
CA PHE D 1019 -37.62 -38.93 33.06
C PHE D 1019 -38.16 -38.55 31.69
N ALA D 1020 -37.55 -37.57 31.04
CA ALA D 1020 -37.98 -37.18 29.71
C ALA D 1020 -37.83 -38.33 28.72
N TYR D 1021 -36.70 -39.04 28.78
CA TYR D 1021 -36.51 -40.19 27.89
C TYR D 1021 -37.61 -41.23 28.10
N PHE D 1022 -37.87 -41.59 29.36
CA PHE D 1022 -38.87 -42.61 29.62
C PHE D 1022 -40.26 -42.17 29.16
N TYR D 1023 -40.64 -40.92 29.48
CA TYR D 1023 -41.97 -40.45 29.11
C TYR D 1023 -42.13 -40.39 27.60
N MET D 1024 -41.12 -39.89 26.89
CA MET D 1024 -41.23 -39.77 25.45
C MET D 1024 -41.21 -41.14 24.77
N VAL D 1025 -40.46 -42.10 25.32
CA VAL D 1025 -40.48 -43.45 24.77
C VAL D 1025 -41.85 -44.09 24.98
N VAL D 1026 -42.43 -43.89 26.17
CA VAL D 1026 -43.74 -44.48 26.46
C VAL D 1026 -44.80 -43.87 25.57
N LYS D 1027 -44.80 -42.54 25.44
CA LYS D 1027 -45.83 -41.87 24.65
C LYS D 1027 -45.46 -41.77 23.18
N LYS D 1028 -44.20 -41.46 22.88
CA LYS D 1028 -43.74 -41.33 21.51
C LYS D 1028 -42.80 -42.46 21.13
N ASN D 1051 -46.69 -14.37 0.46
CA ASN D 1051 -45.41 -14.47 1.12
C ASN D 1051 -44.77 -13.09 1.27
N GLU D 1052 -45.06 -12.44 2.41
CA GLU D 1052 -44.52 -11.10 2.65
C GLU D 1052 -43.00 -11.12 2.72
N THR D 1053 -42.44 -12.13 3.39
CA THR D 1053 -40.99 -12.17 3.56
C THR D 1053 -40.28 -12.28 2.22
N LEU D 1054 -40.79 -13.10 1.31
CA LEU D 1054 -40.15 -13.26 0.01
C LEU D 1054 -40.25 -11.97 -0.81
N ALA D 1055 -41.39 -11.27 -0.72
CA ALA D 1055 -41.51 -9.99 -1.41
C ALA D 1055 -40.53 -8.98 -0.87
N TRP D 1056 -40.37 -8.92 0.45
CA TRP D 1056 -39.39 -8.03 1.04
C TRP D 1056 -37.98 -8.39 0.61
N GLU D 1057 -37.69 -9.70 0.54
CA GLU D 1057 -36.39 -10.15 0.06
C GLU D 1057 -36.14 -9.70 -1.37
N GLY D 1058 -37.16 -9.81 -2.23
CA GLY D 1058 -37.01 -9.36 -3.60
C GLY D 1058 -36.77 -7.86 -3.69
N VAL D 1059 -37.49 -7.08 -2.88
CA VAL D 1059 -37.29 -5.63 -2.88
C VAL D 1059 -35.87 -5.30 -2.45
N MET D 1060 -35.38 -5.95 -1.39
CA MET D 1060 -34.01 -5.70 -0.96
C MET D 1060 -32.99 -6.16 -2.00
N LYS D 1061 -33.31 -7.23 -2.72
CA LYS D 1061 -32.44 -7.67 -3.81
C LYS D 1061 -32.35 -6.60 -4.89
N GLU D 1062 -33.49 -6.01 -5.26
CA GLU D 1062 -33.48 -4.95 -6.26
C GLU D 1062 -32.66 -3.76 -5.75
N ASN D 1063 -32.82 -3.41 -4.47
CA ASN D 1063 -32.05 -2.31 -3.91
C ASN D 1063 -30.54 -2.62 -3.94
N TYR D 1064 -30.17 -3.87 -3.63
CA TYR D 1064 -28.77 -4.25 -3.67
C TYR D 1064 -28.21 -4.18 -5.08
N LEU D 1065 -28.99 -4.62 -6.06
CA LEU D 1065 -28.54 -4.52 -7.45
C LEU D 1065 -28.37 -3.07 -7.86
N VAL D 1066 -29.29 -2.20 -7.45
CA VAL D 1066 -29.16 -0.78 -7.76
C VAL D 1066 -27.91 -0.20 -7.12
N LYS D 1067 -27.63 -0.60 -5.87
CA LYS D 1067 -26.43 -0.12 -5.20
C LYS D 1067 -25.17 -0.57 -5.93
N ILE D 1068 -25.16 -1.82 -6.39
CA ILE D 1068 -24.01 -2.33 -7.15
C ILE D 1068 -23.85 -1.52 -8.43
N ASN D 1069 -24.95 -1.24 -9.12
CA ASN D 1069 -24.89 -0.45 -10.34
C ASN D 1069 -24.34 0.95 -10.07
N THR D 1070 -24.77 1.57 -8.97
CA THR D 1070 -24.26 2.89 -8.62
C THR D 1070 -22.76 2.84 -8.30
N LYS D 1071 -22.33 1.81 -7.58
CA LYS D 1071 -20.91 1.67 -7.29
C LYS D 1071 -20.11 1.51 -8.57
N ALA D 1072 -20.62 0.72 -9.52
CA ALA D 1072 -19.93 0.57 -10.80
C ALA D 1072 -19.90 1.88 -11.57
N ASN D 1073 -21.00 2.62 -11.59
CA ASN D 1073 -21.08 3.89 -12.33
C ASN D 1073 -20.33 5.02 -11.65
N ASP D 1074 -19.91 4.85 -10.40
CA ASP D 1074 -19.15 5.89 -9.72
C ASP D 1074 -17.82 6.21 -10.38
N ASN D 1075 -17.48 5.56 -11.50
CA ASN D 1075 -16.24 5.87 -12.21
C ASN D 1075 -16.19 7.34 -12.60
N SER D 1076 -17.33 7.90 -13.01
CA SER D 1076 -17.41 9.31 -13.37
C SER D 1076 -16.63 9.62 -14.65
N GLU D 1077 -16.75 8.74 -15.63
CA GLU D 1077 -16.09 8.89 -16.92
C GLU D 1077 -16.97 9.58 -17.95
N GLU D 1078 -18.13 10.10 -17.54
CA GLU D 1078 -19.06 10.73 -18.47
C GLU D 1078 -18.54 12.04 -19.04
N MET D 1079 -17.46 12.59 -18.49
CA MET D 1079 -16.92 13.85 -19.00
C MET D 1079 -16.50 13.71 -20.45
N ARG D 1080 -15.88 12.58 -20.80
CA ARG D 1080 -15.49 12.36 -22.19
C ARG D 1080 -16.70 12.31 -23.10
N HIS D 1081 -17.77 11.65 -22.66
CA HIS D 1081 -19.00 11.60 -23.47
C HIS D 1081 -19.58 12.99 -23.66
N ARG D 1082 -19.60 13.80 -22.59
CA ARG D 1082 -20.11 15.15 -22.70
C ARG D 1082 -19.27 15.97 -23.67
N PHE D 1083 -17.94 15.82 -23.60
CA PHE D 1083 -17.06 16.54 -24.52
C PHE D 1083 -17.31 16.12 -25.95
N ARG D 1084 -17.50 14.81 -26.18
CA ARG D 1084 -17.78 14.33 -27.53
C ARG D 1084 -19.10 14.89 -28.04
N GLN D 1085 -20.13 14.93 -27.19
CA GLN D 1085 -21.40 15.51 -27.59
C GLN D 1085 -21.25 16.98 -27.93
N LEU D 1086 -20.49 17.72 -27.13
CA LEU D 1086 -20.26 19.13 -27.43
C LEU D 1086 -19.53 19.30 -28.75
N ASP D 1087 -18.53 18.45 -29.02
CA ASP D 1087 -17.81 18.52 -30.28
C ASP D 1087 -18.73 18.23 -31.46
N SER D 1088 -19.62 17.23 -31.32
CA SER D 1088 -20.56 16.94 -32.39
C SER D 1088 -21.51 18.11 -32.63
N LYS D 1089 -21.97 18.73 -31.54
CA LYS D 1089 -22.84 19.91 -31.68
C LYS D 1089 -22.11 21.04 -32.39
N LEU D 1090 -20.84 21.26 -32.03
CA LEU D 1090 -20.05 22.29 -32.69
C LEU D 1090 -19.88 21.98 -34.18
N ASN D 1091 -19.63 20.72 -34.52
CA ASN D 1091 -19.51 20.34 -35.92
C ASN D 1091 -20.83 20.59 -36.67
N ASP D 1092 -21.95 20.26 -36.04
CA ASP D 1092 -23.24 20.51 -36.67
C ASP D 1092 -23.46 22.01 -36.88
N LEU D 1093 -23.09 22.82 -35.89
CA LEU D 1093 -23.23 24.27 -36.03
C LEU D 1093 -22.33 24.78 -37.16
N LYS D 1094 -21.12 24.26 -37.27
CA LYS D 1094 -20.23 24.67 -38.36
C LYS D 1094 -20.80 24.29 -39.71
N SER D 1095 -21.38 23.08 -39.82
CA SER D 1095 -22.01 22.69 -41.08
C SER D 1095 -23.19 23.59 -41.41
N LEU D 1096 -23.99 23.94 -40.41
CA LEU D 1096 -25.11 24.86 -40.65
C LEU D 1096 -24.62 26.22 -41.11
N LEU D 1097 -23.55 26.71 -40.49
CA LEU D 1097 -22.98 28.00 -40.91
C LEU D 1097 -22.46 27.93 -42.34
N LYS D 1098 -21.80 26.83 -42.70
CA LYS D 1098 -21.34 26.68 -44.07
C LYS D 1098 -22.50 26.64 -45.05
N GLU D 1099 -23.58 25.94 -44.70
CA GLU D 1099 -24.76 25.91 -45.56
C GLU D 1099 -25.35 27.30 -45.71
N ILE D 1100 -25.43 28.07 -44.62
CA ILE D 1100 -25.95 29.42 -44.69
C ILE D 1100 -25.08 30.28 -45.59
N ALA D 1101 -23.75 30.16 -45.46
CA ALA D 1101 -22.85 30.92 -46.31
C ALA D 1101 -23.03 30.56 -47.78
N ASN D 1102 -23.18 29.27 -48.07
CA ASN D 1102 -23.40 28.85 -49.44
C ASN D 1102 -24.72 29.41 -49.98
N ASN D 1103 -25.76 29.41 -49.15
CA ASN D 1103 -27.04 29.96 -49.58
C ASN D 1103 -26.91 31.46 -49.86
N ILE D 1104 -26.14 32.17 -49.04
CA ILE D 1104 -25.97 33.61 -49.25
C ILE D 1104 -25.34 33.88 -50.61
N LYS D 1105 -24.31 33.12 -50.95
CA LYS D 1105 -23.64 33.29 -52.24
C LYS D 1105 -24.14 32.24 -53.24
CAA Y01 E . -3.22 -18.43 47.16
CBA Y01 E . -4.28 -17.70 48.01
CAB Y01 E . -5.69 -18.02 47.50
CAN Y01 E . -4.04 -16.17 48.08
CAJ Y01 E . -3.25 -15.60 46.88
CAO Y01 E . -3.23 -14.06 46.83
CBB Y01 E . -2.14 -13.50 45.88
CAC Y01 E . -2.32 -14.18 44.52
CBE Y01 E . -2.31 -11.96 45.80
CAP Y01 E . -1.84 -11.32 47.15
CAQ Y01 E . -1.09 -10.01 46.79
CBG Y01 E . -1.47 -9.81 45.30
CBI Y01 E . -1.40 -11.24 44.77
CAE Y01 E . 0.04 -11.84 44.79
CAU Y01 E . -2.02 -11.26 43.36
CAS Y01 E . -2.42 -9.90 42.74
CBF Y01 E . -1.60 -8.62 43.12
CBD Y01 E . -0.73 -8.82 44.38
CAK Y01 E . -0.47 -7.40 44.89
CAI Y01 E . 0.35 -6.73 43.77
CAZ Y01 E . 0.34 -7.08 42.46
CAV Y01 E . 1.10 -6.47 41.27
CBH Y01 E . -0.58 -8.24 42.01
CAD Y01 E . 0.12 -9.47 41.41
CAT Y01 E . -1.61 -7.59 41.05
CAR Y01 E . -0.93 -7.02 39.80
CBC Y01 E . 0.18 -6.00 40.14
OAW Y01 E . 0.96 -5.81 38.96
CAY Y01 E . 0.40 -4.90 38.01
OAG Y01 E . -0.77 -4.64 38.05
CAM Y01 E . 1.30 -4.24 36.94
CAL Y01 E . 0.60 -3.03 36.29
CAX Y01 E . 0.55 -1.80 37.23
OAH Y01 E . 0.34 -1.96 38.41
OAF Y01 E . 0.71 -0.69 36.78
HAA1 Y01 E . -3.35 -18.19 46.13
HAA2 Y01 E . -2.24 -18.14 47.48
HAA3 Y01 E . -3.33 -19.48 47.28
HBA Y01 E . -4.20 -18.07 49.01
HAB1 Y01 E . -5.86 -19.08 47.62
HAB2 Y01 E . -6.42 -17.48 48.06
HAB3 Y01 E . -5.76 -17.78 46.46
HAN1 Y01 E . -4.98 -15.68 48.12
HAN2 Y01 E . -3.49 -15.94 48.96
HAJ1 Y01 E . -3.72 -15.96 45.98
HAJ2 Y01 E . -2.25 -15.96 46.90
HAO1 Y01 E . -3.05 -13.69 47.81
HAO2 Y01 E . -4.19 -13.71 46.49
HBB Y01 E . -1.18 -13.74 46.28
HAC1 Y01 E . -1.67 -13.76 43.79
HAC2 Y01 E . -3.34 -14.07 44.20
HAC3 Y01 E . -2.10 -15.23 44.60
HBE Y01 E . -3.32 -11.71 45.61
HAP1 Y01 E . -1.18 -11.99 47.66
HAP2 Y01 E . -2.69 -11.10 47.76
HAQ1 Y01 E . -1.44 -9.19 47.38
HAQ2 Y01 E . -0.03 -10.13 46.89
HBG Y01 E . -2.51 -9.53 45.31
HBD Y01 E . 0.20 -9.23 44.09
HAE1 Y01 E . 0.76 -11.12 44.47
HAE2 Y01 E . 0.29 -12.15 45.79
HAE3 Y01 E . 0.09 -12.68 44.14
HAU1 Y01 E . -1.32 -11.73 42.71
HAU2 Y01 E . -2.91 -11.86 43.40
HAS1 Y01 E . -2.40 -10.05 41.68
HAS2 Y01 E . -3.43 -9.72 43.03
HBF Y01 E . -2.29 -7.83 43.30
HAK1 Y01 E . -1.40 -6.89 44.95
HAK2 Y01 E . 0.19 -7.50 45.72
HAI Y01 E . 0.99 -5.93 44.05
HAV1 Y01 E . 1.70 -7.25 40.85
HAV2 Y01 E . 1.55 -5.58 41.66
HBC Y01 E . -0.28 -5.07 40.41
HAD1 Y01 E . 0.24 -10.22 42.16
HAD2 Y01 E . 1.09 -9.21 41.04
HAD3 Y01 E . -0.46 -9.86 40.60
HAT1 Y01 E . -2.34 -8.30 40.73
HAT2 Y01 E . -2.10 -6.78 41.55
HAR1 Y01 E . -0.50 -7.82 39.24
HAR2 Y01 E . -1.68 -6.53 39.22
HAM1 Y01 E . 2.20 -3.90 37.41
HAM2 Y01 E . 1.54 -4.96 36.19
HAL1 Y01 E . 1.14 -2.76 35.40
HAL2 Y01 E . -0.40 -3.30 36.02
CAA Y01 F . 17.06 -6.79 54.62
CBA Y01 F . 16.83 -6.55 53.12
CAB Y01 F . 18.11 -6.83 52.33
CAN Y01 F . 16.32 -5.12 52.88
CAJ Y01 F . 15.55 -4.96 51.55
CAO Y01 F . 16.26 -3.98 50.59
CBB Y01 F . 15.37 -3.41 49.46
CAC Y01 F . 14.09 -2.81 50.08
CBE Y01 F . 16.10 -2.27 48.69
CAP Y01 F . 17.65 -2.45 48.66
CAQ Y01 F . 18.14 -1.66 47.41
CBG Y01 F . 16.84 -1.15 46.75
CBI Y01 F . 15.79 -2.19 47.16
CAE Y01 F . 15.94 -3.54 46.42
CAU Y01 F . 14.42 -1.56 46.93
CAS Y01 F . 14.23 -0.90 45.53
CBF Y01 F . 15.47 -0.25 44.84
CBD Y01 F . 16.84 -0.85 45.24
CAK Y01 F . 17.88 0.19 44.82
CAI Y01 F . 17.68 0.53 43.33
CAZ Y01 F . 16.57 0.29 42.60
CAV Y01 F . 16.28 0.61 41.12
CBH Y01 F . 15.38 -0.41 43.29
CAD Y01 F . 15.13 -1.85 42.77
CAT Y01 F . 14.11 0.47 43.12
CAR Y01 F . 13.82 0.83 41.64
CBC Y01 F . 15.03 1.45 40.92
OAW Y01 F . 14.72 1.48 39.52
CAY Y01 F . 15.17 2.65 38.82
OAG Y01 F . 16.13 3.27 39.22
CAM Y01 F . 14.42 3.10 37.55
CAL Y01 F . 14.86 4.49 37.06
CAX Y01 F . 14.65 4.69 35.55
OAH Y01 F . 15.27 5.54 34.96
OAF Y01 F . 13.86 4.00 34.95
HAA1 Y01 F . 17.77 -6.08 55.00
HAA2 Y01 F . 16.13 -6.67 55.16
HAA3 Y01 F . 17.42 -7.78 54.79
HBA Y01 F . 16.07 -7.24 52.79
HAB1 Y01 F . 17.99 -6.48 51.32
HAB2 Y01 F . 18.94 -6.32 52.78
HAB3 Y01 F . 18.31 -7.88 52.32
HAN1 Y01 F . 15.66 -4.85 53.67
HAN2 Y01 F . 17.15 -4.46 52.88
HAJ1 Y01 F . 14.57 -4.62 51.77
HAJ2 Y01 F . 15.49 -5.91 51.07
HAO1 Y01 F . 17.08 -4.50 50.15
HAO2 Y01 F . 16.64 -3.15 51.16
HBB Y01 F . 15.09 -4.20 48.80
HAC1 Y01 F . 13.75 -1.99 49.47
HAC2 Y01 F . 14.31 -2.45 51.06
HAC3 Y01 F . 13.33 -3.56 50.13
HBE Y01 F . 15.87 -1.33 49.13
HAP1 Y01 F . 17.92 -3.48 48.55
HAP2 Y01 F . 18.08 -2.03 49.55
HAQ1 Y01 F . 18.75 -0.85 47.71
HAQ2 Y01 F . 18.66 -2.32 46.74
HBG Y01 F . 16.58 -0.23 47.24
HBD Y01 F . 17.02 -1.75 44.69
HAE1 Y01 F . 15.87 -3.38 45.37
HAE2 Y01 F . 16.89 -3.98 46.65
HAE3 Y01 F . 15.16 -4.20 46.72
HAU1 Y01 F . 14.25 -0.81 47.66
HAU2 Y01 F . 13.67 -2.33 47.03
HAS1 Y01 F . 13.81 -1.65 44.89
HAS2 Y01 F . 13.50 -0.13 45.67
HBF Y01 F . 15.49 0.79 45.10
HAK1 Y01 F . 17.66 1.08 45.37
HAK2 Y01 F . 18.83 -0.31 44.89
HAI Y01 F . 18.50 1.01 42.83
HAV1 Y01 F . 16.08 -0.34 40.65
HAV2 Y01 F . 17.10 1.23 40.80
HBC Y01 F . 15.19 2.44 41.29
HAD1 Y01 F . 15.35 -2.56 43.54
HAD2 Y01 F . 15.76 -2.04 41.94
HAD3 Y01 F . 14.11 -1.95 42.48
HAT1 Y01 F . 13.25 -0.06 43.46
HAT2 Y01 F . 14.21 1.39 43.66
HAR1 Y01 F . 13.53 -0.05 41.12
HAR2 Y01 F . 13.01 1.53 41.63
HAM1 Y01 F . 14.61 2.39 36.77
HAM2 Y01 F . 13.37 3.12 37.76
HAL1 Y01 F . 14.29 5.23 37.58
HAL2 Y01 F . 15.90 4.64 37.28
CAA Y01 G . 18.83 3.57 51.18
CBA Y01 G . 18.93 4.90 50.39
CAB Y01 G . 18.29 6.04 51.20
CAN Y01 G . 18.27 4.77 49.00
CAJ Y01 G . 19.28 4.60 47.85
CAO Y01 G . 18.69 3.84 46.65
CBB Y01 G . 18.75 4.60 45.31
CAC Y01 G . 19.16 3.65 44.18
CBE Y01 G . 17.34 5.19 45.04
CAP Y01 G . 17.01 6.21 46.16
CAQ Y01 G . 16.18 7.35 45.49
CBG Y01 G . 15.92 6.83 44.06
CBI Y01 G . 17.19 6.03 43.74
CAE Y01 G . 18.41 6.93 43.45
CAU Y01 G . 16.81 5.15 42.54
CAS Y01 G . 16.18 5.95 41.37
CBF Y01 G . 15.08 6.98 41.75
CBD Y01 G . 15.50 7.83 42.97
CAK Y01 G . 14.33 8.69 43.42
CAI Y01 G . 13.76 9.48 42.24
CAZ Y01 G . 13.93 9.20 40.93
CAV Y01 G . 13.38 9.93 39.69
CBH Y01 G . 14.82 7.98 40.56
CAD Y01 G . 16.07 8.33 39.73
CAT Y01 G . 13.85 7.04 39.81
CAR Y01 G . 13.39 7.65 38.48
CBC Y01 G . 12.69 9.01 38.66
OAW Y01 G . 12.71 9.68 37.40
CAY Y01 G . 11.52 10.41 37.08
OAG Y01 G . 10.83 10.87 37.97
CAM Y01 G . 11.10 10.61 35.61
CAL Y01 G . 9.92 11.60 35.47
CAX Y01 G . 9.50 11.81 34.00
OAH Y01 G . 8.55 11.23 33.55
OAF Y01 G . 10.12 12.58 33.30
HAA1 Y01 G . 17.80 3.31 51.31
HAA2 Y01 G . 19.34 2.81 50.63
HAA3 Y01 G . 19.30 3.70 52.14
HBA Y01 G . 19.96 5.13 50.24
HAB1 Y01 G . 18.30 6.94 50.62
HAB2 Y01 G . 17.28 5.79 51.44
HAB3 Y01 G . 18.85 6.19 52.10
HAN1 Y01 G . 17.62 3.92 49.02
HAN2 Y01 G . 17.68 5.65 48.82
HAJ1 Y01 G . 20.12 4.06 48.22
HAJ2 Y01 G . 19.61 5.58 47.55
HAO1 Y01 G . 17.67 3.61 46.86
HAO2 Y01 G . 19.23 2.91 46.55
HBB Y01 G . 19.45 5.40 45.38
HAC1 Y01 G . 19.57 4.21 43.36
HAC2 Y01 G . 18.30 3.11 43.84
HAC3 Y01 G . 19.89 2.95 44.53
HBE Y01 G . 16.61 4.40 45.04
HAP1 Y01 G . 17.91 6.61 46.58
HAP2 Y01 G . 16.42 5.73 46.91
HAQ1 Y01 G . 15.26 7.48 46.02
HAQ2 Y01 G . 16.74 8.25 45.47
HBG Y01 G . 15.13 6.11 44.14
HBD Y01 G . 16.33 8.45 42.72
HAE1 Y01 G . 18.24 7.47 42.54
HAE2 Y01 G . 18.55 7.62 44.26
HAE3 Y01 G . 19.28 6.33 43.33
HAU1 Y01 G . 16.12 4.41 42.86
HAU2 Y01 G . 17.70 4.67 42.18
HAS1 Y01 G . 17.00 6.42 40.88
HAS2 Y01 G . 15.77 5.22 40.70
HBF Y01 G . 14.19 6.46 42.00
HAK1 Y01 G . 13.56 8.01 43.72
HAK2 Y01 G . 14.75 9.43 44.07
HAI Y01 G . 13.14 10.32 42.46
HAV1 Y01 G . 14.21 10.36 39.19
HAV2 Y01 G . 12.58 10.54 40.08
HBC Y01 G . 11.68 8.84 38.96
HAD1 Y01 G . 16.87 8.57 40.39
HAD2 Y01 G . 15.89 9.17 39.10
HAD3 Y01 G . 16.32 7.50 39.11
HAT1 Y01 G . 14.31 6.10 39.60
HAT2 Y01 G . 12.97 6.89 40.40
HAR1 Y01 G . 14.24 7.77 37.84
HAR2 Y01 G . 12.70 6.98 38.01
HAM1 Y01 G . 11.94 10.99 35.06
HAM2 Y01 G . 10.83 9.68 35.19
HAL1 Y01 G . 9.09 11.22 36.01
HAL2 Y01 G . 10.21 12.54 35.88
C02 LQ7 H . 1.30 7.33 47.47
C04 LQ7 H . 1.14 7.81 49.98
C05 LQ7 H . 1.59 9.24 50.26
C06 LQ7 H . 1.51 9.90 51.52
C07 LQ7 H . 2.05 11.32 51.42
C08 LQ7 H . 2.48 11.57 50.07
C10 LQ7 H . -0.89 7.92 48.53
C11 LQ7 H . -1.65 6.62 48.76
C12 LQ7 H . -3.08 6.69 48.22
C14 LQ7 H . 2.81 7.06 47.52
C15 LQ7 H . 3.31 5.92 48.13
C17 LQ7 H . 2.90 4.47 49.93
C18 LQ7 H . 1.76 3.75 50.63
C19 LQ7 H . 1.73 2.37 50.66
C20 LQ7 H . 0.69 1.71 51.30
C21 LQ7 H . 0.66 0.18 51.34
C22 LQ7 H . -0.32 2.43 51.90
C23 LQ7 H . -0.30 3.81 51.87
C24 LQ7 H . 0.74 4.48 51.23
C25 LQ7 H . 4.68 5.71 48.14
C26 LQ7 H . 5.54 6.63 47.56
C27 LQ7 H . 5.04 7.77 46.96
C28 LQ7 H . 3.67 7.98 46.94
N03 LQ7 H . 0.54 7.69 48.66
N13 LQ7 H . -3.92 5.67 48.84
O01 LQ7 H . 0.75 7.25 46.44
O16 LQ7 H . 2.45 4.99 48.72
S09 LQ7 H . 2.23 10.26 49.16
H042 LQ7 H . 2.00 7.15 50.07
H041 LQ7 H . 0.41 7.54 50.72
H061 LQ7 H . 1.12 9.45 52.42
H071 LQ7 H . 2.11 12.03 52.23
H081 LQ7 H . 2.91 12.50 49.71
H101 LQ7 H . -1.20 8.66 49.27
H102 LQ7 H . -1.11 8.29 47.53
H111 LQ7 H . -1.13 5.81 48.28
H112 LQ7 H . -1.70 6.43 49.83
H122 LQ7 H . -3.50 7.67 48.42
H121 LQ7 H . -3.07 6.52 47.15
H172 LQ7 H . 3.71 3.77 49.76
H171 LQ7 H . 3.27 5.28 50.56
H191 LQ7 H . 2.52 1.80 50.20
H212 LQ7 H . 0.10 -0.19 50.48
H211 LQ7 H . 1.68 -0.20 51.29
H213 LQ7 H . 0.20 -0.15 52.26
H221 LQ7 H . -1.13 1.92 52.40
H231 LQ7 H . -1.09 4.38 52.34
H241 LQ7 H . 0.76 5.56 51.21
H251 LQ7 H . 5.09 4.82 48.61
H261 LQ7 H . 6.62 6.45 47.58
H271 LQ7 H . 5.71 8.48 46.50
H281 LQ7 H . 3.28 8.88 46.47
H131 LQ7 H . -3.45 5.30 49.64
H132 LQ7 H . -4.79 6.08 49.11
CAA Y01 I . -10.70 -17.86 43.62
CBA Y01 I . -9.42 -18.31 44.35
CAB Y01 I . -9.76 -18.89 45.73
CAN Y01 I . -8.38 -17.17 44.47
CAJ Y01 I . -7.81 -16.71 43.11
CAO Y01 I . -7.05 -17.82 42.36
CBB Y01 I . -6.17 -17.31 41.19
CAC Y01 I . -6.99 -16.29 40.37
CBE Y01 I . -4.88 -16.66 41.74
CAP Y01 I . -4.04 -17.74 42.48
CAQ Y01 I . -2.55 -17.44 42.19
CBG Y01 I . -2.59 -16.07 41.47
CBI Y01 I . -3.89 -16.14 40.66
CAE Y01 I . -3.78 -17.07 39.44
CAU Y01 I . -4.24 -14.71 40.24
CAS Y01 I . -3.07 -13.93 39.61
CBF Y01 I . -1.63 -14.18 40.14
CBD Y01 I . -1.37 -15.61 40.66
CAK Y01 I . -0.09 -15.55 41.49
CAI Y01 I . 1.00 -14.74 40.77
CAZ Y01 I . 0.84 -13.99 39.65
CAV Y01 I . 1.88 -13.17 38.88
CBH Y01 I . -0.56 -13.96 39.01
CAD Y01 I . -0.63 -14.88 37.77
CAT Y01 I . -0.98 -12.49 38.69
CAR Y01 I . 0.08 -11.67 37.95
CBC Y01 I . 1.45 -11.71 38.64
OAW Y01 I . 2.40 -11.09 37.79
CAY Y01 I . 2.48 -9.67 37.96
OAG Y01 I . 1.53 -9.03 38.31
CAM Y01 I . 3.83 -8.97 37.68
CAL Y01 I . 5.01 -9.85 38.13
CAX Y01 I . 5.29 -11.00 37.16
OAH Y01 I . 4.97 -10.91 35.99
OAF Y01 I . 5.84 -12.00 37.55
HAA1 Y01 I . -11.39 -18.67 43.59
HAA2 Y01 I . -10.46 -17.57 42.62
HAA3 Y01 I . -11.13 -17.03 44.13
HBA Y01 I . -8.97 -19.11 43.77
HAB1 Y01 I . -10.21 -19.85 45.62
HAB2 Y01 I . -8.87 -18.98 46.32
HAB3 Y01 I . -10.45 -18.24 46.23
HAN1 Y01 I . -8.84 -16.34 44.94
HAN2 Y01 I . -7.57 -17.52 45.08
HAJ1 Y01 I . -7.14 -15.90 43.29
HAJ2 Y01 I . -8.62 -16.35 42.51
HAO1 Y01 I . -7.78 -18.51 41.95
HAO2 Y01 I . -6.45 -18.36 43.07
HBB Y01 I . -5.92 -18.14 40.57
HAC1 Y01 I . -6.66 -16.29 39.36
HAC2 Y01 I . -6.87 -15.31 40.80
HAC3 Y01 I . -8.02 -16.56 40.39
HBE Y01 I . -5.12 -15.88 42.42
HAP1 Y01 I . -4.29 -18.72 42.11
HAP2 Y01 I . -4.21 -17.69 43.53
HAQ1 Y01 I . -1.99 -17.37 43.09
HAQ2 Y01 I . -2.14 -18.18 41.53
HBG Y01 I . -2.75 -15.32 42.22
HBD Y01 I . -1.22 -16.29 39.86
HAE1 Y01 I . -3.03 -16.69 38.76
HAE2 Y01 I . -3.51 -18.05 39.75
HAE3 Y01 I . -4.71 -17.11 38.92
HAU1 Y01 I . -5.03 -14.74 39.54
HAU2 Y01 I . -4.57 -14.17 41.11
HAS1 Y01 I . -3.12 -14.13 38.56
HAS2 Y01 I . -3.30 -12.89 39.75
HBF Y01 I . -1.44 -13.50 40.94
HAK1 Y01 I . -0.33 -14.99 42.37
HAK2 Y01 I . 0.27 -16.55 41.53
HAI Y01 I . 1.98 -14.75 41.20
HAV1 Y01 I . 1.92 -13.61 37.90
HAV2 Y01 I . 2.73 -13.11 39.50
HBC Y01 I . 1.38 -11.20 39.58
HAD1 Y01 I . -0.24 -15.83 38.00
HAD2 Y01 I . -0.04 -14.44 36.99
HAD3 Y01 I . -1.65 -14.96 37.42
HAT1 Y01 I . -1.83 -12.51 38.03
HAT2 Y01 I . -1.24 -11.98 39.59
HAR1 Y01 I . 0.18 -12.04 36.96
HAR2 Y01 I . -0.25 -10.66 37.91
HAM1 Y01 I . 3.91 -8.76 36.64
HAM2 Y01 I . 3.85 -8.04 38.22
HAL1 Y01 I . 5.89 -9.24 38.22
HAL2 Y01 I . 4.78 -10.27 39.07
CAA Y01 J . -0.43 -20.28 42.61
CBA Y01 J . -0.86 -21.72 42.26
CAB Y01 J . -1.75 -21.71 41.00
CAN Y01 J . -1.58 -22.38 43.44
CAJ Y01 J . -0.79 -23.53 44.11
CAO Y01 J . -1.50 -24.90 43.98
CBB Y01 J . -1.08 -25.92 45.07
CAC Y01 J . 0.44 -26.15 44.93
CBE Y01 J . -1.37 -25.40 46.50
CAP Y01 J . -2.71 -24.59 46.60
CAQ Y01 J . -3.16 -24.73 48.09
CBG Y01 J . -2.06 -25.61 48.73
CBI Y01 J . -1.64 -26.51 47.56
CAE Y01 J . -2.75 -27.50 47.15
CAU Y01 J . -0.33 -27.21 47.91
CAS Y01 J . -0.29 -27.83 49.33
CBF Y01 J . -1.06 -27.11 50.48
CBD Y01 J . -2.34 -26.38 50.03
CAK Y01 J . -2.74 -25.45 51.19
CAI Y01 J . -2.71 -26.21 52.53
CAZ Y01 J . -2.17 -27.43 52.75
CAV Y01 J . -2.10 -28.25 54.04
CBH Y01 J . -1.51 -28.16 51.54
CAD Y01 J . -2.35 -29.34 51.02
CAT Y01 J . -0.07 -28.61 51.93
CAR Y01 J . 0.01 -29.37 53.27
CBC Y01 J . -0.67 -28.61 54.43
OAW Y01 J . -0.68 -29.45 55.59
CAY Y01 J . -0.98 -28.77 56.81
OAG Y01 J . -2.13 -28.59 57.12
CAM Y01 J . 0.16 -28.28 57.72
CAL Y01 J . -0.20 -28.41 59.21
CAX Y01 J . -0.42 -29.86 59.64
OAH Y01 J . 0.50 -30.50 60.11
OAF Y01 J . -1.51 -30.38 59.51
HAA1 Y01 J . -1.27 -19.75 42.99
HAA2 Y01 J . 0.33 -20.33 43.36
HAA3 Y01 J . -0.05 -19.79 41.74
HBA Y01 J . 0.02 -22.28 42.03
HAB1 Y01 J . -1.18 -21.38 40.16
HAB2 Y01 J . -2.11 -22.70 40.82
HAB3 Y01 J . -2.58 -21.05 41.16
HAN1 Y01 J . -1.77 -21.64 44.19
HAN2 Y01 J . -2.51 -22.78 43.11
HAJ1 Y01 J . -0.65 -23.30 45.14
HAJ2 Y01 J . 0.18 -23.60 43.66
HAO1 Y01 J . -2.55 -24.75 44.01
HAO2 Y01 J . -1.25 -25.31 43.03
HBB Y01 J . -1.57 -26.84 44.89
HAC1 Y01 J . 0.71 -27.05 45.42
HAC2 Y01 J . 0.98 -25.33 45.36
HAC3 Y01 J . 0.68 -26.23 43.89
HBE Y01 J . -0.57 -24.79 46.84
HAP1 Y01 J . -3.45 -25.01 45.96
HAP2 Y01 J . -2.54 -23.56 46.37
HAQ1 Y01 J . -3.19 -23.78 48.55
HAQ2 Y01 J . -4.10 -25.22 48.14
HBG Y01 J . -1.22 -24.96 48.94
HBD Y01 J . -3.13 -27.06 49.89
HAE1 Y01 J . -2.34 -28.48 47.09
HAE2 Y01 J . -3.54 -27.49 47.88
HAE3 Y01 J . -3.17 -27.22 46.21
HAU1 Y01 J . -0.17 -28.00 47.20
HAU2 Y01 J . 0.47 -26.51 47.84
HAS1 Y01 J . -0.63 -28.84 49.24
HAS2 Y01 J . 0.75 -27.86 49.60
HBF Y01 J . -0.41 -26.38 50.92
HAK1 Y01 J . -1.97 -24.72 51.26
HAK2 Y01 J . -3.76 -25.20 51.01
HAI Y01 J . -3.17 -25.73 53.37
HAV1 Y01 J . -2.58 -29.18 53.82
HAV2 Y01 J . -2.46 -27.59 54.81
HBC Y01 J . -0.12 -27.72 54.63
HAD1 Y01 J . -2.72 -29.12 50.04
HAD2 Y01 J . -3.16 -29.52 51.68
HAD3 Y01 J . -1.74 -30.22 50.97
HAT1 Y01 J . 0.30 -29.30 51.21
HAT2 Y01 J . 0.59 -27.78 51.99
HAR1 Y01 J . -0.46 -30.32 53.17
HAR2 Y01 J . 1.05 -29.51 53.52
HAM1 Y01 J . 0.37 -27.26 57.49
HAM2 Y01 J . 1.04 -28.86 57.52
HAL1 Y01 J . 0.59 -27.98 59.79
HAL2 Y01 J . -1.10 -27.85 59.39
C1 NAG K . 0.43 -46.25 65.76
C2 NAG K . 0.16 -47.38 64.80
C3 NAG K . 1.12 -48.46 64.93
C4 NAG K . 2.53 -48.01 64.90
C5 NAG K . 2.80 -46.91 65.98
C6 NAG K . 4.13 -46.44 65.87
C7 NAG K . -2.40 -47.05 65.01
C8 NAG K . -3.79 -47.61 65.28
N2 NAG K . -1.23 -47.92 65.07
O3 NAG K . 0.90 -49.41 63.81
O4 NAG K . 3.37 -49.12 65.15
O5 NAG K . 1.82 -45.77 65.71
O6 NAG K . 4.34 -45.95 64.58
O7 NAG K . -2.26 -45.90 64.76
H1 NAG K . 0.21 -46.59 66.76
H2 NAG K . 0.21 -46.99 63.79
H3 NAG K . 0.93 -48.98 65.86
H4 NAG K . 2.75 -47.61 63.92
H5 NAG K . 2.63 -47.31 66.97
H61 NAG K . 4.83 -47.25 66.07
H62 NAG K . 4.29 -45.64 66.59
H81 NAG K . -4.48 -46.79 65.44
H82 NAG K . -3.76 -48.24 66.17
H83 NAG K . -4.12 -48.20 64.43
HN2 NAG K . -1.35 -48.90 65.28
HO3 NAG K . 0.01 -49.73 63.83
HO4 NAG K . 4.16 -49.05 64.64
HO6 NAG K . 5.26 -45.86 64.42
CAA Y01 L . 28.68 -7.34 41.21
CBA Y01 L . 29.66 -6.17 41.45
CAB Y01 L . 28.90 -4.91 41.89
CAN Y01 L . 30.58 -5.89 40.24
CAJ Y01 L . 29.97 -6.33 38.89
CAO Y01 L . 30.79 -5.84 37.66
CBB Y01 L . 30.44 -6.59 36.37
CAC Y01 L . 28.90 -6.53 36.20
CBE Y01 L . 31.19 -5.92 35.18
CAP Y01 L . 32.71 -6.26 35.29
CAQ Y01 L . 33.22 -6.49 33.83
CBG Y01 L . 32.05 -5.93 32.99
CBI Y01 L . 30.82 -6.44 33.77
CAE Y01 L . 30.69 -7.98 33.78
CAU Y01 L . 29.58 -5.74 33.21
CAS Y01 L . 29.76 -4.85 31.95
CBF Y01 L . 30.87 -5.22 30.93
CBD Y01 L . 31.91 -6.21 31.49
CAK Y01 L . 33.13 -6.04 30.59
CAI Y01 L . 32.67 -6.48 29.19
CAZ Y01 L . 31.39 -6.47 28.73
CAV Y01 L . 30.82 -6.88 27.37
CBH Y01 L . 30.28 -5.95 29.69
CAD Y01 L . 29.18 -6.98 30.06
CAT Y01 L . 29.72 -4.68 28.99
CAR Y01 L . 29.07 -5.01 27.64
CBC Y01 L . 30.03 -5.75 26.69
OAW Y01 L . 29.24 -6.32 25.63
CAY Y01 L . 28.90 -5.41 24.59
OAG Y01 L . 28.93 -4.21 24.80
CAM Y01 L . 28.48 -5.93 23.20
CAL Y01 L . 28.52 -4.82 22.14
CAX Y01 L . 29.96 -4.44 21.73
OAH Y01 L . 30.83 -4.40 22.57
OAF Y01 L . 30.21 -4.18 20.58
HAA1 Y01 L . 27.94 -7.04 40.49
HAA2 Y01 L . 29.22 -8.18 40.84
HAA3 Y01 L . 28.19 -7.59 42.12
HBA Y01 L . 30.29 -6.46 42.27
HAB1 Y01 L . 28.40 -5.10 42.82
HAB2 Y01 L . 29.58 -4.10 42.01
HAB3 Y01 L . 28.16 -4.67 41.15
HAN1 Y01 L . 30.77 -4.84 40.20
HAN2 Y01 L . 31.50 -6.41 40.38
HAJ1 Y01 L . 28.99 -5.94 38.81
HAJ2 Y01 L . 29.93 -7.40 38.85
HAO1 Y01 L . 31.83 -5.96 37.87
HAO2 Y01 L . 30.59 -4.79 37.53
HBB Y01 L . 30.75 -7.61 36.46
HAC1 Y01 L . 28.61 -6.93 35.25
HAC2 Y01 L . 28.58 -5.51 36.27
HAC3 Y01 L . 28.43 -7.10 36.97
HBE Y01 L . 31.05 -4.85 35.22
HAP1 Y01 L . 32.85 -7.15 35.86
HAP2 Y01 L . 33.24 -5.44 35.74
HAQ1 Y01 L . 34.12 -5.94 33.65
HAQ2 Y01 L . 33.36 -7.53 33.65
HBG Y01 L . 32.08 -4.86 33.10
HBD Y01 L . 31.56 -7.21 31.33
HAE1 Y01 L . 30.89 -8.39 32.81
HAE2 Y01 L . 31.37 -8.40 34.49
HAE3 Y01 L . 29.69 -8.25 34.05
HAU1 Y01 L . 28.85 -6.48 32.99
HAU2 Y01 L . 29.18 -5.10 33.98
HAS1 Y01 L . 28.81 -4.82 31.48
HAS2 Y01 L . 29.99 -3.86 32.31
HBF Y01 L . 31.37 -4.32 30.63
HAK1 Y01 L . 33.36 -4.99 30.53
HAK2 Y01 L . 33.85 -6.76 30.91
HAI Y01 L . 33.42 -6.84 28.52
HAV1 Y01 L . 30.11 -7.66 27.54
HAV2 Y01 L . 31.68 -7.03 26.75
HBC Y01 L . 30.72 -5.04 26.26
HAD1 Y01 L . 29.41 -7.40 31.02
HAD2 Y01 L . 29.14 -7.76 29.34
HAD3 Y01 L . 28.24 -6.48 30.11
HAT1 Y01 L . 28.98 -4.20 29.59
HAT2 Y01 L . 30.52 -3.99 28.80
HAR1 Y01 L . 28.22 -5.63 27.81
HAR2 Y01 L . 28.77 -4.09 27.18
HAM1 Y01 L . 29.14 -6.71 22.91
HAM2 Y01 L . 27.49 -6.32 23.27
HAL1 Y01 L . 27.99 -5.15 21.27
HAL2 Y01 L . 28.03 -3.95 22.52
CAA Y01 M . 43.56 -23.15 29.79
CBA Y01 M . 42.42 -22.72 28.85
CAB Y01 M . 41.76 -23.95 28.21
CAN Y01 M . 42.94 -21.74 27.78
CAJ Y01 M . 41.84 -20.86 27.17
CAO Y01 M . 41.66 -21.11 25.65
CBB Y01 M . 40.93 -19.98 24.88
CAC Y01 M . 41.63 -18.64 25.18
CBE Y01 M . 40.99 -20.22 23.35
CAP Y01 M . 41.06 -21.73 22.96
CAQ Y01 M . 40.50 -21.81 21.52
CBG Y01 M . 40.08 -20.36 21.18
CBI Y01 M . 39.74 -19.76 22.55
CAE Y01 M . 38.41 -20.29 23.13
CAU Y01 M . 39.73 -18.25 22.38
CAS Y01 M . 38.91 -17.72 21.17
CBF Y01 M . 38.84 -18.60 19.88
CBD Y01 M . 38.99 -20.13 20.12
CAK Y01 M . 39.33 -20.72 18.75
CAI Y01 M . 38.26 -20.29 17.73
CAZ Y01 M . 37.40 -19.27 17.87
CAV Y01 M . 36.31 -18.76 16.90
CBH Y01 M . 37.46 -18.43 19.18
CAD Y01 M . 36.21 -18.63 20.07
CAT Y01 M . 37.64 -16.93 18.82
CAR Y01 M . 36.59 -16.41 17.83
CBC Y01 M . 36.46 -17.27 16.56
OAW Y01 M . 35.29 -16.86 15.86
CAY Y01 M . 35.40 -16.82 14.43
OAG Y01 M . 36.17 -17.55 13.86
CAM Y01 M . 34.50 -15.86 13.63
CAL Y01 M . 34.91 -15.76 12.14
CAX Y01 M . 33.74 -15.36 11.22
OAH Y01 M . 33.78 -15.60 10.05
OAF Y01 M . 32.77 -14.80 11.69
HAA1 Y01 M . 44.34 -23.61 29.21
HAA2 Y01 M . 43.96 -22.29 30.28
HAA3 Y01 M . 43.19 -23.84 30.51
HBA Y01 M . 41.69 -22.22 29.44
HAB1 Y01 M . 41.09 -23.63 27.43
HAB2 Y01 M . 42.51 -24.59 27.79
HAB3 Y01 M . 41.20 -24.48 28.95
HAN1 Y01 M . 43.67 -21.10 28.22
HAN2 Y01 M . 43.40 -22.31 26.99
HAJ1 Y01 M . 42.10 -19.83 27.35
HAJ2 Y01 M . 40.91 -21.06 27.66
HAO1 Y01 M . 41.10 -22.02 25.55
HAO2 Y01 M . 42.62 -21.24 25.21
HBB Y01 M . 39.92 -19.93 25.22
HAC1 Y01 M . 41.54 -17.99 24.33
HAC2 Y01 M . 42.66 -18.82 25.38
HAC3 Y01 M . 41.17 -18.18 26.03
HBE Y01 M . 41.85 -19.72 22.95
HAP1 Y01 M . 40.44 -22.30 23.61
HAP2 Y01 M . 42.07 -22.08 23.00
HAQ1 Y01 M . 41.26 -22.15 20.85
HAQ2 Y01 M . 39.65 -22.47 21.48
HBG Y01 M . 40.96 -19.86 20.83
HBD Y01 M . 38.07 -20.55 20.44
HAE1 Y01 M . 37.61 -20.07 22.45
HAE2 Y01 M . 38.46 -21.35 23.28
HAE3 Y01 M . 38.20 -19.80 24.05
HAU1 Y01 M . 40.74 -17.90 22.26
HAU2 Y01 M . 39.32 -17.81 23.27
HAS1 Y01 M . 37.93 -17.52 21.52
HAS2 Y01 M . 39.36 -16.80 20.89
HBF Y01 M . 39.62 -18.30 19.22
HAK1 Y01 M . 40.25 -20.27 18.44
HAK2 Y01 M . 39.22 -21.78 18.86
HAI Y01 M . 38.21 -20.84 16.82
HAV1 Y01 M . 35.39 -18.83 17.44
HAV2 Y01 M . 36.48 -19.29 15.99
HBC Y01 M . 37.32 -17.14 15.95
HAD1 Y01 M . 36.49 -19.15 20.97
HAD2 Y01 M . 35.48 -19.22 19.56
HAD3 Y01 M . 35.80 -17.68 20.33
HAT1 Y01 M . 37.54 -16.33 19.70
HAT2 Y01 M . 38.61 -16.76 18.39
HAR1 Y01 M . 35.64 -16.39 18.31
HAR2 Y01 M . 36.86 -15.42 17.54
HAM1 Y01 M . 33.49 -16.20 13.69
HAM2 Y01 M . 34.56 -14.89 14.07
HAL1 Y01 M . 35.68 -15.03 12.05
HAL2 Y01 M . 35.28 -16.70 11.82
CAA Y01 N . 46.57 -21.05 19.34
CBA Y01 N . 46.65 -20.63 17.87
CAB Y01 N . 47.88 -19.72 17.64
CAN Y01 N . 45.35 -19.93 17.42
CAJ Y01 N . 44.43 -20.84 16.57
CAO Y01 N . 42.94 -20.43 16.69
CBB Y01 N . 42.26 -20.11 15.34
CAC Y01 N . 40.84 -20.71 15.32
CBE Y01 N . 42.18 -18.57 15.20
CAP Y01 N . 43.64 -18.02 15.14
CAQ Y01 N . 43.61 -16.81 14.18
CBG Y01 N . 42.11 -16.61 13.87
CBI Y01 N . 41.55 -18.03 13.89
CAE Y01 N . 41.95 -18.84 12.64
CAU Y01 N . 40.04 -17.86 14.02
CAS Y01 N . 39.42 -16.91 12.97
CBF Y01 N . 40.19 -15.56 12.74
CBD Y01 N . 41.70 -15.78 12.64
CAK Y01 N . 42.42 -14.43 12.60
CAI Y01 N . 41.79 -13.53 11.53
CAZ Y01 N . 40.58 -13.67 10.96
CAV Y01 N . 39.89 -12.79 9.90
CBH Y01 N . 39.71 -14.87 11.41
CAD Y01 N . 39.36 -15.85 10.27
CAT Y01 N . 38.46 -14.21 12.03
CAR Y01 N . 37.63 -13.45 10.98
CBC Y01 N . 38.45 -12.36 10.26
OAW Y01 N . 37.77 -12.04 9.04
CAY Y01 N . 37.77 -10.65 8.69
OAG Y01 N . 38.68 -9.93 9.05
CAM Y01 N . 36.62 -10.06 7.86
CAL Y01 N . 36.90 -8.61 7.42
CAX Y01 N . 35.75 -8.01 6.58
OAH Y01 N . 34.95 -7.27 7.09
OAF Y01 N . 35.66 -8.28 5.40
HAA1 Y01 N . 46.42 -20.19 19.96
HAA2 Y01 N . 45.75 -21.73 19.47
HAA3 Y01 N . 47.48 -21.54 19.62
HBA Y01 N . 46.77 -21.51 17.28
HAB1 Y01 N . 47.88 -19.39 16.62
HAB2 Y01 N . 47.83 -18.88 18.29
HAB3 Y01 N . 48.77 -20.27 17.84
HAN1 Y01 N . 44.82 -19.61 18.29
HAN2 Y01 N . 45.61 -19.07 16.84
HAJ1 Y01 N . 44.53 -21.84 16.93
HAJ2 Y01 N . 44.74 -20.79 15.55
HAO1 Y01 N . 42.87 -19.56 17.32
HAO2 Y01 N . 42.42 -21.23 17.17
HBB Y01 N . 42.83 -20.52 14.54
HAC1 Y01 N . 40.52 -20.84 14.30
HAC2 Y01 N . 40.17 -20.05 15.83
HAC3 Y01 N . 40.84 -21.66 15.81
HBE Y01 N . 41.67 -18.15 16.04
HAP1 Y01 N . 44.30 -18.77 14.77
HAP2 Y01 N . 43.94 -17.70 16.12
HAQ1 Y01 N . 44.01 -15.93 14.66
HAQ2 Y01 N . 44.16 -17.02 13.28
HBG Y01 N . 41.70 -16.10 14.71
HBD Y01 N . 41.93 -16.32 11.74
HAE1 Y01 N . 41.46 -18.43 11.78
HAE2 Y01 N . 43.00 -18.83 12.51
HAE3 Y01 N . 41.62 -19.85 12.75
HAU1 Y01 N . 39.82 -17.48 14.99
HAU2 Y01 N . 39.57 -18.82 13.91
HAS1 Y01 N . 39.38 -17.47 12.08
HAS2 Y01 N . 38.42 -16.70 13.29
HBF Y01 N . 40.00 -14.91 13.58
HAK1 Y01 N . 42.21 -13.96 13.54
HAK2 Y01 N . 43.41 -14.63 12.27
HAI Y01 N . 42.37 -12.68 11.21
HAV1 Y01 N . 39.81 -13.38 9.02
HAV2 Y01 N . 40.45 -11.87 9.91
HBC Y01 N . 38.49 -11.50 10.89
HAD1 Y01 N . 40.13 -16.60 10.20
HAD2 Y01 N . 39.28 -15.34 9.34
HAD3 Y01 N . 38.41 -16.31 10.49
HAT1 Y01 N . 37.83 -14.93 12.49
HAT2 Y01 N . 38.76 -13.49 12.77
HAR1 Y01 N . 37.27 -14.15 10.25
HAR2 Y01 N . 36.80 -12.99 11.47
HAM1 Y01 N . 36.47 -10.67 7.00
HAM2 Y01 N . 35.72 -10.08 8.45
HAL1 Y01 N . 37.04 -8.01 8.28
HAL2 Y01 N . 37.80 -8.61 6.84
C02 LQ7 O . 43.53 -3.02 20.12
C04 LQ7 O . 45.85 -2.93 21.18
C05 LQ7 O . 46.92 -2.90 20.09
C06 LQ7 O . 48.32 -2.72 20.31
C07 LQ7 O . 49.07 -2.75 18.98
C08 LQ7 O . 48.14 -2.95 17.91
C10 LQ7 O . 44.48 -0.86 20.96
C11 LQ7 O . 43.88 -0.59 22.34
C12 LQ7 O . 43.30 0.82 22.45
C14 LQ7 O . 43.60 -4.53 19.86
C15 LQ7 O . 43.53 -5.44 20.90
C17 LQ7 O . 44.19 -5.70 23.15
C18 LQ7 O . 44.25 -4.92 24.46
C19 LQ7 O . 43.52 -5.36 25.55
C20 LQ7 O . 43.56 -4.66 26.74
C21 LQ7 O . 42.75 -5.15 27.95
C22 LQ7 O . 44.34 -3.53 26.85
C23 LQ7 O . 45.08 -3.08 25.76
C24 LQ7 O . 45.03 -3.78 24.56
C25 LQ7 O . 43.60 -6.79 20.63
C26 LQ7 O . 43.72 -7.24 19.32
C27 LQ7 O . 43.77 -6.33 18.28
C28 LQ7 O . 43.72 -4.98 18.55
N03 LQ7 O . 44.63 -2.29 20.75
N13 LQ7 O . 43.16 1.21 23.84
O01 LQ7 O . 42.57 -2.43 19.79
O16 LQ7 O . 43.41 -4.99 22.22
S09 LQ7 O . 46.64 -3.07 18.50
H042 LQ7 O . 45.67 -3.96 21.47
H041 LQ7 O . 46.24 -2.39 22.04
H061 LQ7 O . 48.78 -2.58 21.29
H071 LQ7 O . 50.14 -2.63 18.86
H081 LQ7 O . 48.41 -3.00 16.85
H101 LQ7 O . 45.45 -0.39 20.90
H102 LQ7 O . 43.84 -0.45 20.20
H111 LQ7 O . 43.09 -1.31 22.52
H112 LQ7 O . 44.65 -0.71 23.08
H122 LQ7 O . 43.95 1.52 21.95
H121 LQ7 O . 42.32 0.84 21.98
H172 LQ7 O . 43.75 -6.67 23.33
H171 LQ7 O . 45.20 -5.82 22.77
H191 LQ7 O . 42.91 -6.25 25.47
H212 LQ7 O . 41.79 -4.67 27.94
H211 LQ7 O . 42.63 -6.23 27.88
H213 LQ7 O . 43.29 -4.91 28.86
H221 LQ7 O . 44.38 -2.98 27.79
H231 LQ7 O . 45.68 -2.19 25.84
H241 LQ7 O . 45.60 -3.44 23.72
H251 LQ7 O . 43.55 -7.51 21.44
H261 LQ7 O . 43.76 -8.31 19.12
H271 LQ7 O . 43.87 -6.68 17.26
H281 LQ7 O . 43.76 -4.27 17.73
H131 LQ7 O . 43.68 0.57 24.42
H132 LQ7 O . 43.51 2.13 23.96
CAA Y01 P . 25.19 0.19 41.25
CBA Y01 P . 25.70 -1.23 41.58
CAB Y01 P . 26.49 -1.21 42.90
CAN Y01 P . 26.54 -1.83 40.44
CAJ Y01 P . 25.73 -2.09 39.15
CAO Y01 P . 24.58 -3.10 39.34
CBB Y01 P . 24.00 -3.65 38.02
CAC Y01 P . 23.78 -2.47 37.05
CBE Y01 P . 24.95 -4.70 37.40
CAP Y01 P . 25.08 -5.92 38.37
CAQ Y01 P . 25.16 -7.20 37.48
CBG Y01 P . 25.32 -6.62 36.05
CBI Y01 P . 24.46 -5.35 36.09
CAE Y01 P . 22.95 -5.66 36.09
CAU Y01 P . 24.86 -4.52 34.87
CAS Y01 P . 24.89 -5.29 33.53
CBF Y01 P . 25.36 -6.78 33.56
CBD Y01 P . 25.04 -7.54 34.86
CAK Y01 P . 25.91 -8.80 34.86
CAI Y01 P . 25.88 -9.49 33.47
CAZ Y01 P . 25.35 -9.00 32.33
CAV Y01 P . 25.27 -9.62 30.94
CBH Y01 P . 24.66 -7.61 32.42
CAD Y01 P . 23.12 -7.73 32.45
CAT Y01 P . 25.15 -6.69 31.25
CAR Y01 P . 25.11 -7.35 29.87
CBC Y01 P . 25.82 -8.71 29.84
OAW Y01 P . 25.57 -9.32 28.57
CAY Y01 P . 26.49 -8.94 27.54
OAG Y01 P . 27.01 -7.85 27.56
CAM Y01 P . 26.80 -9.95 26.42
CAL Y01 P . 26.82 -11.39 26.96
CAX Y01 P . 25.41 -11.96 27.21
OAH Y01 P . 24.47 -11.52 26.60
OAF Y01 P . 25.26 -12.84 28.02
HAA1 Y01 P . 24.64 0.58 42.08
HAA2 Y01 P . 24.55 0.15 40.39
HAA3 Y01 P . 26.03 0.84 41.05
HBA Y01 P . 24.84 -1.85 41.73
HAB1 Y01 P . 25.82 -1.11 43.72
HAB2 Y01 P . 27.03 -2.13 43.01
HAB3 Y01 P . 27.18 -0.39 42.89
HAN1 Y01 P . 27.33 -1.16 40.21
HAN2 Y01 P . 26.95 -2.76 40.77
HAJ1 Y01 P . 26.40 -2.46 38.40
HAJ2 Y01 P . 25.33 -1.16 38.80
HAO1 Y01 P . 23.79 -2.62 39.88
HAO2 Y01 P . 24.94 -3.90 39.94
HBB Y01 P . 23.05 -4.12 38.23
HAC1 Y01 P . 22.98 -2.69 36.38
HAC2 Y01 P . 24.68 -2.29 36.49
HAC3 Y01 P . 23.53 -1.59 37.61
HBE Y01 P . 25.92 -4.28 37.25
HAP1 Y01 P . 24.21 -5.97 39.00
HAP2 Y01 P . 25.96 -5.83 38.97
HAQ1 Y01 P . 26.02 -7.78 37.74
HAQ2 Y01 P . 24.26 -7.76 37.56
HBG Y01 P . 26.33 -6.30 35.95
HBD Y01 P . 24.02 -7.84 34.89
HAE1 Y01 P . 22.69 -6.17 35.18
HAE2 Y01 P . 22.70 -6.27 36.93
HAE3 Y01 P . 22.38 -4.75 36.14
HAU1 Y01 P . 24.16 -3.71 34.76
HAU2 Y01 P . 25.83 -4.11 35.04
HAS1 Y01 P . 23.90 -5.23 33.13
HAS2 Y01 P . 25.55 -4.74 32.90
HBF Y01 P . 26.42 -6.80 33.42
HAK1 Y01 P . 26.92 -8.46 34.98
HAK2 Y01 P . 25.44 -9.48 35.53
HAI Y01 P . 26.34 -10.45 33.40
HAV1 Y01 P . 24.22 -9.72 30.73
HAV2 Y01 P . 25.92 -10.46 30.96
HBC Y01 P . 26.86 -8.57 29.98
HAD1 Y01 P . 22.84 -8.44 33.20
HAD2 Y01 P . 22.78 -8.07 31.51
HAD3 Y01 P . 22.66 -6.78 32.67
HAT1 Y01 P . 24.50 -5.84 31.17
HAT2 Y01 P . 26.15 -6.37 31.43
HAR1 Y01 P . 24.09 -7.49 29.57
HAR2 Y01 P . 25.60 -6.69 29.18
HAM1 Y01 P . 26.05 -9.85 25.66
HAM2 Y01 P . 27.76 -9.70 26.00
HAL1 Y01 P . 27.33 -12.02 26.26
HAL2 Y01 P . 27.35 -11.40 27.88
CAA Y01 Q . 24.21 -10.16 39.22
CBA Y01 Q . 23.09 -10.20 40.27
CAB Y01 Q . 21.94 -9.25 39.86
CAN Y01 Q . 23.62 -9.86 41.66
CAJ Y01 Q . 23.64 -11.05 42.65
CAO Y01 Q . 22.71 -10.82 43.87
CBB Y01 Q . 23.10 -11.65 45.10
CAC Y01 Q . 23.02 -13.15 44.72
CBE Y01 Q . 24.53 -11.33 45.60
CAP Y01 Q . 24.91 -9.83 45.47
CAQ Y01 Q . 26.01 -9.57 46.54
CBG Y01 Q . 26.19 -10.96 47.21
CBI Y01 Q . 24.77 -11.54 47.11
CAE Y01 Q . 23.77 -10.79 48.02
CAU Y01 Q . 24.83 -13.04 47.43
CAS Y01 Q . 25.68 -13.41 48.67
CBF Y01 Q . 26.93 -12.55 49.01
CBD Y01 Q . 26.82 -11.06 48.62
CAK Y01 Q . 28.23 -10.48 48.66
CAI Y01 Q . 28.92 -10.88 49.98
CAZ Y01 Q . 28.51 -11.82 50.86
CAV Y01 Q . 29.15 -12.27 52.19
CBH Y01 Q . 27.19 -12.57 50.54
CAD Y01 Q . 26.02 -12.13 51.42
CAT Y01 Q . 27.43 -14.11 50.64
CAR Y01 Q . 28.14 -14.56 51.93
CBC Y01 Q . 29.43 -13.78 52.20
OAW Y01 Q . 29.93 -14.14 53.49
CAY Y01 Q . 31.28 -13.74 53.74
OAG Y01 Q . 31.52 -12.63 54.15
CAM Y01 Q . 32.44 -14.73 53.49
CAL Y01 Q . 33.56 -14.56 54.53
CAX Y01 Q . 33.11 -14.89 55.96
OAH Y01 Q . 33.26 -16.00 56.41
OAF Y01 Q . 32.59 -14.02 56.64
HAA1 Y01 Q . 24.72 -9.23 39.28
HAA2 Y01 Q . 24.90 -10.96 39.41
HAA3 Y01 Q . 23.81 -10.28 38.24
HBA Y01 Q . 22.69 -11.20 40.28
HAB1 Y01 Q . 21.49 -9.61 38.96
HAB2 Y01 Q . 21.20 -9.23 40.63
HAB3 Y01 Q . 22.34 -8.27 39.70
HAN1 Y01 Q . 24.63 -9.49 41.57
HAN2 Y01 Q . 23.02 -9.08 42.07
HAJ1 Y01 Q . 24.64 -11.18 43.00
HAJ2 Y01 Q . 23.34 -11.94 42.14
HAO1 Y01 Q . 22.69 -9.79 44.11
HAO2 Y01 Q . 21.72 -11.11 43.57
HBB Y01 Q . 22.39 -11.47 45.88
HAC1 Y01 Q . 22.97 -13.74 45.59
HAC2 Y01 Q . 23.89 -13.40 44.15
HAC3 Y01 Q . 22.15 -13.30 44.12
HBE Y01 Q . 25.24 -11.91 45.05
HAP1 Y01 Q . 24.06 -9.20 45.68
HAP2 Y01 Q . 25.30 -9.62 44.49
HAQ1 Y01 Q . 26.92 -9.27 46.07
HAQ2 Y01 Q . 25.68 -8.85 47.26
HBG Y01 Q . 26.81 -11.54 46.56
HBD Y01 Q . 26.23 -10.53 49.31
HAE1 Y01 Q . 23.22 -11.51 48.61
HAE2 Y01 Q . 24.29 -10.12 48.67
HAE3 Y01 Q . 23.09 -10.23 47.43
HAU1 Y01 Q . 23.83 -13.39 47.59
HAU2 Y01 Q . 25.25 -13.55 46.59
HAS1 Y01 Q . 25.01 -13.41 49.50
HAS2 Y01 Q . 25.99 -14.42 48.51
HBF Y01 Q . 27.78 -12.96 48.48
HAK1 Y01 Q . 28.78 -10.96 47.89
HAK2 Y01 Q . 28.11 -9.42 48.71
HAI Y01 Q . 29.84 -10.37 50.22
HAV1 Y01 Q . 28.40 -12.11 52.94
HAV2 Y01 Q . 30.11 -11.79 52.21
HBC Y01 Q . 30.16 -14.01 51.45
HAD1 Y01 Q . 25.28 -11.62 50.85
HAD2 Y01 Q . 26.37 -11.48 52.20
HAD3 Y01 Q . 25.56 -13.00 51.87
HAT1 Y01 Q . 26.49 -14.62 50.64
HAT2 Y01 Q . 28.01 -14.46 49.82
HAR1 Y01 Q . 27.47 -14.42 52.76
HAR2 Y01 Q . 28.39 -15.60 51.84
HAM1 Y01 Q . 32.83 -14.56 52.52
HAM2 Y01 Q . 32.06 -15.73 53.55
HAL1 Y01 Q . 34.37 -15.21 54.27
HAL2 Y01 Q . 33.92 -13.55 54.49
C1 NAG R . 29.32 -21.69 71.64
C2 NAG R . 27.87 -21.73 72.07
C3 NAG R . 27.50 -23.00 72.66
C4 NAG R . 27.89 -24.17 71.84
C5 NAG R . 29.42 -24.16 71.50
C6 NAG R . 29.73 -25.24 70.65
C7 NAG R . 27.94 -19.24 72.77
C8 NAG R . 27.69 -18.15 73.80
N2 NAG R . 27.64 -20.63 73.10
O3 NAG R . 26.03 -23.01 72.84
O4 NAG R . 27.59 -25.36 72.56
O5 NAG R . 29.71 -22.83 70.80
O6 NAG R . 28.95 -25.15 69.49
O7 NAG R . 28.38 -18.96 71.70
H1 NAG R . 29.94 -21.69 72.53
H2 NAG R . 27.25 -21.56 71.20
H3 NAG R . 27.97 -23.08 73.64
H4 NAG R . 27.32 -24.15 70.92
H5 NAG R . 30.00 -24.22 72.41
H61 NAG R . 29.54 -26.18 71.16
H62 NAG R . 30.79 -25.19 70.38
H81 NAG R . 28.20 -17.23 73.49
H82 NAG R . 28.09 -18.46 74.76
H83 NAG R . 26.63 -17.96 73.90
HN2 NAG R . 27.28 -20.86 74.00
HO3 NAG R . 25.77 -22.29 73.40
HO4 NAG R . 27.29 -26.02 71.96
HO6 NAG R . 28.98 -25.98 69.03
CAA Y01 S . 33.48 -33.04 19.02
CBA Y01 S . 34.43 -33.60 17.94
CAB Y01 S . 35.39 -32.50 17.46
CAN Y01 S . 33.68 -34.26 16.76
CAJ Y01 S . 32.25 -33.72 16.55
CAO Y01 S . 31.60 -34.21 15.23
CBB Y01 S . 30.07 -34.01 15.20
CAC Y01 S . 29.79 -32.54 15.56
CBE Y01 S . 29.55 -34.39 13.79
CAP Y01 S . 29.62 -35.94 13.61
CAQ Y01 S . 28.34 -36.36 12.83
CBG Y01 S . 27.82 -35.00 12.31
CBI Y01 S . 28.05 -34.09 13.53
CAE Y01 S . 27.20 -34.48 14.76
CAU Y01 S . 27.83 -32.64 13.09
CAS Y01 S . 27.29 -32.40 11.65
CBF Y01 S . 26.36 -33.48 11.01
CBD Y01 S . 26.40 -34.83 11.74
CAK Y01 S . 25.89 -35.85 10.72
CAI Y01 S . 24.44 -35.43 10.44
CAZ Y01 S . 23.91 -34.19 10.60
CAV Y01 S . 22.49 -33.66 10.34
CBH Y01 S . 24.86 -33.05 11.08
CAD Y01 S . 24.49 -32.40 12.43
CAT Y01 S . 24.92 -32.04 9.91
CAR Y01 S . 23.54 -31.42 9.63
CBC Y01 S . 22.46 -32.49 9.35
OAW Y01 S . 21.17 -31.84 9.47
CAY Y01 S . 20.77 -31.12 8.30
OAG Y01 S . 21.60 -30.78 7.49
CAM Y01 S . 19.29 -30.78 8.08
CAL Y01 S . 19.02 -30.35 6.62
CAX Y01 S . 19.05 -31.54 5.64
OAH Y01 S . 19.87 -32.42 5.79
OAF Y01 S . 18.27 -31.59 4.72
HAA1 Y01 S . 32.96 -32.19 18.63
HAA2 Y01 S . 32.77 -33.80 19.29
HAA3 Y01 S . 34.05 -32.75 19.88
HBA Y01 S . 35.03 -34.36 18.41
HAB1 Y01 S . 36.00 -32.18 18.28
HAB2 Y01 S . 36.02 -32.88 16.68
HAB3 Y01 S . 34.83 -31.66 17.10
HAN1 Y01 S . 34.24 -34.08 15.86
HAN2 Y01 S . 33.62 -35.31 16.93
HAJ1 Y01 S . 32.29 -32.65 16.52
HAJ2 Y01 S . 31.64 -34.02 17.36
HAO1 Y01 S . 31.83 -35.24 15.10
HAO2 Y01 S . 32.04 -33.66 14.41
HBB Y01 S . 29.63 -34.65 15.93
HAC1 Y01 S . 28.75 -32.31 15.45
HAC2 Y01 S . 30.37 -31.90 14.92
HAC3 Y01 S . 30.06 -32.35 16.58
HBE Y01 S . 30.14 -33.91 13.04
HAP1 Y01 S . 29.63 -36.41 14.57
HAP2 Y01 S . 30.49 -36.21 13.06
HAQ1 Y01 S . 28.60 -37.01 12.01
HAQ2 Y01 S . 27.64 -36.82 13.48
HBG Y01 S . 28.50 -34.69 11.54
HBD Y01 S . 25.69 -34.82 12.54
HAE1 Y01 S . 26.19 -34.72 14.48
HAE2 Y01 S . 27.63 -35.33 15.26
HAE3 Y01 S . 27.16 -33.66 15.45
HAU1 Y01 S . 27.15 -32.18 13.77
HAU2 Y01 S . 28.76 -32.13 13.16
HAS1 Y01 S . 26.80 -31.45 11.68
HAS2 Y01 S . 28.14 -32.32 11.02
HBF Y01 S . 26.66 -33.62 10.00
HAK1 Y01 S . 26.44 -35.70 9.81
HAK2 Y01 S . 25.84 -36.79 11.22
HAI Y01 S . 23.77 -36.19 10.10
HAV1 Y01 S . 22.13 -33.28 11.26
HAV2 Y01 S . 22.00 -34.46 9.84
HBC Y01 S . 22.57 -32.86 8.35
HAD1 Y01 S . 25.08 -32.84 13.21
HAD2 Y01 S . 23.46 -32.55 12.65
HAD3 Y01 S . 24.69 -31.36 12.39
HAT1 Y01 S . 25.59 -31.24 10.11
HAT2 Y01 S . 25.22 -32.54 9.01
HAR1 Y01 S . 23.24 -30.84 10.47
HAR2 Y01 S . 23.62 -30.79 8.77
HAM1 Y01 S . 18.69 -31.64 8.30
HAM2 Y01 S . 19.01 -29.98 8.74
HAL1 Y01 S . 18.06 -29.88 6.57
HAL2 Y01 S . 19.76 -29.63 6.33
CAA Y01 T . 17.08 -51.27 20.03
CBA Y01 T . 16.40 -49.97 19.55
CAB Y01 T . 15.12 -49.70 20.36
CAN Y01 T . 16.11 -50.03 18.04
CAJ Y01 T . 15.96 -48.65 17.38
CAO Y01 T . 14.55 -48.43 16.80
CBB Y01 T . 14.44 -47.30 15.74
CAC Y01 T . 15.50 -47.53 14.65
CBE Y01 T . 13.05 -47.30 15.06
CAP Y01 T . 11.91 -47.84 15.99
CAQ Y01 T . 10.60 -47.20 15.44
CBG Y01 T . 11.06 -46.30 14.27
CBI Y01 T . 12.49 -45.90 14.68
CAE Y01 T . 12.52 -44.88 15.84
CAU Y01 T . 13.17 -45.37 13.42
CAS Y01 T . 12.36 -44.32 12.62
CBF Y01 T . 10.80 -44.43 12.61
CBD Y01 T . 10.19 -45.10 13.86
CAK Y01 T . 8.76 -45.50 13.45
CAI Y01 T . 8.03 -44.26 12.91
CAZ Y01 T . 8.60 -43.12 12.48
CAV Y01 T . 7.95 -41.84 11.91
CBH Y01 T . 10.15 -43.01 12.54
CAD Y01 T . 10.64 -41.99 13.59
CAT Y01 T . 10.69 -42.66 11.13
CAR Y01 T . 10.04 -41.41 10.53
CBC Y01 T . 8.50 -41.46 10.53
OAW Y01 T . 8.01 -40.16 10.20
CAY Y01 T . 6.86 -40.12 9.36
OAG Y01 T . 6.07 -41.04 9.35
CAM Y01 T . 6.61 -38.88 8.47
CAL Y01 T . 5.48 -39.10 7.44
CAX Y01 T . 4.80 -37.79 7.01
OAH Y01 T . 3.70 -37.81 6.53
OAF Y01 T . 5.38 -36.73 7.15
HAA1 Y01 T . 16.44 -52.09 19.82
HAA2 Y01 T . 18.01 -51.39 19.51
HAA3 Y01 T . 17.26 -51.21 21.08
HBA Y01 T . 17.08 -49.16 19.73
HAB1 Y01 T . 14.58 -48.90 19.90
HAB2 Y01 T . 14.52 -50.58 20.38
HAB3 Y01 T . 15.39 -49.42 21.35
HAN1 Y01 T . 16.92 -50.55 17.56
HAN2 Y01 T . 15.20 -50.58 17.89
HAJ1 Y01 T . 16.70 -48.56 16.61
HAJ2 Y01 T . 16.15 -47.89 18.12
HAO1 Y01 T . 13.90 -48.21 17.61
HAO2 Y01 T . 14.22 -49.34 16.35
HBB Y01 T . 14.63 -46.36 16.22
HAC1 Y01 T . 15.14 -47.16 13.71
HAC2 Y01 T . 15.69 -48.58 14.57
HAC3 Y01 T . 16.40 -47.03 14.91
HBE Y01 T . 13.08 -47.91 14.18
HAP1 Y01 T . 12.06 -47.50 16.99
HAP2 Y01 T . 11.86 -48.90 15.95
HAQ1 Y01 T . 9.95 -47.97 15.08
HAQ2 Y01 T . 10.11 -46.63 16.20
HBG Y01 T . 11.15 -46.92 13.41
HBD Y01 T . 10.12 -44.41 14.66
HAE1 Y01 T . 11.99 -43.99 15.56
HAE2 Y01 T . 12.08 -45.29 16.71
HAE3 Y01 T . 13.53 -44.60 16.03
HAU1 Y01 T . 13.38 -46.19 12.77
HAU2 Y01 T . 14.10 -44.92 13.71
HAS1 Y01 T . 12.65 -43.36 12.97
HAS2 Y01 T . 12.68 -44.41 11.61
HBF Y01 T . 10.51 -45.01 11.76
HAK1 Y01 T . 8.85 -46.18 12.64
HAK2 Y01 T . 8.26 -45.76 14.37
HAI Y01 T . 6.97 -44.32 12.85
HAV1 Y01 T . 8.25 -41.05 12.56
HAV2 Y01 T . 6.93 -42.10 11.76
HBC Y01 T . 8.16 -42.17 9.81
HAD1 Y01 T . 11.14 -42.51 14.40
HAD2 Y01 T . 9.81 -41.45 14.00
HAD3 Y01 T . 11.32 -41.31 13.14
HAT1 Y01 T . 11.74 -42.44 11.18
HAT2 Y01 T . 10.54 -43.47 10.45
HAR1 Y01 T . 10.34 -40.55 11.08
HAR2 Y01 T . 10.37 -41.30 9.52
HAM1 Y01 T . 6.36 -38.06 9.09
HAM2 Y01 T . 7.52 -38.66 7.95
HAL1 Y01 T . 5.90 -39.57 6.58
HAL2 Y01 T . 4.74 -39.74 7.86
CAA Y01 U . 9.90 -52.46 11.68
CBA Y01 U . 8.93 -52.26 10.52
CAB Y01 U . 9.37 -53.09 9.29
CAN Y01 U . 8.78 -50.76 10.15
CAJ Y01 U . 7.48 -50.13 10.68
CAO Y01 U . 7.62 -48.61 10.92
CBB Y01 U . 6.61 -47.74 10.15
CAC Y01 U . 6.10 -46.60 11.06
CBE Y01 U . 7.32 -47.14 8.92
CAP Y01 U . 7.74 -48.31 7.99
CAQ Y01 U . 7.60 -47.80 6.53
CBG Y01 U . 7.29 -46.30 6.70
CBI Y01 U . 6.46 -46.25 7.98
CAE Y01 U . 5.03 -46.78 7.79
CAU Y01 U . 6.49 -44.78 8.42
CAS Y01 U . 6.07 -43.79 7.31
CBF Y01 U . 6.70 -44.04 5.90
CBD Y01 U . 6.67 -45.53 5.52
CAK Y01 U . 7.45 -45.75 4.23
CAI Y01 U . 6.99 -44.76 3.15
CAZ Y01 U . 6.30 -43.62 3.33
CAV Y01 U . 5.82 -42.59 2.30
CBH Y01 U . 5.91 -43.24 4.79
CAD Y01 U . 4.39 -43.14 5.03
CAT Y01 U . 6.65 -41.91 5.03
CAR Y01 U . 6.09 -40.79 4.14
CBC Y01 U . 6.19 -41.13 2.63
OAW Y01 U . 5.27 -40.27 1.94
CAY Y01 U . 5.75 -39.78 0.68
OAG Y01 U . 6.54 -40.43 0.03
CAM Y01 U . 5.25 -38.42 0.14
CAL Y01 U . 5.70 -38.17 -1.30
CAX Y01 U . 5.20 -36.81 -1.85
OAH Y01 U . 5.93 -35.85 -1.87
OAF Y01 U . 4.06 -36.71 -2.27
HAA1 Y01 U . 10.87 -52.08 11.41
HAA2 Y01 U . 9.55 -51.92 12.54
HAA3 Y01 U . 9.98 -53.50 11.91
HBA Y01 U . 7.97 -52.61 10.83
HAB1 Y01 U . 8.71 -52.89 8.47
HAB2 Y01 U . 10.37 -52.82 9.02
HAB3 Y01 U . 9.34 -54.13 9.53
HAN1 Y01 U . 9.62 -50.24 10.56
HAN2 Y01 U . 8.80 -50.67 9.09
HAJ1 Y01 U . 7.24 -50.59 11.62
HAJ2 Y01 U . 6.69 -50.31 9.98
HAO1 Y01 U . 8.62 -48.31 10.62
HAO2 Y01 U . 7.53 -48.43 11.97
HBB Y01 U . 5.79 -48.34 9.84
HAC1 Y01 U . 5.15 -46.25 10.70
HAC2 Y01 U . 6.80 -45.80 11.06
HAC3 Y01 U . 5.98 -46.97 12.06
HBE Y01 U . 8.19 -46.60 9.22
HAP1 Y01 U . 7.10 -49.16 8.15
HAP2 Y01 U . 8.77 -48.58 8.18
HAQ1 Y01 U . 8.53 -47.92 6.00
HAQ2 Y01 U . 6.80 -48.30 6.03
HBG Y01 U . 8.21 -45.82 6.91
HBD Y01 U . 5.65 -45.85 5.36
HAE1 Y01 U . 4.48 -46.11 7.16
HAE2 Y01 U . 5.04 -47.75 7.36
HAE3 Y01 U . 4.52 -46.82 8.73
HAU1 Y01 U . 7.47 -44.54 8.74
HAU2 Y01 U . 5.82 -44.66 9.24
HAS1 Y01 U . 5.01 -43.87 7.26
HAS2 Y01 U . 6.33 -42.82 7.65
HBF Y01 U . 7.72 -43.72 5.92
HAK1 Y01 U . 8.46 -45.48 4.45
HAK2 Y01 U . 7.18 -46.72 3.88
HAI Y01 U . 7.25 -45.00 2.13
HAV1 Y01 U . 4.75 -42.63 2.30
HAV2 Y01 U . 6.40 -42.80 1.42
HBC Y01 U . 7.18 -40.93 2.31
HAD1 Y01 U . 4.02 -44.10 5.31
HAD2 Y01 U . 3.89 -42.81 4.15
HAD3 Y01 U . 4.21 -42.43 5.81
HAT1 Y01 U . 6.56 -41.60 6.05
HAT2 Y01 U . 7.69 -42.02 4.78
HAR1 Y01 U . 5.07 -40.62 4.39
HAR2 Y01 U . 6.66 -39.89 4.32
HAM1 Y01 U . 4.18 -38.41 0.19
HAM2 Y01 U . 5.62 -37.64 0.78
HAL1 Y01 U . 6.76 -38.17 -1.34
HAL2 Y01 U . 5.32 -38.95 -1.92
C02 LQ7 V . 20.05 -43.66 -0.76
C04 LQ7 V . 21.25 -45.90 -0.99
C05 LQ7 V . 20.49 -46.80 -1.97
C06 LQ7 V . 20.93 -48.07 -2.44
C07 LQ7 V . 19.90 -48.66 -3.39
C08 LQ7 V . 18.79 -47.76 -3.53
C10 LQ7 V . 22.04 -43.91 -2.26
C11 LQ7 V . 23.26 -43.37 -1.52
C12 LQ7 V . 24.06 -42.37 -2.34
C14 LQ7 V . 19.02 -44.20 0.23
C15 LQ7 V . 19.38 -44.53 1.53
C17 LQ7 V . 21.18 -45.44 2.75
C18 LQ7 V . 22.70 -45.36 2.86
C19 LQ7 V . 23.28 -44.91 4.04
C20 LQ7 V . 24.65 -44.83 4.15
C21 LQ7 V . 25.29 -44.34 5.45
C22 LQ7 V . 25.46 -45.19 3.08
C23 LQ7 V . 24.88 -45.63 1.90
C24 LQ7 V . 23.50 -45.72 1.79
C25 LQ7 V . 18.42 -45.02 2.41
C26 LQ7 V . 17.11 -45.17 1.99
C27 LQ7 V . 16.75 -44.83 0.69
C28 LQ7 V . 17.71 -44.35 -0.18
N03 LQ7 V . 21.10 -44.50 -1.33
N13 LQ7 V . 25.41 -42.23 -1.83
O01 LQ7 V . 19.99 -42.53 -1.08
O16 LQ7 V . 20.71 -44.39 1.95
S09 LQ7 V . 19.04 -46.44 -2.62
H042 LQ7 V . 20.91 -46.10 0.01
H041 LQ7 V . 22.31 -46.17 -1.06
H061 LQ7 V . 21.87 -48.54 -2.16
H071 LQ7 V . 19.99 -49.62 -3.90
H081 LQ7 V . 17.92 -47.93 -4.16
H101 LQ7 V . 22.36 -44.65 -2.98
H102 LQ7 V . 21.56 -43.09 -2.79
H111 LQ7 V . 22.93 -42.89 -0.60
H112 LQ7 V . 23.90 -44.20 -1.26
H122 LQ7 V . 24.10 -42.70 -3.37
H121 LQ7 V . 23.57 -41.40 -2.30
H172 LQ7 V . 20.75 -45.37 3.75
H171 LQ7 V . 20.91 -46.39 2.31
H191 LQ7 V . 22.65 -44.63 4.88
H212 LQ7 V . 25.45 -43.27 5.39
H211 LQ7 V . 24.64 -44.58 6.28
H213 LQ7 V . 26.24 -44.84 5.59
H221 LQ7 V . 26.53 -45.12 3.17
H231 LQ7 V . 25.50 -45.91 1.06
H241 LQ7 V . 23.05 -46.06 0.88
H251 LQ7 V . 18.70 -45.29 3.42
H261 LQ7 V . 16.36 -45.55 2.68
H271 LQ7 V . 15.72 -44.94 0.37
H281 LQ7 V . 17.42 -44.08 -1.19
H131 LQ7 V . 25.60 -42.98 -1.19
H132 LQ7 V . 26.06 -42.26 -2.59
CAA Y01 W . 37.22 -27.26 14.40
CBA Y01 W . 36.78 -28.24 15.50
CAB Y01 W . 37.98 -29.09 15.96
CAN Y01 W . 35.60 -29.13 15.06
CAJ Y01 W . 34.30 -28.34 14.81
CAO Y01 W . 33.77 -27.62 16.07
CBB Y01 W . 32.31 -27.14 15.96
CAC Y01 W . 32.13 -26.45 14.58
CBE Y01 W . 31.33 -28.33 16.11
CAP Y01 W . 31.48 -28.94 17.54
CAQ Y01 W . 30.06 -29.36 18.00
CBG Y01 W . 29.21 -29.19 16.72
CBI Y01 W . 29.83 -27.96 16.05
CAE Y01 W . 29.49 -26.64 16.78
CAU Y01 W . 29.32 -27.95 14.61
CAS Y01 W . 27.79 -28.11 14.45
CBF Y01 W . 27.05 -29.05 15.46
CBD Y01 W . 27.68 -29.13 16.86
CAK Y01 W . 27.09 -30.36 17.55
CAI Y01 W . 25.56 -30.44 17.32
CAZ Y01 W . 24.83 -29.68 16.49
CAV Y01 W . 23.32 -29.69 16.23
CBH Y01 W . 25.57 -28.58 15.69
CAD Y01 W . 25.36 -27.17 16.30
CAT Y01 W . 25.17 -28.62 14.19
CAR Y01 W . 23.65 -28.69 13.94
CBC Y01 W . 22.97 -29.79 14.74
OAW Y01 W . 21.55 -29.65 14.59
CAY Y01 W . 21.01 -30.30 13.43
OAG Y01 W . 21.68 -30.43 12.43
CAM Y01 W . 19.57 -30.83 13.48
CAL Y01 W . 19.23 -31.38 14.88
CAX Y01 W . 18.97 -30.27 15.92
OAH Y01 W . 18.59 -29.18 15.55
OAF Y01 W . 19.14 -30.49 17.10
HAA1 Y01 W . 38.06 -26.69 14.74
HAA2 Y01 W . 36.42 -26.60 14.16
HAA3 Y01 W . 37.50 -27.81 13.51
HBA Y01 W . 36.47 -27.65 16.35
HAB1 Y01 W . 38.64 -28.50 16.55
HAB2 Y01 W . 37.63 -29.92 16.55
HAB3 Y01 W . 38.49 -29.47 15.10
HAN1 Y01 W . 35.87 -29.63 14.15
HAN2 Y01 W . 35.42 -29.86 15.83
HAJ1 Y01 W . 33.55 -29.03 14.47
HAJ2 Y01 W . 34.48 -27.63 14.04
HAO1 Y01 W . 34.39 -26.77 16.25
HAO2 Y01 W . 33.87 -28.28 16.90
HBB Y01 W . 32.12 -26.42 16.73
HAC1 Y01 W . 31.35 -25.71 14.65
HAC2 Y01 W . 31.86 -27.19 13.85
HAC3 Y01 W . 33.03 -25.97 14.30
HBE Y01 W . 31.55 -29.08 15.38
HAP1 Y01 W . 31.87 -28.19 18.20
HAP2 Y01 W . 32.13 -29.79 17.50
HAQ1 Y01 W . 30.06 -30.38 18.31
HAQ2 Y01 W . 29.71 -28.72 18.77
HBG Y01 W . 29.41 -30.02 16.09
HBD Y01 W . 27.42 -28.27 17.45
HAE1 Y01 W . 28.42 -26.49 16.75
HAE2 Y01 W . 29.82 -26.69 17.79
HAE3 Y01 W . 29.96 -25.82 16.29
HAU1 Y01 W . 29.59 -27.02 14.15
HAU2 Y01 W . 29.80 -28.74 14.07
HAS1 Y01 W . 27.38 -27.13 14.50
HAS2 Y01 W . 27.64 -28.50 13.46
HBF Y01 W . 27.05 -30.05 15.05
HAK1 Y01 W . 27.50 -31.21 17.03
HAK2 Y01 W . 27.22 -30.21 18.59
HAI Y01 W . 25.03 -31.19 17.87
HAV1 Y01 W . 22.97 -28.71 16.52
HAV2 Y01 W . 22.96 -30.58 16.67
HBC Y01 W . 23.28 -30.75 14.37
HAD1 Y01 W . 25.56 -27.22 17.35
HAD2 Y01 W . 24.35 -26.89 16.15
HAD3 Y01 W . 26.00 -26.45 15.85
HAT1 Y01 W . 25.49 -27.73 13.70
HAT2 Y01 W . 25.60 -29.47 13.70
HAR1 Y01 W . 23.21 -27.75 14.21
HAR2 Y01 W . 23.49 -28.86 12.90
HAM1 Y01 W . 18.90 -30.03 13.24
HAM2 Y01 W . 19.46 -31.61 12.75
HAL1 Y01 W . 18.37 -32.01 14.81
HAL2 Y01 W . 20.05 -31.96 15.23
CAA Y01 X . 29.77 -29.62 21.55
CBA Y01 X . 30.49 -28.67 22.52
CAB Y01 X . 30.53 -27.24 21.94
CAN Y01 X . 31.90 -29.18 22.85
CAJ Y01 X . 32.07 -29.68 24.31
CAO Y01 X . 33.09 -28.84 25.11
CBB Y01 X . 33.71 -29.59 26.30
CAC Y01 X . 32.56 -29.98 27.26
CBE Y01 X . 34.46 -30.87 25.86
CAP Y01 X . 35.22 -30.71 24.51
CAQ Y01 X . 36.37 -31.76 24.55
CBG Y01 X . 36.19 -32.46 25.93
CBI Y01 X . 35.63 -31.31 26.78
CAE Y01 X . 36.68 -30.19 27.03
CAU Y01 X . 35.08 -31.89 28.08
CAS Y01 X . 36.00 -32.92 28.78
CBF Y01 X . 36.90 -33.84 27.89
CBD Y01 X . 37.37 -33.20 26.57
CAK Y01 X . 37.89 -34.34 25.69
CAI Y01 X . 38.84 -35.23 26.50
CAZ Y01 X . 39.01 -35.24 27.84
CAV Y01 X . 39.95 -36.11 28.71
CBH Y01 X . 38.19 -34.23 28.67
CAD Y01 X . 39.03 -33.05 29.20
CAT Y01 X . 37.46 -34.97 29.83
CAR Y01 X . 38.36 -35.91 30.65
CBC Y01 X . 39.17 -36.88 29.78
OAW Y01 X . 40.09 -37.58 30.61
CAY Y01 X . 40.68 -38.74 30.00
OAG Y01 X . 41.64 -38.63 29.30
CAM Y01 X . 40.06 -40.14 30.25
CAL Y01 X . 41.14 -41.22 30.32
CAX Y01 X . 42.10 -41.04 31.51
OAH Y01 X . 41.88 -41.59 32.57
OAF Y01 X . 43.08 -40.32 31.39
HAA1 Y01 X . 30.39 -29.79 20.70
HAA2 Y01 X . 29.57 -30.55 22.04
HAA3 Y01 X . 28.85 -29.18 21.23
HBA Y01 X . 29.91 -28.62 23.43
HAB1 Y01 X . 29.54 -26.86 21.86
HAB2 Y01 X . 31.10 -26.61 22.59
HAB3 Y01 X . 30.99 -27.27 20.97
HAN1 Y01 X . 32.13 -29.99 22.20
HAN2 Y01 X . 32.59 -28.39 22.68
HAJ1 Y01 X . 32.40 -30.69 24.28
HAJ2 Y01 X . 31.12 -29.65 24.81
HAO1 Y01 X . 33.86 -28.50 24.46
HAO2 Y01 X . 32.57 -27.98 25.48
HBB Y01 X . 34.37 -28.93 26.82
HAC1 Y01 X . 32.96 -30.21 28.22
HAC2 Y01 X . 32.05 -30.83 26.86
HAC3 Y01 X . 31.88 -29.16 27.33
HBE Y01 X . 33.77 -31.69 25.77
HAP1 Y01 X . 35.63 -29.73 24.42
HAP2 Y01 X . 34.57 -30.92 23.68
HAQ1 Y01 X . 36.25 -32.47 23.76
HAQ2 Y01 X . 37.32 -31.27 24.50
HBG Y01 X . 35.40 -33.17 25.81
HBD Y01 X . 38.17 -32.53 26.74
HAE1 Y01 X . 36.71 -29.97 28.08
HAE2 Y01 X . 37.65 -30.52 26.70
HAE3 Y01 X . 36.41 -29.32 26.49
HAU1 Y01 X . 34.91 -31.08 28.76
HAU2 Y01 X . 34.15 -32.37 27.88
HAS1 Y01 X . 36.62 -32.36 29.45
HAS2 Y01 X . 35.35 -33.54 29.36
HBF Y01 X . 36.34 -34.72 27.64
HAK1 Y01 X . 37.05 -34.95 25.45
HAK2 Y01 X . 38.50 -33.87 24.94
HAI Y01 X . 39.44 -35.95 25.94
HAV1 Y01 X . 40.57 -35.42 29.24
HAV2 Y01 X . 40.34 -36.84 28.05
HBC Y01 X . 38.50 -37.57 29.31
HAD1 Y01 X . 38.75 -32.14 28.73
HAD2 Y01 X . 40.06 -33.24 29.02
HAD3 Y01 X . 38.87 -32.96 30.26
HAT1 Y01 X . 37.08 -34.26 30.53
HAT2 Y01 X . 36.65 -35.56 29.45
HAR1 Y01 X . 39.05 -35.31 31.22
HAR2 Y01 X . 37.75 -36.47 31.33
HAM1 Y01 X . 39.39 -40.36 29.45
HAM2 Y01 X . 39.52 -40.12 31.17
HAL1 Y01 X . 40.66 -42.18 30.42
HAL2 Y01 X . 41.70 -41.22 29.41
C1 NAG Y . 50.95 -41.15 46.61
C2 NAG Y . 51.12 -39.84 47.35
C3 NAG Y . 50.88 -39.97 48.77
C4 NAG Y . 49.60 -40.66 49.09
C5 NAG Y . 49.50 -42.05 48.40
C6 NAG Y . 48.24 -42.64 48.66
C7 NAG Y . 53.07 -39.14 45.80
C8 NAG Y . 54.50 -38.63 45.61
N2 NAG Y . 52.55 -39.35 47.15
O3 NAG Y . 50.85 -38.61 49.36
O4 NAG Y . 49.52 -40.83 50.50
O5 NAG Y . 49.68 -41.82 46.90
O6 NAG Y . 47.23 -41.77 48.21
O7 NAG Y . 52.39 -39.36 44.86
H1 NAG Y . 51.76 -41.81 46.90
H2 NAG Y . 50.43 -39.13 46.94
H3 NAG Y . 51.69 -40.53 49.22
H4 NAG Y . 48.78 -40.03 48.76
H5 NAG Y . 50.29 -42.69 48.77
H61 NAG Y . 48.13 -42.81 49.72
H62 NAG Y . 48.17 -43.59 48.13
H81 NAG Y . 54.79 -38.77 44.58
H82 NAG Y . 55.17 -39.20 46.26
H83 NAG Y . 54.55 -37.58 45.87
HN2 NAG Y . 53.13 -39.16 47.94
HO3 NAG Y . 51.67 -38.18 49.20
HO4 NAG Y . 48.62 -40.72 50.78
HO6 NAG Y . 46.41 -42.03 48.58
CAA Y01 Z . 1.58 -44.14 24.97
CBA Y01 Z . 0.49 -45.12 24.49
CAB Y01 Z . 0.80 -45.61 23.08
CAN Y01 Z . -0.94 -44.53 24.59
CAJ Y01 Z . -0.98 -42.99 24.53
CAO Y01 Z . -2.42 -42.43 24.39
CBB Y01 Z . -2.51 -40.92 24.72
CAC Y01 Z . -1.44 -40.20 23.88
CBE Y01 Z . -3.95 -40.43 24.40
CAP Y01 Z . -4.93 -41.00 25.47
CAQ Y01 Z . -5.96 -39.87 25.78
CBG Y01 Z . -5.71 -38.88 24.62
CBI Y01 Z . -4.17 -38.90 24.52
CAE Y01 Z . -3.46 -38.34 25.78
CAU Y01 Z . -3.77 -38.17 23.24
CAS Y01 Z . -4.90 -37.46 22.44
CBF Y01 Z . -6.12 -36.89 23.21
CBD Y01 Z . -6.25 -37.44 24.64
CAK Y01 Z . -7.72 -37.21 25.02
CAI Y01 Z . -7.88 -35.68 25.02
CAZ Y01 Z . -7.13 -34.80 24.32
CAV Y01 Z . -7.22 -33.26 24.25
CBH Y01 Z . -6.00 -35.35 23.41
CAD Y01 Z . -4.57 -34.90 23.78
CAT Y01 Z . -6.42 -34.96 21.97
CAR Y01 Z . -6.47 -33.43 21.79
CBC Y01 Z . -7.41 -32.75 22.80
OAW Y01 Z . -7.11 -31.34 22.79
CAY Y01 Z . -7.72 -30.61 21.72
OAG Y01 Z . -8.12 -31.21 20.74
CAM Y01 Z . -7.90 -29.09 21.82
CAL Y01 Z . -8.90 -28.56 20.78
CAX Y01 Z . -10.36 -28.90 21.14
OAH Y01 Z . -10.62 -29.98 21.63
OAF Y01 Z . -11.24 -28.10 20.92
HAA1 Y01 Z . 1.66 -43.33 24.27
HAA2 Y01 Z . 1.31 -43.75 25.93
HAA3 Y01 Z . 2.52 -44.65 25.04
HBA Y01 Z . 0.53 -45.97 25.14
HAB1 Y01 Z . 1.73 -46.15 23.08
HAB2 Y01 Z . 0.02 -46.26 22.73
HAB3 Y01 Z . 0.90 -44.78 22.41
HAN1 Y01 Z . -1.52 -44.92 23.79
HAN2 Y01 Z . -1.37 -44.84 25.52
HAJ1 Y01 Z . -0.42 -42.67 23.68
HAJ2 Y01 Z . -0.55 -42.59 25.41
HAO1 Y01 Z . -3.07 -42.97 25.04
HAO2 Y01 Z . -2.74 -42.59 23.38
HBB Y01 Z . -2.30 -40.78 25.76
HAC1 Y01 Z . -1.53 -39.14 23.98
HAC2 Y01 Z . -1.55 -40.47 22.85
HAC3 Y01 Z . -0.46 -40.49 24.21
HBE Y01 Z . -4.24 -40.76 23.43
HAP1 Y01 Z . -4.40 -41.25 26.37
HAP2 Y01 Z . -5.44 -41.87 25.08
HAQ1 Y01 Z . -6.96 -40.25 25.74
HAQ2 Y01 Z . -5.76 -39.42 26.73
HBG Y01 Z . -6.10 -39.35 23.74
HBD Y01 Z . -5.66 -36.84 25.30
HAE1 Y01 Z . -3.94 -37.46 26.13
HAE2 Y01 Z . -3.47 -39.08 26.56
HAE3 Y01 Z . -2.45 -38.09 25.54
HAU1 Y01 Z . -3.03 -37.44 23.48
HAU2 Y01 Z . -3.33 -38.89 22.57
HAS1 Y01 Z . -4.41 -36.69 21.88
HAS2 Y01 Z . -5.28 -38.17 21.74
HBF Y01 Z . -7.01 -37.12 22.66
HAK1 Y01 Z . -8.32 -37.60 24.23
HAK2 Y01 Z . -7.82 -37.53 26.03
HAI Y01 Z . -8.66 -35.28 25.64
HAV1 Y01 Z . -6.29 -32.88 24.58
HAV2 Y01 Z . -8.14 -33.02 24.74
HBC Y01 Z . -8.43 -32.89 22.50
HAD1 Y01 Z . -4.10 -35.66 24.35
HAD2 Y01 Z . -4.59 -34.00 24.35
HAD3 Y01 Z . -4.01 -34.73 22.88
HAT1 Y01 Z . -5.74 -35.34 21.25
HAT2 Y01 Z . -7.40 -35.33 21.76
HAR1 Y01 Z . -5.49 -33.03 21.90
HAR2 Y01 Z . -6.83 -33.22 20.80
HAM1 Y01 Z . -8.25 -28.84 22.80
HAM2 Y01 Z . -6.94 -28.62 21.66
HAL1 Y01 Z . -8.80 -27.50 20.70
HAL2 Y01 Z . -8.67 -28.99 19.82
CAA Y01 AA . -9.44 -34.92 44.87
CBA Y01 AA . -9.20 -33.80 43.82
CAB Y01 AA . -8.53 -32.59 44.48
CAN Y01 AA . -10.51 -33.42 43.14
CAJ Y01 AA . -10.33 -32.76 41.76
CAO Y01 AA . -10.85 -31.30 41.73
CBB Y01 AA . -11.12 -30.73 40.32
CAC Y01 AA . -12.04 -31.71 39.55
CBE Y01 AA . -11.85 -29.36 40.39
CAP Y01 AA . -11.51 -28.56 41.69
CAQ Y01 AA . -11.77 -27.06 41.32
CBG Y01 AA . -12.19 -27.09 39.84
CBI Y01 AA . -11.47 -28.34 39.29
CAE Y01 AA . -9.95 -28.13 39.13
CAU Y01 AA . -12.14 -28.69 37.97
CAS Y01 AA . -12.33 -27.51 36.98
CBF Y01 AA . -12.58 -26.08 37.57
CBD Y01 AA . -11.97 -25.84 38.98
CAK Y01 AA . -12.69 -24.59 39.52
CAI Y01 AA . -12.55 -23.45 38.50
CAZ Y01 AA . -12.22 -23.57 37.21
CAV Y01 AA . -12.06 -22.48 36.12
CBH Y01 AA . -11.93 -24.99 36.66
CAD Y01 AA . -10.44 -25.21 36.29
CAT Y01 AA . -12.84 -25.25 35.43
CAR Y01 AA . -12.74 -24.17 34.35
CBC Y01 AA . -12.94 -22.75 34.89
OAW Y01 AA . -12.56 -21.82 33.87
CAY Y01 AA . -13.37 -20.65 33.75
OAG Y01 AA . -13.97 -20.22 34.71
CAM Y01 AA . -13.46 -19.93 32.39
CAL Y01 AA . -14.56 -18.85 32.36
CAX Y01 AA . -14.28 -17.74 31.33
OAH Y01 AA . -14.82 -16.67 31.44
OAF Y01 AA . -13.53 -17.94 30.41
HAA1 Y01 AA . -10.14 -34.57 45.59
HAA2 Y01 AA . -9.83 -35.78 44.38
HAA3 Y01 AA . -8.51 -35.16 45.35
HBA Y01 AA . -8.53 -34.19 43.08
HAB1 Y01 AA . -8.54 -31.76 43.79
HAB2 Y01 AA . -9.06 -32.31 45.37
HAB3 Y01 AA . -7.52 -32.83 44.73
HAN1 Y01 AA . -11.11 -34.30 43.00
HAN2 Y01 AA . -11.05 -32.74 43.78
HAJ1 Y01 AA . -10.83 -33.35 41.03
HAJ2 Y01 AA . -9.28 -32.74 41.52
HAO1 Y01 AA . -10.13 -30.70 42.22
HAO2 Y01 AA . -11.76 -31.26 42.29
HBB Y01 AA . -10.19 -30.64 39.80
HAC1 Y01 AA . -12.65 -31.16 38.86
HAC2 Y01 AA . -12.66 -32.23 40.25
HAC3 Y01 AA . -11.44 -32.41 39.01
HBE Y01 AA . -12.91 -29.52 40.37
HAP1 Y01 AA . -10.47 -28.67 41.93
HAP2 Y01 AA . -12.12 -28.86 42.50
HAQ1 Y01 AA . -12.56 -26.68 41.93
HAQ2 Y01 AA . -10.88 -26.49 41.46
HBG Y01 AA . -13.24 -27.31 39.81
HBD Y01 AA . -10.94 -25.62 38.91
HAE1 Y01 AA . -9.76 -27.32 38.47
HAE2 Y01 AA . -9.49 -27.93 40.08
HAE3 Y01 AA . -9.51 -29.01 38.70
HAU1 Y01 AA . -13.11 -29.10 38.17
HAU2 Y01 AA . -11.55 -29.44 37.48
HAS1 Y01 AA . -11.47 -27.49 36.35
HAS2 Y01 AA . -13.18 -27.75 36.39
HBF Y01 AA . -13.63 -25.92 37.64
HAK1 Y01 AA . -13.73 -24.84 39.56
HAK2 Y01 AA . -12.14 -24.30 40.38
HAI Y01 AA . -12.76 -22.47 38.86
HAV1 Y01 AA . -11.06 -22.56 35.78
HAV2 Y01 AA . -12.45 -21.59 36.57
HBC Y01 AA . -13.97 -22.60 35.15
HAD1 Y01 AA . -10.00 -25.91 36.97
HAD2 Y01 AA . -9.91 -24.28 36.37
HAD3 Y01 AA . -10.37 -25.58 35.30
HAT1 Y01 AA . -12.56 -26.17 34.95
HAT2 Y01 AA . -13.87 -25.32 35.72
HAR1 Y01 AA . -11.77 -24.22 33.90
HAR2 Y01 AA . -13.48 -24.36 33.60
HAM1 Y01 AA . -12.52 -19.47 32.18
HAM2 Y01 AA . -13.66 -20.66 31.63
HAL1 Y01 AA . -15.49 -19.32 32.11
HAL2 Y01 AA . -14.65 -18.41 33.32
CAA Y01 BA . -17.84 -27.83 43.52
CBA Y01 BA . -18.81 -26.74 43.04
CAB Y01 BA . -20.22 -27.33 42.86
CAN Y01 BA . -18.30 -26.08 41.74
CAJ Y01 BA . -17.67 -24.69 41.96
CAO Y01 BA . -16.62 -24.34 40.88
CBB Y01 BA . -16.90 -23.03 40.12
CAC Y01 BA . -15.59 -22.25 39.92
CBE Y01 BA . -17.52 -23.39 38.74
CAP Y01 BA . -18.88 -24.09 39.00
CAQ Y01 BA . -19.83 -23.66 37.85
CBG Y01 BA . -18.90 -22.88 36.89
CBI Y01 BA . -17.91 -22.20 37.83
CAE Y01 BA . -18.52 -21.01 38.60
CAU Y01 BA . -16.74 -21.77 36.94
CAS Y01 BA . -17.17 -20.95 35.70
CBF Y01 BA . -18.40 -21.51 34.90
CBD Y01 BA . -19.53 -21.94 35.85
CAK Y01 BA . -20.63 -22.63 35.05
CAI Y01 BA . -21.04 -21.77 33.85
CAZ Y01 BA . -20.35 -20.76 33.30
CAV Y01 BA . -20.69 -19.87 32.09
CBH Y01 BA . -18.97 -20.41 33.93
CAD Y01 BA . -18.90 -18.96 34.48
CAT Y01 BA . -17.96 -20.67 32.80
CAR Y01 BA . -18.15 -19.69 31.63
CBC Y01 BA . -19.58 -19.76 31.04
OAW Y01 BA . -19.79 -18.55 30.29
CAY Y01 BA . -20.51 -18.72 29.06
OAG Y01 BA . -21.31 -19.62 28.95
CAM Y01 BA . -20.27 -17.75 27.89
CAL Y01 BA . -21.28 -17.96 26.75
CAX Y01 BA . -21.06 -16.99 25.57
OAH Y01 BA . -20.46 -17.36 24.58
OAF Y01 BA . -21.47 -15.85 25.63
HAA1 Y01 BA . -17.75 -28.59 42.76
HAA2 Y01 BA . -16.87 -27.40 43.70
HAA3 Y01 BA . -18.20 -28.27 44.42
HBA Y01 BA . -18.85 -25.99 43.80
HAB1 Y01 BA . -20.87 -26.57 42.47
HAB2 Y01 BA . -20.18 -28.15 42.17
HAB3 Y01 BA . -20.59 -27.67 43.80
HAN1 Y01 BA . -17.59 -26.73 41.28
HAN2 Y01 BA . -19.14 -25.97 41.07
HAJ1 Y01 BA . -17.17 -24.70 42.91
HAJ2 Y01 BA . -18.44 -23.95 41.98
HAO1 Y01 BA . -16.60 -25.15 40.16
HAO2 Y01 BA . -15.67 -24.28 41.35
HBB Y01 BA . -17.59 -22.43 40.68
HAC1 Y01 BA . -15.80 -21.21 39.76
HAC2 Y01 BA . -15.07 -22.65 39.06
HAC3 Y01 BA . -14.97 -22.36 40.78
HBE Y01 BA . -16.87 -24.05 38.21
HAP1 Y01 BA . -19.28 -23.79 39.94
HAP2 Y01 BA . -18.75 -25.16 38.98
HAQ1 Y01 BA . -20.23 -24.52 37.35
HAQ2 Y01 BA . -20.61 -23.03 38.22
HBG Y01 BA . -18.36 -23.61 36.34
HBD Y01 BA . -19.95 -21.08 36.34
HAE1 Y01 BA . -18.74 -20.22 37.92
HAE2 Y01 BA . -19.40 -21.33 39.10
HAE3 Y01 BA . -17.82 -20.64 39.31
HAU1 Y01 BA . -16.23 -22.65 36.60
HAU2 Y01 BA . -16.06 -21.18 37.51
HAS1 Y01 BA . -17.37 -19.98 36.08
HAS2 Y01 BA . -16.32 -20.91 35.05
HBF Y01 BA . -18.09 -22.36 34.34
HAK1 Y01 BA . -20.18 -23.51 34.64
HAK2 Y01 BA . -21.49 -22.67 35.69
HAI Y01 BA . -21.99 -22.00 33.38
HAV1 Y01 BA . -20.84 -18.88 32.47
HAV2 Y01 BA . -21.47 -20.41 31.59
HBC Y01 BA . -19.62 -20.60 30.38
HAD1 Y01 BA . -19.23 -18.95 35.50
HAD2 Y01 BA . -19.50 -18.30 33.91
HAD3 Y01 BA . -17.88 -18.62 34.43
HAT1 Y01 BA . -16.96 -20.57 33.15
HAT2 Y01 BA . -18.11 -21.66 32.41
HAR1 Y01 BA . -17.97 -18.70 31.97
HAR2 Y01 BA . -17.45 -19.93 30.87
HAM1 Y01 BA . -20.35 -16.75 28.25
HAM2 Y01 BA . -19.28 -17.89 27.51
HAL1 Y01 BA . -21.19 -18.96 26.39
HAL2 Y01 BA . -22.26 -17.82 27.13
C02 LQ7 CA . -22.18 -33.31 26.60
C04 LQ7 CA . -23.46 -35.17 27.80
C05 LQ7 CA . -24.85 -34.66 28.20
C06 LQ7 CA . -25.88 -35.46 28.77
C07 LQ7 CA . -27.11 -34.60 29.04
C08 LQ7 CA . -26.86 -33.25 28.63
C10 LQ7 CA . -23.33 -35.12 25.31
C11 LQ7 CA . -22.28 -36.16 24.91
C12 LQ7 CA . -22.32 -36.50 23.43
C14 LQ7 CA . -21.77 -32.61 27.90
C15 LQ7 CA . -20.83 -33.18 28.75
C17 LQ7 CA . -20.11 -35.28 29.53
C18 LQ7 CA . -19.79 -36.69 29.04
C19 LQ7 CA . -18.51 -37.18 29.15
C20 LQ7 CA . -18.22 -38.46 28.70
C21 LQ7 CA . -16.80 -39.01 28.84
C22 LQ7 CA . -19.21 -39.24 28.13
C23 LQ7 CA . -20.49 -38.74 28.01
C24 LQ7 CA . -20.79 -37.46 28.46
C25 LQ7 CA . -20.48 -32.52 29.92
C26 LQ7 CA . -21.06 -31.30 30.23
C27 LQ7 CA . -21.99 -30.73 29.37
C28 LQ7 CA . -22.34 -31.39 28.21
N03 LQ7 CA . -22.99 -34.53 26.59
N13 LQ7 CA . -21.67 -37.77 23.17
O01 LQ7 CA . -21.83 -32.85 25.57
O16 LQ7 CA . -20.25 -34.42 28.44
S09 LQ7 CA . -25.36 -33.13 28.04
H042 LQ7 CA . -22.77 -35.00 28.62
H041 LQ7 CA . -23.53 -36.24 27.62
H061 LQ7 CA . -25.80 -36.51 29.00
H071 LQ7 CA . -28.04 -34.96 29.47
H081 LQ7 CA . -27.58 -32.43 28.70
H101 LQ7 CA . -24.29 -35.61 25.39
H102 LQ7 CA . -23.38 -34.36 24.55
H111 LQ7 CA . -21.29 -35.77 25.16
H112 LQ7 CA . -22.44 -37.06 25.49
H122 LQ7 CA . -23.36 -36.56 23.10
H121 LQ7 CA . -21.82 -35.72 22.87
H172 LQ7 CA . -19.29 -34.94 30.17
H171 LQ7 CA . -21.03 -35.31 30.11
H191 LQ7 CA . -17.73 -36.58 29.60
H212 LQ7 CA . -16.24 -38.79 27.93
H211 LQ7 CA . -16.31 -38.55 29.69
H213 LQ7 CA . -16.84 -40.08 28.99
H221 LQ7 CA . -18.97 -40.23 27.78
H231 LQ7 CA . -21.27 -39.34 27.56
H241 LQ7 CA . -21.78 -37.07 28.37
H251 LQ7 CA . -19.76 -32.96 30.59
H261 LQ7 CA . -20.78 -30.78 31.14
H271 LQ7 CA . -22.44 -29.78 29.61
H281 LQ7 CA . -23.07 -30.95 27.53
H131 LQ7 CA . -21.53 -38.26 24.03
H132 LQ7 CA . -22.24 -38.32 22.56
CAA Y01 DA . 1.33 -45.31 16.77
CBA Y01 DA . 1.67 -45.32 18.27
CAB Y01 DA . 1.72 -46.77 18.79
CAN Y01 DA . 0.68 -44.47 19.09
CAJ Y01 DA . 0.76 -42.96 18.78
CAO Y01 DA . 2.13 -42.34 19.09
CBB Y01 DA . 2.13 -40.80 19.13
CAC Y01 DA . 1.35 -40.27 17.90
CBE Y01 DA . 1.50 -40.29 20.45
CAP Y01 DA . 2.36 -40.76 21.65
CAQ Y01 DA . 2.35 -39.61 22.70
CBG Y01 DA . 1.29 -38.64 22.14
CBI Y01 DA . 1.47 -38.75 20.62
CAE Y01 DA . 2.75 -38.05 20.13
CAU Y01 DA . 0.22 -38.14 19.98
CAS Y01 DA . -0.18 -36.75 20.52
CBF Y01 DA . 0.06 -36.46 22.04
CBD Y01 DA . 1.26 -37.20 22.66
CAK Y01 DA . 1.08 -37.12 24.18
CAI Y01 DA . 0.68 -35.69 24.62
CAZ Y01 DA . 0.32 -34.67 23.81
CAV Y01 DA . -0.07 -33.24 24.16
CBH Y01 DA . 0.35 -34.93 22.29
CAD Y01 DA . 1.60 -34.32 21.61
CAT Y01 DA . -0.97 -34.43 21.62
CAR Y01 DA . -1.38 -33.01 22.03
CBC Y01 DA . -1.41 -32.81 23.54
OAW Y01 DA . -1.62 -31.42 23.81
CAY Y01 DA . -2.99 -31.03 23.85
OAG Y01 DA . -3.82 -31.61 23.18
CAM Y01 DA . -3.41 -29.85 24.75
CAL Y01 DA . -2.59 -29.84 26.05
CAX Y01 DA . -1.15 -29.32 25.85
OAH Y01 DA . -0.90 -28.57 24.94
OAF Y01 DA . -0.27 -29.65 26.62
HAA1 Y01 DA . 2.02 -45.94 16.24
HAA2 Y01 DA . 1.41 -44.31 16.39
HAA3 Y01 DA . 0.33 -45.68 16.61
HBA Y01 DA . 2.64 -44.91 18.39
HAB1 Y01 DA . 2.61 -47.24 18.45
HAB2 Y01 DA . 1.71 -46.77 19.86
HAB3 Y01 DA . 0.86 -47.31 18.43
HAN1 Y01 DA . -0.32 -44.81 18.89
HAN2 Y01 DA . 0.90 -44.61 20.14
HAJ1 Y01 DA . 0.01 -42.46 19.36
HAJ2 Y01 DA . 0.52 -42.82 17.74
HAO1 Y01 DA . 2.82 -42.65 18.33
HAO2 Y01 DA . 2.47 -42.73 20.02
HBB Y01 DA . 3.14 -40.45 19.07
HAC1 Y01 DA . 1.71 -39.31 17.62
HAC2 Y01 DA . 0.30 -40.21 18.15
HAC3 Y01 DA . 1.48 -40.94 17.08
HBE Y01 DA . 0.50 -40.68 20.56
HAP1 Y01 DA . 3.37 -40.94 21.32
HAP2 Y01 DA . 1.94 -41.65 22.09
HAQ1 Y01 DA . 2.05 -39.98 23.65
HAQ2 Y01 DA . 3.30 -39.14 22.74
HBG Y01 DA . 0.33 -39.05 22.36
HBD Y01 DA . 2.19 -36.72 22.41
HAE1 Y01 DA . 2.70 -37.01 20.34
HAE2 Y01 DA . 3.61 -38.48 20.61
HAE3 Y01 DA . 2.85 -38.19 19.07
HAU1 Y01 DA . 0.38 -38.05 18.93
HAU2 Y01 DA . -0.60 -38.81 20.13
HAS1 Y01 DA . 0.35 -36.04 19.93
HAS2 Y01 DA . -1.22 -36.65 20.32
HBF Y01 DA . -0.82 -36.75 22.58
HAK1 Y01 DA . 0.24 -37.73 24.41
HAK2 Y01 DA . 2.05 -37.28 24.59
HAI Y01 DA . 0.67 -35.49 25.67
HAV1 Y01 DA . 0.66 -32.61 23.69
HAV2 Y01 DA . -0.24 -33.23 25.21
HBC Y01 DA . -2.20 -33.38 23.97
HAD1 Y01 DA . 2.47 -34.61 22.16
HAD2 Y01 DA . 1.51 -33.26 21.64
HAD3 Y01 DA . 1.68 -34.63 20.60
HAT1 Y01 DA . -0.85 -34.39 20.56
HAT2 Y01 DA . -1.79 -35.08 21.86
HAR1 Y01 DA . -0.70 -32.31 21.60
HAR2 Y01 DA . -2.37 -32.82 21.64
HAM1 Y01 DA . -3.25 -28.94 24.21
HAM2 Y01 DA . -4.45 -29.95 24.98
HAL1 Y01 DA . -3.09 -29.24 26.78
HAL2 Y01 DA . -2.52 -30.84 26.42
CAA Y01 EA . 5.12 -39.74 24.94
CBA Y01 EA . 6.53 -40.19 24.52
CAB Y01 EA . 6.83 -39.70 23.09
CAN Y01 EA . 6.69 -41.71 24.63
CAJ Y01 EA . 7.64 -42.17 25.77
CAO Y01 EA . 8.88 -42.91 25.23
CBB Y01 EA . 9.53 -43.85 26.26
CAC Y01 EA . 9.98 -42.99 27.46
CBE Y01 EA . 8.55 -44.95 26.76
CAP Y01 EA . 7.60 -45.48 25.64
CAQ Y01 EA . 7.20 -46.92 26.10
CBG Y01 EA . 7.94 -47.10 27.45
CBI Y01 EA . 9.21 -46.27 27.22
CAE Y01 EA . 10.15 -46.91 26.16
CAU Y01 EA . 9.91 -46.07 28.56
CAS Y01 EA . 10.03 -47.33 29.44
CBF Y01 EA . 8.90 -48.40 29.37
CBD Y01 EA . 8.20 -48.52 27.99
CAK Y01 EA . 6.91 -49.31 28.21
CAI Y01 EA . 7.19 -50.58 29.03
CAZ Y01 EA . 8.33 -50.85 29.73
CAV Y01 EA . 8.69 -52.10 30.56
CBH Y01 EA . 9.48 -49.82 29.67
CAD Y01 EA . 10.66 -50.26 28.79
CAT Y01 EA . 9.95 -49.48 31.12
CAR Y01 EA . 10.23 -50.72 32.00
CBC Y01 EA . 9.06 -51.72 32.01
OAW Y01 EA . 9.47 -52.89 32.70
CAY Y01 EA . 8.41 -53.78 33.06
OAG Y01 EA . 7.99 -54.58 32.27
CAM Y01 EA . 7.78 -53.69 34.47
CAL Y01 EA . 7.37 -55.07 34.99
CAX Y01 EA . 8.57 -56.02 35.19
OAH Y01 EA . 9.12 -56.09 36.27
OAF Y01 EA . 8.97 -56.68 34.26
HAA1 Y01 EA . 4.39 -40.30 24.41
HAA2 Y01 EA . 5.00 -39.91 26.00
HAA3 Y01 EA . 4.98 -38.70 24.73
HBA Y01 EA . 7.24 -39.71 25.17
HAB1 Y01 EA . 6.86 -38.63 23.07
HAB2 Y01 EA . 7.78 -40.08 22.77
HAB3 Y01 EA . 6.06 -40.05 22.42
HAN1 Y01 EA . 5.72 -42.14 24.82
HAN2 Y01 EA . 7.06 -42.09 23.70
HAJ1 Y01 EA . 7.10 -42.81 26.42
HAJ2 Y01 EA . 7.96 -41.31 26.33
HAO1 Y01 EA . 8.62 -43.46 24.35
HAO2 Y01 EA . 9.60 -42.18 24.94
HBB Y01 EA . 10.40 -44.30 25.83
HAC1 Y01 EA . 10.69 -43.53 28.04
HAC2 Y01 EA . 9.13 -42.76 28.06
HAC3 Y01 EA . 10.41 -42.08 27.10
HBE Y01 EA . 7.95 -44.57 27.55
HAP1 Y01 EA . 8.12 -45.54 24.71
HAP2 Y01 EA . 6.73 -44.87 25.56
HAQ1 Y01 EA . 6.14 -46.97 26.24
HAQ2 Y01 EA . 7.53 -47.64 25.38
HBG Y01 EA . 7.36 -46.60 28.19
HBD Y01 EA . 8.80 -49.06 27.31
HAE1 Y01 EA . 11.14 -46.96 26.56
HAE2 Y01 EA . 9.81 -47.89 25.91
HAE3 Y01 EA . 10.15 -46.32 25.27
HAU1 Y01 EA . 10.90 -45.69 28.38
HAU2 Y01 EA . 9.37 -45.34 29.12
HAS1 Y01 EA . 10.97 -47.79 29.18
HAS2 Y01 EA . 10.10 -46.98 30.45
HBF Y01 EA . 8.14 -48.15 30.08
HAK1 Y01 EA . 6.29 -48.70 28.82
HAK2 Y01 EA . 6.62 -49.65 27.24
HAI Y01 EA . 6.42 -51.32 29.08
HAV1 Y01 EA . 9.58 -52.50 30.13
HAV2 Y01 EA . 7.79 -52.66 30.63
HBC Y01 EA . 8.22 -51.28 32.49
HAD1 Y01 EA . 10.74 -49.65 27.92
HAD2 Y01 EA . 10.52 -51.28 28.49
HAD3 Y01 EA . 11.57 -50.18 29.35
HAT1 Y01 EA . 10.87 -48.95 31.08
HAT2 Y01 EA . 9.22 -48.89 31.63
HAR1 Y01 EA . 11.10 -51.21 31.63
HAR2 Y01 EA . 10.40 -50.39 33.00
HAM1 Y01 EA . 6.91 -53.06 34.42
HAM2 Y01 EA . 8.49 -53.25 35.14
HAL1 Y01 EA . 6.87 -54.95 35.94
HAL2 Y01 EA . 6.68 -55.51 34.31
C1 NAG FA . 22.05 -65.71 40.72
C2 NAG FA . 23.39 -65.49 40.07
C3 NAG FA . 24.48 -65.44 41.04
C4 NAG FA . 24.22 -64.49 42.15
C5 NAG FA . 22.88 -64.80 42.88
C6 NAG FA . 22.62 -63.84 43.88
C7 NAG FA . 22.72 -66.95 38.05
C8 NAG FA . 23.01 -68.10 37.09
N2 NAG FA . 23.66 -66.65 39.12
O3 NAG FA . 25.71 -65.00 40.32
O4 NAG FA . 25.29 -64.60 43.09
O5 NAG FA . 21.78 -64.76 41.81
O6 NAG FA . 22.61 -62.57 43.29
O7 NAG FA . 21.74 -66.30 37.92
H1 NAG FA . 22.02 -66.71 41.13
H2 NAG FA . 23.37 -64.57 39.53
H3 NAG FA . 24.64 -66.43 41.44
H4 NAG FA . 24.20 -63.48 41.76
H5 NAG FA . 22.92 -65.79 43.32
H61 NAG FA . 23.40 -63.89 44.63
H62 NAG FA . 21.66 -64.04 44.34
H81 NAG FA . 22.10 -68.34 36.53
H82 NAG FA . 23.31 -68.98 37.66
H83 NAG FA . 23.80 -67.83 36.40
HN2 NAG FA . 24.49 -67.21 39.22
HO3 NAG FA . 25.91 -65.62 39.63
HO4 NAG FA . 25.47 -63.74 43.45
HO6 NAG FA . 22.68 -61.91 43.97
#